data_8FFZ
#
_entry.id   8FFZ
#
loop_
_entity.id
_entity.type
_entity.pdbx_description
1 polymer 'Transcription factor IIIA'
2 polymer 'Transcription factor tau 138 kDa subunit'
3 polymer 'Transcription factor tau 131 kDa subunit'
4 polymer 'Transcription factor tau 95 kDa subunit'
5 polymer 'Transcription factor tau 91 kDa subunit'
6 polymer 'Transcription factor tau 60 kDa subunit'
7 polymer 'Transcription factor tau 55 kDa subunit'
8 polymer 'Transcription factor IIIB 70 kDa subunit,TATA-box-binding protein'
9 polymer 'DNA (151-MER)'
10 polymer 'DNA (151-MER)'
11 non-polymer 'ZINC ION'
#
loop_
_entity_poly.entity_id
_entity_poly.type
_entity_poly.pdbx_seq_one_letter_code
_entity_poly.pdbx_strand_id
1 'polypeptide(L)'
;MGGEVLNNEGMPLAELKQETIPISRSESSESLNSLTSTRSSSSNRPKTYFCDYDGCDKAFTRPSILTEHQLSVHQGLRAF
QCDKCAKSFVKKSHLERHLYTHSDTKPFQCSYCGKGVTTRQQLKRHEVTHTKSFICPEEGCNLRFYKHPQLRAHILSVHL
HKLTCPHCNKSFQRPYRLRNHISKHHDPEVENPYQCTFAGCCKEFRIWSQLQSHIKNDHPKLKCPICSKPCVGENGLQMH
MIIHDDSLVTKNWKCHICPDMSFSRKHDLLTHYGSIHTEEDIPLELKYKISDIQQLVQDHGVQLGNSKHSNEQDEEKISN
RLRKRRKLTENNNVEFLQNEVDLEKRLESGENGLNLLLNTVGRKYRCFYNNCSRTFKTKEKYEKHIDKHKVHELKLKILQ
EKEENKTLVDQNHKEPFIIQKETQSAGDKADPNSSSVDKLAAALEHHHHHH
;
A
2 'polypeptide(L)'
;MVLTIYPDELVQIVSDKIASNKGKITLNQLWDISGKYFDLSDKKVKQFVLSCVILKKDIEVYCDGAITTKNVTDIIGDAN
HSYSVGITEDSLWTLLTGYTKKESTIGNSAFELLLEVAKSGEKGINTMDLAQVTGQDPRSVTGRIKKINHLLTSSQLIYK
GHVVKQLKLKKFSHDGVDSNPYINIRDHLATIVEVVKRSKNGIRQIIDLKRELKFDKEKRLSKAFIAAIAWLDEKEYLKK
VLVVSPKNPAIKIRCVKYVKDIPDSKGSPSFEYDSNSADEDSVSDSKAAFEDEDLVEGLDNFNATDLLQNQGLVMEEKED
AVKNEVLLNRFYPLQNQTYDIADKSGLKGISTMDVVNRITGKEFQRAFTKSSEYYLESVDKQKENTGGYRLFRIYDFEGK
KKFFRLFTAQNFQKLTNAEDEISVPKGFDELGKSRTDLKTLNEDNFVALNNTVRFTTDSDGQDIFFWHGELKIPPNSKKT
PNKNKRKRQVKNSTNASVAGNISNPKRIKLEQHVSTAQEPKSAEDSPSSNGGTVVKGKVVNFGGFSARSLRSLQRQRAIL
KVMNTIGGVAYLREQFYESVSKYMGSTTTLDKKTVRGDVDLMVESEKLGARTEPVSGRKIIFLPTVGEDAIQRYILKEKD
SKKATFTDVIHDTEIYFFDQTEKNRFHRGKKSVERIRKFQNRQKNAKIKASDDAISKKSTSVNVSDGKIKRRDKKVSAGR
TTVVVENTKEDKTVYHAGTKDGVQALIRAVVVTKSIKNEIMWDKITKLFPNNSLDNLKKKWTARRVRMGHSGWRAYVDKW
KKMLVLAIKSEKISLRDVEELDLIKLLDIWTSFDEKEIKRPLFLYKNYEENRKKFTLVRDDTLTHSGNDLAMSSMIQREI
SSLKKTYTRKISASTKDLSKSQSDDYIRTVIRSILIESPSTTRNEIEALKNVGNESIDNVIMDMAKEKQIYLHGSKLECT
DTLPDILENRGNYKDFGVAFQYRCKVNELLEAGNAIVINQEPSDISSWVLIDLISGELLNMDVIPMVRNVRPLTYTSRRF
EIRTLTPPLIIYANSQTKLNTARKSAVKVPLGKPFSRLWVNGSGSIRPNIWKQVVTMVVNEIIFHPGITLSRLQSRCREV
LSLHEISEICKWLLERQVLITTDFDGYWVNHNWYSIYEST
;
B
3 'polypeptide(L)'
;MAAGKLKKEQQNQSAERESADTGKVNDEDEEHLYGNIDDYKHLIQDEEYDDEDVPHDLQLSEDEYNSERDSSLLAEFSDY
GEISEDDEEDFMNAIREASNFKVKKKKKNDKGKSYGRQRKERVLDPEVAQLLSQANEAFVRNDLQVAERLFNEVIKKDAR
NFAAYETLGDIYQLQGRLNDCCNSWFLAAHLNASDWEFWKIVAILSADLDHVRQAIYCFSRVISLNPMEWESIYRRSMLY
KKTGQLARALDGFQRLYMYNPYDANILRELAILYVDYDRIEDSIELYMKVFNANVERREAILAALENALDSSDEESAAEG
EDADEKEPLEQDEDRQMFPDINWKKIDAKYKCIPFDWSSLNILAELFLKLAVSEVDGIKTIKKCARWIQRRESQTFWDHV
PDDSEFDNRRFKNSTFDSLLAAEKEKSYNIPIDIRVRLGLLRLNTDNLVEALNHFQCLYDETFSDVADLYFEAATALTRA
EKYKEAIDFFTPLLSLEEWRTTDVFKPLARCYKEIESYETAKEFYELAIKSEPDDLDIRVSLAEVYYRLNDPETFKHMLV
DVVEMRKHQVDETLHRISNEKSSNDTSDISSKPLLEDSKFRTFRKKKRTPYDAERERIERERRITAKVVDKYEKMKKFEL
NSGLNEAKQASIWINTVSELVDIFSSVKNFFMKSRSRKFVGILRRTKKFNTELDFQIERLSKLAEGDSVFEGPLMEERVT
LTSATELRGLSYEQWFELFMELSLVIAKYQSVEDGLSVVETAQEVNVFFQDPERVKMMKFVKLAIVLQMDDEEELAENLR
GLLNQFQFNRKVLQVFMYSLCRGPSSLNILSSTIQQKFFLRQLKAFDSCRYNTEVNGQASITNKEVYNPNKKSSPYLYYI
YAVLLYSSRGFLSALQYLTRLEEDIPDDPMVNLLMGLSHIHRAMQRLTAQRHFQIFHGLRYLYRYHKIRKSLYTDLEKQE
ADYNLGRAFHLIGLVSIAIEYYNRVLENYDDGKLKKHAAYNSIIIYQQSGNVELADHLMEKYLSI
;
C
4 'polypeptide(L)'
;MPVEEPLATLSSIPDSSADQAPPLIADEFTLDLPRIPSLELPLNVSTKHSSIQKAIKMCGGIEKVKEAFKEHGPIESQHG
LQLYLNDDTDSDGSKSYFNEHPVIGKRVPFRDESVILKVTMPKGTLSKNNNSVKDSIKSLKDSNKLRVTPVSIVDNTIKF
REMSDFQIKLDNVPSAREFKSSFGSLEWNNFKSFVNSVPDNDSQPQENIGNLILDRSVKIPSTDFQLPPPPKLSMVGFPL
LYKYKANPFAKKKKNGVTEVKGTYIKNYQLFVHDLSDKTVIPSQAHEQVLYDFEVAKKTKVYPGTKSDSKFYESLEECLK
ILRELFARRPIWVKRHLDGIVPKKIHHTMKIALALISYRFTMGPWRNTYIKFGIDPRSSVEYAQYQTEYFKIERKLLSSP
IVKKNVPKPPPLVFESDTPGGIDSRFKFDGKRIPWYLMLQIDLLIGEPNIAEVFHNVEYLDKANELTGWFKELDLVKIRR
IVKYELGCMVQGNYEYNKYKLKYFKTMLFVKESMVPENKNSEEGMGVNTNKDADGDINMDAGSQMSSNAIEEDKGIAAGD
DFDDNGAITEEPDDAALENEEMDTDQNLKVPASIDDDVDDVDADEEEQESFDVKTASFQDIINKIAKLDPKTAETMKSEL
KGFVDEVDL
;
D
5 'polypeptide(L)'
;MAVIPAKKRGRPRKSVVAEVPYDSLASPVSENSGSKRPRRNASKKAVANFAQLVHAGRDDVINTTQVNNVDDTDDDDFVL
NDEGDGEESDNVEIEFENELESTKNEVADLNSSGSGASVRPSGRRNTVQKLRLKKNSTKNMKSSSPGSSLGQKGRPIRLL
KDLSSARDKIERIYGLNKEKLLLLAKVKEGFETSVFDFPFKNIQPDSPYFVCLDPPCKKESAYNKVIGDKNRTVYHEINK
TEFENMIKLRTKRLKLLIGEVDAEVSTGDKIEFPVLANGKRRGFIYNVGGLVTDIAWLNIEENTDIGKDIQYLAVAVSQY
MDEPLNEHLEMFDKEKHSSCIQIFKMNTSTLHCVKVQTIVHSFGEVWDLKWHEGCHAPHLVGCLSFVSQEGTINFLEIID
NATDVHVFKMCEKPSLTLSLADSLITTFDFLSPTTVVCGFKNGFVAEFDLTDPEVPSFYDQVHDSYILSVSTAYSDFEDT
VVSTVAVDGYFYIFNPKDIATTKTTVSRFRGSNLVPVVYCPQIYSYIYSDGASSLRAVPSRAAFAVHPLVSRETTITAIG
VSRLHPMVLAGSADGSLIITNAARRLLHGIKNSSATQKSLRLWKWDYSIKDDKYRIDSSYEVYPLTVNDVSKAKIDAHGI
NITCTKWNETSAGGKCYAFSNSAGLLTLEYLS
;
E
6 'polypeptide(L)'
;MKLLKDLLVDRKEFEDWKNNLTWARDGTLYLTTFPDISIGQPKYAKDINCNSKNLFHVKEFPLEFENKLDFELAQQNGLL
NSQPVCYPRVCKPSPIDDWMAVLSNNGNVSVFKDNKMLTNLDSKGNLSSRTYHCFEWNPIESSIVVGNEDGELQFFSIRK
NSENTPEFYFESSIRLSDAGSKDWVTHIVWYEDVLVAALSNNSVFSMTVSASSHQPVSRMIQNASRRKITDLKIVDYKVV
LTCPGYVHKIDLKNYSISSLKTGSLENFHIIPLNHEKESTILLMSNKTSYKVLLEDELHVTADNIIAPYLEKKFKKWSTI
WNEFNNYETTLVIHGISLSPDGYSIAIVYDMERVAFKYKIASEQSFNIMFAPLYHTWTISERAVGLAWYQTYQIYNQSLP
KLPENFSMNKKLLNGNYPISLDFQSYLNALMKSEEMRIIMFLNMTIDKPSILSFLEALYEYAINKKSELTNSFDLACVLS
IAAILKREAPIYNGTLLMKNSFLEETFNLESFTADPETVTSTTNNTWKRCGVTLLPILTTHVKICPVSKQRVIDIKRDDL
NDYGWFTRGLLERFNEISVYCGTTLEVM
;
F
7 'polypeptide(L)'
;MVVNTIYIARHGYRSNWLPEGPYPDPLTGIDSDVPLAEHGVQQAKELAHYLLSLDNQPEAAFASPFYRCLETVQPIAKLL
EIPVYLERGIGEWYRPDRKPVIPVPAGYEILSKFFPGVISQEWDSTLTPNEKGETEQEMYMRFKKFWPLFIERVEKEYPN
VECILLVTHAASKIALGMSLLGYDNPRMSLNENGDKIRSGSCSLDKYEILKKSYDTIDETDDQTSFTYIPFSDRKWVLTM
NGNTEFLSSGEEMNWNFDCVAEAGSDADIKKRQMTKKTSSPIPEADDQTEVETVYISVDIPSGNYKERTEIAKSAILQYS
GLETDAPLFRIGNRLYEGSWERLVGTELAFPNAAHVHKKTAGLLSPTEENETTNAGQSKGSSTANDPNIQIQEEDVGLPD
STNTSRDHTGDKEEVQSEKIYRIKERIVLSNVRPM
;
G
8 'polypeptide(L)'
;MPVCKNCHGTEFERDLSNANNDLVCKACGVVSEDNPIVSEVTFGETSAGAAVVQGSFIGAGQSHAAFGGSSALESREATL
NNARRKLRAVSYALHIPEYITDAAFQWYKLALANNFVQGRRSQNVIASCLYVACRKEKTHHMLIDFSSRLQVSVYSIGAT
FLKMVKKLHITELPLADPSLFIQHFAEKLDLADKKIKVVKDAVKLAQRMSKDWMFEGRRPAGIAGACILLACRMNNLRRT
HTEIVAVSHVAEETLQQRLNEFKNTKAAKLSVQKFRENDVEDGEARPPSFVKNRKKERKIKDSLDKEEMFQTSEEALNKN
PILTQVLGEQELSSKEVLFYLKQFSERRARVVERIKATNGIDGENIYHEGSENETRKRKLSEAMPWSGIVPTLQNIVATV
TLGCRLDLKTVALHARNAEYNPKRFAAVIMRIREPKTTALIFASGKMVVTGAKSEDDSKLASRKYARIIQKIGFAAKFTD
FKIQNIVGSCDVKFPIRLEGLAFSHGTFSSYEPELFPGLIYRMVKPKIVLLIFVSGKIVLTGAKQREEIYQAFEAIYPVL
SEFRKMGSGSGSGSGSGSPRNLHLLPTTDTYLSKVSDDPDNLEDVDDEELNAHLLNEEASKLKERIWIGLNADFLLEQES
KRLKQEADIATGNTSVKKKRTRRRNNTRSDEPTKTVDAAAAIGLMSDLQDKSGLHAALKAAEESGDFTTADSVKNMLQKA
SFSKKINYDAIDGLFR
;
H
9 'polydeoxyribonucleotide'
;(DA)(DA)(DC)(DA)(DT)(DG)(DT)(DC)(DT)(DG)(DG)(DA)(DC)(DC)(DC)(DT)(DG)(DC)(DC)(DC)
(DT)(DC)(DA)(DT)(DA)(DT)(DC)(DA)(DC)(DC)(DT)(DG)(DC)(DG)(DT)(DT)(DT)(DC)(DC)(DG)
(DT)(DT)(DA)(DA)(DA)(DC)(DT)(DA)(DT)(DC)(DG)(DG)(DT)(DT)(DG)(DC)(DG)(DG)(DC)(DC)
(DA)(DT)(DA)(DT)(DC)(DT)(DA)(DC)(DC)(DA)(DG)(DA)(DA)(DA)(DG)(DC)(DA)(DC)(DC)(DG)
(DT)(DT)(DT)(DC)(DC)(DC)(DG)(DT)(DC)(DC)(DG)(DA)(DT)(DC)(DA)(DA)(DC)(DT)(DG)(DT)
(DA)(DG)(DT)(DT)(DA)(DA)(DG)(DC)(DT)(DG)(DG)(DT)(DA)(DA)(DG)(DA)(DG)(DC)(DC)(DT)
(DG)(DA)(DC)(DC)(DG)(DA)(DG)(DT)(DA)(DG)(DT)(DG)(DT)(DA)(DG)(DT)(DG)(DG)(DG)(DT)
(DG)(DA)(DC)(DC)(DA)(DT)(DA)(DC)(DG)(DC)(DG)(DA)(DA)(DA)(DC)(DT)(DC)(DA)(DG)(DG)
(DT)(DG)(DC)(DT)(DG)(DC)(DA)(DA)(DT)(DC)(DT)
;
I
10 'polydeoxyribonucleotide'
;(DA)(DG)(DA)(DT)(DT)(DG)(DC)(DA)(DG)(DC)(DA)(DC)(DC)(DT)(DG)(DA)(DG)(DT)(DT)(DT)
(DC)(DG)(DC)(DG)(DT)(DA)(DT)(DG)(DG)(DT)(DC)(DA)(DC)(DC)(DC)(DA)(DC)(DT)(DA)(DC)
(DA)(DC)(DT)(DA)(DC)(DT)(DC)(DG)(DG)(DT)(DC)(DA)(DG)(DG)(DC)(DT)(DC)(DT)(DT)(DA)
(DC)(DC)(DA)(DG)(DC)(DT)(DT)(DA)(DA)(DC)(DT)(DA)(DC)(DA)(DG)(DT)(DT)(DG)(DA)(DT)
(DC)(DG)(DG)(DA)(DC)(DG)(DG)(DG)(DA)(DA)(DA)(DC)(DG)(DG)(DT)(DG)(DC)(DT)(DT)(DT)
(DC)(DT)(DG)(DG)(DT)(DA)(DG)(DA)(DT)(DA)(DT)(DG)(DG)(DC)(DC)(DG)(DC)(DA)(DA)(DC)
(DC)(DG)(DA)(DT)(DA)(DG)(DT)(DT)(DT)(DA)(DA)(DC)(DG)(DG)(DA)(DA)(DA)(DC)(DG)(DC)
(DA)(DG)(DG)(DT)(DG)(DA)(DT)(DA)(DT)(DG)(DA)(DG)(DG)(DG)(DC)(DA)(DG)(DG)(DG)(DT)
(DC)(DC)(DA)(DG)(DA)(DC)(DA)(DT)(DG)(DT)(DT)
;
J
#
loop_
_chem_comp.id
_chem_comp.type
_chem_comp.name
_chem_comp.formula
DA DNA linking 2'-DEOXYADENOSINE-5'-MONOPHOSPHATE 'C10 H14 N5 O6 P'
DC DNA linking 2'-DEOXYCYTIDINE-5'-MONOPHOSPHATE 'C9 H14 N3 O7 P'
DG DNA linking 2'-DEOXYGUANOSINE-5'-MONOPHOSPHATE 'C10 H14 N5 O7 P'
DT DNA linking THYMIDINE-5'-MONOPHOSPHATE 'C10 H15 N2 O8 P'
ZN non-polymer 'ZINC ION' 'Zn 2'
#
# COMPACT_ATOMS: atom_id res chain seq x y z
N ASN A 44 -40.38 -12.46 -6.10
CA ASN A 44 -39.63 -13.46 -5.30
C ASN A 44 -38.13 -13.41 -5.57
N ARG A 45 -37.62 -14.06 -6.63
CA ARG A 45 -36.19 -14.10 -6.98
C ARG A 45 -35.65 -12.72 -7.41
N PRO A 46 -34.43 -12.32 -7.02
CA PRO A 46 -33.92 -10.99 -7.27
C PRO A 46 -33.49 -10.71 -8.71
N LYS A 47 -33.83 -9.51 -9.17
CA LYS A 47 -33.48 -8.96 -10.48
C LYS A 47 -31.97 -8.72 -10.55
N THR A 48 -31.29 -9.60 -11.27
CA THR A 48 -29.83 -9.77 -11.29
C THR A 48 -29.33 -10.12 -12.70
N TYR A 49 -29.91 -9.48 -13.70
CA TYR A 49 -29.49 -9.51 -15.08
C TYR A 49 -29.75 -8.13 -15.65
N PHE A 50 -28.70 -7.35 -15.87
CA PHE A 50 -28.80 -5.93 -16.16
C PHE A 50 -28.60 -5.64 -17.63
N CYS A 51 -29.49 -4.88 -18.25
CA CYS A 51 -29.34 -4.43 -19.61
C CYS A 51 -28.20 -3.42 -19.67
N ASP A 52 -27.38 -3.56 -20.68
CA ASP A 52 -26.08 -2.91 -20.80
C ASP A 52 -26.09 -1.69 -21.71
N TYR A 53 -27.09 -1.53 -22.56
CA TYR A 53 -27.10 -0.47 -23.55
C TYR A 53 -27.05 0.92 -22.92
N ASP A 54 -26.43 1.85 -23.63
CA ASP A 54 -26.44 3.27 -23.29
C ASP A 54 -27.87 3.75 -22.98
N GLY A 55 -28.07 4.39 -21.83
CA GLY A 55 -29.33 5.00 -21.44
C GLY A 55 -30.48 4.04 -21.07
N CYS A 56 -30.22 2.75 -20.92
CA CYS A 56 -31.21 1.76 -20.47
C CYS A 56 -30.98 1.42 -19.00
N ASP A 57 -32.05 1.40 -18.20
CA ASP A 57 -32.00 1.21 -16.74
C ASP A 57 -32.32 -0.20 -16.26
N LYS A 58 -32.94 -1.03 -17.11
CA LYS A 58 -33.70 -2.20 -16.66
C LYS A 58 -32.83 -3.38 -16.22
N ALA A 59 -33.31 -4.06 -15.18
CA ALA A 59 -32.80 -5.32 -14.69
C ALA A 59 -33.92 -6.35 -14.61
N PHE A 60 -33.60 -7.62 -14.83
CA PHE A 60 -34.57 -8.70 -15.02
C PHE A 60 -34.21 -9.91 -14.17
N THR A 61 -35.17 -10.80 -13.96
CA THR A 61 -35.00 -11.95 -13.08
C THR A 61 -34.24 -13.10 -13.72
N ARG A 62 -34.49 -13.42 -14.99
CA ARG A 62 -33.98 -14.62 -15.67
C ARG A 62 -33.51 -14.28 -17.10
N PRO A 63 -32.39 -14.82 -17.58
CA PRO A 63 -31.67 -14.24 -18.72
C PRO A 63 -32.44 -14.24 -20.03
N SER A 64 -33.38 -15.16 -20.24
CA SER A 64 -34.20 -15.14 -21.45
C SER A 64 -35.00 -13.86 -21.52
N ILE A 65 -35.55 -13.38 -20.41
CA ILE A 65 -36.36 -12.17 -20.34
C ILE A 65 -35.50 -10.95 -20.69
N LEU A 66 -34.26 -10.89 -20.20
CA LEU A 66 -33.35 -9.80 -20.59
C LEU A 66 -33.17 -9.81 -22.11
N THR A 67 -33.14 -11.00 -22.71
CA THR A 67 -32.95 -11.11 -24.15
C THR A 67 -34.19 -10.70 -24.92
N GLU A 68 -35.37 -11.07 -24.43
CA GLU A 68 -36.63 -10.58 -24.96
C GLU A 68 -36.66 -9.05 -24.97
N HIS A 69 -36.30 -8.41 -23.87
CA HIS A 69 -36.18 -6.96 -23.80
C HIS A 69 -35.17 -6.42 -24.80
N GLN A 70 -33.99 -7.01 -24.91
CA GLN A 70 -32.97 -6.46 -25.77
C GLN A 70 -33.34 -6.55 -27.24
N LEU A 71 -33.84 -7.69 -27.69
CA LEU A 71 -34.23 -7.85 -29.08
C LEU A 71 -35.43 -6.97 -29.42
N SER A 72 -36.41 -6.85 -28.51
CA SER A 72 -37.60 -6.02 -28.74
C SER A 72 -37.30 -4.52 -28.71
N VAL A 73 -36.77 -3.98 -27.62
CA VAL A 73 -36.52 -2.55 -27.49
C VAL A 73 -35.32 -2.09 -28.30
N HIS A 74 -34.13 -2.64 -28.05
CA HIS A 74 -32.90 -2.04 -28.57
C HIS A 74 -32.54 -2.45 -30.00
N GLN A 75 -32.79 -3.71 -30.39
CA GLN A 75 -32.52 -4.15 -31.76
C GLN A 75 -33.67 -3.87 -32.73
N GLY A 76 -34.91 -3.79 -32.25
CA GLY A 76 -36.07 -3.47 -33.08
C GLY A 76 -36.59 -4.66 -33.90
N LEU A 77 -36.67 -5.83 -33.29
CA LEU A 77 -37.20 -7.06 -33.90
C LEU A 77 -38.38 -7.58 -33.07
N ARG A 78 -39.34 -8.25 -33.72
CA ARG A 78 -40.51 -8.89 -33.08
C ARG A 78 -40.78 -10.28 -33.67
N ALA A 79 -41.47 -11.14 -32.92
CA ALA A 79 -41.45 -12.60 -33.13
C ALA A 79 -42.82 -13.24 -33.45
N PHE A 80 -43.89 -12.46 -33.57
CA PHE A 80 -45.23 -12.96 -33.75
C PHE A 80 -46.03 -11.99 -34.66
N GLN A 81 -46.37 -12.41 -35.88
CA GLN A 81 -46.98 -11.57 -36.93
C GLN A 81 -48.50 -11.82 -37.07
N CYS A 82 -49.31 -10.77 -37.22
CA CYS A 82 -50.74 -10.87 -37.52
C CYS A 82 -50.97 -11.52 -38.89
N ASP A 83 -51.91 -12.46 -38.96
CA ASP A 83 -52.30 -13.08 -40.23
C ASP A 83 -53.16 -12.15 -41.11
N LYS A 84 -53.83 -11.16 -40.50
CA LYS A 84 -54.91 -10.39 -41.12
C LYS A 84 -54.57 -8.90 -41.33
N CYS A 85 -53.50 -8.40 -40.74
CA CYS A 85 -52.96 -7.05 -40.99
C CYS A 85 -51.42 -7.01 -40.87
N ALA A 86 -50.84 -5.82 -40.98
CA ALA A 86 -49.39 -5.65 -41.05
C ALA A 86 -48.65 -5.81 -39.68
N LYS A 87 -49.35 -5.61 -38.56
CA LYS A 87 -48.77 -5.51 -37.20
C LYS A 87 -48.05 -6.78 -36.74
N SER A 88 -47.17 -6.63 -35.74
CA SER A 88 -46.45 -7.73 -35.10
C SER A 88 -46.22 -7.46 -33.62
N PHE A 89 -45.96 -8.52 -32.83
CA PHE A 89 -46.03 -8.52 -31.38
C PHE A 89 -44.81 -9.21 -30.73
N VAL A 90 -44.54 -8.89 -29.47
CA VAL A 90 -43.36 -9.33 -28.71
C VAL A 90 -43.59 -10.63 -27.94
N LYS A 91 -44.84 -11.02 -27.71
CA LYS A 91 -45.24 -12.20 -26.92
C LYS A 91 -46.36 -13.00 -27.58
N LYS A 92 -46.45 -14.30 -27.29
CA LYS A 92 -47.56 -15.14 -27.75
C LYS A 92 -48.89 -14.60 -27.26
N SER A 93 -49.01 -14.24 -25.98
CA SER A 93 -50.27 -13.69 -25.43
C SER A 93 -50.70 -12.39 -26.11
N HIS A 94 -49.78 -11.59 -26.63
CA HIS A 94 -50.11 -10.35 -27.31
C HIS A 94 -50.61 -10.62 -28.73
N LEU A 95 -50.05 -11.59 -29.45
CA LEU A 95 -50.63 -12.00 -30.73
C LEU A 95 -51.99 -12.66 -30.53
N GLU A 96 -52.16 -13.48 -29.50
CA GLU A 96 -53.47 -14.04 -29.17
C GLU A 96 -54.54 -12.98 -28.94
N ARG A 97 -54.26 -11.92 -28.19
CA ARG A 97 -55.23 -10.83 -28.05
C ARG A 97 -55.52 -10.17 -29.39
N HIS A 98 -54.51 -9.88 -30.17
CA HIS A 98 -54.72 -9.20 -31.43
C HIS A 98 -55.56 -10.03 -32.42
N LEU A 99 -55.37 -11.35 -32.46
CA LEU A 99 -56.16 -12.24 -33.30
C LEU A 99 -57.67 -12.14 -33.04
N TYR A 100 -58.11 -12.02 -31.79
CA TYR A 100 -59.53 -11.81 -31.52
C TYR A 100 -60.08 -10.54 -32.16
N THR A 101 -59.28 -9.48 -32.31
CA THR A 101 -59.74 -8.19 -32.86
C THR A 101 -60.21 -8.28 -34.31
N HIS A 102 -59.79 -9.31 -35.04
CA HIS A 102 -60.25 -9.58 -36.41
C HIS A 102 -61.54 -10.43 -36.49
N SER A 103 -62.23 -10.67 -35.38
CA SER A 103 -63.32 -11.66 -35.28
C SER A 103 -64.52 -11.14 -34.51
N ASP A 104 -65.72 -11.68 -34.79
CA ASP A 104 -66.96 -11.32 -34.09
C ASP A 104 -67.18 -12.14 -32.80
N THR A 105 -66.64 -13.35 -32.71
CA THR A 105 -66.79 -14.28 -31.59
C THR A 105 -65.81 -13.94 -30.45
N LYS A 106 -65.85 -12.71 -29.95
CA LYS A 106 -64.90 -12.20 -28.96
C LYS A 106 -65.03 -12.94 -27.60
N PRO A 107 -63.93 -13.20 -26.90
CA PRO A 107 -63.85 -14.27 -25.89
C PRO A 107 -64.49 -13.98 -24.54
N PHE A 108 -64.70 -12.72 -24.17
CA PHE A 108 -65.51 -12.34 -23.02
C PHE A 108 -66.86 -11.80 -23.52
N GLN A 109 -67.95 -12.15 -22.84
CA GLN A 109 -69.31 -11.77 -23.23
C GLN A 109 -70.04 -11.15 -22.02
N CYS A 110 -70.75 -10.05 -22.23
CA CYS A 110 -71.38 -9.28 -21.16
C CYS A 110 -72.51 -10.07 -20.47
N SER A 111 -72.57 -9.99 -19.15
CA SER A 111 -73.62 -10.65 -18.36
C SER A 111 -74.96 -9.90 -18.37
N TYR A 112 -74.97 -8.61 -18.73
CA TYR A 112 -76.20 -7.81 -18.77
C TYR A 112 -76.74 -7.68 -20.20
N CYS A 113 -75.99 -7.04 -21.11
CA CYS A 113 -76.43 -6.70 -22.45
C CYS A 113 -76.02 -7.74 -23.51
N GLY A 114 -75.02 -8.57 -23.22
CA GLY A 114 -74.49 -9.58 -24.13
C GLY A 114 -73.49 -9.06 -25.17
N LYS A 115 -73.00 -7.82 -25.07
CA LYS A 115 -71.93 -7.30 -25.93
C LYS A 115 -70.61 -8.06 -25.71
N GLY A 116 -69.85 -8.29 -26.78
CA GLY A 116 -68.57 -9.01 -26.73
C GLY A 116 -67.37 -8.09 -26.51
N VAL A 117 -66.38 -8.54 -25.74
CA VAL A 117 -65.11 -7.84 -25.47
C VAL A 117 -63.94 -8.82 -25.41
N THR A 118 -62.69 -8.34 -25.48
CA THR A 118 -61.50 -9.20 -25.63
C THR A 118 -60.77 -9.52 -24.33
N THR A 119 -60.87 -8.69 -23.30
CA THR A 119 -60.20 -8.98 -22.01
C THR A 119 -60.98 -8.47 -20.81
N ARG A 120 -60.78 -9.09 -19.65
CA ARG A 120 -61.51 -8.85 -18.40
C ARG A 120 -61.56 -7.37 -17.99
N GLN A 121 -60.53 -6.56 -18.24
CA GLN A 121 -60.61 -5.12 -17.92
C GLN A 121 -61.72 -4.42 -18.71
N GLN A 122 -61.78 -4.69 -20.00
CA GLN A 122 -62.81 -4.13 -20.89
C GLN A 122 -64.19 -4.59 -20.40
N LEU A 123 -64.34 -5.87 -20.04
CA LEU A 123 -65.59 -6.40 -19.51
C LEU A 123 -65.99 -5.69 -18.23
N LYS A 124 -65.08 -5.55 -17.27
CA LYS A 124 -65.40 -4.92 -15.99
C LYS A 124 -65.83 -3.48 -16.17
N ARG A 125 -65.10 -2.68 -16.96
CA ARG A 125 -65.47 -1.27 -17.19
C ARG A 125 -66.84 -1.17 -17.86
N HIS A 126 -67.06 -1.96 -18.90
CA HIS A 126 -68.32 -2.04 -19.62
C HIS A 126 -69.48 -2.44 -18.69
N GLU A 127 -69.34 -3.52 -17.92
CA GLU A 127 -70.35 -3.96 -16.98
C GLU A 127 -70.61 -2.95 -15.86
N VAL A 128 -69.59 -2.21 -15.40
CA VAL A 128 -69.80 -1.12 -14.45
C VAL A 128 -70.67 0.01 -15.04
N THR A 129 -70.75 0.19 -16.36
CA THR A 129 -71.77 1.11 -16.91
C THR A 129 -73.20 0.63 -16.66
N HIS A 130 -73.42 -0.68 -16.50
CA HIS A 130 -74.68 -1.31 -16.13
C HIS A 130 -74.85 -1.37 -14.61
N THR A 131 -74.41 -0.32 -13.89
CA THR A 131 -74.53 -0.17 -12.43
C THR A 131 -74.73 1.30 -12.07
N LYS A 132 -75.27 1.57 -10.88
CA LYS A 132 -75.44 2.92 -10.31
C LYS A 132 -74.11 3.47 -9.77
N SER A 133 -73.11 3.55 -10.62
CA SER A 133 -71.71 3.74 -10.22
C SER A 133 -71.41 5.05 -9.47
N PHE A 134 -72.01 6.17 -9.88
CA PHE A 134 -71.60 7.50 -9.40
C PHE A 134 -72.32 7.91 -8.12
N ILE A 135 -71.66 8.62 -7.20
CA ILE A 135 -72.22 9.01 -5.90
C ILE A 135 -72.10 10.52 -5.67
N CYS A 136 -73.12 11.16 -5.09
CA CYS A 136 -73.11 12.59 -4.72
C CYS A 136 -71.87 12.90 -3.86
N PRO A 137 -70.93 13.76 -4.31
CA PRO A 137 -69.70 14.06 -3.58
C PRO A 137 -69.92 15.07 -2.44
N GLU A 138 -71.05 15.77 -2.41
CA GLU A 138 -71.36 16.81 -1.42
C GLU A 138 -71.71 16.24 -0.04
N GLU A 139 -71.47 17.01 1.02
CA GLU A 139 -71.44 16.51 2.41
C GLU A 139 -72.79 15.95 2.89
N GLY A 140 -72.81 14.66 3.25
CA GLY A 140 -73.96 13.94 3.80
C GLY A 140 -75.10 13.62 2.83
N CYS A 141 -75.07 14.10 1.59
CA CYS A 141 -76.11 13.87 0.60
C CYS A 141 -76.13 12.39 0.17
N ASN A 142 -77.31 11.78 0.12
CA ASN A 142 -77.45 10.33 0.02
C ASN A 142 -77.46 9.74 -1.42
N LEU A 143 -77.77 10.54 -2.45
CA LEU A 143 -78.11 10.04 -3.79
C LEU A 143 -76.95 9.44 -4.63
N ARG A 144 -77.34 8.59 -5.59
CA ARG A 144 -76.49 7.75 -6.43
C ARG A 144 -77.03 7.68 -7.88
N PHE A 145 -76.17 7.61 -8.88
CA PHE A 145 -76.50 7.90 -10.30
C PHE A 145 -75.85 6.93 -11.29
N TYR A 146 -76.43 6.82 -12.48
CA TYR A 146 -76.03 5.82 -13.48
C TYR A 146 -75.13 6.38 -14.58
N LYS A 147 -75.36 7.62 -15.00
CA LYS A 147 -74.56 8.31 -16.02
C LYS A 147 -74.01 9.60 -15.43
N HIS A 148 -72.72 9.89 -15.59
CA HIS A 148 -72.08 11.01 -14.89
C HIS A 148 -72.75 12.37 -15.10
N PRO A 149 -73.28 12.73 -16.29
CA PRO A 149 -74.00 13.99 -16.47
C PRO A 149 -75.23 14.15 -15.56
N GLN A 150 -75.83 13.05 -15.09
CA GLN A 150 -76.93 13.11 -14.13
C GLN A 150 -76.44 13.65 -12.78
N LEU A 151 -75.29 13.18 -12.32
CA LEU A 151 -74.67 13.66 -11.09
C LEU A 151 -74.21 15.12 -11.23
N ARG A 152 -73.63 15.48 -12.38
CA ARG A 152 -73.31 16.88 -12.69
C ARG A 152 -74.55 17.78 -12.51
N ALA A 153 -75.69 17.39 -13.06
CA ALA A 153 -76.94 18.12 -12.88
C ALA A 153 -77.38 18.15 -11.40
N HIS A 154 -77.34 17.03 -10.67
CA HIS A 154 -77.69 17.00 -9.24
C HIS A 154 -76.89 18.02 -8.44
N ILE A 155 -75.57 18.06 -8.61
CA ILE A 155 -74.71 19.02 -7.90
C ILE A 155 -75.17 20.46 -8.19
N LEU A 156 -75.44 20.78 -9.46
CA LEU A 156 -75.85 22.10 -9.92
C LEU A 156 -77.33 22.43 -9.65
N SER A 157 -78.11 21.51 -9.05
CA SER A 157 -79.54 21.70 -8.79
C SER A 157 -79.94 21.40 -7.34
N VAL A 158 -79.06 20.82 -6.53
CA VAL A 158 -79.32 20.50 -5.12
C VAL A 158 -78.33 21.14 -4.15
N HIS A 159 -77.11 21.45 -4.57
CA HIS A 159 -76.08 21.98 -3.68
C HIS A 159 -75.52 23.33 -4.14
N LEU A 160 -74.98 23.40 -5.36
CA LEU A 160 -74.44 24.63 -5.94
C LEU A 160 -75.60 25.39 -6.62
N HIS A 161 -76.30 26.24 -5.87
CA HIS A 161 -77.53 26.92 -6.30
C HIS A 161 -77.28 28.11 -7.26
N LYS A 162 -76.35 27.97 -8.20
CA LYS A 162 -75.77 29.08 -8.99
C LYS A 162 -76.79 29.90 -9.79
N LEU A 163 -77.94 29.30 -10.13
CA LEU A 163 -79.02 29.94 -10.88
C LEU A 163 -79.96 30.85 -10.02
N THR A 164 -79.77 30.92 -8.70
CA THR A 164 -80.55 31.77 -7.78
C THR A 164 -80.05 33.22 -7.71
N CYS A 165 -80.96 34.15 -7.44
CA CYS A 165 -80.62 35.53 -7.13
C CYS A 165 -79.85 35.62 -5.80
N PRO A 166 -78.80 36.44 -5.70
CA PRO A 166 -78.12 36.74 -4.43
C PRO A 166 -78.97 37.57 -3.47
N HIS A 167 -80.13 38.13 -3.88
CA HIS A 167 -80.92 39.07 -3.08
C HIS A 167 -82.39 38.66 -2.91
N CYS A 168 -83.17 38.54 -3.98
CA CYS A 168 -84.60 38.21 -3.90
C CYS A 168 -84.87 36.70 -3.76
N ASN A 169 -83.87 35.88 -4.04
CA ASN A 169 -83.93 34.43 -4.01
C ASN A 169 -84.94 33.79 -4.98
N LYS A 170 -85.36 34.53 -6.03
CA LYS A 170 -85.86 33.92 -7.28
C LYS A 170 -84.76 33.07 -7.94
N SER A 171 -85.07 32.33 -9.01
CA SER A 171 -84.07 31.67 -9.85
C SER A 171 -84.43 31.72 -11.33
N PHE A 172 -83.43 31.55 -12.19
CA PHE A 172 -83.52 31.80 -13.64
C PHE A 172 -82.97 30.62 -14.45
N GLN A 173 -83.53 30.33 -15.61
CA GLN A 173 -83.21 29.12 -16.37
C GLN A 173 -81.86 29.15 -17.10
N ARG A 174 -81.17 30.30 -17.14
CA ARG A 174 -79.81 30.47 -17.66
C ARG A 174 -79.07 31.58 -16.90
N PRO A 175 -77.73 31.50 -16.75
CA PRO A 175 -76.93 32.55 -16.13
C PRO A 175 -77.11 33.92 -16.79
N TYR A 176 -77.34 33.97 -18.09
CA TYR A 176 -77.61 35.20 -18.82
C TYR A 176 -78.75 36.01 -18.21
N ARG A 177 -79.91 35.40 -17.98
CA ARG A 177 -81.06 36.09 -17.39
C ARG A 177 -80.79 36.48 -15.94
N LEU A 178 -80.05 35.68 -15.19
CA LEU A 178 -79.64 36.06 -13.82
C LEU A 178 -78.80 37.32 -13.83
N ARG A 179 -77.91 37.47 -14.82
CA ARG A 179 -77.04 38.64 -14.97
C ARG A 179 -77.90 39.86 -15.26
N ASN A 180 -78.81 39.76 -16.22
CA ASN A 180 -79.73 40.85 -16.54
C ASN A 180 -80.55 41.23 -15.31
N HIS A 181 -81.12 40.26 -14.58
CA HIS A 181 -81.89 40.51 -13.36
C HIS A 181 -81.10 41.32 -12.33
N ILE A 182 -79.88 40.90 -12.01
CA ILE A 182 -79.01 41.60 -11.07
C ILE A 182 -78.74 43.01 -11.57
N SER A 183 -78.58 43.21 -12.88
CA SER A 183 -78.30 44.53 -13.45
C SER A 183 -79.46 45.54 -13.34
N LYS A 184 -80.67 45.11 -12.96
CA LYS A 184 -81.85 45.97 -12.77
C LYS A 184 -82.46 45.88 -11.38
N HIS A 185 -83.14 44.78 -11.08
CA HIS A 185 -83.89 44.55 -9.83
C HIS A 185 -83.07 44.61 -8.53
N HIS A 186 -81.74 44.53 -8.62
CA HIS A 186 -80.79 44.71 -7.52
C HIS A 186 -79.62 45.63 -7.91
N ASP A 187 -79.84 46.55 -8.85
CA ASP A 187 -78.79 47.42 -9.39
C ASP A 187 -78.13 48.48 -8.47
N PRO A 188 -76.84 48.77 -8.68
CA PRO A 188 -76.17 49.89 -8.03
C PRO A 188 -76.70 51.21 -8.63
N GLU A 189 -76.33 52.35 -8.04
CA GLU A 189 -76.69 53.68 -8.52
C GLU A 189 -76.04 54.08 -9.87
N VAL A 190 -75.34 53.17 -10.55
CA VAL A 190 -74.62 53.42 -11.82
C VAL A 190 -75.55 53.77 -12.98
N GLU A 191 -75.13 54.74 -13.79
CA GLU A 191 -75.89 55.25 -14.94
C GLU A 191 -76.00 54.24 -16.09
N ASN A 192 -74.99 53.38 -16.27
CA ASN A 192 -74.88 52.41 -17.36
C ASN A 192 -74.85 50.97 -16.82
N PRO A 193 -76.00 50.37 -16.54
CA PRO A 193 -76.06 49.06 -15.89
C PRO A 193 -75.60 47.89 -16.76
N TYR A 194 -75.36 48.07 -18.07
CA TYR A 194 -74.98 47.00 -18.98
C TYR A 194 -73.55 47.16 -19.47
N GLN A 195 -72.76 46.09 -19.49
CA GLN A 195 -71.35 46.11 -19.90
C GLN A 195 -71.08 44.97 -20.89
N CYS A 196 -70.32 45.25 -21.94
CA CYS A 196 -70.06 44.31 -23.01
C CYS A 196 -69.41 43.04 -22.46
N THR A 197 -70.00 41.88 -22.75
CA THR A 197 -69.65 40.60 -22.13
C THR A 197 -68.43 39.92 -22.77
N PHE A 198 -67.95 40.44 -23.90
CA PHE A 198 -66.97 39.79 -24.77
C PHE A 198 -65.51 40.04 -24.40
N ALA A 199 -64.61 39.34 -25.10
CA ALA A 199 -63.16 39.48 -25.02
C ALA A 199 -62.68 40.89 -25.39
N GLY A 200 -61.97 41.56 -24.46
CA GLY A 200 -61.26 42.81 -24.73
C GLY A 200 -62.11 44.04 -25.06
N CYS A 201 -63.43 44.00 -24.97
CA CYS A 201 -64.33 45.13 -25.26
C CYS A 201 -64.68 45.80 -23.92
N CYS A 202 -64.52 47.12 -23.84
CA CYS A 202 -64.63 47.88 -22.59
C CYS A 202 -65.91 48.74 -22.48
N LYS A 203 -66.80 48.69 -23.49
CA LYS A 203 -67.95 49.59 -23.60
C LYS A 203 -69.16 49.18 -22.76
N GLU A 204 -69.91 50.19 -22.35
CA GLU A 204 -71.01 50.10 -21.40
C GLU A 204 -72.21 50.94 -21.86
N PHE A 205 -73.41 50.54 -21.46
CA PHE A 205 -74.65 51.00 -22.07
C PHE A 205 -75.78 51.21 -21.04
N ARG A 206 -76.74 52.06 -21.41
CA ARG A 206 -77.84 52.47 -20.52
C ARG A 206 -79.02 51.51 -20.55
N ILE A 207 -79.32 50.89 -21.69
CA ILE A 207 -80.51 50.05 -21.89
C ILE A 207 -80.08 48.72 -22.52
N TRP A 208 -80.69 47.60 -22.14
CA TRP A 208 -80.28 46.27 -22.64
C TRP A 208 -80.33 46.18 -24.17
N SER A 209 -81.26 46.89 -24.81
CA SER A 209 -81.38 46.90 -26.26
C SER A 209 -80.13 47.44 -26.96
N GLN A 210 -79.47 48.43 -26.37
CA GLN A 210 -78.23 48.99 -26.91
C GLN A 210 -77.10 47.96 -26.82
N LEU A 211 -77.05 47.18 -25.75
CA LEU A 211 -76.07 46.10 -25.61
C LEU A 211 -76.34 44.99 -26.62
N GLN A 212 -77.60 44.60 -26.80
CA GLN A 212 -77.99 43.63 -27.83
C GLN A 212 -77.54 44.11 -29.21
N SER A 213 -77.77 45.38 -29.52
CA SER A 213 -77.31 46.00 -30.76
C SER A 213 -75.79 45.98 -30.86
N HIS A 214 -75.05 46.35 -29.81
CA HIS A 214 -73.59 46.35 -29.82
C HIS A 214 -72.99 44.95 -30.03
N ILE A 215 -73.51 43.92 -29.36
CA ILE A 215 -73.09 42.54 -29.59
C ILE A 215 -73.37 42.11 -31.04
N LYS A 216 -74.58 42.32 -31.55
CA LYS A 216 -74.94 41.97 -32.93
C LYS A 216 -74.19 42.76 -34.00
N ASN A 217 -73.79 44.01 -33.73
CA ASN A 217 -73.01 44.82 -34.65
C ASN A 217 -71.50 44.51 -34.63
N ASP A 218 -70.86 44.58 -33.46
CA ASP A 218 -69.39 44.58 -33.35
C ASP A 218 -68.81 43.24 -32.92
N HIS A 219 -69.63 42.32 -32.41
CA HIS A 219 -69.20 40.97 -32.05
C HIS A 219 -70.05 39.86 -32.72
N PRO A 220 -70.47 39.97 -34.00
CA PRO A 220 -71.18 38.89 -34.67
C PRO A 220 -70.29 37.66 -34.79
N LYS A 221 -70.83 36.49 -34.44
CA LYS A 221 -70.11 35.22 -34.54
C LYS A 221 -70.09 34.77 -36.00
N LEU A 222 -68.92 34.78 -36.62
CA LEU A 222 -68.70 34.42 -38.03
C LEU A 222 -68.04 33.06 -38.16
N LYS A 223 -68.05 32.46 -39.35
CA LYS A 223 -67.20 31.33 -39.74
C LYS A 223 -66.26 31.73 -40.86
N CYS A 224 -64.99 31.32 -40.81
CA CYS A 224 -64.00 31.62 -41.84
C CYS A 224 -64.54 31.22 -43.21
N PRO A 225 -64.51 32.11 -44.22
CA PRO A 225 -65.04 31.78 -45.53
C PRO A 225 -64.36 30.55 -46.14
N ILE A 226 -63.08 30.30 -45.81
CA ILE A 226 -62.29 29.24 -46.41
C ILE A 226 -62.39 27.96 -45.56
N CYS A 227 -62.15 28.04 -44.25
CA CYS A 227 -61.98 26.86 -43.40
C CYS A 227 -63.14 26.63 -42.41
N SER A 228 -64.14 27.50 -42.41
CA SER A 228 -65.36 27.47 -41.58
C SER A 228 -65.15 27.38 -40.06
N LYS A 229 -63.93 27.52 -39.54
CA LYS A 229 -63.68 27.68 -38.11
C LYS A 229 -64.33 28.98 -37.62
N PRO A 230 -65.00 29.00 -36.46
CA PRO A 230 -65.68 30.18 -35.95
C PRO A 230 -64.72 31.26 -35.44
N CYS A 231 -65.14 32.52 -35.50
CA CYS A 231 -64.43 33.66 -34.94
C CYS A 231 -65.41 34.77 -34.56
N VAL A 232 -64.97 35.74 -33.74
CA VAL A 232 -65.83 36.84 -33.27
C VAL A 232 -65.42 38.17 -33.90
N GLY A 233 -66.34 38.78 -34.64
CA GLY A 233 -66.22 40.14 -35.15
C GLY A 233 -65.20 40.36 -36.26
N GLU A 234 -65.15 41.58 -36.77
CA GLU A 234 -64.33 41.96 -37.95
C GLU A 234 -62.86 41.69 -37.70
N ASN A 235 -62.35 42.04 -36.52
CA ASN A 235 -60.96 41.80 -36.15
C ASN A 235 -60.68 40.30 -36.14
N GLY A 236 -61.61 39.47 -35.66
CA GLY A 236 -61.44 38.03 -35.60
C GLY A 236 -61.24 37.44 -36.99
N LEU A 237 -62.08 37.84 -37.94
CA LEU A 237 -61.97 37.40 -39.33
C LEU A 237 -60.66 37.91 -39.94
N GLN A 238 -60.35 39.20 -39.81
CA GLN A 238 -59.13 39.75 -40.40
C GLN A 238 -57.86 39.10 -39.82
N MET A 239 -57.81 38.83 -38.51
CA MET A 239 -56.69 38.09 -37.89
C MET A 239 -56.58 36.68 -38.43
N HIS A 240 -57.69 35.95 -38.53
CA HIS A 240 -57.64 34.58 -39.05
C HIS A 240 -57.30 34.53 -40.54
N MET A 241 -57.64 35.54 -41.33
CA MET A 241 -57.36 35.53 -42.76
C MET A 241 -55.86 35.56 -43.08
N ILE A 242 -55.01 36.00 -42.14
CA ILE A 242 -53.56 35.93 -42.30
C ILE A 242 -53.10 34.49 -42.55
N ILE A 243 -53.74 33.49 -41.93
CA ILE A 243 -53.27 32.12 -41.95
C ILE A 243 -53.28 31.55 -43.38
N HIS A 244 -54.31 31.89 -44.14
CA HIS A 244 -54.46 31.47 -45.52
C HIS A 244 -53.57 32.28 -46.46
N ASP A 245 -53.21 33.52 -46.12
CA ASP A 245 -52.50 34.44 -47.01
C ASP A 245 -51.20 33.85 -47.56
N ASP A 246 -51.11 33.73 -48.89
CA ASP A 246 -49.96 33.14 -49.57
C ASP A 246 -48.81 34.12 -49.77
N SER A 247 -49.01 35.41 -49.50
CA SER A 247 -47.95 36.41 -49.57
C SER A 247 -47.06 36.37 -48.32
N LEU A 248 -47.67 36.34 -47.13
CA LEU A 248 -46.98 36.27 -45.83
C LEU A 248 -46.61 34.83 -45.46
N VAL A 249 -47.59 33.92 -45.44
CA VAL A 249 -47.36 32.53 -45.10
C VAL A 249 -46.95 31.79 -46.36
N THR A 250 -45.64 31.69 -46.58
CA THR A 250 -45.03 31.02 -47.74
C THR A 250 -45.08 29.50 -47.59
N LYS A 251 -46.29 28.98 -47.55
CA LYS A 251 -46.66 27.60 -47.17
C LYS A 251 -46.14 26.53 -48.12
N ASN A 252 -46.11 25.30 -47.63
CA ASN A 252 -45.78 24.15 -48.47
C ASN A 252 -46.97 23.74 -49.32
N TRP A 253 -46.69 22.94 -50.33
CA TRP A 253 -47.67 22.54 -51.32
C TRP A 253 -47.79 21.01 -51.38
N LYS A 254 -48.97 20.47 -51.09
CA LYS A 254 -49.25 19.02 -51.03
C LYS A 254 -50.61 18.63 -51.65
N CYS A 255 -50.75 17.36 -52.04
CA CYS A 255 -52.02 16.75 -52.40
C CYS A 255 -52.86 16.46 -51.14
N HIS A 256 -54.17 16.60 -51.27
CA HIS A 256 -55.16 16.31 -50.23
C HIS A 256 -55.23 14.82 -49.88
N ILE A 257 -54.76 13.94 -50.78
CA ILE A 257 -54.83 12.48 -50.62
C ILE A 257 -53.46 11.82 -50.83
N CYS A 258 -52.76 12.12 -51.92
CA CYS A 258 -51.50 11.46 -52.31
C CYS A 258 -50.34 11.86 -51.36
N PRO A 259 -49.72 10.94 -50.62
CA PRO A 259 -48.71 11.29 -49.60
C PRO A 259 -47.42 11.95 -50.12
N ASP A 260 -47.05 11.71 -51.39
CA ASP A 260 -45.70 11.97 -51.90
C ASP A 260 -45.39 13.42 -52.33
N MET A 261 -46.39 14.26 -52.56
CA MET A 261 -46.22 15.52 -53.29
C MET A 261 -45.37 16.57 -52.56
N SER A 262 -44.66 17.43 -53.31
CA SER A 262 -43.66 18.36 -52.77
C SER A 262 -43.35 19.53 -53.72
N PHE A 263 -44.40 20.23 -54.15
CA PHE A 263 -44.28 21.31 -55.14
C PHE A 263 -43.59 22.56 -54.59
N SER A 264 -43.04 23.38 -55.49
CA SER A 264 -42.31 24.62 -55.16
C SER A 264 -43.08 25.91 -55.48
N ARG A 265 -44.17 25.85 -56.25
CA ARG A 265 -45.01 27.01 -56.62
C ARG A 265 -46.49 26.62 -56.71
N LYS A 266 -47.39 27.60 -56.56
CA LYS A 266 -48.84 27.39 -56.57
C LYS A 266 -49.37 26.92 -57.92
N HIS A 267 -48.96 27.55 -59.01
CA HIS A 267 -49.32 27.11 -60.37
C HIS A 267 -48.91 25.67 -60.66
N ASP A 268 -47.75 25.25 -60.16
CA ASP A 268 -47.27 23.90 -60.34
C ASP A 268 -48.11 22.90 -59.54
N LEU A 269 -48.56 23.25 -58.33
CA LEU A 269 -49.40 22.35 -57.53
C LEU A 269 -50.70 22.00 -58.25
N LEU A 270 -51.30 22.96 -58.95
CA LEU A 270 -52.52 22.75 -59.74
C LEU A 270 -52.34 21.69 -60.84
N THR A 271 -51.12 21.32 -61.25
CA THR A 271 -50.92 20.22 -62.19
C THR A 271 -51.39 18.89 -61.61
N HIS A 272 -51.11 18.59 -60.34
CA HIS A 272 -51.51 17.33 -59.72
C HIS A 272 -53.03 17.28 -59.57
N TYR A 273 -53.62 18.32 -58.97
CA TYR A 273 -55.08 18.45 -58.88
C TYR A 273 -55.76 18.53 -60.26
N GLY A 274 -55.04 18.94 -61.31
CA GLY A 274 -55.53 18.97 -62.68
C GLY A 274 -55.36 17.67 -63.47
N SER A 275 -54.83 16.59 -62.86
CA SER A 275 -54.53 15.35 -63.57
C SER A 275 -54.84 14.09 -62.78
N ILE A 276 -54.42 14.02 -61.52
CA ILE A 276 -54.67 12.87 -60.64
C ILE A 276 -56.04 13.01 -59.96
N HIS A 277 -56.43 14.26 -59.70
CA HIS A 277 -57.81 14.69 -59.49
C HIS A 277 -58.26 15.52 -60.71
N THR A 278 -59.32 16.32 -60.56
CA THR A 278 -59.70 17.36 -61.53
C THR A 278 -60.11 18.66 -60.82
N GLU A 279 -60.74 19.61 -61.51
CA GLU A 279 -61.24 20.87 -60.95
C GLU A 279 -62.33 20.70 -59.87
N GLU A 280 -62.87 19.49 -59.72
CA GLU A 280 -63.74 19.09 -58.61
C GLU A 280 -62.91 18.43 -57.48
N ASP A 281 -63.23 18.75 -56.22
CA ASP A 281 -62.57 18.28 -55.00
C ASP A 281 -61.08 18.69 -54.81
N ILE A 282 -60.65 19.77 -55.48
CA ILE A 282 -59.52 20.60 -55.01
C ILE A 282 -59.90 21.38 -53.74
N PRO A 283 -59.02 21.48 -52.72
CA PRO A 283 -59.27 22.29 -51.53
C PRO A 283 -59.47 23.79 -51.79
N LEU A 284 -60.34 24.42 -51.00
CA LEU A 284 -60.77 25.79 -51.22
C LEU A 284 -59.63 26.81 -51.06
N GLU A 285 -58.71 26.63 -50.10
CA GLU A 285 -57.56 27.54 -49.91
C GLU A 285 -56.65 27.63 -51.15
N LEU A 286 -56.51 26.54 -51.90
CA LEU A 286 -55.78 26.50 -53.17
C LEU A 286 -56.56 27.22 -54.26
N LYS A 287 -57.87 26.96 -54.35
CA LYS A 287 -58.78 27.55 -55.35
C LYS A 287 -59.02 29.05 -55.17
N TYR A 288 -59.09 29.54 -53.93
CA TYR A 288 -59.61 30.88 -53.60
C TYR A 288 -58.61 32.01 -53.92
N LYS A 289 -58.54 32.39 -55.20
CA LYS A 289 -57.85 33.61 -55.71
C LYS A 289 -58.62 34.91 -55.39
N ILE A 290 -59.19 35.02 -54.18
CA ILE A 290 -60.24 35.98 -53.83
C ILE A 290 -59.77 37.44 -53.72
N SER A 291 -58.51 37.69 -53.36
CA SER A 291 -57.92 39.03 -53.33
C SER A 291 -57.50 39.49 -54.74
N ASN A 331 -39.57 73.08 -10.45
CA ASN A 331 -38.56 74.05 -10.91
C ASN A 331 -39.05 75.51 -10.79
N ASN A 332 -40.36 75.74 -10.92
CA ASN A 332 -40.99 77.06 -10.89
C ASN A 332 -41.14 77.58 -9.44
N ASN A 333 -40.05 77.61 -8.67
CA ASN A 333 -40.15 77.59 -7.22
C ASN A 333 -40.86 78.82 -6.64
N VAL A 334 -40.53 80.02 -7.10
CA VAL A 334 -41.18 81.25 -6.61
C VAL A 334 -42.62 81.30 -7.07
N GLU A 335 -42.94 80.81 -8.27
CA GLU A 335 -44.30 80.69 -8.75
C GLU A 335 -45.13 79.70 -7.93
N PHE A 336 -44.53 78.57 -7.53
CA PHE A 336 -45.16 77.62 -6.63
C PHE A 336 -45.39 78.24 -5.26
N LEU A 337 -44.40 78.94 -4.69
CA LEU A 337 -44.59 79.70 -3.44
C LEU A 337 -45.72 80.72 -3.58
N GLN A 338 -45.81 81.40 -4.72
CA GLN A 338 -46.86 82.36 -4.99
C GLN A 338 -48.23 81.68 -4.99
N ASN A 339 -48.41 80.58 -5.74
CA ASN A 339 -49.64 79.80 -5.68
C ASN A 339 -49.96 79.29 -4.26
N GLU A 340 -48.97 78.76 -3.53
CA GLU A 340 -49.17 78.22 -2.19
C GLU A 340 -49.63 79.29 -1.21
N VAL A 341 -48.89 80.40 -1.11
CA VAL A 341 -49.25 81.46 -0.17
C VAL A 341 -50.58 82.10 -0.58
N ASP A 342 -50.82 82.29 -1.88
CA ASP A 342 -52.10 82.81 -2.36
C ASP A 342 -53.27 81.88 -2.01
N LEU A 343 -53.13 80.57 -2.11
CA LEU A 343 -54.14 79.63 -1.62
C LEU A 343 -54.38 79.86 -0.14
N GLU A 344 -53.32 79.90 0.68
CA GLU A 344 -53.45 80.11 2.13
C GLU A 344 -54.13 81.45 2.45
N LYS A 345 -53.85 82.52 1.71
CA LYS A 345 -54.58 83.79 1.82
C LYS A 345 -56.06 83.57 1.52
N ARG A 346 -56.38 82.94 0.38
CA ARG A 346 -57.77 82.79 -0.06
C ARG A 346 -58.59 81.87 0.84
N LEU A 347 -57.95 80.84 1.41
CA LEU A 347 -58.57 79.97 2.40
C LEU A 347 -58.79 80.69 3.74
N GLU A 348 -58.07 81.78 4.01
CA GLU A 348 -58.39 82.68 5.13
C GLU A 348 -59.41 83.76 4.77
N SER A 349 -59.54 84.14 3.50
CA SER A 349 -60.51 85.16 3.04
C SER A 349 -61.94 84.61 2.88
N GLY A 350 -62.38 83.78 3.81
CA GLY A 350 -63.75 83.25 3.93
C GLY A 350 -64.15 82.12 2.97
N GLU A 351 -63.31 81.73 2.00
CA GLU A 351 -63.63 80.59 1.13
C GLU A 351 -63.44 79.27 1.90
N ASN A 352 -64.42 78.35 1.83
CA ASN A 352 -64.38 77.06 2.53
C ASN A 352 -63.42 76.02 1.88
N GLY A 353 -62.69 76.38 0.82
CA GLY A 353 -61.97 75.43 -0.04
C GLY A 353 -62.90 74.66 -0.98
N LEU A 354 -63.98 74.07 -0.45
CA LEU A 354 -64.99 73.40 -1.25
C LEU A 354 -65.59 74.34 -2.31
N ASN A 355 -65.57 75.65 -2.06
CA ASN A 355 -65.92 76.65 -3.08
C ASN A 355 -64.97 76.59 -4.29
N LEU A 356 -63.64 76.54 -4.08
CA LEU A 356 -62.63 76.45 -5.14
C LEU A 356 -62.79 75.17 -5.97
N LEU A 357 -63.14 74.06 -5.31
CA LEU A 357 -63.51 72.83 -6.01
C LEU A 357 -64.78 73.06 -6.85
N LEU A 358 -65.88 73.49 -6.23
CA LEU A 358 -67.15 73.70 -6.92
C LEU A 358 -67.03 74.65 -8.12
N ASN A 359 -66.22 75.71 -8.01
CA ASN A 359 -65.97 76.64 -9.10
C ASN A 359 -65.29 75.99 -10.32
N THR A 360 -64.48 74.95 -10.15
CA THR A 360 -63.98 74.15 -11.28
C THR A 360 -65.01 73.15 -11.79
N VAL A 361 -65.82 72.57 -10.91
CA VAL A 361 -66.73 71.46 -11.25
C VAL A 361 -67.81 71.90 -12.24
N GLY A 362 -68.25 73.16 -12.14
CA GLY A 362 -69.28 73.73 -13.00
C GLY A 362 -70.32 74.59 -12.28
N ARG A 363 -70.19 74.79 -10.95
CA ARG A 363 -71.11 75.61 -10.14
C ARG A 363 -71.15 77.06 -10.62
N LYS A 364 -72.22 77.43 -11.31
CA LYS A 364 -72.69 78.82 -11.39
C LYS A 364 -73.59 79.09 -10.19
N TYR A 365 -73.43 80.25 -9.55
CA TYR A 365 -74.45 80.77 -8.65
C TYR A 365 -75.60 81.39 -9.45
N ARG A 366 -76.83 81.37 -8.91
CA ARG A 366 -78.02 81.97 -9.54
C ARG A 366 -78.86 82.76 -8.54
N CYS A 367 -79.41 83.90 -8.95
CA CYS A 367 -80.37 84.67 -8.15
C CYS A 367 -81.59 83.84 -7.72
N PHE A 368 -82.11 84.16 -6.54
CA PHE A 368 -83.29 83.55 -5.91
C PHE A 368 -84.47 84.52 -5.73
N TYR A 369 -84.28 85.81 -6.02
CA TYR A 369 -85.35 86.80 -5.84
C TYR A 369 -86.51 86.61 -6.84
N ASN A 370 -87.68 87.10 -6.45
CA ASN A 370 -88.88 87.06 -7.28
C ASN A 370 -88.62 87.72 -8.65
N ASN A 371 -88.81 86.95 -9.72
CA ASN A 371 -88.60 87.38 -11.12
C ASN A 371 -87.14 87.80 -11.45
N CYS A 372 -86.15 87.23 -10.75
CA CYS A 372 -84.72 87.27 -11.10
C CYS A 372 -84.16 85.84 -11.22
N SER A 373 -83.25 85.65 -12.18
CA SER A 373 -82.70 84.34 -12.58
C SER A 373 -81.24 84.41 -13.07
N ARG A 374 -80.56 85.55 -12.88
CA ARG A 374 -79.22 85.82 -13.43
C ARG A 374 -78.13 84.97 -12.75
N THR A 375 -77.04 84.71 -13.49
CA THR A 375 -76.00 83.72 -13.11
C THR A 375 -74.59 84.28 -13.08
N PHE A 376 -73.76 83.76 -12.16
CA PHE A 376 -72.41 84.27 -11.89
C PHE A 376 -71.41 83.12 -11.68
N LYS A 377 -70.19 83.24 -12.25
CA LYS A 377 -69.12 82.23 -12.14
C LYS A 377 -68.17 82.43 -10.96
N THR A 378 -68.38 83.44 -10.11
CA THR A 378 -67.67 83.63 -8.83
C THR A 378 -68.64 84.11 -7.73
N LYS A 379 -68.36 83.76 -6.47
CA LYS A 379 -69.27 84.10 -5.36
C LYS A 379 -69.32 85.61 -5.09
N GLU A 380 -68.22 86.34 -5.27
CA GLU A 380 -68.22 87.79 -5.06
C GLU A 380 -69.21 88.50 -5.99
N LYS A 381 -69.34 88.06 -7.25
CA LYS A 381 -70.29 88.63 -8.21
C LYS A 381 -71.73 88.30 -7.82
N TYR A 382 -71.97 87.08 -7.32
CA TYR A 382 -73.25 86.70 -6.75
C TYR A 382 -73.60 87.56 -5.51
N GLU A 383 -72.66 87.73 -4.58
CA GLU A 383 -72.86 88.57 -3.39
C GLU A 383 -73.20 90.01 -3.80
N LYS A 384 -72.48 90.58 -4.77
CA LYS A 384 -72.78 91.92 -5.28
C LYS A 384 -74.21 91.98 -5.85
N HIS A 385 -74.62 90.98 -6.63
CA HIS A 385 -75.97 90.93 -7.19
C HIS A 385 -77.07 90.82 -6.12
N ILE A 386 -76.89 89.96 -5.11
CA ILE A 386 -77.82 89.89 -3.98
C ILE A 386 -77.80 91.21 -3.20
N ASP A 387 -76.65 91.85 -3.02
CA ASP A 387 -76.57 93.16 -2.37
C ASP A 387 -77.35 94.21 -3.19
N LYS A 388 -77.33 94.12 -4.53
CA LYS A 388 -78.14 95.02 -5.38
C LYS A 388 -79.63 94.75 -5.13
N HIS A 389 -80.03 93.50 -4.84
CA HIS A 389 -81.42 93.24 -4.47
C HIS A 389 -81.72 93.84 -3.08
N LYS A 390 -80.76 93.84 -2.13
CA LYS A 390 -80.97 94.51 -0.82
C LYS A 390 -81.18 96.01 -1.07
N VAL A 391 -80.38 96.60 -1.96
CA VAL A 391 -80.51 98.01 -2.36
C VAL A 391 -81.90 98.23 -2.99
N HIS A 392 -82.40 97.30 -3.81
CA HIS A 392 -83.74 97.39 -4.42
C HIS A 392 -84.81 97.41 -3.31
N GLU A 393 -84.69 96.56 -2.29
CA GLU A 393 -85.62 96.55 -1.14
C GLU A 393 -85.55 97.89 -0.38
N LEU A 394 -84.36 98.48 -0.22
CA LEU A 394 -84.18 99.78 0.44
C LEU A 394 -84.81 100.91 -0.38
N LYS A 395 -84.70 100.88 -1.72
CA LYS A 395 -85.35 101.85 -2.63
C LYS A 395 -86.87 101.76 -2.45
N LEU A 396 -87.42 100.54 -2.44
CA LEU A 396 -88.83 100.27 -2.20
C LEU A 396 -89.18 100.54 -0.73
N MET B 1 -50.29 -52.83 -61.04
CA MET B 1 -48.91 -53.26 -61.37
C MET B 1 -48.06 -53.30 -60.09
N VAL B 2 -47.48 -54.47 -59.77
CA VAL B 2 -46.66 -54.72 -58.58
C VAL B 2 -45.26 -54.11 -58.69
N LEU B 3 -44.88 -53.21 -57.77
CA LEU B 3 -43.58 -52.53 -57.78
C LEU B 3 -42.43 -53.49 -57.46
N THR B 4 -41.39 -53.52 -58.30
CA THR B 4 -40.21 -54.40 -58.15
C THR B 4 -39.21 -53.96 -57.09
N ILE B 5 -38.91 -54.85 -56.11
CA ILE B 5 -37.91 -54.65 -55.04
C ILE B 5 -37.18 -55.96 -54.75
N TYR B 6 -35.98 -55.90 -54.19
CA TYR B 6 -35.22 -57.09 -53.82
C TYR B 6 -35.88 -57.78 -52.61
N PRO B 7 -35.67 -59.08 -52.36
CA PRO B 7 -36.29 -59.79 -51.24
C PRO B 7 -36.11 -59.18 -49.86
N ASP B 8 -34.93 -58.61 -49.57
CA ASP B 8 -34.64 -58.01 -48.26
C ASP B 8 -35.05 -56.53 -48.14
N GLU B 9 -35.32 -55.80 -49.23
CA GLU B 9 -35.71 -54.39 -49.13
C GLU B 9 -37.01 -54.17 -48.35
N LEU B 10 -37.92 -55.13 -48.37
CA LEU B 10 -39.18 -55.03 -47.65
C LEU B 10 -38.91 -54.94 -46.15
N VAL B 11 -37.82 -55.52 -45.64
CA VAL B 11 -37.52 -55.44 -44.20
C VAL B 11 -37.27 -53.98 -43.78
N GLN B 12 -36.68 -53.16 -44.65
CA GLN B 12 -36.48 -51.74 -44.36
C GLN B 12 -37.83 -51.03 -44.32
N ILE B 13 -38.62 -51.20 -45.39
CA ILE B 13 -39.92 -50.56 -45.56
C ILE B 13 -40.87 -50.94 -44.42
N VAL B 14 -40.93 -52.22 -44.03
CA VAL B 14 -41.80 -52.64 -42.93
C VAL B 14 -41.30 -52.06 -41.63
N SER B 15 -39.99 -51.94 -41.43
CA SER B 15 -39.46 -51.32 -40.22
C SER B 15 -39.89 -49.85 -40.15
N ASP B 16 -39.77 -49.11 -41.25
CA ASP B 16 -40.19 -47.71 -41.30
C ASP B 16 -41.70 -47.57 -41.07
N LYS B 17 -42.51 -48.44 -41.66
CA LYS B 17 -43.96 -48.44 -41.46
C LYS B 17 -44.30 -48.75 -40.01
N ILE B 18 -43.64 -49.73 -39.41
CA ILE B 18 -43.88 -50.10 -38.02
C ILE B 18 -43.46 -48.98 -37.08
N ALA B 19 -42.31 -48.37 -37.31
CA ALA B 19 -41.84 -47.27 -36.46
C ALA B 19 -42.76 -46.06 -36.57
N SER B 20 -43.40 -45.88 -37.73
CA SER B 20 -44.37 -44.80 -37.91
C SER B 20 -45.61 -45.08 -37.05
N ASN B 21 -46.22 -46.26 -37.21
CA ASN B 21 -47.46 -46.65 -36.51
C ASN B 21 -47.26 -47.14 -35.06
N LYS B 22 -46.45 -46.43 -34.27
CA LYS B 22 -46.16 -46.69 -32.85
C LYS B 22 -45.73 -48.12 -32.45
N GLY B 23 -44.86 -48.75 -33.23
CA GLY B 23 -44.25 -50.03 -32.87
C GLY B 23 -44.96 -51.35 -33.19
N LYS B 24 -46.25 -51.35 -33.57
CA LYS B 24 -46.98 -52.60 -33.92
C LYS B 24 -47.95 -52.38 -35.08
N ILE B 25 -48.16 -53.41 -35.88
CA ILE B 25 -49.11 -53.46 -37.01
C ILE B 25 -49.87 -54.79 -37.01
N THR B 26 -51.07 -54.82 -37.58
CA THR B 26 -51.85 -56.07 -37.70
C THR B 26 -51.32 -56.87 -38.87
N LEU B 27 -51.58 -58.18 -38.93
CA LEU B 27 -51.13 -58.97 -40.09
C LEU B 27 -51.78 -58.44 -41.37
N ASN B 28 -53.01 -57.93 -41.30
CA ASN B 28 -53.68 -57.38 -42.46
C ASN B 28 -52.93 -56.12 -42.93
N GLN B 29 -52.46 -55.27 -42.02
CA GLN B 29 -51.68 -54.09 -42.40
C GLN B 29 -50.36 -54.52 -43.05
N LEU B 30 -49.70 -55.56 -42.53
CA LEU B 30 -48.46 -56.12 -43.11
C LEU B 30 -48.74 -56.61 -44.53
N TRP B 31 -49.87 -57.29 -44.75
CA TRP B 31 -50.27 -57.78 -46.06
C TRP B 31 -50.59 -56.60 -46.99
N ASP B 32 -51.25 -55.56 -46.49
CA ASP B 32 -51.53 -54.37 -47.28
C ASP B 32 -50.22 -53.68 -47.72
N ILE B 33 -49.25 -53.54 -46.80
CA ILE B 33 -47.93 -52.94 -47.08
C ILE B 33 -47.20 -53.80 -48.13
N SER B 34 -47.23 -55.12 -47.97
CA SER B 34 -46.58 -56.07 -48.88
C SER B 34 -47.21 -56.09 -50.27
N GLY B 35 -48.54 -55.97 -50.36
CA GLY B 35 -49.27 -56.01 -51.62
C GLY B 35 -48.85 -54.97 -52.64
N LYS B 36 -48.22 -53.87 -52.21
CA LYS B 36 -47.72 -52.83 -53.11
C LYS B 36 -46.49 -53.30 -53.91
N TYR B 37 -45.75 -54.26 -53.36
CA TYR B 37 -44.48 -54.75 -53.89
C TYR B 37 -44.42 -56.25 -54.22
N PHE B 38 -45.35 -57.05 -53.73
CA PHE B 38 -45.41 -58.49 -54.00
C PHE B 38 -46.88 -58.93 -54.21
N ASP B 39 -47.11 -59.87 -55.12
CA ASP B 39 -48.45 -60.35 -55.45
C ASP B 39 -49.01 -61.34 -54.43
N LEU B 40 -49.58 -60.85 -53.32
CA LEU B 40 -50.17 -61.72 -52.30
C LEU B 40 -51.47 -62.45 -52.72
N SER B 41 -51.80 -62.53 -54.02
CA SER B 41 -52.97 -63.27 -54.51
C SER B 41 -52.84 -64.79 -54.29
N ASP B 42 -51.66 -65.26 -53.89
CA ASP B 42 -51.35 -66.67 -53.64
C ASP B 42 -50.57 -66.82 -52.33
N LYS B 43 -50.98 -67.76 -51.48
CA LYS B 43 -50.33 -68.07 -50.19
C LYS B 43 -48.85 -68.39 -50.34
N LYS B 44 -48.38 -68.90 -51.50
CA LYS B 44 -46.95 -69.17 -51.73
C LYS B 44 -46.12 -67.89 -51.57
N VAL B 45 -46.61 -66.78 -52.10
CA VAL B 45 -45.94 -65.47 -51.98
C VAL B 45 -46.04 -64.99 -50.54
N LYS B 46 -47.21 -65.16 -49.90
CA LYS B 46 -47.41 -64.76 -48.49
C LYS B 46 -46.45 -65.46 -47.55
N GLN B 47 -46.20 -66.75 -47.75
CA GLN B 47 -45.30 -67.55 -46.93
C GLN B 47 -43.86 -67.04 -47.09
N PHE B 48 -43.44 -66.81 -48.33
CA PHE B 48 -42.10 -66.28 -48.62
C PHE B 48 -41.91 -64.91 -47.97
N VAL B 49 -42.83 -63.98 -48.21
CA VAL B 49 -42.77 -62.60 -47.68
C VAL B 49 -42.80 -62.54 -46.17
N LEU B 50 -43.71 -63.28 -45.51
CA LEU B 50 -43.75 -63.23 -44.06
C LEU B 50 -42.47 -63.80 -43.45
N SER B 51 -41.83 -64.76 -44.12
CA SER B 51 -40.56 -65.29 -43.64
C SER B 51 -39.51 -64.18 -43.62
N CYS B 52 -39.41 -63.35 -44.67
CA CYS B 52 -38.43 -62.24 -44.72
C CYS B 52 -38.55 -61.35 -43.50
N VAL B 53 -39.77 -61.05 -43.10
CA VAL B 53 -40.05 -60.21 -41.95
C VAL B 53 -39.70 -60.93 -40.65
N ILE B 54 -40.10 -62.19 -40.47
CA ILE B 54 -39.81 -62.96 -39.25
C ILE B 54 -38.31 -63.29 -39.10
N LEU B 55 -37.57 -63.39 -40.20
CA LEU B 55 -36.13 -63.72 -40.19
C LEU B 55 -35.26 -62.64 -39.56
N LYS B 56 -35.63 -61.35 -39.62
CA LYS B 56 -34.83 -60.29 -39.00
C LYS B 56 -35.04 -60.37 -37.48
N LYS B 57 -33.96 -60.55 -36.73
CA LYS B 57 -33.98 -60.70 -35.25
C LYS B 57 -34.72 -59.56 -34.51
N ASP B 58 -34.68 -58.35 -35.06
CA ASP B 58 -35.34 -57.18 -34.46
C ASP B 58 -36.88 -57.22 -34.41
N ILE B 59 -37.50 -58.12 -35.19
CA ILE B 59 -38.94 -58.21 -35.38
C ILE B 59 -39.57 -59.32 -34.51
N GLU B 60 -40.73 -59.04 -33.91
CA GLU B 60 -41.47 -59.93 -33.03
C GLU B 60 -42.93 -60.14 -33.48
N VAL B 61 -43.47 -61.34 -33.21
CA VAL B 61 -44.83 -61.75 -33.57
C VAL B 61 -45.65 -62.00 -32.30
N TYR B 62 -46.91 -61.56 -32.30
CA TYR B 62 -47.82 -61.64 -31.16
C TYR B 62 -49.21 -62.20 -31.53
N CYS B 63 -49.92 -62.71 -30.53
CA CYS B 63 -51.22 -63.38 -30.61
C CYS B 63 -52.06 -63.09 -29.34
N ASP B 64 -53.18 -62.37 -29.46
CA ASP B 64 -54.03 -61.97 -28.32
C ASP B 64 -53.24 -61.29 -27.16
N GLY B 65 -52.12 -60.65 -27.49
CA GLY B 65 -51.20 -59.96 -26.57
C GLY B 65 -50.00 -60.82 -26.12
N ALA B 66 -50.05 -62.13 -26.31
CA ALA B 66 -48.98 -63.07 -25.99
C ALA B 66 -47.96 -63.17 -27.15
N ILE B 67 -46.75 -63.70 -26.91
CA ILE B 67 -45.72 -63.90 -27.95
C ILE B 67 -45.98 -65.19 -28.75
N THR B 68 -45.51 -65.26 -30.00
CA THR B 68 -45.68 -66.43 -30.89
C THR B 68 -44.36 -66.81 -31.58
N THR B 69 -44.07 -68.11 -31.70
CA THR B 69 -42.82 -68.64 -32.31
C THR B 69 -43.03 -69.84 -33.25
N LYS B 70 -44.23 -70.02 -33.84
CA LYS B 70 -44.54 -71.13 -34.78
C LYS B 70 -43.84 -70.94 -36.14
N ASN B 71 -43.91 -71.95 -37.00
CA ASN B 71 -43.31 -71.88 -38.34
C ASN B 71 -44.06 -70.84 -39.19
N VAL B 72 -43.43 -70.29 -40.23
CA VAL B 72 -44.06 -69.24 -41.06
C VAL B 72 -45.36 -69.73 -41.71
N THR B 73 -45.40 -70.96 -42.20
CA THR B 73 -46.60 -71.57 -42.79
C THR B 73 -47.72 -71.70 -41.75
N ASP B 74 -47.39 -71.92 -40.47
CA ASP B 74 -48.37 -71.97 -39.39
C ASP B 74 -49.02 -70.61 -39.20
N ILE B 75 -48.26 -69.51 -39.29
CA ILE B 75 -48.82 -68.17 -39.14
C ILE B 75 -49.80 -67.85 -40.27
N ILE B 76 -49.58 -68.37 -41.49
CA ILE B 76 -50.50 -68.18 -42.63
C ILE B 76 -51.79 -68.97 -42.43
N GLY B 77 -51.70 -70.25 -42.01
CA GLY B 77 -52.85 -71.14 -41.84
C GLY B 77 -53.63 -71.06 -40.52
N ASP B 78 -52.98 -70.78 -39.39
CA ASP B 78 -53.59 -70.72 -38.05
C ASP B 78 -54.26 -69.36 -37.76
N ALA B 79 -55.17 -68.95 -38.63
CA ALA B 79 -55.90 -67.68 -38.61
C ALA B 79 -57.00 -67.54 -37.54
N ASN B 80 -56.85 -68.11 -36.35
CA ASN B 80 -57.89 -68.10 -35.31
C ASN B 80 -57.89 -66.89 -34.35
N HIS B 81 -56.80 -66.65 -33.61
CA HIS B 81 -56.66 -65.54 -32.66
C HIS B 81 -56.46 -64.18 -33.34
N SER B 82 -56.44 -63.09 -32.56
CA SER B 82 -56.07 -61.77 -33.08
C SER B 82 -54.54 -61.77 -33.15
N TYR B 83 -53.94 -61.29 -34.25
CA TYR B 83 -52.48 -61.33 -34.42
C TYR B 83 -51.90 -59.98 -34.85
N SER B 84 -50.72 -59.65 -34.33
CA SER B 84 -49.98 -58.42 -34.63
C SER B 84 -48.48 -58.67 -34.64
N VAL B 85 -47.76 -57.82 -35.36
CA VAL B 85 -46.30 -57.87 -35.54
C VAL B 85 -45.73 -56.53 -35.13
N GLY B 86 -44.58 -56.53 -34.48
CA GLY B 86 -43.92 -55.31 -34.05
C GLY B 86 -42.40 -55.48 -33.98
N ILE B 87 -41.72 -54.48 -33.46
CA ILE B 87 -40.27 -54.47 -33.31
C ILE B 87 -39.91 -54.30 -31.84
N THR B 88 -38.83 -54.95 -31.41
CA THR B 88 -38.28 -54.87 -30.05
C THR B 88 -38.08 -53.41 -29.64
N GLU B 89 -38.35 -53.08 -28.38
CA GLU B 89 -38.25 -51.71 -27.88
C GLU B 89 -36.90 -51.05 -28.14
N ASP B 90 -35.77 -51.71 -27.86
CA ASP B 90 -34.45 -51.12 -28.11
C ASP B 90 -34.25 -50.76 -29.58
N SER B 91 -34.84 -51.55 -30.47
CA SER B 91 -34.76 -51.31 -31.90
C SER B 91 -35.65 -50.14 -32.29
N LEU B 92 -36.85 -50.02 -31.72
CA LEU B 92 -37.74 -48.89 -31.98
C LEU B 92 -37.05 -47.58 -31.53
N TRP B 93 -36.47 -47.60 -30.32
CA TRP B 93 -35.68 -46.50 -29.79
C TRP B 93 -34.59 -46.11 -30.78
N THR B 94 -33.78 -47.08 -31.20
CA THR B 94 -32.66 -46.88 -32.11
C THR B 94 -33.09 -46.37 -33.46
N LEU B 95 -34.19 -46.86 -34.02
CA LEU B 95 -34.67 -46.45 -35.33
C LEU B 95 -35.18 -45.00 -35.35
N LEU B 96 -35.83 -44.56 -34.26
CA LEU B 96 -36.35 -43.21 -34.12
C LEU B 96 -35.32 -42.21 -33.62
N THR B 97 -34.61 -42.52 -32.53
CA THR B 97 -33.64 -41.59 -31.91
C THR B 97 -32.19 -41.73 -32.34
N GLY B 98 -31.78 -42.86 -32.91
CA GLY B 98 -30.40 -43.13 -33.27
C GLY B 98 -29.58 -43.72 -32.11
N TYR B 99 -30.18 -43.88 -30.92
CA TYR B 99 -29.53 -44.45 -29.74
C TYR B 99 -30.46 -45.45 -29.03
N THR B 100 -29.87 -46.37 -28.28
CA THR B 100 -30.62 -47.37 -27.52
C THR B 100 -31.19 -46.80 -26.22
N LYS B 101 -32.31 -47.36 -25.73
CA LYS B 101 -32.97 -46.99 -24.46
C LYS B 101 -31.99 -47.04 -23.28
N LYS B 102 -31.00 -47.92 -23.35
CA LYS B 102 -29.97 -48.09 -22.32
C LYS B 102 -29.06 -46.85 -22.12
N GLU B 103 -28.97 -45.96 -23.10
CA GLU B 103 -28.07 -44.80 -23.08
C GLU B 103 -28.67 -43.49 -23.60
N SER B 104 -29.77 -43.50 -24.35
CA SER B 104 -30.37 -42.29 -24.93
C SER B 104 -30.75 -41.22 -23.89
N THR B 105 -30.56 -39.94 -24.20
CA THR B 105 -30.85 -38.82 -23.28
C THR B 105 -32.32 -38.38 -23.21
N ILE B 106 -33.14 -38.81 -24.16
CA ILE B 106 -34.58 -38.49 -24.21
C ILE B 106 -35.36 -39.24 -23.12
N GLY B 107 -36.13 -38.55 -22.29
CA GLY B 107 -36.96 -39.17 -21.25
C GLY B 107 -38.20 -39.89 -21.82
N ASN B 108 -38.78 -40.84 -21.09
CA ASN B 108 -39.93 -41.63 -21.54
C ASN B 108 -41.09 -40.78 -22.07
N SER B 109 -41.48 -39.75 -21.33
CA SER B 109 -42.57 -38.85 -21.73
C SER B 109 -42.27 -38.17 -23.07
N ALA B 110 -41.07 -37.60 -23.21
CA ALA B 110 -40.64 -36.98 -24.46
C ALA B 110 -40.61 -38.00 -25.61
N PHE B 111 -40.21 -39.24 -25.36
CA PHE B 111 -40.19 -40.27 -26.38
C PHE B 111 -41.61 -40.56 -26.84
N GLU B 112 -42.59 -40.60 -25.94
CA GLU B 112 -44.00 -40.79 -26.34
C GLU B 112 -44.45 -39.61 -27.23
N LEU B 113 -44.00 -38.37 -26.96
CA LEU B 113 -44.32 -37.25 -27.83
C LEU B 113 -43.77 -37.54 -29.22
N LEU B 114 -42.53 -38.02 -29.30
CA LEU B 114 -41.90 -38.33 -30.58
C LEU B 114 -42.72 -39.40 -31.32
N LEU B 115 -43.23 -40.41 -30.61
CA LEU B 115 -44.04 -41.45 -31.21
C LEU B 115 -45.31 -40.88 -31.83
N GLU B 116 -45.87 -39.81 -31.27
CA GLU B 116 -47.07 -39.18 -31.85
C GLU B 116 -46.71 -38.48 -33.15
N VAL B 117 -45.54 -37.83 -33.19
CA VAL B 117 -45.10 -37.18 -34.42
C VAL B 117 -44.80 -38.26 -35.46
N ALA B 118 -44.23 -39.39 -35.05
CA ALA B 118 -43.94 -40.49 -35.95
C ALA B 118 -45.22 -41.04 -36.57
N LYS B 119 -46.29 -41.18 -35.78
CA LYS B 119 -47.60 -41.66 -36.26
C LYS B 119 -48.22 -40.71 -37.26
N SER B 120 -48.11 -39.41 -37.02
CA SER B 120 -48.70 -38.41 -37.91
C SER B 120 -47.90 -38.23 -39.21
N GLY B 121 -46.62 -38.58 -39.24
CA GLY B 121 -45.80 -38.54 -40.46
C GLY B 121 -45.83 -37.22 -41.25
N GLU B 122 -46.17 -37.29 -42.54
CA GLU B 122 -46.22 -36.14 -43.47
C GLU B 122 -47.16 -35.03 -43.02
N LYS B 123 -48.22 -35.37 -42.31
CA LYS B 123 -49.17 -34.40 -41.78
C LYS B 123 -48.58 -33.71 -40.55
N GLY B 124 -47.84 -34.47 -39.74
CA GLY B 124 -47.27 -33.97 -38.49
C GLY B 124 -48.37 -33.62 -37.50
N ILE B 125 -48.02 -33.01 -36.38
CA ILE B 125 -48.98 -32.62 -35.35
C ILE B 125 -48.70 -31.21 -34.86
N ASN B 126 -49.74 -30.39 -34.64
CA ASN B 126 -49.57 -29.07 -34.07
C ASN B 126 -49.44 -29.25 -32.55
N THR B 127 -48.75 -28.34 -31.86
CA THR B 127 -48.42 -28.59 -30.45
C THR B 127 -49.65 -28.78 -29.55
N MET B 128 -50.81 -28.21 -29.90
CA MET B 128 -52.00 -28.35 -29.05
C MET B 128 -52.70 -29.68 -29.28
N ASP B 129 -52.82 -30.15 -30.52
CA ASP B 129 -53.42 -31.47 -30.73
C ASP B 129 -52.50 -32.53 -30.13
N LEU B 130 -51.18 -32.32 -30.19
CA LEU B 130 -50.22 -33.18 -29.55
C LEU B 130 -50.51 -33.21 -28.05
N ALA B 131 -50.64 -32.03 -27.43
CA ALA B 131 -50.92 -31.87 -26.01
C ALA B 131 -52.21 -32.60 -25.60
N GLN B 132 -53.28 -32.43 -26.36
CA GLN B 132 -54.56 -33.09 -26.11
C GLN B 132 -54.45 -34.62 -26.27
N VAL B 133 -53.81 -35.11 -27.33
CA VAL B 133 -53.68 -36.55 -27.59
C VAL B 133 -52.78 -37.20 -26.57
N THR B 134 -51.65 -36.58 -26.19
CA THR B 134 -50.78 -37.17 -25.17
C THR B 134 -51.45 -37.12 -23.80
N GLY B 135 -52.29 -36.12 -23.57
CA GLY B 135 -53.02 -35.89 -22.32
C GLY B 135 -52.27 -35.07 -21.27
N GLN B 136 -51.42 -34.11 -21.67
CA GLN B 136 -50.65 -33.25 -20.75
C GLN B 136 -50.70 -31.78 -21.19
N ASP B 137 -50.45 -30.86 -20.25
CA ASP B 137 -50.55 -29.40 -20.49
C ASP B 137 -49.44 -28.81 -21.36
N PRO B 138 -49.69 -27.66 -22.03
CA PRO B 138 -48.72 -27.01 -22.90
C PRO B 138 -47.37 -26.63 -22.25
N ARG B 139 -47.33 -26.31 -20.94
CA ARG B 139 -46.04 -26.04 -20.24
C ARG B 139 -45.20 -27.32 -20.29
N SER B 140 -45.78 -28.42 -19.85
CA SER B 140 -45.17 -29.75 -19.83
C SER B 140 -44.75 -30.17 -21.23
N VAL B 141 -45.62 -30.04 -22.22
CA VAL B 141 -45.28 -30.38 -23.62
C VAL B 141 -44.10 -29.55 -24.10
N THR B 142 -44.09 -28.25 -23.84
CA THR B 142 -43.00 -27.36 -24.29
C THR B 142 -41.69 -27.69 -23.59
N GLY B 143 -41.71 -27.92 -22.28
CA GLY B 143 -40.50 -28.25 -21.52
C GLY B 143 -39.88 -29.58 -21.98
N ARG B 144 -40.73 -30.52 -22.39
CA ARG B 144 -40.31 -31.82 -22.90
C ARG B 144 -39.81 -31.71 -24.34
N ILE B 145 -40.51 -31.03 -25.23
CA ILE B 145 -40.13 -30.93 -26.65
C ILE B 145 -38.71 -30.43 -26.89
N LYS B 146 -38.10 -29.68 -25.96
CA LYS B 146 -36.69 -29.22 -26.06
C LYS B 146 -35.73 -30.38 -26.31
N LYS B 147 -35.97 -31.51 -25.65
CA LYS B 147 -35.16 -32.74 -25.76
C LYS B 147 -35.18 -33.37 -27.15
N ILE B 148 -36.10 -32.99 -28.02
CA ILE B 148 -36.24 -33.55 -29.38
C ILE B 148 -36.29 -32.51 -30.51
N ASN B 149 -36.04 -31.23 -30.25
CA ASN B 149 -36.10 -30.21 -31.29
C ASN B 149 -35.07 -30.37 -32.41
N HIS B 150 -34.03 -31.20 -32.22
CA HIS B 150 -33.03 -31.48 -33.25
C HIS B 150 -33.54 -32.50 -34.27
N LEU B 151 -34.48 -33.38 -33.87
CA LEU B 151 -35.08 -34.40 -34.73
C LEU B 151 -36.25 -33.88 -35.56
N LEU B 152 -36.84 -32.76 -35.15
CA LEU B 152 -38.07 -32.23 -35.74
C LEU B 152 -37.98 -30.91 -36.51
N THR B 153 -38.54 -30.89 -37.72
CA THR B 153 -38.71 -29.65 -38.51
C THR B 153 -39.92 -28.95 -37.90
N SER B 154 -39.88 -27.62 -37.75
CA SER B 154 -40.99 -26.88 -37.16
C SER B 154 -41.16 -25.48 -37.72
N SER B 155 -42.37 -24.95 -37.60
CA SER B 155 -42.77 -23.62 -38.06
C SER B 155 -44.03 -23.15 -37.33
N GLN B 156 -44.23 -21.83 -37.24
CA GLN B 156 -45.42 -21.24 -36.62
C GLN B 156 -46.68 -21.35 -37.47
N LEU B 157 -47.83 -21.52 -36.80
CA LEU B 157 -49.17 -21.51 -37.38
C LEU B 157 -50.18 -21.12 -36.30
N ILE B 158 -51.36 -20.66 -36.71
CA ILE B 158 -52.42 -20.18 -35.81
C ILE B 158 -53.58 -21.17 -35.86
N TYR B 159 -54.01 -21.68 -34.72
CA TYR B 159 -55.02 -22.74 -34.63
C TYR B 159 -55.97 -22.53 -33.44
N LYS B 160 -57.28 -22.49 -33.72
CA LYS B 160 -58.33 -22.24 -32.71
C LYS B 160 -58.05 -20.98 -31.88
N GLY B 161 -57.55 -19.93 -32.54
CA GLY B 161 -57.17 -18.64 -31.95
C GLY B 161 -55.87 -18.66 -31.13
N HIS B 162 -55.29 -19.83 -30.86
CA HIS B 162 -54.02 -19.99 -30.16
C HIS B 162 -52.86 -19.97 -31.15
N VAL B 163 -51.67 -19.59 -30.69
CA VAL B 163 -50.46 -19.59 -31.53
C VAL B 163 -49.65 -20.84 -31.22
N VAL B 164 -49.34 -21.63 -32.25
CA VAL B 164 -48.78 -22.98 -32.12
C VAL B 164 -47.72 -23.25 -33.17
N LYS B 165 -46.92 -24.30 -33.00
CA LYS B 165 -45.97 -24.77 -34.03
C LYS B 165 -46.28 -26.16 -34.51
N GLN B 166 -46.05 -26.42 -35.79
CA GLN B 166 -46.19 -27.74 -36.40
C GLN B 166 -44.90 -28.52 -36.18
N LEU B 167 -44.97 -29.82 -35.94
CA LEU B 167 -43.80 -30.67 -35.79
C LEU B 167 -43.83 -31.81 -36.82
N LYS B 168 -42.72 -32.06 -37.51
CA LYS B 168 -42.55 -33.18 -38.46
C LYS B 168 -41.19 -33.83 -38.29
N LEU B 169 -41.08 -35.16 -38.32
CA LEU B 169 -39.75 -35.79 -38.30
C LEU B 169 -39.08 -35.39 -39.64
N LYS B 170 -37.79 -35.04 -39.63
CA LYS B 170 -37.05 -34.56 -40.83
C LYS B 170 -37.30 -35.33 -42.11
N LYS B 171 -37.43 -36.65 -42.04
CA LYS B 171 -37.65 -37.52 -43.21
C LYS B 171 -38.96 -37.30 -43.95
N PHE B 172 -40.01 -36.78 -43.33
CA PHE B 172 -41.30 -36.56 -44.02
C PHE B 172 -41.31 -35.22 -44.78
N ILE B 183 -26.82 -20.53 -39.24
CA ILE B 183 -26.80 -19.06 -39.36
C ILE B 183 -25.47 -18.58 -39.95
N ASN B 184 -25.51 -17.74 -41.00
CA ASN B 184 -24.32 -17.21 -41.65
C ASN B 184 -23.69 -16.05 -40.85
N ILE B 185 -22.66 -16.34 -40.06
CA ILE B 185 -21.96 -15.35 -39.22
C ILE B 185 -21.34 -14.19 -40.00
N ARG B 186 -21.00 -14.36 -41.29
CA ARG B 186 -20.37 -13.32 -42.11
C ARG B 186 -21.20 -12.05 -42.27
N ASP B 187 -22.52 -12.13 -42.12
CA ASP B 187 -23.42 -10.96 -42.16
C ASP B 187 -23.48 -10.23 -40.80
N HIS B 188 -23.40 -10.98 -39.70
CA HIS B 188 -23.51 -10.51 -38.33
C HIS B 188 -22.31 -9.75 -37.74
N LEU B 189 -21.13 -9.76 -38.36
CA LEU B 189 -19.97 -9.04 -37.82
C LEU B 189 -20.26 -7.56 -37.58
N ALA B 190 -20.98 -6.89 -38.49
CA ALA B 190 -21.34 -5.49 -38.32
C ALA B 190 -22.22 -5.29 -37.07
N THR B 191 -23.18 -6.19 -36.85
CA THR B 191 -24.05 -6.15 -35.68
C THR B 191 -23.24 -6.34 -34.40
N ILE B 192 -22.25 -7.22 -34.37
CA ILE B 192 -21.44 -7.42 -33.16
C ILE B 192 -20.68 -6.13 -32.82
N VAL B 193 -20.10 -5.44 -33.80
CA VAL B 193 -19.40 -4.18 -33.54
C VAL B 193 -20.35 -3.07 -33.12
N GLU B 194 -21.49 -2.89 -33.79
CA GLU B 194 -22.50 -1.92 -33.39
C GLU B 194 -23.08 -2.20 -31.99
N VAL B 195 -23.33 -3.46 -31.62
CA VAL B 195 -23.83 -3.78 -30.28
C VAL B 195 -22.80 -3.42 -29.23
N VAL B 196 -21.53 -3.76 -29.41
CA VAL B 196 -20.50 -3.37 -28.44
C VAL B 196 -20.38 -1.85 -28.42
N LYS B 197 -20.46 -1.17 -29.57
CA LYS B 197 -20.40 0.29 -29.67
C LYS B 197 -21.51 0.96 -28.87
N ARG B 198 -22.70 0.37 -28.85
CA ARG B 198 -23.87 0.87 -28.12
C ARG B 198 -23.92 0.44 -26.65
N SER B 199 -23.04 -0.43 -26.18
CA SER B 199 -22.97 -0.86 -24.77
C SER B 199 -22.42 0.24 -23.87
N LYS B 200 -22.83 0.32 -22.60
CA LYS B 200 -22.35 1.33 -21.62
C LYS B 200 -20.84 1.34 -21.52
N ASN B 201 -20.24 2.52 -21.71
CA ASN B 201 -18.79 2.72 -21.70
C ASN B 201 -18.02 1.90 -22.74
N GLY B 202 -18.68 1.38 -23.78
CA GLY B 202 -18.03 0.60 -24.85
C GLY B 202 -17.56 -0.79 -24.45
N ILE B 203 -18.00 -1.35 -23.33
CA ILE B 203 -17.61 -2.65 -22.80
C ILE B 203 -18.79 -3.61 -22.79
N ARG B 204 -18.62 -4.86 -23.19
CA ARG B 204 -19.63 -5.92 -23.05
C ARG B 204 -19.01 -7.26 -22.67
N GLN B 205 -19.61 -8.01 -21.75
CA GLN B 205 -19.11 -9.35 -21.39
C GLN B 205 -19.32 -10.29 -22.58
N ILE B 206 -18.33 -11.11 -22.95
CA ILE B 206 -18.44 -11.98 -24.14
C ILE B 206 -19.54 -13.02 -23.96
N ILE B 207 -19.67 -13.61 -22.77
CA ILE B 207 -20.74 -14.57 -22.45
C ILE B 207 -22.12 -13.90 -22.56
N ASP B 208 -22.26 -12.66 -22.09
CA ASP B 208 -23.51 -11.91 -22.21
C ASP B 208 -23.82 -11.49 -23.65
N LEU B 209 -22.80 -11.28 -24.48
CA LEU B 209 -22.98 -10.88 -25.87
C LEU B 209 -23.50 -12.08 -26.68
N LYS B 210 -22.99 -13.27 -26.39
CA LYS B 210 -23.43 -14.55 -26.98
C LYS B 210 -24.92 -14.76 -26.68
N ARG B 211 -25.28 -14.54 -25.41
CA ARG B 211 -26.64 -14.60 -24.86
C ARG B 211 -27.58 -13.60 -25.50
N GLU B 212 -27.17 -12.38 -25.77
CA GLU B 212 -28.04 -11.42 -26.47
C GLU B 212 -28.36 -11.86 -27.89
N LEU B 213 -27.36 -12.18 -28.70
CA LEU B 213 -27.58 -12.55 -30.10
C LEU B 213 -28.17 -13.97 -30.26
N LYS B 214 -28.39 -14.68 -29.15
CA LYS B 214 -28.88 -16.07 -29.07
C LYS B 214 -28.00 -17.09 -29.77
N PHE B 215 -26.70 -16.84 -29.81
CA PHE B 215 -25.71 -17.78 -30.33
C PHE B 215 -25.38 -18.87 -29.28
N ASP B 216 -26.18 -18.99 -28.23
CA ASP B 216 -26.08 -19.97 -27.14
C ASP B 216 -26.93 -21.23 -27.39
N LYS B 217 -27.86 -21.21 -28.37
CA LYS B 217 -28.75 -22.35 -28.69
C LYS B 217 -28.07 -23.64 -29.15
N GLU B 218 -26.91 -23.56 -29.81
CA GLU B 218 -26.14 -24.71 -30.33
C GLU B 218 -24.62 -24.48 -30.24
N LYS B 219 -23.82 -25.52 -29.93
CA LYS B 219 -22.33 -25.42 -29.88
C LYS B 219 -21.75 -24.95 -31.23
N ARG B 220 -22.45 -25.25 -32.33
CA ARG B 220 -22.17 -24.80 -33.69
C ARG B 220 -22.18 -23.28 -33.77
N LEU B 221 -23.20 -22.64 -33.17
CA LEU B 221 -23.33 -21.18 -33.11
C LEU B 221 -22.29 -20.58 -32.16
N SER B 222 -22.03 -21.25 -31.03
CA SER B 222 -21.02 -20.83 -30.06
C SER B 222 -19.64 -20.69 -30.71
N LYS B 223 -19.21 -21.72 -31.44
CA LYS B 223 -17.92 -21.73 -32.12
C LYS B 223 -17.84 -20.59 -33.12
N ALA B 224 -18.90 -20.36 -33.89
CA ALA B 224 -18.95 -19.27 -34.87
C ALA B 224 -18.75 -17.92 -34.19
N PHE B 225 -19.45 -17.70 -33.07
CA PHE B 225 -19.37 -16.46 -32.30
C PHE B 225 -17.95 -16.22 -31.72
N ILE B 226 -17.35 -17.21 -31.06
CA ILE B 226 -16.00 -17.07 -30.48
C ILE B 226 -14.97 -16.74 -31.57
N ALA B 227 -15.10 -17.37 -32.73
CA ALA B 227 -14.23 -17.09 -33.86
C ALA B 227 -14.41 -15.64 -34.30
N ALA B 228 -15.65 -15.18 -34.46
CA ALA B 228 -15.93 -13.82 -34.90
C ALA B 228 -15.32 -12.78 -33.93
N ILE B 229 -15.51 -12.96 -32.63
CA ILE B 229 -14.93 -12.06 -31.61
C ILE B 229 -13.41 -12.04 -31.75
N ALA B 230 -12.78 -13.21 -31.89
CA ALA B 230 -11.34 -13.29 -32.06
C ALA B 230 -10.87 -12.55 -33.32
N TRP B 231 -11.58 -12.71 -34.43
CA TRP B 231 -11.22 -12.08 -35.68
C TRP B 231 -11.30 -10.56 -35.56
N LEU B 232 -12.38 -10.04 -34.98
CA LEU B 232 -12.55 -8.61 -34.76
C LEU B 232 -11.44 -8.05 -33.85
N ASP B 233 -10.93 -8.86 -32.93
CA ASP B 233 -9.82 -8.48 -32.05
C ASP B 233 -8.51 -8.45 -32.84
N GLU B 234 -8.23 -9.49 -33.63
CA GLU B 234 -7.03 -9.58 -34.45
C GLU B 234 -6.96 -8.47 -35.50
N LYS B 235 -8.08 -8.16 -36.16
CA LYS B 235 -8.22 -7.10 -37.15
C LYS B 235 -8.30 -5.69 -36.53
N GLU B 236 -8.26 -5.61 -35.20
CA GLU B 236 -8.31 -4.40 -34.39
C GLU B 236 -9.58 -3.55 -34.47
N TYR B 237 -10.76 -4.16 -34.62
CA TYR B 237 -12.05 -3.46 -34.56
C TYR B 237 -12.56 -3.41 -33.10
N LEU B 238 -12.17 -4.40 -32.30
CA LEU B 238 -12.46 -4.59 -30.88
C LEU B 238 -11.17 -5.00 -30.14
N LYS B 239 -11.16 -4.97 -28.82
CA LYS B 239 -10.04 -5.44 -27.97
C LYS B 239 -10.55 -6.36 -26.89
N LYS B 240 -10.01 -7.56 -26.75
CA LYS B 240 -10.38 -8.41 -25.61
C LYS B 240 -9.72 -7.79 -24.40
N VAL B 241 -10.45 -7.63 -23.31
CA VAL B 241 -9.92 -7.05 -22.08
C VAL B 241 -10.46 -7.80 -20.89
N LEU B 242 -9.70 -7.82 -19.81
CA LEU B 242 -10.15 -8.36 -18.55
C LEU B 242 -10.60 -7.20 -17.67
N VAL B 243 -11.47 -7.52 -16.74
CA VAL B 243 -11.89 -6.64 -15.66
C VAL B 243 -11.76 -7.54 -14.45
N VAL B 244 -11.16 -7.08 -13.35
CA VAL B 244 -10.93 -7.92 -12.17
C VAL B 244 -11.75 -7.49 -10.97
N SER B 245 -12.43 -8.43 -10.29
CA SER B 245 -13.19 -8.11 -9.09
C SER B 245 -12.24 -7.47 -8.05
N PRO B 246 -12.52 -6.24 -7.55
CA PRO B 246 -11.63 -5.55 -6.61
C PRO B 246 -11.34 -6.31 -5.31
N LYS B 247 -12.20 -7.27 -4.95
CA LYS B 247 -12.12 -8.13 -3.77
C LYS B 247 -11.68 -9.57 -4.08
N ASN B 248 -11.47 -9.94 -5.34
CA ASN B 248 -11.11 -11.31 -5.72
C ASN B 248 -10.36 -11.37 -7.06
N PRO B 249 -9.01 -11.42 -7.06
CA PRO B 249 -8.22 -11.49 -8.28
C PRO B 249 -8.51 -12.69 -9.20
N ALA B 250 -9.08 -13.79 -8.70
CA ALA B 250 -9.43 -14.95 -9.53
C ALA B 250 -10.75 -14.76 -10.28
N ILE B 251 -11.66 -13.91 -9.78
CA ILE B 251 -12.93 -13.58 -10.44
C ILE B 251 -12.68 -12.38 -11.35
N LYS B 252 -12.40 -12.71 -12.60
CA LYS B 252 -12.12 -11.78 -13.69
C LYS B 252 -13.10 -12.04 -14.82
N ILE B 253 -13.50 -10.98 -15.50
CA ILE B 253 -14.54 -11.03 -16.54
C ILE B 253 -13.97 -10.82 -17.93
N ARG B 254 -14.16 -11.78 -18.84
CA ARG B 254 -13.73 -11.64 -20.23
C ARG B 254 -14.69 -10.69 -20.97
N CYS B 255 -14.22 -9.52 -21.39
CA CYS B 255 -15.05 -8.52 -22.07
C CYS B 255 -14.45 -8.01 -23.37
N VAL B 256 -15.29 -7.53 -24.27
CA VAL B 256 -14.86 -6.88 -25.51
C VAL B 256 -15.03 -5.37 -25.37
N LYS B 257 -14.01 -4.63 -25.78
CA LYS B 257 -13.96 -3.18 -25.77
C LYS B 257 -14.04 -2.68 -27.21
N TYR B 258 -14.88 -1.69 -27.49
CA TYR B 258 -15.01 -1.10 -28.82
C TYR B 258 -13.75 -0.32 -29.21
N VAL B 259 -13.36 -0.33 -30.50
CA VAL B 259 -12.16 0.39 -30.98
C VAL B 259 -12.46 1.23 -32.23
N LYS B 260 -12.94 0.63 -33.33
CA LYS B 260 -13.28 1.35 -34.57
C LYS B 260 -14.35 0.63 -35.39
N ASP B 261 -15.07 1.38 -36.21
CA ASP B 261 -16.16 0.88 -37.04
C ASP B 261 -15.71 -0.02 -38.20
N ILE B 262 -16.54 -0.99 -38.58
CA ILE B 262 -16.33 -1.84 -39.76
C ILE B 262 -16.62 -0.96 -40.99
N PRO B 263 -15.75 -0.90 -42.00
CA PRO B 263 -15.99 -0.08 -43.19
C PRO B 263 -17.20 -0.56 -44.01
N ASP B 300 -15.69 -19.54 -15.05
CA ASP B 300 -15.33 -18.45 -15.98
C ASP B 300 -16.50 -18.04 -16.91
N ASN B 301 -17.53 -18.89 -17.00
CA ASN B 301 -18.72 -18.74 -17.83
C ASN B 301 -19.96 -18.14 -17.11
N PHE B 302 -19.84 -17.72 -15.86
CA PHE B 302 -20.93 -17.09 -15.12
C PHE B 302 -21.26 -15.71 -15.68
N ASN B 303 -22.55 -15.36 -15.78
CA ASN B 303 -22.94 -14.02 -16.24
C ASN B 303 -22.57 -13.02 -15.14
N ALA B 304 -21.65 -12.12 -15.45
CA ALA B 304 -21.12 -11.12 -14.56
C ALA B 304 -21.73 -9.73 -14.73
N THR B 305 -22.86 -9.58 -15.43
CA THR B 305 -23.54 -8.28 -15.50
C THR B 305 -23.91 -7.76 -14.12
N ASP B 306 -24.04 -8.64 -13.11
CA ASP B 306 -24.08 -8.25 -11.69
C ASP B 306 -22.81 -7.56 -11.19
N LEU B 307 -21.65 -8.14 -11.41
CA LEU B 307 -20.38 -7.60 -10.92
C LEU B 307 -20.01 -6.31 -11.62
N LEU B 308 -20.37 -6.14 -12.90
CA LEU B 308 -20.09 -4.92 -13.64
C LEU B 308 -20.90 -3.71 -13.12
N GLN B 309 -21.87 -3.89 -12.23
CA GLN B 309 -22.62 -2.78 -11.61
C GLN B 309 -21.83 -2.06 -10.50
N ASN B 310 -20.83 -2.70 -9.88
CA ASN B 310 -20.03 -2.10 -8.82
C ASN B 310 -19.12 -1.00 -9.38
N GLN B 311 -18.28 -0.40 -8.54
CA GLN B 311 -17.23 0.51 -9.01
C GLN B 311 -16.42 -0.25 -10.08
N GLY B 312 -15.86 -1.42 -9.71
CA GLY B 312 -15.23 -2.39 -10.64
C GLY B 312 -14.17 -1.88 -11.64
N LEU B 313 -13.52 -0.75 -11.36
CA LEU B 313 -12.59 -0.05 -12.26
C LEU B 313 -11.29 -0.77 -12.67
N VAL B 314 -11.05 -1.99 -12.20
CA VAL B 314 -9.82 -2.75 -12.47
C VAL B 314 -9.79 -3.37 -13.86
N MET B 315 -9.79 -2.53 -14.89
CA MET B 315 -9.66 -2.92 -16.29
C MET B 315 -8.22 -3.31 -16.63
N GLU B 316 -8.02 -4.26 -17.55
CA GLU B 316 -6.69 -4.69 -18.00
C GLU B 316 -6.74 -5.13 -19.47
N GLU B 317 -6.10 -4.36 -20.36
CA GLU B 317 -6.01 -4.71 -21.78
C GLU B 317 -5.01 -5.87 -21.96
N LYS B 318 -5.40 -6.94 -22.66
CA LYS B 318 -4.53 -8.11 -22.87
C LYS B 318 -3.31 -7.77 -23.74
N GLU B 319 -2.18 -8.39 -23.43
CA GLU B 319 -0.91 -8.20 -24.16
C GLU B 319 -0.94 -8.83 -25.55
N VAL B 326 4.12 -20.83 -10.95
CA VAL B 326 3.61 -22.09 -10.40
C VAL B 326 4.45 -22.54 -9.22
N LEU B 327 3.89 -22.52 -8.01
CA LEU B 327 4.64 -22.59 -6.76
C LEU B 327 5.09 -23.99 -6.33
N LEU B 328 4.76 -25.07 -7.04
CA LEU B 328 4.89 -26.42 -6.48
C LEU B 328 6.30 -26.74 -5.98
N ASN B 329 6.44 -26.93 -4.66
CA ASN B 329 7.71 -27.25 -4.01
C ASN B 329 7.85 -28.78 -3.92
N ARG B 330 8.88 -29.38 -4.51
CA ARG B 330 9.05 -30.84 -4.52
C ARG B 330 9.20 -31.46 -3.13
N PHE B 331 9.87 -30.78 -2.19
CA PHE B 331 10.46 -31.41 -1.00
C PHE B 331 9.50 -31.63 0.17
N TYR B 332 8.52 -30.76 0.34
CA TYR B 332 7.47 -30.82 1.35
C TYR B 332 6.19 -31.46 0.78
N PRO B 333 5.46 -32.33 1.49
CA PRO B 333 4.24 -32.95 0.96
C PRO B 333 3.15 -31.97 0.61
N LEU B 334 2.26 -32.33 -0.33
CA LEU B 334 1.21 -31.43 -0.85
C LEU B 334 0.28 -30.93 0.25
N GLN B 335 0.03 -31.76 1.26
CA GLN B 335 -0.78 -31.41 2.43
C GLN B 335 -0.28 -30.12 3.06
N ASN B 336 1.00 -30.06 3.39
CA ASN B 336 1.61 -28.92 4.06
C ASN B 336 1.62 -27.69 3.15
N GLN B 337 1.55 -27.86 1.83
CA GLN B 337 1.60 -26.74 0.90
C GLN B 337 0.26 -26.04 0.78
N THR B 338 -0.83 -26.80 0.75
CA THR B 338 -2.16 -26.20 0.80
C THR B 338 -2.39 -25.57 2.18
N TYR B 339 -1.89 -26.19 3.26
CA TYR B 339 -1.99 -25.62 4.59
C TYR B 339 -1.27 -24.27 4.65
N ASP B 340 -0.01 -24.20 4.20
CA ASP B 340 0.77 -22.97 4.27
C ASP B 340 0.10 -21.81 3.52
N ILE B 341 -0.39 -22.02 2.29
CA ILE B 341 -1.09 -20.93 1.59
C ILE B 341 -2.44 -20.59 2.22
N ALA B 342 -3.16 -21.57 2.77
CA ALA B 342 -4.41 -21.31 3.49
C ALA B 342 -4.14 -20.52 4.78
N ASP B 343 -2.96 -20.66 5.39
CA ASP B 343 -2.58 -19.88 6.54
C ASP B 343 -2.13 -18.47 6.11
N LYS B 344 -1.16 -18.36 5.20
CA LYS B 344 -0.61 -17.10 4.70
C LYS B 344 -1.65 -16.17 4.10
N SER B 345 -2.76 -16.71 3.60
CA SER B 345 -3.87 -15.93 3.05
C SER B 345 -4.69 -15.21 4.14
N GLY B 346 -4.50 -15.56 5.41
CA GLY B 346 -5.11 -14.90 6.57
C GLY B 346 -6.60 -15.18 6.81
N LEU B 347 -7.21 -14.29 7.62
CA LEU B 347 -8.61 -14.38 8.07
C LEU B 347 -9.64 -14.30 6.93
N LYS B 348 -9.24 -13.80 5.75
CA LYS B 348 -10.10 -13.73 4.55
C LYS B 348 -10.18 -15.09 3.84
N GLY B 349 -9.33 -16.05 4.19
CA GLY B 349 -9.25 -17.38 3.58
C GLY B 349 -8.78 -17.34 2.14
N ILE B 350 -8.89 -18.46 1.45
CA ILE B 350 -8.51 -18.61 0.05
C ILE B 350 -9.47 -19.56 -0.67
N SER B 351 -9.82 -19.32 -1.93
CA SER B 351 -10.73 -20.19 -2.67
C SER B 351 -9.99 -21.38 -3.29
N THR B 352 -10.66 -22.51 -3.54
CA THR B 352 -10.01 -23.65 -4.18
C THR B 352 -9.42 -23.29 -5.54
N MET B 353 -10.05 -22.37 -6.27
CA MET B 353 -9.55 -21.94 -7.58
C MET B 353 -8.24 -21.13 -7.43
N ASP B 354 -8.02 -20.44 -6.30
CA ASP B 354 -6.75 -19.77 -6.04
C ASP B 354 -5.68 -20.81 -5.72
N VAL B 355 -5.98 -21.75 -4.81
CA VAL B 355 -5.04 -22.78 -4.35
C VAL B 355 -4.53 -23.61 -5.52
N VAL B 356 -5.43 -24.20 -6.32
CA VAL B 356 -5.04 -25.02 -7.48
C VAL B 356 -4.23 -24.22 -8.48
N ASN B 357 -4.68 -23.01 -8.83
CA ASN B 357 -3.99 -22.21 -9.82
C ASN B 357 -2.59 -21.78 -9.39
N ARG B 358 -2.39 -21.38 -8.12
CA ARG B 358 -1.08 -20.95 -7.63
C ARG B 358 -0.15 -22.12 -7.36
N ILE B 359 -0.62 -23.22 -6.78
CA ILE B 359 0.23 -24.37 -6.50
C ILE B 359 0.62 -25.11 -7.80
N THR B 360 -0.33 -25.55 -8.63
CA THR B 360 -0.10 -26.53 -9.71
C THR B 360 -0.63 -26.14 -11.09
N GLY B 361 -1.39 -25.05 -11.21
CA GLY B 361 -2.02 -24.62 -12.45
C GLY B 361 -3.31 -25.40 -12.72
N LYS B 362 -4.06 -24.98 -13.73
CA LYS B 362 -5.38 -25.51 -14.11
C LYS B 362 -5.46 -26.98 -14.46
N GLU B 363 -4.44 -27.56 -15.10
CA GLU B 363 -4.48 -28.94 -15.57
C GLU B 363 -4.54 -30.00 -14.47
N PHE B 364 -4.02 -29.70 -13.28
CA PHE B 364 -3.90 -30.66 -12.20
C PHE B 364 -5.14 -30.68 -11.28
N GLN B 365 -6.17 -29.88 -11.58
CA GLN B 365 -7.39 -29.76 -10.76
C GLN B 365 -8.01 -31.10 -10.38
N ARG B 366 -7.94 -32.11 -11.22
CA ARG B 366 -8.46 -33.45 -10.93
C ARG B 366 -7.70 -34.13 -9.79
N ALA B 367 -6.41 -34.34 -9.97
CA ALA B 367 -5.58 -35.04 -9.00
C ALA B 367 -5.47 -34.28 -7.68
N PHE B 368 -5.52 -32.95 -7.74
CA PHE B 368 -5.59 -32.13 -6.55
C PHE B 368 -6.87 -32.39 -5.77
N THR B 369 -8.05 -32.31 -6.40
CA THR B 369 -9.34 -32.52 -5.74
C THR B 369 -9.51 -33.93 -5.19
N LYS B 370 -9.09 -34.96 -5.93
CA LYS B 370 -9.10 -36.34 -5.43
C LYS B 370 -8.14 -36.54 -4.26
N SER B 371 -7.14 -35.68 -4.10
CA SER B 371 -6.22 -35.69 -2.95
C SER B 371 -6.76 -34.91 -1.77
N SER B 372 -7.34 -33.73 -1.98
CA SER B 372 -7.84 -32.88 -0.90
C SER B 372 -8.96 -33.52 -0.10
N GLU B 373 -9.76 -34.39 -0.70
CA GLU B 373 -10.83 -35.09 -0.01
C GLU B 373 -10.34 -35.97 1.15
N TYR B 374 -9.07 -36.39 1.16
CA TYR B 374 -8.46 -37.16 2.24
C TYR B 374 -8.06 -36.34 3.47
N TYR B 375 -8.02 -35.00 3.38
CA TYR B 375 -7.57 -34.17 4.49
C TYR B 375 -8.34 -32.88 4.76
N LEU B 376 -9.05 -32.29 3.81
CA LEU B 376 -9.90 -31.13 4.13
C LEU B 376 -11.08 -31.67 4.94
N GLU B 377 -11.61 -30.87 5.86
CA GLU B 377 -12.71 -31.27 6.72
C GLU B 377 -13.89 -30.31 6.72
N SER B 378 -15.07 -30.86 6.96
CA SER B 378 -16.30 -30.10 7.12
C SER B 378 -16.24 -29.30 8.43
N VAL B 379 -16.95 -28.17 8.52
CA VAL B 379 -16.95 -27.32 9.72
C VAL B 379 -17.50 -28.06 10.95
N GLY B 388 -2.51 -30.60 14.99
CA GLY B 388 -3.56 -29.58 15.14
C GLY B 388 -3.73 -28.67 13.92
N TYR B 389 -2.94 -28.89 12.88
CA TYR B 389 -2.92 -28.14 11.62
C TYR B 389 -4.12 -28.46 10.70
N ARG B 390 -5.34 -28.61 11.23
CA ARG B 390 -6.52 -28.97 10.42
C ARG B 390 -6.93 -27.84 9.47
N LEU B 391 -7.50 -28.23 8.33
CA LEU B 391 -8.04 -27.35 7.29
C LEU B 391 -9.55 -27.53 7.20
N PHE B 392 -10.29 -26.42 7.23
CA PHE B 392 -11.73 -26.42 7.15
C PHE B 392 -12.19 -25.91 5.78
N ARG B 393 -13.18 -26.59 5.18
CA ARG B 393 -13.79 -26.23 3.90
C ARG B 393 -15.18 -25.62 4.13
N ILE B 394 -15.44 -24.43 3.59
CA ILE B 394 -16.69 -23.66 3.77
C ILE B 394 -17.21 -23.11 2.44
N TYR B 395 -18.51 -23.14 2.14
CA TYR B 395 -19.02 -22.56 0.87
C TYR B 395 -19.00 -21.02 0.87
N ASP B 396 -18.94 -20.46 -0.34
CA ASP B 396 -18.91 -19.03 -0.60
C ASP B 396 -19.59 -18.71 -1.94
N PHE B 397 -20.08 -17.48 -2.09
CA PHE B 397 -20.75 -16.99 -3.28
C PHE B 397 -20.24 -15.62 -3.69
N GLU B 398 -19.91 -15.43 -4.97
CA GLU B 398 -19.53 -14.14 -5.52
C GLU B 398 -20.16 -14.03 -6.92
N GLY B 399 -20.76 -12.88 -7.25
CA GLY B 399 -21.46 -12.71 -8.52
C GLY B 399 -22.60 -13.75 -8.62
N LYS B 400 -22.47 -14.69 -9.55
CA LYS B 400 -23.35 -15.87 -9.67
C LYS B 400 -22.61 -17.21 -9.47
N LYS B 401 -21.34 -17.21 -9.07
CA LYS B 401 -20.51 -18.41 -8.91
C LYS B 401 -20.41 -18.83 -7.45
N LYS B 402 -20.65 -20.13 -7.19
CA LYS B 402 -20.58 -20.78 -5.87
C LYS B 402 -19.32 -21.63 -5.83
N PHE B 403 -18.47 -21.45 -4.83
CA PHE B 403 -17.20 -22.17 -4.71
C PHE B 403 -16.79 -22.42 -3.27
N PHE B 404 -15.98 -23.46 -3.04
CA PHE B 404 -15.47 -23.76 -1.73
C PHE B 404 -14.32 -22.82 -1.36
N ARG B 405 -14.24 -22.48 -0.08
CA ARG B 405 -13.23 -21.63 0.53
C ARG B 405 -12.52 -22.41 1.63
N LEU B 406 -11.22 -22.24 1.74
CA LEU B 406 -10.36 -22.92 2.69
C LEU B 406 -9.89 -21.97 3.79
N PHE B 407 -9.89 -22.46 5.02
CA PHE B 407 -9.35 -21.75 6.17
C PHE B 407 -8.67 -22.77 7.10
N THR B 408 -7.65 -22.35 7.84
CA THR B 408 -6.91 -23.19 8.81
C THR B 408 -7.55 -23.09 10.20
N ALA B 409 -6.85 -23.48 11.27
CA ALA B 409 -7.33 -23.30 12.65
C ALA B 409 -7.66 -21.81 12.95
N GLN B 410 -7.22 -20.85 12.11
CA GLN B 410 -7.60 -19.45 12.19
C GLN B 410 -9.14 -19.32 12.24
N ASN B 411 -9.85 -20.19 11.50
CA ASN B 411 -11.31 -20.21 11.48
C ASN B 411 -11.85 -20.55 12.87
N PHE B 412 -11.33 -21.60 13.52
CA PHE B 412 -11.76 -21.99 14.87
C PHE B 412 -11.55 -20.83 15.85
N GLN B 413 -10.42 -20.13 15.75
CA GLN B 413 -10.10 -18.98 16.59
C GLN B 413 -11.11 -17.85 16.35
N LYS B 414 -11.38 -17.49 15.09
CA LYS B 414 -12.32 -16.39 14.77
C LYS B 414 -13.80 -16.77 14.84
N LEU B 415 -14.15 -18.05 14.94
CA LEU B 415 -15.52 -18.52 15.23
C LEU B 415 -15.71 -18.49 16.75
N THR B 416 -14.67 -18.83 17.51
CA THR B 416 -14.68 -18.76 18.98
C THR B 416 -14.89 -17.29 19.39
N ASN B 417 -14.23 -16.38 18.65
CA ASN B 417 -14.35 -14.93 18.70
C ASN B 417 -14.21 -14.31 20.11
N PRO B 425 -2.71 -24.86 17.14
CA PRO B 425 -2.65 -24.14 18.41
C PRO B 425 -2.50 -25.04 19.65
N LYS B 426 -2.55 -26.36 19.46
CA LYS B 426 -2.38 -27.36 20.51
C LYS B 426 -0.95 -27.35 21.06
N GLY B 427 -0.79 -27.64 22.35
CA GLY B 427 0.51 -27.76 23.00
C GLY B 427 1.17 -29.10 22.69
N PHE B 428 1.98 -29.59 23.63
CA PHE B 428 2.64 -30.89 23.56
C PHE B 428 1.64 -32.06 23.54
N ASP B 429 2.16 -33.27 23.32
CA ASP B 429 1.39 -34.51 23.36
C ASP B 429 2.23 -35.60 24.07
N GLU B 430 1.61 -36.63 24.61
CA GLU B 430 2.28 -37.69 25.37
C GLU B 430 3.29 -38.50 24.55
N LEU B 431 4.45 -38.79 25.16
CA LEU B 431 5.42 -39.74 24.61
C LEU B 431 4.85 -41.16 24.73
N GLY B 432 5.24 -42.10 23.87
CA GLY B 432 4.60 -43.41 23.75
C GLY B 432 4.59 -44.40 24.93
N LYS B 433 5.35 -44.20 26.01
CA LYS B 433 5.32 -45.06 27.21
C LYS B 433 5.46 -46.58 26.95
N SER B 434 6.26 -46.95 25.96
CA SER B 434 6.62 -48.33 25.56
C SER B 434 8.10 -48.44 25.93
N ARG B 435 8.48 -49.46 26.72
CA ARG B 435 9.82 -49.49 27.35
C ARG B 435 10.69 -50.72 27.16
N THR B 436 10.31 -51.70 26.34
CA THR B 436 11.13 -52.90 26.15
C THR B 436 12.36 -52.66 25.24
N ASP B 437 13.43 -53.41 25.48
CA ASP B 437 14.68 -53.38 24.73
C ASP B 437 14.46 -53.90 23.30
N LEU B 438 15.03 -53.25 22.27
CA LEU B 438 14.90 -53.68 20.87
C LEU B 438 15.29 -55.15 20.69
N LYS B 439 16.25 -55.67 21.45
CA LYS B 439 16.66 -57.08 21.37
C LYS B 439 15.47 -57.99 21.70
N THR B 440 14.61 -57.61 22.64
CA THR B 440 13.43 -58.41 22.98
C THR B 440 12.45 -58.40 21.82
N LEU B 441 12.29 -57.27 21.13
CA LEU B 441 11.41 -57.17 19.99
C LEU B 441 11.98 -57.93 18.78
N ASN B 442 13.28 -57.87 18.52
CA ASN B 442 13.89 -58.61 17.42
C ASN B 442 13.95 -60.13 17.67
N GLU B 443 13.80 -60.56 18.93
CA GLU B 443 13.74 -61.98 19.30
C GLU B 443 12.29 -62.49 19.39
N ASP B 444 11.54 -61.96 20.36
CA ASP B 444 10.18 -62.40 20.69
C ASP B 444 9.13 -62.11 19.62
N ASN B 445 9.36 -61.20 18.68
CA ASN B 445 8.38 -60.93 17.63
C ASN B 445 8.51 -61.85 16.42
N PHE B 446 9.53 -62.71 16.35
CA PHE B 446 9.74 -63.64 15.25
C PHE B 446 8.71 -64.79 15.18
N VAL B 447 8.30 -65.10 13.95
CA VAL B 447 7.40 -66.20 13.59
C VAL B 447 8.01 -66.88 12.37
N ALA B 448 8.11 -68.22 12.38
CA ALA B 448 8.70 -68.98 11.27
C ALA B 448 7.91 -68.82 9.96
N LEU B 449 8.61 -68.65 8.84
CA LEU B 449 8.00 -68.47 7.52
C LEU B 449 7.90 -69.79 6.75
N ASN B 450 7.10 -69.80 5.68
CA ASN B 450 6.85 -70.99 4.88
C ASN B 450 8.14 -71.56 4.30
N ASN B 451 8.24 -72.89 4.20
CA ASN B 451 9.44 -73.52 3.67
C ASN B 451 9.68 -73.09 2.21
N THR B 452 10.94 -72.84 1.85
CA THR B 452 11.32 -72.28 0.54
C THR B 452 12.71 -72.76 0.11
N VAL B 453 13.35 -72.12 -0.87
CA VAL B 453 14.69 -72.52 -1.34
C VAL B 453 15.72 -72.46 -0.21
N ARG B 454 16.53 -73.51 -0.05
CA ARG B 454 17.53 -73.67 1.02
C ARG B 454 18.79 -74.36 0.48
N PHE B 455 19.87 -74.40 1.25
CA PHE B 455 21.16 -74.92 0.79
C PHE B 455 22.09 -75.51 1.87
N THR B 456 23.08 -76.28 1.43
CA THR B 456 24.17 -76.87 2.23
C THR B 456 25.47 -76.76 1.43
N THR B 457 26.63 -76.75 2.09
CA THR B 457 27.93 -76.63 1.41
C THR B 457 28.58 -78.01 1.31
N ASP B 458 28.92 -78.43 0.09
CA ASP B 458 29.57 -79.71 -0.19
C ASP B 458 31.04 -79.72 0.27
N SER B 459 31.68 -80.88 0.34
CA SER B 459 33.08 -81.02 0.77
C SER B 459 34.05 -80.25 -0.14
N ASP B 460 33.65 -79.94 -1.36
CA ASP B 460 34.41 -79.14 -2.34
C ASP B 460 34.37 -77.63 -2.04
N GLY B 461 33.60 -77.20 -1.02
CA GLY B 461 33.37 -75.79 -0.68
C GLY B 461 32.27 -75.19 -1.58
N GLN B 462 31.67 -76.01 -2.44
CA GLN B 462 30.59 -75.66 -3.36
C GLN B 462 29.22 -75.56 -2.66
N ASP B 463 28.53 -74.46 -2.88
CA ASP B 463 27.18 -74.21 -2.38
C ASP B 463 26.18 -75.06 -3.20
N ILE B 464 25.38 -75.91 -2.56
CA ILE B 464 24.41 -76.82 -3.22
C ILE B 464 23.01 -76.71 -2.60
N PHE B 465 22.00 -76.62 -3.44
CA PHE B 465 20.59 -76.50 -3.07
C PHE B 465 19.89 -77.74 -2.52
N PHE B 466 18.83 -77.47 -1.76
CA PHE B 466 17.85 -78.46 -1.38
C PHE B 466 16.51 -77.75 -1.28
N TRP B 467 15.57 -78.12 -2.15
CA TRP B 467 14.18 -77.66 -2.07
C TRP B 467 13.26 -78.88 -1.95
N HIS B 468 13.81 -80.09 -2.09
CA HIS B 468 13.14 -81.34 -1.78
C HIS B 468 12.88 -81.26 -0.27
N GLY B 469 11.66 -81.52 0.17
CA GLY B 469 11.27 -81.35 1.58
C GLY B 469 10.99 -79.88 1.98
N GLU B 470 11.33 -78.90 1.13
CA GLU B 470 11.12 -77.46 1.34
C GLU B 470 10.80 -76.73 0.04
N ARG B 548 -24.04 -19.19 10.91
CA ARG B 548 -24.73 -20.04 9.93
C ARG B 548 -24.34 -19.75 8.48
N SER B 549 -23.82 -18.55 8.20
CA SER B 549 -23.38 -18.09 6.88
C SER B 549 -22.12 -17.22 7.01
N LEU B 550 -21.26 -17.25 5.99
CA LEU B 550 -19.97 -16.57 6.04
C LEU B 550 -20.07 -15.05 6.22
N ARG B 551 -21.00 -14.37 5.52
CA ARG B 551 -21.15 -12.90 5.67
C ARG B 551 -21.67 -12.55 7.07
N SER B 552 -22.63 -13.29 7.61
CA SER B 552 -23.15 -13.07 8.97
C SER B 552 -22.05 -13.29 10.00
N LEU B 553 -21.26 -14.37 9.88
CA LEU B 553 -20.16 -14.65 10.80
C LEU B 553 -19.09 -13.55 10.72
N GLN B 554 -18.72 -13.12 9.50
CA GLN B 554 -17.75 -12.05 9.31
C GLN B 554 -18.27 -10.73 9.92
N ARG B 555 -19.57 -10.43 9.79
CA ARG B 555 -20.19 -9.24 10.38
C ARG B 555 -20.23 -9.33 11.91
N GLN B 556 -20.58 -10.47 12.49
CA GLN B 556 -20.56 -10.64 13.95
C GLN B 556 -19.13 -10.49 14.50
N ARG B 557 -18.13 -11.02 13.79
CA ARG B 557 -16.70 -10.85 14.14
C ARG B 557 -16.35 -9.37 14.18
N ALA B 558 -16.73 -8.63 13.14
CA ALA B 558 -16.48 -7.21 13.02
C ALA B 558 -17.13 -6.42 14.16
N ILE B 559 -18.39 -6.70 14.53
CA ILE B 559 -19.10 -5.88 15.53
C ILE B 559 -18.40 -5.89 16.90
N LEU B 560 -17.75 -6.98 17.33
CA LEU B 560 -16.91 -6.94 18.54
C LEU B 560 -15.71 -5.99 18.37
N LYS B 561 -14.92 -6.16 17.30
CA LYS B 561 -13.74 -5.31 17.08
C LYS B 561 -14.11 -3.84 16.88
N VAL B 562 -15.20 -3.54 16.19
CA VAL B 562 -15.77 -2.19 16.01
C VAL B 562 -16.28 -1.59 17.32
N MET B 563 -16.72 -2.40 18.29
CA MET B 563 -16.91 -1.91 19.65
C MET B 563 -15.56 -1.70 20.35
N ASN B 564 -14.75 -2.74 20.48
CA ASN B 564 -13.51 -2.75 21.26
C ASN B 564 -12.48 -1.69 20.82
N THR B 565 -12.41 -1.35 19.53
CA THR B 565 -11.55 -0.28 18.99
C THR B 565 -11.96 1.12 19.49
N ILE B 566 -13.21 1.29 19.94
CA ILE B 566 -13.72 2.50 20.62
C ILE B 566 -13.60 2.35 22.15
N GLY B 567 -14.02 1.21 22.70
CA GLY B 567 -13.95 0.88 24.13
C GLY B 567 -14.78 -0.35 24.49
N GLY B 568 -15.00 -0.59 25.78
CA GLY B 568 -15.88 -1.67 26.27
C GLY B 568 -17.39 -1.47 26.02
N VAL B 569 -17.78 -0.34 25.42
CA VAL B 569 -19.16 0.15 25.26
C VAL B 569 -19.31 0.89 23.92
N ALA B 570 -20.51 0.89 23.36
CA ALA B 570 -20.90 1.70 22.20
C ALA B 570 -22.43 1.98 22.20
N TYR B 571 -22.88 2.96 21.42
CA TYR B 571 -24.31 3.21 21.18
C TYR B 571 -24.73 2.68 19.80
N LEU B 572 -25.87 1.99 19.74
CA LEU B 572 -26.47 1.48 18.51
C LEU B 572 -27.22 2.62 17.80
N ARG B 573 -26.47 3.51 17.16
CA ARG B 573 -26.92 4.74 16.47
C ARG B 573 -26.27 4.90 15.09
N GLU B 574 -26.74 5.84 14.28
CA GLU B 574 -26.29 6.09 12.89
C GLU B 574 -24.77 6.02 12.68
N GLN B 575 -23.97 6.77 13.46
CA GLN B 575 -22.51 6.76 13.33
C GLN B 575 -21.87 5.40 13.69
N PHE B 576 -22.51 4.57 14.51
CA PHE B 576 -22.07 3.20 14.72
C PHE B 576 -22.35 2.34 13.47
N TYR B 577 -23.54 2.42 12.86
CA TYR B 577 -23.82 1.67 11.63
C TYR B 577 -22.84 2.10 10.52
N GLU B 578 -22.51 3.39 10.45
CA GLU B 578 -21.51 3.92 9.52
C GLU B 578 -20.15 3.27 9.81
N SER B 579 -19.71 3.28 11.08
CA SER B 579 -18.44 2.66 11.48
C SER B 579 -18.39 1.17 11.15
N VAL B 580 -19.47 0.41 11.39
CA VAL B 580 -19.52 -1.03 11.06
C VAL B 580 -19.34 -1.21 9.55
N SER B 581 -20.03 -0.39 8.74
CA SER B 581 -19.93 -0.42 7.28
C SER B 581 -18.53 -0.07 6.77
N LYS B 582 -17.90 0.92 7.42
CA LYS B 582 -16.56 1.45 7.11
C LYS B 582 -15.42 0.51 7.51
N TYR B 583 -15.49 -0.11 8.68
CA TYR B 583 -14.57 -1.18 9.08
C TYR B 583 -14.78 -2.42 8.22
N MET B 584 -16.02 -2.75 7.83
CA MET B 584 -16.27 -3.88 6.94
C MET B 584 -15.68 -3.61 5.53
N GLY B 585 -15.70 -2.33 5.11
CA GLY B 585 -15.14 -1.83 3.84
C GLY B 585 -16.13 -1.53 2.72
N SER B 586 -17.44 -1.44 3.00
CA SER B 586 -18.45 -1.14 1.98
C SER B 586 -18.41 0.32 1.50
N THR B 587 -18.62 0.55 0.20
CA THR B 587 -18.66 1.90 -0.39
C THR B 587 -19.93 2.69 0.02
N THR B 588 -20.95 2.00 0.56
CA THR B 588 -22.22 2.56 1.05
C THR B 588 -22.62 1.93 2.39
N THR B 589 -23.38 2.63 3.23
CA THR B 589 -23.83 2.12 4.54
C THR B 589 -24.74 0.89 4.44
N LEU B 590 -24.48 -0.12 5.28
CA LEU B 590 -25.32 -1.33 5.38
C LEU B 590 -26.71 -0.96 5.90
N ASP B 591 -27.75 -1.69 5.49
CA ASP B 591 -29.11 -1.45 5.97
C ASP B 591 -29.16 -1.79 7.48
N LYS B 592 -29.77 -0.93 8.29
CA LYS B 592 -29.83 -1.09 9.76
C LYS B 592 -30.36 -2.47 10.17
N LYS B 593 -31.37 -3.00 9.48
CA LYS B 593 -31.95 -4.33 9.74
C LYS B 593 -30.92 -5.47 9.63
N THR B 594 -30.03 -5.40 8.63
CA THR B 594 -28.97 -6.40 8.42
C THR B 594 -27.99 -6.42 9.59
N VAL B 595 -27.59 -5.23 10.07
CA VAL B 595 -26.67 -5.10 11.21
C VAL B 595 -27.38 -5.53 12.49
N ARG B 596 -28.62 -5.05 12.74
CA ARG B 596 -29.39 -5.42 13.93
C ARG B 596 -29.59 -6.93 14.04
N GLY B 597 -29.77 -7.65 12.92
CA GLY B 597 -29.91 -9.10 12.93
C GLY B 597 -28.69 -9.77 13.57
N ASP B 598 -27.48 -9.38 13.15
CA ASP B 598 -26.24 -9.92 13.70
C ASP B 598 -25.96 -9.40 15.12
N VAL B 599 -26.31 -8.13 15.42
CA VAL B 599 -26.17 -7.59 16.78
C VAL B 599 -27.07 -8.40 17.72
N ASP B 600 -28.31 -8.66 17.34
CA ASP B 600 -29.22 -9.48 18.12
C ASP B 600 -28.67 -10.90 18.29
N LEU B 601 -28.15 -11.51 17.22
CA LEU B 601 -27.58 -12.86 17.32
C LEU B 601 -26.40 -12.90 18.29
N MET B 602 -25.50 -11.91 18.28
CA MET B 602 -24.36 -11.94 19.19
C MET B 602 -24.76 -11.49 20.60
N VAL B 603 -25.78 -10.66 20.77
CA VAL B 603 -26.35 -10.30 22.08
C VAL B 603 -26.94 -11.57 22.69
N GLU B 604 -27.76 -12.29 21.91
CA GLU B 604 -28.39 -13.54 22.33
C GLU B 604 -27.35 -14.64 22.60
N SER B 605 -26.22 -14.60 21.89
CA SER B 605 -25.07 -15.49 22.10
C SER B 605 -24.24 -15.07 23.32
N GLU B 606 -24.69 -14.04 24.06
CA GLU B 606 -24.07 -13.45 25.24
C GLU B 606 -22.69 -12.79 25.01
N LYS B 607 -22.32 -12.52 23.75
CA LYS B 607 -21.06 -11.82 23.42
C LYS B 607 -21.17 -10.33 23.78
N LEU B 608 -22.39 -9.78 23.71
CA LEU B 608 -22.72 -8.40 24.04
C LEU B 608 -23.87 -8.30 25.04
N GLY B 609 -23.75 -7.36 25.97
CA GLY B 609 -24.83 -6.96 26.86
C GLY B 609 -25.49 -5.74 26.19
N ALA B 610 -26.77 -5.49 26.38
CA ALA B 610 -27.42 -4.33 25.77
C ALA B 610 -28.58 -3.79 26.62
N ARG B 611 -28.80 -2.46 26.57
CA ARG B 611 -29.87 -1.76 27.31
C ARG B 611 -30.20 -0.38 26.75
N THR B 612 -31.33 0.18 27.16
CA THR B 612 -31.74 1.55 26.85
C THR B 612 -31.10 2.53 27.86
N GLU B 613 -30.63 3.69 27.42
CA GLU B 613 -30.14 4.74 28.32
C GLU B 613 -31.41 5.37 28.95
N PRO B 614 -31.59 5.33 30.29
CA PRO B 614 -32.81 5.78 30.95
C PRO B 614 -33.09 7.30 30.89
N VAL B 615 -32.12 8.11 30.47
CA VAL B 615 -32.25 9.58 30.35
C VAL B 615 -32.18 10.09 28.90
N SER B 616 -32.31 9.20 27.90
CA SER B 616 -32.29 9.57 26.47
C SER B 616 -33.13 8.67 25.55
N GLY B 617 -33.37 7.42 25.93
CA GLY B 617 -34.09 6.44 25.10
C GLY B 617 -33.23 5.79 24.02
N ARG B 618 -31.94 6.19 23.87
CA ARG B 618 -31.00 5.60 22.91
C ARG B 618 -30.49 4.25 23.43
N LYS B 619 -30.07 3.34 22.55
CA LYS B 619 -29.66 1.97 22.92
C LYS B 619 -28.14 1.83 22.99
N ILE B 620 -27.67 1.22 24.09
CA ILE B 620 -26.26 0.94 24.42
C ILE B 620 -25.99 -0.55 24.23
N ILE B 621 -24.83 -0.88 23.68
CA ILE B 621 -24.23 -2.23 23.70
C ILE B 621 -22.91 -2.18 24.48
N PHE B 622 -22.56 -3.26 25.18
CA PHE B 622 -21.35 -3.32 26.01
C PHE B 622 -20.77 -4.74 26.10
N LEU B 623 -19.47 -4.86 26.35
CA LEU B 623 -18.81 -6.14 26.60
C LEU B 623 -19.14 -6.60 28.05
N PRO B 624 -19.70 -7.80 28.28
CA PRO B 624 -20.09 -8.23 29.64
C PRO B 624 -18.94 -8.34 30.66
N THR B 625 -17.69 -8.43 30.19
CA THR B 625 -16.48 -8.48 31.05
C THR B 625 -16.13 -7.09 31.63
N VAL B 626 -16.77 -6.02 31.17
CA VAL B 626 -16.52 -4.62 31.57
C VAL B 626 -17.62 -4.15 32.51
N GLY B 627 -17.23 -3.54 33.64
CA GLY B 627 -18.14 -3.08 34.69
C GLY B 627 -19.04 -1.89 34.33
N GLU B 628 -20.03 -1.65 35.20
CA GLU B 628 -21.03 -0.57 35.10
C GLU B 628 -20.40 0.82 34.93
N ASP B 629 -19.21 1.04 35.47
CA ASP B 629 -18.46 2.30 35.39
C ASP B 629 -18.21 2.76 33.95
N ALA B 630 -17.99 1.83 33.00
CA ALA B 630 -17.87 2.20 31.59
C ALA B 630 -19.20 2.69 31.00
N ILE B 631 -20.30 1.99 31.31
CA ILE B 631 -21.65 2.39 30.86
C ILE B 631 -22.00 3.76 31.45
N GLN B 632 -21.76 3.97 32.74
CA GLN B 632 -22.02 5.26 33.40
C GLN B 632 -21.13 6.34 32.79
N ARG B 633 -19.85 6.09 32.50
CA ARG B 633 -18.98 7.09 31.86
C ARG B 633 -19.45 7.44 30.45
N TYR B 634 -19.93 6.48 29.67
CA TYR B 634 -20.56 6.75 28.38
C TYR B 634 -21.83 7.59 28.54
N ILE B 635 -22.74 7.18 29.43
CA ILE B 635 -23.98 7.92 29.71
C ILE B 635 -23.64 9.36 30.13
N LEU B 636 -22.68 9.56 31.03
CA LEU B 636 -22.24 10.88 31.48
C LEU B 636 -21.65 11.69 30.33
N LYS B 637 -20.77 11.12 29.49
CA LYS B 637 -20.20 11.86 28.35
C LYS B 637 -21.29 12.29 27.37
N GLU B 638 -22.29 11.45 27.10
CA GLU B 638 -23.39 11.84 26.24
C GLU B 638 -24.24 12.92 26.92
N LYS B 639 -24.57 12.78 28.22
CA LYS B 639 -25.35 13.78 28.97
C LYS B 639 -24.64 15.13 29.00
N ASP B 640 -23.31 15.14 29.14
CA ASP B 640 -22.47 16.33 29.15
C ASP B 640 -22.31 17.00 27.76
N SER B 641 -22.70 16.33 26.67
CA SER B 641 -22.51 16.82 25.30
C SER B 641 -23.74 16.85 24.38
N LYS B 642 -24.84 16.17 24.72
CA LYS B 642 -26.05 16.04 23.87
C LYS B 642 -27.38 16.29 24.59
N LYS B 643 -27.34 16.91 25.78
CA LYS B 643 -28.53 17.30 26.56
C LYS B 643 -29.46 18.20 25.72
N ALA B 644 -30.78 18.11 25.92
CA ALA B 644 -31.74 18.91 25.14
C ALA B 644 -31.53 20.42 25.34
N THR B 645 -31.26 20.84 26.58
CA THR B 645 -30.98 22.22 26.97
C THR B 645 -29.48 22.57 26.81
N PHE B 646 -28.88 22.24 25.66
CA PHE B 646 -27.48 22.52 25.38
C PHE B 646 -27.19 24.03 25.42
N THR B 647 -25.93 24.41 25.69
CA THR B 647 -25.59 25.76 26.17
C THR B 647 -26.07 26.86 25.22
N ASP B 648 -26.94 27.73 25.74
CA ASP B 648 -27.64 28.78 25.00
C ASP B 648 -26.74 30.00 24.76
N VAL B 649 -27.28 31.18 24.48
CA VAL B 649 -26.53 32.44 24.38
C VAL B 649 -27.14 33.56 25.22
N ILE B 650 -28.39 33.41 25.65
CA ILE B 650 -29.04 34.37 26.58
C ILE B 650 -28.40 34.32 27.98
N HIS B 651 -27.68 33.25 28.25
CA HIS B 651 -26.69 33.09 29.31
C HIS B 651 -25.66 32.07 28.79
N ASP B 652 -24.45 32.07 29.34
CA ASP B 652 -23.26 31.48 28.72
C ASP B 652 -22.84 32.20 27.41
N THR B 653 -22.89 33.53 27.35
CA THR B 653 -22.64 34.32 26.13
C THR B 653 -21.18 34.30 25.62
N GLU B 654 -20.36 33.32 26.00
CA GLU B 654 -18.99 33.07 25.53
C GLU B 654 -18.95 31.77 24.70
N ILE B 655 -18.53 31.84 23.43
CA ILE B 655 -18.56 30.72 22.47
C ILE B 655 -17.12 30.29 22.12
N TYR B 656 -16.76 29.06 22.46
CA TYR B 656 -15.51 28.43 22.05
C TYR B 656 -15.55 27.96 20.59
N PHE B 657 -14.38 27.89 19.96
CA PHE B 657 -14.19 27.35 18.60
C PHE B 657 -12.98 26.40 18.55
N LYS B 740 -14.96 84.31 9.54
CA LYS B 740 -15.17 82.91 9.86
C LYS B 740 -16.43 82.67 10.67
N ASP B 741 -16.78 83.58 11.58
CA ASP B 741 -17.92 83.43 12.50
C ASP B 741 -19.27 83.31 11.76
N GLY B 742 -19.36 83.89 10.56
CA GLY B 742 -20.48 83.79 9.62
C GLY B 742 -20.66 82.42 8.96
N VAL B 743 -20.19 81.31 9.56
CA VAL B 743 -20.44 79.96 9.04
C VAL B 743 -21.94 79.64 8.93
N GLN B 744 -22.76 80.09 9.90
CA GLN B 744 -24.21 79.98 9.80
C GLN B 744 -24.76 80.83 8.67
N ALA B 745 -24.18 82.01 8.40
CA ALA B 745 -24.53 82.81 7.23
C ALA B 745 -24.17 82.10 5.92
N LEU B 746 -23.04 81.40 5.83
CA LEU B 746 -22.70 80.58 4.67
C LEU B 746 -23.69 79.42 4.48
N ILE B 747 -24.00 78.65 5.53
CA ILE B 747 -24.97 77.56 5.46
C ILE B 747 -26.30 78.11 4.95
N ARG B 748 -26.80 79.19 5.57
CA ARG B 748 -28.04 79.82 5.14
C ARG B 748 -27.96 80.34 3.71
N ALA B 749 -26.84 80.89 3.25
CA ALA B 749 -26.70 81.29 1.85
C ALA B 749 -26.75 80.11 0.88
N VAL B 750 -26.16 78.97 1.21
CA VAL B 750 -26.31 77.75 0.40
C VAL B 750 -27.77 77.30 0.37
N VAL B 751 -28.47 77.30 1.51
CA VAL B 751 -29.88 76.93 1.58
C VAL B 751 -30.74 77.89 0.76
N VAL B 752 -30.56 79.19 0.89
CA VAL B 752 -31.32 80.21 0.16
C VAL B 752 -31.13 80.08 -1.33
N THR B 753 -29.90 79.86 -1.79
CA THR B 753 -29.62 79.72 -3.22
C THR B 753 -30.15 78.41 -3.79
N LYS B 754 -29.79 77.27 -3.20
CA LYS B 754 -30.20 75.96 -3.72
C LYS B 754 -31.71 75.73 -3.61
N SER B 755 -32.41 76.31 -2.63
CA SER B 755 -33.88 76.23 -2.56
C SER B 755 -34.59 77.09 -3.61
N ILE B 756 -34.21 78.36 -3.80
CA ILE B 756 -34.86 79.25 -4.77
C ILE B 756 -34.47 78.92 -6.21
N LYS B 757 -33.17 78.97 -6.54
CA LYS B 757 -32.65 78.80 -7.91
C LYS B 757 -32.37 77.34 -8.31
N ASN B 758 -32.67 76.37 -7.44
CA ASN B 758 -32.37 74.94 -7.58
C ASN B 758 -30.86 74.56 -7.55
N GLU B 759 -29.92 75.50 -7.49
CA GLU B 759 -28.47 75.25 -7.47
C GLU B 759 -27.72 76.21 -6.54
N ILE B 760 -26.52 75.80 -6.08
CA ILE B 760 -25.67 76.64 -5.22
C ILE B 760 -25.05 77.74 -6.11
N MET B 761 -25.57 78.95 -6.04
CA MET B 761 -25.10 80.10 -6.81
C MET B 761 -23.82 80.71 -6.23
N TRP B 762 -22.74 79.93 -6.18
CA TRP B 762 -21.43 80.31 -5.63
C TRP B 762 -20.94 81.69 -6.03
N ASP B 763 -21.13 82.07 -7.30
CA ASP B 763 -20.73 83.37 -7.85
C ASP B 763 -21.31 84.54 -7.04
N LYS B 764 -22.60 84.44 -6.66
CA LYS B 764 -23.29 85.46 -5.86
C LYS B 764 -23.06 85.28 -4.36
N ILE B 765 -22.90 84.05 -3.86
CA ILE B 765 -22.61 83.81 -2.44
C ILE B 765 -21.30 84.49 -2.06
N THR B 766 -20.30 84.45 -2.95
CA THR B 766 -18.98 85.06 -2.75
C THR B 766 -19.08 86.56 -2.46
N LYS B 767 -20.08 87.23 -3.04
CA LYS B 767 -20.37 88.67 -2.87
C LYS B 767 -21.15 88.99 -1.58
N LEU B 768 -21.52 87.99 -0.78
CA LEU B 768 -22.25 88.15 0.48
C LEU B 768 -21.32 88.24 1.69
N PHE B 769 -20.54 87.17 1.97
CA PHE B 769 -19.63 87.12 3.12
C PHE B 769 -18.19 87.02 2.58
N PRO B 770 -17.31 88.01 2.83
CA PRO B 770 -15.99 88.08 2.21
C PRO B 770 -15.02 86.99 2.63
N ASN B 771 -14.54 86.24 1.64
CA ASN B 771 -13.73 85.03 1.76
C ASN B 771 -12.90 84.80 0.48
N ASN B 772 -12.27 83.64 0.30
CA ASN B 772 -11.53 83.32 -0.92
C ASN B 772 -12.45 83.24 -2.13
N SER B 773 -11.89 83.35 -3.34
CA SER B 773 -12.65 83.12 -4.57
C SER B 773 -12.98 81.62 -4.61
N LEU B 774 -14.21 81.24 -4.27
CA LEU B 774 -14.75 79.87 -4.19
C LEU B 774 -14.12 78.88 -3.19
N ASP B 775 -12.80 78.68 -3.20
CA ASP B 775 -12.12 77.62 -2.46
C ASP B 775 -12.43 77.45 -0.97
N ASN B 776 -12.17 78.41 -0.07
CA ASN B 776 -12.46 78.15 1.35
C ASN B 776 -13.96 78.03 1.61
N LEU B 777 -14.81 78.75 0.88
CA LEU B 777 -16.26 78.63 1.00
C LEU B 777 -16.71 77.20 0.64
N LYS B 778 -16.30 76.72 -0.54
CA LYS B 778 -16.64 75.39 -1.05
C LYS B 778 -16.07 74.29 -0.15
N LYS B 779 -14.82 74.43 0.31
CA LYS B 779 -14.20 73.45 1.19
C LYS B 779 -14.92 73.41 2.54
N LYS B 780 -15.14 74.55 3.19
CA LYS B 780 -15.81 74.58 4.50
C LYS B 780 -17.25 74.11 4.40
N TRP B 781 -17.99 74.48 3.35
CA TRP B 781 -19.36 73.98 3.18
C TRP B 781 -19.38 72.45 3.08
N THR B 782 -18.52 71.91 2.20
CA THR B 782 -18.40 70.47 1.97
C THR B 782 -18.03 69.75 3.27
N ALA B 783 -17.13 70.33 4.06
CA ALA B 783 -16.72 69.75 5.34
C ALA B 783 -17.87 69.82 6.36
N ARG B 784 -18.60 70.94 6.39
CA ARG B 784 -19.69 71.20 7.33
C ARG B 784 -20.89 70.29 7.11
N ARG B 785 -21.37 70.11 5.87
CA ARG B 785 -22.56 69.27 5.63
C ARG B 785 -22.38 67.87 6.15
N VAL B 786 -21.21 67.26 6.01
CA VAL B 786 -21.00 65.87 6.49
C VAL B 786 -21.18 65.74 8.00
N ARG B 787 -20.99 66.83 8.78
CA ARG B 787 -21.28 66.83 10.22
C ARG B 787 -22.75 66.94 10.59
N MET B 788 -23.64 67.26 9.65
CA MET B 788 -25.10 67.37 9.87
C MET B 788 -25.91 66.35 9.07
N GLY B 789 -25.39 65.82 7.96
CA GLY B 789 -26.03 64.81 7.11
C GLY B 789 -27.36 65.23 6.49
N HIS B 790 -28.05 64.28 5.85
CA HIS B 790 -29.35 64.56 5.23
C HIS B 790 -30.38 64.99 6.25
N SER B 791 -30.28 64.49 7.49
CA SER B 791 -31.20 64.85 8.57
C SER B 791 -31.05 66.33 8.93
N GLY B 792 -29.82 66.81 9.08
CA GLY B 792 -29.55 68.22 9.36
C GLY B 792 -29.92 69.10 8.18
N TRP B 793 -29.62 68.67 6.96
CA TRP B 793 -29.98 69.46 5.78
C TRP B 793 -31.47 69.66 5.72
N ARG B 794 -32.27 68.60 5.93
CA ARG B 794 -33.72 68.73 5.95
C ARG B 794 -34.19 69.64 7.07
N ALA B 795 -33.54 69.65 8.22
CA ALA B 795 -33.94 70.55 9.31
C ALA B 795 -33.77 72.01 8.88
N TYR B 796 -32.65 72.35 8.24
CA TYR B 796 -32.42 73.67 7.67
C TYR B 796 -33.41 74.01 6.57
N VAL B 797 -33.66 73.10 5.62
CA VAL B 797 -34.58 73.34 4.51
C VAL B 797 -36.01 73.51 5.00
N ASP B 798 -36.48 72.67 5.92
CA ASP B 798 -37.84 72.77 6.44
C ASP B 798 -38.01 74.08 7.20
N LYS B 799 -37.03 74.47 8.03
CA LYS B 799 -37.10 75.74 8.74
C LYS B 799 -37.09 76.91 7.76
N TRP B 800 -36.22 76.92 6.75
CA TRP B 800 -36.17 77.99 5.75
C TRP B 800 -37.48 78.11 5.01
N LYS B 801 -38.05 76.99 4.53
CA LYS B 801 -39.34 77.02 3.83
C LYS B 801 -40.42 77.61 4.72
N LYS B 802 -40.48 77.20 6.00
CA LYS B 802 -41.46 77.73 6.96
C LYS B 802 -41.26 79.23 7.19
N MET B 803 -40.03 79.69 7.39
CA MET B 803 -39.76 81.12 7.55
C MET B 803 -40.13 81.91 6.28
N LEU B 804 -39.80 81.39 5.10
CA LEU B 804 -40.06 82.07 3.83
C LEU B 804 -41.55 82.18 3.51
N VAL B 805 -42.37 81.15 3.79
CA VAL B 805 -43.82 81.29 3.59
C VAL B 805 -44.40 82.26 4.60
N LEU B 806 -44.00 82.23 5.87
CA LEU B 806 -44.51 83.18 6.85
C LEU B 806 -44.13 84.61 6.46
N ALA B 807 -42.89 84.82 6.00
CA ALA B 807 -42.43 86.13 5.56
C ALA B 807 -43.24 86.64 4.37
N ILE B 808 -43.50 85.80 3.38
CA ILE B 808 -44.28 86.21 2.22
C ILE B 808 -45.75 86.44 2.63
N LYS B 809 -46.33 85.59 3.48
CA LYS B 809 -47.70 85.73 4.00
C LYS B 809 -47.93 87.05 4.74
N SER B 810 -46.90 87.53 5.44
CA SER B 810 -46.90 88.80 6.19
C SER B 810 -46.22 89.94 5.39
N GLU B 811 -45.82 89.68 4.15
CA GLU B 811 -45.21 90.62 3.20
C GLU B 811 -43.88 91.25 3.65
N LYS B 812 -43.11 90.58 4.52
CA LYS B 812 -41.83 91.08 5.05
C LYS B 812 -40.70 91.22 4.02
N ILE B 813 -40.99 90.85 2.78
CA ILE B 813 -40.14 90.96 1.59
C ILE B 813 -41.05 91.16 0.38
N SER B 814 -40.58 91.83 -0.66
CA SER B 814 -41.34 92.02 -1.90
C SER B 814 -40.86 90.96 -2.88
N LEU B 815 -41.75 90.30 -3.62
CA LEU B 815 -41.40 89.10 -4.38
C LEU B 815 -40.25 89.34 -5.37
N ARG B 816 -40.16 90.55 -5.93
CA ARG B 816 -39.10 90.98 -6.86
C ARG B 816 -37.70 90.84 -6.26
N ASP B 817 -37.55 91.06 -4.96
CA ASP B 817 -36.27 90.90 -4.27
C ASP B 817 -35.84 89.42 -4.20
N VAL B 818 -36.80 88.50 -4.15
CA VAL B 818 -36.54 87.06 -4.19
C VAL B 818 -36.07 86.67 -5.59
N GLU B 819 -36.77 87.11 -6.63
CA GLU B 819 -36.42 86.85 -8.02
C GLU B 819 -35.04 87.41 -8.37
N GLU B 820 -34.76 88.66 -7.98
CA GLU B 820 -33.46 89.32 -8.17
C GLU B 820 -32.37 88.75 -7.24
N LEU B 821 -32.74 87.84 -6.33
CA LEU B 821 -31.88 87.17 -5.35
C LEU B 821 -31.10 88.13 -4.44
N ASP B 822 -31.81 89.00 -3.71
CA ASP B 822 -31.20 89.90 -2.74
C ASP B 822 -30.84 89.07 -1.50
N LEU B 823 -29.65 88.45 -1.53
CA LEU B 823 -29.17 87.61 -0.45
C LEU B 823 -29.16 88.37 0.88
N ILE B 824 -28.82 89.67 0.89
CA ILE B 824 -28.78 90.47 2.11
C ILE B 824 -30.16 90.47 2.78
N LYS B 825 -31.22 90.81 2.02
CA LYS B 825 -32.59 90.80 2.56
C LYS B 825 -33.01 89.40 2.94
N LEU B 826 -32.83 88.42 2.06
CA LEU B 826 -33.22 87.03 2.32
C LEU B 826 -32.57 86.47 3.60
N LEU B 827 -31.30 86.78 3.82
CA LEU B 827 -30.63 86.31 5.03
C LEU B 827 -31.14 87.10 6.25
N ASP B 828 -31.45 88.38 6.06
CA ASP B 828 -32.04 89.18 7.14
C ASP B 828 -33.42 88.62 7.52
N ILE B 829 -34.14 87.96 6.61
CA ILE B 829 -35.42 87.35 6.95
C ILE B 829 -35.18 86.25 8.00
N TRP B 830 -34.29 85.27 7.75
CA TRP B 830 -34.02 84.27 8.80
C TRP B 830 -33.46 84.93 10.06
N THR B 831 -32.64 85.95 9.91
CA THR B 831 -32.03 86.68 11.04
C THR B 831 -33.12 87.22 11.95
N SER B 832 -34.02 88.03 11.40
CA SER B 832 -35.12 88.63 12.12
C SER B 832 -36.11 87.59 12.66
N PHE B 833 -36.24 86.41 12.04
CA PHE B 833 -37.09 85.32 12.53
C PHE B 833 -36.43 84.54 13.69
N ASP B 834 -35.12 84.30 13.64
CA ASP B 834 -34.42 83.57 14.70
C ASP B 834 -34.43 84.32 16.04
N GLU B 835 -34.65 85.63 16.03
CA GLU B 835 -34.77 86.47 17.23
C GLU B 835 -36.02 86.16 18.07
N LYS B 836 -36.96 85.35 17.57
CA LYS B 836 -38.24 85.03 18.22
C LYS B 836 -38.24 83.91 19.27
N GLU B 837 -37.26 83.00 19.31
CA GLU B 837 -37.27 81.89 20.28
C GLU B 837 -35.87 81.40 20.67
N ILE B 838 -35.73 80.80 21.86
CA ILE B 838 -34.49 80.22 22.38
C ILE B 838 -34.80 78.99 23.25
N LYS B 839 -33.91 77.99 23.28
CA LYS B 839 -34.06 76.76 24.07
C LYS B 839 -32.74 76.06 24.40
N ARG B 840 -32.73 75.27 25.47
CA ARG B 840 -31.64 74.38 25.93
C ARG B 840 -31.70 73.02 25.22
N PRO B 841 -30.59 72.28 25.08
CA PRO B 841 -30.64 70.95 24.50
C PRO B 841 -31.60 70.10 25.35
N LEU B 842 -32.49 69.36 24.69
CA LEU B 842 -33.55 68.60 25.36
C LEU B 842 -33.04 67.48 26.28
N PHE B 843 -33.94 67.02 27.14
CA PHE B 843 -33.77 65.96 28.13
C PHE B 843 -35.05 65.13 28.26
N LEU B 844 -34.96 63.93 28.81
CA LEU B 844 -36.10 63.01 28.97
C LEU B 844 -36.38 62.70 30.45
N TYR B 845 -37.66 62.60 30.80
CA TYR B 845 -38.13 62.11 32.09
C TYR B 845 -38.21 60.58 32.10
N LYS B 846 -38.00 59.94 33.25
CA LYS B 846 -37.98 58.48 33.38
C LYS B 846 -39.34 57.80 33.17
N ASN B 847 -40.44 58.48 33.50
CA ASN B 847 -41.81 58.03 33.21
C ASN B 847 -42.15 58.31 31.74
N TYR B 848 -42.66 57.33 30.98
CA TYR B 848 -42.92 57.59 29.56
C TYR B 848 -44.00 58.64 29.34
N GLU B 849 -45.12 58.48 30.04
CA GLU B 849 -46.28 59.37 29.98
C GLU B 849 -45.92 60.83 30.25
N GLU B 850 -45.02 61.08 31.18
CA GLU B 850 -44.61 62.42 31.55
C GLU B 850 -43.98 63.18 30.39
N ASN B 851 -43.21 62.49 29.54
CA ASN B 851 -42.63 63.11 28.35
C ASN B 851 -43.73 63.52 27.36
N ARG B 852 -44.77 62.69 27.21
CA ARG B 852 -45.91 62.97 26.32
C ARG B 852 -46.79 64.11 26.86
N LYS B 853 -46.82 64.31 28.18
CA LYS B 853 -47.52 65.41 28.83
C LYS B 853 -46.73 66.71 28.66
N LYS B 854 -45.41 66.67 28.91
CA LYS B 854 -44.52 67.83 28.76
C LYS B 854 -44.37 68.25 27.31
N PHE B 855 -44.21 67.31 26.38
CA PHE B 855 -44.01 67.57 24.96
C PHE B 855 -44.96 66.78 24.06
N THR B 856 -45.48 67.45 23.03
CA THR B 856 -46.34 66.88 21.99
C THR B 856 -45.45 66.71 20.75
N LEU B 857 -44.43 65.85 20.89
CA LEU B 857 -43.40 65.60 19.89
C LEU B 857 -43.98 65.22 18.51
N VAL B 858 -43.41 65.80 17.45
CA VAL B 858 -43.83 65.62 16.06
C VAL B 858 -42.93 64.62 15.33
N ARG B 859 -43.56 63.61 14.71
CA ARG B 859 -42.90 62.57 13.91
C ARG B 859 -42.42 63.16 12.57
N ASP B 860 -41.36 62.62 12.00
CA ASP B 860 -40.79 63.07 10.73
C ASP B 860 -40.19 61.92 9.92
N MET B 872 -32.14 51.47 -12.02
CA MET B 872 -32.18 52.87 -12.50
C MET B 872 -30.78 53.50 -12.64
N SER B 873 -29.76 52.85 -12.10
CA SER B 873 -28.36 53.31 -12.10
C SER B 873 -27.39 52.17 -12.40
N SER B 874 -26.12 52.52 -12.62
CA SER B 874 -25.03 51.58 -12.90
C SER B 874 -24.90 50.43 -11.87
N MET B 875 -24.20 49.37 -12.25
CA MET B 875 -24.03 48.16 -11.44
C MET B 875 -23.42 48.38 -10.05
N ILE B 876 -22.39 49.21 -9.95
CA ILE B 876 -21.74 49.47 -8.67
C ILE B 876 -22.63 50.32 -7.78
N GLN B 877 -23.32 51.33 -8.32
CA GLN B 877 -24.26 52.12 -7.52
C GLN B 877 -25.40 51.25 -7.01
N ARG B 878 -25.90 50.28 -7.78
CA ARG B 878 -26.95 49.37 -7.28
C ARG B 878 -26.41 48.47 -6.17
N GLU B 879 -25.21 47.95 -6.31
CA GLU B 879 -24.58 47.10 -5.29
C GLU B 879 -24.37 47.87 -3.99
N ILE B 880 -23.94 49.13 -4.06
CA ILE B 880 -23.76 49.99 -2.89
C ILE B 880 -25.09 50.18 -2.17
N SER B 881 -26.12 50.56 -2.91
CA SER B 881 -27.45 50.79 -2.37
C SER B 881 -28.06 49.53 -1.76
N SER B 882 -27.93 48.39 -2.43
CA SER B 882 -28.50 47.13 -1.96
C SER B 882 -27.84 46.60 -0.69
N LEU B 883 -26.56 46.89 -0.45
CA LEU B 883 -25.87 46.49 0.77
C LEU B 883 -26.25 47.37 1.94
N LYS B 884 -26.59 48.65 1.74
CA LYS B 884 -26.93 49.53 2.88
C LYS B 884 -28.29 49.20 3.50
N LYS B 885 -29.27 48.81 2.70
CA LYS B 885 -30.63 48.51 3.16
C LYS B 885 -30.72 47.36 4.16
N THR B 886 -31.61 47.50 5.13
CA THR B 886 -31.96 46.49 6.15
C THR B 886 -33.36 46.02 5.87
N TYR B 887 -33.61 44.72 5.98
CA TYR B 887 -34.95 44.17 5.79
C TYR B 887 -35.45 43.72 7.15
N THR B 888 -36.53 44.34 7.59
CA THR B 888 -37.12 44.18 8.91
C THR B 888 -38.64 44.12 8.89
N ARG B 889 -39.19 43.26 9.73
CA ARG B 889 -40.61 42.93 9.89
C ARG B 889 -41.15 43.72 11.08
N LYS B 890 -42.04 44.68 10.86
CA LYS B 890 -42.57 45.55 11.92
C LYS B 890 -43.48 44.80 12.87
N ILE B 891 -43.13 44.81 14.15
CA ILE B 891 -43.90 44.16 15.21
C ILE B 891 -44.89 45.16 15.81
N SER B 892 -44.50 46.43 15.99
CA SER B 892 -45.38 47.49 16.49
C SER B 892 -44.85 48.91 16.19
N ALA B 893 -45.75 49.89 16.28
CA ALA B 893 -45.51 51.31 16.05
C ALA B 893 -46.54 52.20 16.78
N SER B 894 -46.56 53.50 16.49
CA SER B 894 -47.54 54.46 17.02
C SER B 894 -48.98 54.09 16.59
N THR B 895 -50.00 54.82 17.06
CA THR B 895 -51.41 54.53 16.70
C THR B 895 -51.62 54.40 15.19
N LYS B 896 -52.36 53.38 14.75
CA LYS B 896 -52.60 53.12 13.31
C LYS B 896 -53.28 54.29 12.61
N ASP B 897 -54.27 54.90 13.27
CA ASP B 897 -55.02 56.08 12.79
C ASP B 897 -55.60 55.88 11.36
N LEU B 898 -55.98 54.62 11.07
CA LEU B 898 -56.45 54.19 9.74
C LEU B 898 -57.64 54.98 9.20
N SER B 899 -58.71 55.18 9.97
CA SER B 899 -59.90 55.87 9.45
C SER B 899 -59.61 57.29 8.99
N LYS B 900 -58.89 58.09 9.78
CA LYS B 900 -58.53 59.46 9.39
C LYS B 900 -57.63 59.42 8.17
N SER B 901 -56.61 58.56 8.15
CA SER B 901 -55.70 58.43 7.01
C SER B 901 -56.44 58.01 5.73
N GLN B 902 -57.35 57.03 5.85
CA GLN B 902 -58.18 56.52 4.76
C GLN B 902 -59.10 57.61 4.22
N SER B 903 -59.80 58.31 5.11
CA SER B 903 -60.70 59.39 4.74
C SER B 903 -59.91 60.53 4.12
N ASP B 904 -58.73 60.85 4.65
CA ASP B 904 -57.89 61.90 4.10
C ASP B 904 -57.48 61.54 2.67
N ASP B 905 -57.08 60.28 2.44
CA ASP B 905 -56.76 59.82 1.10
C ASP B 905 -58.01 59.76 0.22
N TYR B 906 -59.19 59.50 0.77
CA TYR B 906 -60.43 59.51 -0.01
C TYR B 906 -60.71 60.93 -0.48
N ILE B 907 -60.39 61.95 0.33
CA ILE B 907 -60.44 63.33 -0.14
C ILE B 907 -59.42 63.53 -1.25
N ARG B 908 -58.22 62.95 -1.17
CA ARG B 908 -57.24 63.08 -2.28
C ARG B 908 -57.82 62.46 -3.55
N THR B 909 -58.42 61.28 -3.46
CA THR B 909 -59.04 60.62 -4.60
C THR B 909 -60.08 61.51 -5.23
N VAL B 910 -60.99 62.07 -4.43
CA VAL B 910 -62.09 62.87 -4.95
C VAL B 910 -61.58 64.18 -5.54
N ILE B 911 -60.63 64.85 -4.90
CA ILE B 911 -60.04 66.05 -5.49
C ILE B 911 -59.35 65.72 -6.82
N ARG B 912 -58.55 64.66 -6.90
CA ARG B 912 -57.89 64.25 -8.15
C ARG B 912 -58.91 63.90 -9.21
N SER B 913 -59.97 63.18 -8.86
CA SER B 913 -61.00 62.79 -9.82
C SER B 913 -61.75 63.98 -10.41
N ILE B 914 -61.87 65.08 -9.69
CA ILE B 914 -62.39 66.33 -10.25
C ILE B 914 -61.36 66.90 -11.23
N LEU B 915 -60.16 67.19 -10.76
CA LEU B 915 -59.19 67.99 -11.50
C LEU B 915 -58.60 67.32 -12.75
N ILE B 916 -58.78 66.01 -12.94
CA ILE B 916 -58.17 65.31 -14.07
C ILE B 916 -58.81 65.56 -15.44
N GLU B 917 -60.09 65.95 -15.55
CA GLU B 917 -60.75 66.20 -16.85
C GLU B 917 -61.72 67.40 -16.87
N SER B 918 -62.91 67.28 -16.26
CA SER B 918 -63.95 68.32 -16.31
C SER B 918 -63.58 69.52 -15.42
N ASN B 924 -73.54 71.29 -11.40
CA ASN B 924 -73.75 72.25 -10.32
C ASN B 924 -73.76 71.62 -8.90
N GLU B 925 -73.33 70.37 -8.73
CA GLU B 925 -73.25 69.68 -7.43
C GLU B 925 -72.01 68.77 -7.32
N ILE B 926 -71.53 68.54 -6.08
CA ILE B 926 -70.62 67.43 -5.73
C ILE B 926 -71.29 66.53 -4.69
N GLU B 927 -71.30 65.23 -4.96
CA GLU B 927 -71.90 64.22 -4.10
C GLU B 927 -70.91 63.52 -3.16
N ALA B 928 -69.76 63.08 -3.66
CA ALA B 928 -68.79 62.32 -2.85
C ALA B 928 -68.24 63.04 -1.61
N LEU B 929 -68.08 64.36 -1.62
CA LEU B 929 -67.62 65.14 -0.45
C LEU B 929 -68.75 65.55 0.52
N LYS B 930 -70.02 65.32 0.20
CA LYS B 930 -71.17 65.73 1.05
C LYS B 930 -71.06 65.29 2.51
N ASN B 931 -70.63 64.05 2.74
CA ASN B 931 -70.50 63.46 4.07
C ASN B 931 -69.19 63.79 4.80
N VAL B 932 -68.23 64.41 4.12
CA VAL B 932 -66.92 64.77 4.66
C VAL B 932 -67.00 66.09 5.44
N GLY B 933 -66.27 66.19 6.54
CA GLY B 933 -66.20 67.40 7.34
C GLY B 933 -65.55 68.57 6.57
N ASN B 934 -66.20 69.72 6.56
CA ASN B 934 -65.75 70.92 5.88
C ASN B 934 -64.37 71.44 6.33
N GLU B 935 -63.87 71.06 7.50
CA GLU B 935 -62.55 71.43 7.98
C GLU B 935 -61.42 70.69 7.25
N SER B 936 -61.63 69.43 6.86
CA SER B 936 -60.60 68.59 6.24
C SER B 936 -60.15 69.06 4.85
N ILE B 937 -61.09 69.54 4.03
CA ILE B 937 -60.80 69.92 2.63
C ILE B 937 -59.66 70.94 2.56
N ASP B 938 -59.62 71.89 3.50
CA ASP B 938 -58.57 72.91 3.58
C ASP B 938 -57.18 72.25 3.71
N ASN B 939 -57.04 71.27 4.60
CA ASN B 939 -55.77 70.60 4.81
C ASN B 939 -55.29 69.90 3.54
N VAL B 940 -56.20 69.19 2.86
CA VAL B 940 -55.83 68.44 1.65
C VAL B 940 -55.43 69.35 0.50
N ILE B 941 -56.20 70.40 0.20
CA ILE B 941 -55.83 71.32 -0.88
C ILE B 941 -54.50 71.99 -0.54
N MET B 942 -54.26 72.32 0.73
CA MET B 942 -52.99 72.86 1.18
C MET B 942 -51.84 71.86 0.96
N ASP B 943 -52.00 70.60 1.39
CA ASP B 943 -50.98 69.57 1.20
C ASP B 943 -50.66 69.37 -0.27
N MET B 944 -51.68 69.35 -1.14
CA MET B 944 -51.44 69.21 -2.57
C MET B 944 -50.66 70.41 -3.12
N ALA B 945 -50.86 71.61 -2.58
CA ALA B 945 -50.12 72.77 -3.02
C ALA B 945 -48.65 72.63 -2.62
N LYS B 946 -48.37 72.25 -1.36
CA LYS B 946 -47.00 72.03 -0.89
C LYS B 946 -46.29 70.97 -1.72
N GLU B 947 -46.97 69.88 -2.01
CA GLU B 947 -46.48 68.77 -2.82
C GLU B 947 -46.48 69.07 -4.34
N LYS B 948 -46.69 70.34 -4.73
CA LYS B 948 -46.70 70.83 -6.12
C LYS B 948 -47.73 70.18 -7.04
N GLN B 949 -48.68 69.41 -6.54
CA GLN B 949 -49.69 68.72 -7.36
C GLN B 949 -50.75 69.62 -8.00
N ILE B 950 -50.91 70.88 -7.57
CA ILE B 950 -51.95 71.80 -8.08
C ILE B 950 -51.44 73.22 -8.34
N TYR B 951 -52.15 73.94 -9.19
CA TYR B 951 -52.08 75.40 -9.41
C TYR B 951 -53.47 76.00 -9.21
N LEU B 952 -53.56 77.32 -9.08
CA LEU B 952 -54.81 77.99 -8.73
C LEU B 952 -54.96 79.38 -9.35
N HIS B 953 -55.84 79.51 -10.33
CA HIS B 953 -56.23 80.83 -10.86
C HIS B 953 -57.22 81.42 -9.84
N GLY B 954 -57.62 82.68 -9.97
CA GLY B 954 -58.41 83.41 -8.96
C GLY B 954 -59.64 82.70 -8.37
N SER B 955 -60.29 81.77 -9.08
CA SER B 955 -61.17 80.73 -8.51
C SER B 955 -61.27 79.47 -9.40
N LYS B 956 -60.14 79.00 -9.96
CA LYS B 956 -60.06 77.73 -10.70
C LYS B 956 -58.80 76.96 -10.32
N LEU B 957 -58.94 75.89 -9.56
CA LEU B 957 -57.85 74.92 -9.35
C LEU B 957 -57.51 74.23 -10.68
N GLU B 958 -56.27 73.80 -10.83
CA GLU B 958 -55.83 72.95 -11.93
C GLU B 958 -54.80 71.94 -11.43
N CYS B 959 -54.77 70.75 -12.02
CA CYS B 959 -53.74 69.78 -11.69
C CYS B 959 -52.40 70.20 -12.32
N THR B 960 -51.30 70.00 -11.62
CA THR B 960 -49.97 70.23 -12.19
C THR B 960 -49.70 69.07 -13.15
N ASP B 961 -48.84 69.24 -14.15
CA ASP B 961 -48.57 68.19 -15.13
C ASP B 961 -48.07 66.85 -14.56
N THR B 962 -47.68 66.77 -13.28
CA THR B 962 -47.19 65.51 -12.68
C THR B 962 -48.24 64.40 -12.71
N LEU B 963 -49.49 64.64 -12.30
CA LEU B 963 -50.52 63.59 -12.30
C LEU B 963 -50.80 63.13 -13.75
N PRO B 964 -51.04 64.02 -14.72
CA PRO B 964 -51.21 63.64 -16.11
C PRO B 964 -50.00 62.89 -16.67
N ASP B 965 -48.78 63.39 -16.46
CA ASP B 965 -47.58 62.77 -16.99
C ASP B 965 -47.30 61.39 -16.40
N ILE B 966 -47.49 61.18 -15.09
CA ILE B 966 -47.24 59.87 -14.49
C ILE B 966 -48.22 58.85 -15.08
N LEU B 967 -49.49 59.22 -15.32
CA LEU B 967 -50.45 58.34 -15.98
C LEU B 967 -50.07 58.10 -17.44
N GLU B 968 -49.62 59.13 -18.16
CA GLU B 968 -49.26 58.99 -19.58
C GLU B 968 -48.00 58.14 -19.80
N ASN B 969 -47.01 58.25 -18.92
CA ASN B 969 -45.77 57.48 -19.03
C ASN B 969 -45.93 56.06 -18.49
N ARG B 970 -46.48 55.87 -17.29
CA ARG B 970 -46.61 54.53 -16.70
C ARG B 970 -47.78 53.72 -17.21
N GLY B 971 -48.80 54.36 -17.78
CA GLY B 971 -50.00 53.69 -18.27
C GLY B 971 -49.96 53.44 -19.76
N ASN B 972 -48.93 52.77 -20.29
CA ASN B 972 -48.75 52.53 -21.72
C ASN B 972 -49.72 51.52 -22.37
N TYR B 973 -51.03 51.77 -22.29
CA TYR B 973 -52.05 50.86 -22.83
C TYR B 973 -52.02 50.71 -24.35
N LYS B 974 -51.51 51.69 -25.11
CA LYS B 974 -51.39 51.54 -26.57
C LYS B 974 -50.42 50.40 -26.91
N ASP B 975 -49.39 50.19 -26.10
CA ASP B 975 -48.45 49.10 -26.27
C ASP B 975 -49.12 47.76 -25.95
N PHE B 976 -49.93 47.70 -24.89
CA PHE B 976 -50.66 46.49 -24.53
C PHE B 976 -51.61 46.13 -25.68
N GLY B 977 -52.19 47.11 -26.37
CA GLY B 977 -53.04 46.85 -27.52
C GLY B 977 -52.27 46.14 -28.63
N VAL B 978 -51.04 46.60 -28.92
CA VAL B 978 -50.20 45.96 -29.93
C VAL B 978 -49.82 44.55 -29.50
N ALA B 979 -49.50 44.34 -28.22
CA ALA B 979 -49.15 43.04 -27.70
C ALA B 979 -50.33 42.07 -27.82
N PHE B 980 -51.55 42.54 -27.59
CA PHE B 980 -52.75 41.70 -27.70
C PHE B 980 -52.94 41.21 -29.13
N GLN B 981 -52.82 42.09 -30.13
CA GLN B 981 -52.93 41.68 -31.53
C GLN B 981 -51.84 40.67 -31.87
N TYR B 982 -50.59 40.97 -31.52
CA TYR B 982 -49.48 40.08 -31.81
C TYR B 982 -49.67 38.71 -31.18
N ARG B 983 -50.15 38.60 -29.94
CA ARG B 983 -50.41 37.28 -29.35
C ARG B 983 -51.45 36.53 -30.15
N CYS B 984 -52.52 37.18 -30.59
CA CYS B 984 -53.53 36.52 -31.40
C CYS B 984 -52.97 36.04 -32.73
N LYS B 985 -52.19 36.86 -33.46
CA LYS B 985 -51.54 36.40 -34.69
C LYS B 985 -50.69 35.17 -34.47
N VAL B 986 -49.83 35.21 -33.46
CA VAL B 986 -48.96 34.08 -33.14
C VAL B 986 -49.78 32.85 -32.76
N ASN B 987 -50.82 32.99 -31.95
CA ASN B 987 -51.64 31.85 -31.56
C ASN B 987 -52.26 31.17 -32.77
N GLU B 988 -52.88 31.94 -33.66
CA GLU B 988 -53.53 31.39 -34.85
C GLU B 988 -52.51 30.68 -35.74
N LEU B 989 -51.36 31.30 -36.03
CA LEU B 989 -50.31 30.68 -36.82
C LEU B 989 -49.80 29.38 -36.21
N LEU B 990 -49.37 29.40 -34.95
CA LEU B 990 -48.85 28.19 -34.34
C LEU B 990 -49.91 27.08 -34.23
N GLU B 991 -51.16 27.39 -33.88
CA GLU B 991 -52.21 26.35 -33.81
C GLU B 991 -52.47 25.76 -35.20
N ALA B 992 -52.38 26.58 -36.25
CA ALA B 992 -52.47 26.14 -37.64
C ALA B 992 -51.26 25.34 -38.13
N GLY B 993 -50.28 25.04 -37.27
CA GLY B 993 -49.07 24.27 -37.62
C GLY B 993 -48.05 25.04 -38.47
N ASN B 994 -48.15 26.36 -38.52
CA ASN B 994 -47.12 27.19 -39.12
C ASN B 994 -45.92 27.36 -38.18
N ALA B 995 -44.78 27.79 -38.73
CA ALA B 995 -43.56 28.06 -37.99
C ALA B 995 -43.11 29.50 -38.26
N ILE B 996 -42.73 30.25 -37.23
CA ILE B 996 -42.29 31.65 -37.35
C ILE B 996 -40.77 31.69 -37.46
N VAL B 997 -40.24 32.48 -38.38
CA VAL B 997 -38.81 32.63 -38.63
C VAL B 997 -38.36 34.04 -38.26
N ILE B 998 -37.38 34.15 -37.38
CA ILE B 998 -36.82 35.41 -36.89
C ILE B 998 -35.41 35.59 -37.45
N ASN B 999 -35.12 36.72 -38.09
CA ASN B 999 -33.80 37.01 -38.66
C ASN B 999 -33.28 38.42 -38.32
N GLN B 1000 -34.07 39.20 -37.62
CA GLN B 1000 -33.78 40.57 -37.20
C GLN B 1000 -34.35 40.76 -35.80
N GLU B 1001 -33.94 41.79 -35.07
CA GLU B 1001 -34.43 41.98 -33.72
C GLU B 1001 -35.93 42.27 -33.63
N PRO B 1002 -36.75 41.41 -33.01
CA PRO B 1002 -38.13 41.74 -32.73
C PRO B 1002 -38.23 43.06 -31.96
N SER B 1003 -39.25 43.88 -32.18
CA SER B 1003 -39.42 45.14 -31.47
C SER B 1003 -39.65 44.93 -29.98
N ASP B 1004 -39.59 46.01 -29.21
CA ASP B 1004 -39.79 45.93 -27.75
C ASP B 1004 -41.12 45.29 -27.37
N ILE B 1005 -42.17 45.43 -28.18
CA ILE B 1005 -43.46 44.82 -27.88
C ILE B 1005 -43.46 43.36 -28.28
N SER B 1006 -42.87 42.99 -29.41
CA SER B 1006 -42.84 41.58 -29.77
C SER B 1006 -41.93 40.80 -28.83
N SER B 1007 -41.08 41.48 -28.08
CA SER B 1007 -40.23 40.86 -27.09
C SER B 1007 -41.02 40.25 -25.95
N TRP B 1008 -42.07 40.91 -25.46
CA TRP B 1008 -42.86 40.40 -24.33
C TRP B 1008 -43.53 39.08 -24.66
N VAL B 1009 -44.28 39.07 -25.76
CA VAL B 1009 -45.08 37.95 -26.21
C VAL B 1009 -44.26 36.74 -26.64
N LEU B 1010 -43.07 36.96 -27.18
CA LEU B 1010 -42.19 35.85 -27.54
C LEU B 1010 -41.58 35.22 -26.31
N ILE B 1011 -41.03 35.99 -25.36
CA ILE B 1011 -40.42 35.40 -24.15
C ILE B 1011 -41.50 34.73 -23.31
N ASP B 1012 -42.72 35.25 -23.28
CA ASP B 1012 -43.81 34.60 -22.55
C ASP B 1012 -44.10 33.22 -23.10
N LEU B 1013 -44.31 33.10 -24.41
CA LEU B 1013 -44.59 31.81 -25.03
C LEU B 1013 -43.40 30.85 -24.86
N ILE B 1014 -42.17 31.33 -25.02
CA ILE B 1014 -40.97 30.51 -24.84
C ILE B 1014 -40.89 30.01 -23.40
N SER B 1015 -41.05 30.89 -22.41
CA SER B 1015 -40.97 30.55 -21.00
C SER B 1015 -41.98 29.52 -20.53
N GLY B 1016 -43.10 29.35 -21.23
CA GLY B 1016 -44.15 28.41 -20.88
C GLY B 1016 -43.91 26.98 -21.39
N GLU B 1017 -42.81 26.74 -22.12
CA GLU B 1017 -42.44 25.45 -22.70
C GLU B 1017 -43.40 24.95 -23.80
N LEU B 1018 -44.24 25.84 -24.32
CA LEU B 1018 -45.24 25.57 -25.36
C LEU B 1018 -44.65 25.55 -26.78
N LEU B 1019 -43.57 26.29 -27.00
CA LEU B 1019 -42.89 26.45 -28.27
C LEU B 1019 -41.59 25.64 -28.36
N ASN B 1020 -41.40 24.94 -29.46
CA ASN B 1020 -40.15 24.29 -29.80
C ASN B 1020 -39.35 25.27 -30.67
N MET B 1021 -38.04 25.17 -30.61
CA MET B 1021 -37.14 25.99 -31.38
C MET B 1021 -36.11 25.13 -32.08
N ASP B 1022 -35.81 25.49 -33.31
CA ASP B 1022 -34.82 24.89 -34.18
C ASP B 1022 -34.12 26.03 -34.89
N VAL B 1023 -32.99 25.78 -35.52
CA VAL B 1023 -32.22 26.83 -36.16
C VAL B 1023 -31.84 26.49 -37.59
N ILE B 1024 -31.87 27.48 -38.48
CA ILE B 1024 -31.48 27.29 -39.88
C ILE B 1024 -29.96 27.56 -39.91
N PRO B 1025 -29.11 26.55 -40.11
CA PRO B 1025 -27.68 26.76 -40.07
C PRO B 1025 -27.16 27.64 -41.20
N MET B 1026 -25.90 28.05 -41.09
CA MET B 1026 -25.18 28.87 -42.07
C MET B 1026 -23.77 28.34 -42.33
N VAL B 1027 -23.23 28.63 -43.52
CA VAL B 1027 -21.88 28.25 -44.00
C VAL B 1027 -21.61 26.74 -43.91
N GLU B 1041 -16.92 34.88 -40.11
CA GLU B 1041 -17.38 36.17 -39.60
C GLU B 1041 -18.24 36.01 -38.33
N ILE B 1042 -18.47 37.12 -37.61
CA ILE B 1042 -19.28 37.18 -36.38
C ILE B 1042 -20.69 36.62 -36.59
N ARG B 1043 -21.28 36.90 -37.75
CA ARG B 1043 -22.65 36.52 -38.13
C ARG B 1043 -22.95 35.03 -38.08
N THR B 1044 -21.98 34.13 -38.21
CA THR B 1044 -22.26 32.69 -38.13
C THR B 1044 -22.75 32.28 -36.74
N LEU B 1045 -22.40 33.04 -35.69
CA LEU B 1045 -22.83 32.81 -34.31
C LEU B 1045 -24.24 33.35 -34.04
N THR B 1046 -24.96 33.87 -35.03
CA THR B 1046 -26.31 34.44 -34.87
C THR B 1046 -27.21 34.12 -36.08
N PRO B 1047 -27.47 32.83 -36.35
CA PRO B 1047 -28.30 32.37 -37.46
C PRO B 1047 -29.80 32.63 -37.27
N PRO B 1048 -30.64 32.66 -38.33
CA PRO B 1048 -32.07 32.82 -38.21
C PRO B 1048 -32.67 31.66 -37.41
N LEU B 1049 -33.62 31.97 -36.52
CA LEU B 1049 -34.24 31.04 -35.59
C LEU B 1049 -35.68 30.68 -35.98
N ILE B 1050 -36.07 29.41 -35.91
CA ILE B 1050 -37.42 28.96 -36.24
C ILE B 1050 -38.16 28.51 -34.98
N ILE B 1051 -39.42 28.90 -34.86
CA ILE B 1051 -40.30 28.63 -33.73
C ILE B 1051 -41.55 27.90 -34.18
N TYR B 1052 -42.02 26.90 -33.46
CA TYR B 1052 -43.28 26.22 -33.79
C TYR B 1052 -43.92 25.55 -32.57
N ALA B 1053 -45.24 25.33 -32.61
CA ALA B 1053 -45.97 24.70 -31.52
C ALA B 1053 -45.59 23.24 -31.37
N ASN B 1054 -45.47 22.76 -30.14
CA ASN B 1054 -45.01 21.41 -29.85
C ASN B 1054 -45.96 20.28 -30.30
N SER B 1055 -47.26 20.48 -30.21
CA SER B 1055 -48.25 19.45 -30.55
C SER B 1055 -49.66 20.07 -30.67
N GLN B 1056 -50.71 19.26 -30.49
CA GLN B 1056 -52.11 19.68 -30.49
C GLN B 1056 -52.44 20.66 -29.33
N THR B 1057 -51.52 20.90 -28.40
CA THR B 1057 -51.68 21.80 -27.25
C THR B 1057 -52.13 23.22 -27.63
N LYS B 1058 -53.09 23.76 -26.88
CA LYS B 1058 -53.72 25.08 -27.07
C LYS B 1058 -52.87 26.24 -26.57
N LEU B 1059 -52.90 27.38 -27.26
CA LEU B 1059 -52.18 28.60 -26.88
C LEU B 1059 -53.14 29.71 -26.43
N ASN B 1060 -54.32 29.82 -27.04
CA ASN B 1060 -55.34 30.79 -26.65
C ASN B 1060 -55.94 30.48 -25.26
N THR B 1061 -56.08 31.48 -24.40
CA THR B 1061 -56.75 31.35 -23.09
C THR B 1061 -58.27 31.22 -23.25
N ALA B 1062 -58.98 30.75 -22.22
CA ALA B 1062 -60.44 30.61 -22.26
C ALA B 1062 -61.16 31.96 -22.46
N ARG B 1063 -62.41 31.93 -22.96
CA ARG B 1063 -63.23 33.12 -23.26
C ARG B 1063 -63.43 34.02 -22.04
N LYS B 1064 -63.44 35.34 -22.26
CA LYS B 1064 -63.56 36.33 -21.18
C LYS B 1064 -64.94 36.32 -20.52
N SER B 1065 -64.96 36.35 -19.20
CA SER B 1065 -66.14 36.47 -18.36
C SER B 1065 -66.43 37.95 -18.12
N ALA B 1066 -67.65 38.29 -17.73
CA ALA B 1066 -68.09 39.66 -17.48
C ALA B 1066 -67.56 40.27 -16.16
N VAL B 1067 -66.24 40.34 -15.98
CA VAL B 1067 -65.63 40.93 -14.78
C VAL B 1067 -65.82 42.45 -14.79
N LYS B 1068 -66.82 42.94 -14.07
CA LYS B 1068 -67.28 44.34 -14.11
C LYS B 1068 -66.29 45.29 -13.47
N VAL B 1069 -66.08 46.45 -14.08
CA VAL B 1069 -65.20 47.50 -13.54
C VAL B 1069 -65.74 48.03 -12.22
N PRO B 1070 -64.92 48.21 -11.17
CA PRO B 1070 -65.39 48.78 -9.92
C PRO B 1070 -65.83 50.24 -10.12
N LEU B 1071 -67.07 50.58 -9.75
CA LEU B 1071 -67.72 51.87 -9.96
C LEU B 1071 -68.51 52.28 -8.71
N GLY B 1072 -68.87 53.55 -8.59
CA GLY B 1072 -69.65 54.05 -7.45
C GLY B 1072 -70.24 55.45 -7.68
N LYS B 1073 -70.44 56.22 -6.59
CA LYS B 1073 -70.96 57.59 -6.67
C LYS B 1073 -70.06 58.46 -7.58
N PRO B 1074 -70.57 59.49 -8.26
CA PRO B 1074 -69.74 60.29 -9.17
C PRO B 1074 -68.51 60.92 -8.52
N PHE B 1075 -67.42 61.02 -9.28
CA PHE B 1075 -66.09 61.42 -8.81
C PHE B 1075 -65.45 60.58 -7.68
N SER B 1076 -66.07 59.51 -7.17
CA SER B 1076 -65.53 58.73 -6.05
C SER B 1076 -64.24 57.96 -6.31
N ARG B 1077 -63.87 57.73 -7.57
CA ARG B 1077 -62.65 57.03 -7.98
C ARG B 1077 -62.01 57.87 -9.09
N LEU B 1078 -60.72 57.75 -9.35
CA LEU B 1078 -60.09 58.54 -10.42
C LEU B 1078 -60.72 58.29 -11.79
N TRP B 1079 -61.12 57.05 -12.07
CA TRP B 1079 -61.73 56.63 -13.33
C TRP B 1079 -63.24 56.84 -13.45
N VAL B 1080 -63.93 57.40 -12.44
CA VAL B 1080 -65.38 57.68 -12.50
C VAL B 1080 -65.59 59.18 -12.55
N ASN B 1081 -66.25 59.69 -13.60
CA ASN B 1081 -66.50 61.13 -13.77
C ASN B 1081 -67.77 61.64 -13.03
N GLY B 1082 -68.17 62.89 -13.28
CA GLY B 1082 -69.33 63.53 -12.66
C GLY B 1082 -70.69 63.01 -13.11
N SER B 1083 -70.81 62.46 -14.32
CA SER B 1083 -72.06 61.84 -14.79
C SER B 1083 -72.19 60.39 -14.30
N GLY B 1084 -71.25 59.94 -13.45
CA GLY B 1084 -71.21 58.58 -12.88
C GLY B 1084 -70.80 57.51 -13.90
N SER B 1085 -69.90 57.82 -14.83
CA SER B 1085 -69.50 56.95 -15.94
C SER B 1085 -68.00 56.64 -15.94
N ILE B 1086 -67.65 55.47 -16.47
CA ILE B 1086 -66.26 55.04 -16.60
C ILE B 1086 -65.51 55.88 -17.63
N ARG B 1087 -64.40 56.50 -17.24
CA ARG B 1087 -63.49 57.23 -18.11
C ARG B 1087 -62.62 56.14 -18.75
N PRO B 1088 -62.88 55.67 -19.98
CA PRO B 1088 -62.22 54.48 -20.48
C PRO B 1088 -60.71 54.70 -20.60
N ASN B 1089 -60.30 55.90 -20.98
CA ASN B 1089 -58.90 56.29 -21.07
C ASN B 1089 -58.18 56.11 -19.72
N ILE B 1090 -58.69 56.72 -18.65
CA ILE B 1090 -58.06 56.65 -17.33
C ILE B 1090 -58.07 55.22 -16.80
N TRP B 1091 -59.14 54.47 -16.99
CA TRP B 1091 -59.17 53.07 -16.55
C TRP B 1091 -58.11 52.24 -17.25
N LYS B 1092 -57.97 52.36 -18.58
CA LYS B 1092 -56.92 51.68 -19.33
C LYS B 1092 -55.54 52.11 -18.86
N GLN B 1093 -55.35 53.37 -18.50
CA GLN B 1093 -54.08 53.85 -17.99
C GLN B 1093 -53.78 53.30 -16.59
N VAL B 1094 -54.69 53.37 -15.62
CA VAL B 1094 -54.40 52.89 -14.26
C VAL B 1094 -54.22 51.38 -14.20
N VAL B 1095 -54.96 50.61 -14.97
CA VAL B 1095 -54.79 49.16 -14.95
C VAL B 1095 -53.42 48.80 -15.53
N THR B 1096 -52.98 49.51 -16.57
CA THR B 1096 -51.66 49.30 -17.14
C THR B 1096 -50.56 49.67 -16.15
N MET B 1097 -50.69 50.83 -15.49
CA MET B 1097 -49.76 51.30 -14.48
C MET B 1097 -49.59 50.29 -13.35
N VAL B 1098 -50.67 49.75 -12.78
CA VAL B 1098 -50.55 48.79 -11.68
C VAL B 1098 -49.92 47.50 -12.12
N VAL B 1099 -50.24 46.97 -13.29
CA VAL B 1099 -49.59 45.76 -13.78
C VAL B 1099 -48.10 46.03 -14.03
N ASN B 1100 -47.72 47.19 -14.59
CA ASN B 1100 -46.32 47.54 -14.82
C ASN B 1100 -45.44 47.44 -13.57
N GLU B 1101 -45.93 47.86 -12.40
CA GLU B 1101 -45.15 47.78 -11.17
C GLU B 1101 -45.14 46.37 -10.57
N ILE B 1102 -46.18 45.57 -10.76
CA ILE B 1102 -46.24 44.21 -10.24
C ILE B 1102 -45.40 43.24 -11.09
N ILE B 1103 -45.13 43.49 -12.37
CA ILE B 1103 -44.31 42.58 -13.20
C ILE B 1103 -42.93 42.35 -12.61
N PHE B 1104 -42.11 43.40 -12.47
CA PHE B 1104 -40.74 43.27 -11.98
C PHE B 1104 -40.61 43.05 -10.48
N HIS B 1105 -41.69 43.18 -9.73
CA HIS B 1105 -41.70 43.00 -8.30
C HIS B 1105 -42.64 41.86 -7.89
N PRO B 1106 -42.40 40.61 -8.30
CA PRO B 1106 -43.24 39.51 -7.92
C PRO B 1106 -43.34 39.42 -6.42
N GLY B 1107 -44.55 39.32 -5.92
CA GLY B 1107 -44.85 39.24 -4.50
C GLY B 1107 -45.23 40.57 -3.90
N ILE B 1108 -45.18 41.69 -4.62
CA ILE B 1108 -45.47 43.00 -4.04
C ILE B 1108 -46.80 43.07 -3.32
N THR B 1109 -46.76 43.61 -2.11
CA THR B 1109 -47.91 43.75 -1.21
C THR B 1109 -48.65 45.05 -1.46
N LEU B 1110 -49.92 45.13 -1.09
CA LEU B 1110 -50.76 46.31 -1.31
C LEU B 1110 -50.19 47.56 -0.64
N SER B 1111 -49.58 47.44 0.53
CA SER B 1111 -48.98 48.56 1.24
C SER B 1111 -47.79 49.12 0.47
N ARG B 1112 -46.86 48.25 0.05
CA ARG B 1112 -45.68 48.67 -0.71
C ARG B 1112 -46.11 49.30 -2.03
N LEU B 1113 -47.11 48.72 -2.69
CA LEU B 1113 -47.62 49.20 -3.97
C LEU B 1113 -48.25 50.56 -3.86
N GLN B 1114 -48.89 50.88 -2.74
CA GLN B 1114 -49.48 52.21 -2.57
C GLN B 1114 -48.39 53.28 -2.50
N SER B 1115 -47.25 52.98 -1.89
CA SER B 1115 -46.15 53.93 -1.79
C SER B 1115 -45.64 54.35 -3.16
N ARG B 1116 -45.51 53.43 -4.11
CA ARG B 1116 -45.04 53.74 -5.47
C ARG B 1116 -46.03 54.53 -6.34
N CYS B 1117 -47.32 54.47 -6.02
CA CYS B 1117 -48.42 55.15 -6.72
C CYS B 1117 -49.06 56.31 -5.95
N ARG B 1118 -48.46 56.78 -4.86
CA ARG B 1118 -49.06 57.79 -3.96
C ARG B 1118 -49.48 59.10 -4.60
N GLU B 1119 -48.82 59.53 -5.66
CA GLU B 1119 -49.17 60.78 -6.35
C GLU B 1119 -50.40 60.62 -7.26
N VAL B 1120 -50.97 59.42 -7.35
CA VAL B 1120 -52.14 59.09 -8.17
C VAL B 1120 -53.26 58.39 -7.41
N LEU B 1121 -53.05 57.16 -6.93
CA LEU B 1121 -54.09 56.34 -6.29
C LEU B 1121 -54.04 56.12 -4.77
N SER B 1122 -55.20 56.19 -4.13
CA SER B 1122 -55.39 55.84 -2.71
C SER B 1122 -55.27 54.33 -2.52
N LEU B 1123 -55.15 53.83 -1.29
CA LEU B 1123 -55.07 52.39 -1.07
C LEU B 1123 -56.35 51.67 -1.50
N HIS B 1124 -57.51 52.27 -1.25
CA HIS B 1124 -58.79 51.68 -1.64
C HIS B 1124 -58.86 51.49 -3.15
N GLU B 1125 -58.44 52.48 -3.92
CA GLU B 1125 -58.42 52.37 -5.38
C GLU B 1125 -57.51 51.24 -5.87
N ILE B 1126 -56.42 50.92 -5.16
CA ILE B 1126 -55.53 49.83 -5.56
C ILE B 1126 -56.16 48.51 -5.16
N SER B 1127 -56.93 48.45 -4.07
CA SER B 1127 -57.66 47.24 -3.67
C SER B 1127 -58.70 46.90 -4.75
N GLU B 1128 -59.34 47.92 -5.33
CA GLU B 1128 -60.27 47.77 -6.44
C GLU B 1128 -59.54 47.23 -7.69
N ILE B 1129 -58.46 47.87 -8.12
CA ILE B 1129 -57.72 47.43 -9.31
C ILE B 1129 -57.18 46.02 -9.14
N CYS B 1130 -56.55 45.69 -8.01
CA CYS B 1130 -56.02 44.35 -7.78
C CYS B 1130 -57.13 43.30 -7.75
N LYS B 1131 -58.31 43.60 -7.20
CA LYS B 1131 -59.40 42.62 -7.19
C LYS B 1131 -59.86 42.34 -8.62
N TRP B 1132 -60.03 43.35 -9.46
CA TRP B 1132 -60.41 43.14 -10.85
C TRP B 1132 -59.40 42.30 -11.62
N LEU B 1133 -58.11 42.60 -11.45
CA LEU B 1133 -57.05 41.86 -12.11
C LEU B 1133 -56.97 40.41 -11.64
N LEU B 1134 -57.29 40.12 -10.38
CA LEU B 1134 -57.33 38.74 -9.89
C LEU B 1134 -58.50 38.01 -10.55
N GLU B 1135 -59.66 38.67 -10.68
CA GLU B 1135 -60.83 38.06 -11.31
C GLU B 1135 -60.61 37.79 -12.79
N ARG B 1136 -59.80 38.59 -13.49
CA ARG B 1136 -59.41 38.34 -14.88
C ARG B 1136 -58.21 37.41 -15.03
N GLN B 1137 -57.70 36.85 -13.95
CA GLN B 1137 -56.55 35.96 -13.96
C GLN B 1137 -55.23 36.56 -14.47
N VAL B 1138 -55.07 37.88 -14.47
CA VAL B 1138 -53.81 38.55 -14.85
C VAL B 1138 -52.78 38.40 -13.72
N LEU B 1139 -53.26 38.31 -12.48
CA LEU B 1139 -52.48 38.14 -11.25
C LEU B 1139 -52.89 36.89 -10.47
N ILE B 1140 -52.01 36.35 -9.65
CA ILE B 1140 -52.22 35.24 -8.71
C ILE B 1140 -51.79 35.77 -7.34
N THR B 1141 -52.50 35.45 -6.26
CA THR B 1141 -52.06 35.88 -4.95
C THR B 1141 -50.95 34.98 -4.44
N THR B 1142 -49.75 35.50 -4.19
CA THR B 1142 -48.71 34.71 -3.52
C THR B 1142 -49.19 34.43 -2.10
N ASP B 1143 -48.52 33.52 -1.39
CA ASP B 1143 -48.84 33.36 0.02
C ASP B 1143 -48.47 34.70 0.70
N PHE B 1144 -48.99 34.94 1.90
CA PHE B 1144 -48.76 36.17 2.64
C PHE B 1144 -49.19 37.45 1.92
N ASP B 1145 -50.30 37.38 1.19
CA ASP B 1145 -50.99 38.51 0.54
C ASP B 1145 -50.19 39.35 -0.46
N GLY B 1146 -49.36 38.74 -1.28
CA GLY B 1146 -48.62 39.43 -2.33
C GLY B 1146 -49.26 39.20 -3.69
N TYR B 1147 -48.90 39.97 -4.71
CA TYR B 1147 -49.41 39.82 -6.06
C TYR B 1147 -48.30 39.38 -7.01
N TRP B 1148 -48.61 38.47 -7.93
CA TRP B 1148 -47.65 37.89 -8.87
C TRP B 1148 -48.31 37.80 -10.25
N VAL B 1149 -47.67 38.33 -11.29
CA VAL B 1149 -48.21 38.37 -12.65
C VAL B 1149 -48.19 37.01 -13.34
N ASN B 1150 -49.34 36.56 -13.82
CA ASN B 1150 -49.56 35.32 -14.54
C ASN B 1150 -49.05 35.38 -16.00
N HIS B 1151 -49.05 34.24 -16.71
CA HIS B 1151 -48.75 34.24 -18.15
C HIS B 1151 -49.85 35.00 -18.88
N ASN B 1152 -49.59 35.49 -20.09
CA ASN B 1152 -50.54 36.26 -20.88
C ASN B 1152 -51.01 37.56 -20.23
N TRP B 1153 -50.22 38.16 -19.34
CA TRP B 1153 -50.56 39.40 -18.65
C TRP B 1153 -50.80 40.63 -19.50
N TYR B 1154 -50.22 40.71 -20.70
CA TYR B 1154 -50.43 41.84 -21.61
C TYR B 1154 -51.79 41.82 -22.27
N SER B 1155 -52.55 40.72 -22.20
CA SER B 1155 -53.87 40.57 -22.81
C SER B 1155 -55.03 41.23 -22.04
N ILE B 1156 -54.88 42.50 -21.64
CA ILE B 1156 -55.93 43.23 -20.94
C ILE B 1156 -57.07 43.64 -21.90
N TYR B 1157 -56.81 44.47 -22.91
CA TYR B 1157 -57.85 45.04 -23.77
C TYR B 1157 -57.42 45.16 -25.23
N GLU B 1158 -58.39 45.15 -26.15
CA GLU B 1158 -58.14 45.31 -27.59
C GLU B 1158 -58.02 46.79 -27.95
N SER B 1159 -57.00 47.18 -28.73
CA SER B 1159 -56.72 48.56 -29.13
C SER B 1159 -55.57 48.60 -30.15
N THR B 1160 -55.28 49.82 -30.62
CA THR B 1160 -54.18 50.17 -31.55
C THR B 1160 -54.34 49.56 -32.94
N GLU C 127 91.23 22.37 57.66
CA GLU C 127 90.23 23.38 58.11
C GLU C 127 88.81 22.81 58.26
N VAL C 128 88.09 22.51 57.16
CA VAL C 128 86.69 22.00 57.20
C VAL C 128 86.51 20.73 58.04
N ALA C 129 87.53 19.87 58.13
CA ALA C 129 87.47 18.66 58.95
C ALA C 129 87.20 18.95 60.44
N GLN C 130 87.59 20.14 60.95
CA GLN C 130 87.36 20.54 62.33
C GLN C 130 85.85 20.68 62.59
N LEU C 131 85.13 21.38 61.71
CA LEU C 131 83.67 21.57 61.80
C LEU C 131 82.95 20.22 61.69
N LEU C 132 83.35 19.38 60.74
CA LEU C 132 82.75 18.06 60.57
C LEU C 132 82.99 17.16 61.78
N SER C 133 84.17 17.22 62.40
CA SER C 133 84.45 16.44 63.61
C SER C 133 83.57 16.95 64.76
N GLN C 134 83.56 18.25 65.00
CA GLN C 134 82.74 18.87 66.06
C GLN C 134 81.25 18.57 65.88
N ALA C 135 80.75 18.62 64.64
CA ALA C 135 79.36 18.32 64.34
C ALA C 135 79.04 16.84 64.60
N ASN C 136 79.90 15.91 64.16
CA ASN C 136 79.72 14.49 64.41
C ASN C 136 79.86 14.16 65.91
N GLU C 137 80.72 14.85 66.65
CA GLU C 137 80.86 14.67 68.10
C GLU C 137 79.54 15.09 68.78
N ALA C 138 78.97 16.25 68.39
CA ALA C 138 77.70 16.72 68.90
C ALA C 138 76.57 15.73 68.56
N PHE C 139 76.60 15.13 67.36
CA PHE C 139 75.64 14.09 66.94
C PHE C 139 75.74 12.87 67.86
N VAL C 140 76.95 12.43 68.22
CA VAL C 140 77.18 11.31 69.15
C VAL C 140 76.66 11.67 70.55
N ARG C 141 76.80 12.93 70.98
CA ARG C 141 76.27 13.46 72.26
C ARG C 141 74.74 13.65 72.23
N ASN C 142 74.06 13.31 71.14
CA ASN C 142 72.61 13.51 70.89
C ASN C 142 72.20 15.00 70.91
N ASP C 143 73.17 15.90 70.73
CA ASP C 143 73.02 17.36 70.67
C ASP C 143 72.75 17.73 69.21
N LEU C 144 71.67 17.16 68.65
CA LEU C 144 71.33 17.24 67.23
C LEU C 144 71.15 18.66 66.67
N GLN C 145 70.63 19.62 67.43
CA GLN C 145 70.50 21.00 66.92
C GLN C 145 71.88 21.67 66.82
N VAL C 146 72.79 21.40 67.77
CA VAL C 146 74.17 21.92 67.72
C VAL C 146 74.92 21.24 66.57
N ALA C 147 74.72 19.93 66.39
CA ALA C 147 75.32 19.18 65.29
C ALA C 147 74.86 19.80 63.96
N GLU C 148 73.56 20.03 63.79
CA GLU C 148 73.00 20.68 62.60
C GLU C 148 73.63 22.06 62.37
N ARG C 149 73.69 22.91 63.39
CA ARG C 149 74.28 24.26 63.27
C ARG C 149 75.72 24.18 62.78
N LEU C 150 76.51 23.24 63.29
CA LEU C 150 77.90 23.03 62.86
C LEU C 150 77.96 22.48 61.42
N PHE C 151 77.12 21.51 61.05
CA PHE C 151 77.06 21.00 59.67
C PHE C 151 76.64 22.11 58.70
N ASN C 152 75.74 23.01 59.12
CA ASN C 152 75.28 24.14 58.32
C ASN C 152 76.44 25.08 58.00
N GLU C 153 77.44 25.23 58.87
CA GLU C 153 78.61 26.08 58.59
C GLU C 153 79.34 25.59 57.33
N VAL C 154 79.37 24.27 57.08
CA VAL C 154 80.00 23.65 55.91
C VAL C 154 79.02 23.59 54.72
N ILE C 155 77.77 23.20 54.95
CA ILE C 155 76.74 23.11 53.89
C ILE C 155 76.52 24.49 53.23
N LYS C 156 76.70 25.60 53.97
CA LYS C 156 76.59 26.96 53.44
C LYS C 156 77.63 27.23 52.34
N LYS C 157 78.82 26.61 52.45
CA LYS C 157 79.92 26.71 51.47
C LYS C 157 79.72 25.73 50.30
N ASP C 158 79.18 24.55 50.57
CA ASP C 158 78.91 23.50 49.58
C ASP C 158 77.63 22.71 49.89
N ALA C 159 76.58 22.97 49.11
CA ALA C 159 75.29 22.30 49.25
C ALA C 159 75.32 20.77 48.99
N ARG C 160 76.38 20.26 48.33
CA ARG C 160 76.55 18.83 48.01
C ARG C 160 77.49 18.09 48.98
N ASN C 161 77.77 18.66 50.16
CA ASN C 161 78.69 18.08 51.17
C ASN C 161 78.19 16.76 51.82
N PHE C 162 78.36 15.65 51.12
CA PHE C 162 77.96 14.30 51.56
C PHE C 162 78.53 13.92 52.94
N ALA C 163 79.73 14.38 53.29
CA ALA C 163 80.36 14.09 54.58
C ALA C 163 79.51 14.59 55.77
N ALA C 164 78.70 15.62 55.57
CA ALA C 164 77.75 16.10 56.57
C ALA C 164 76.48 15.24 56.51
N TYR C 165 75.92 15.03 55.30
CA TYR C 165 74.70 14.25 55.12
C TYR C 165 74.79 12.79 55.60
N GLU C 166 75.98 12.19 55.71
CA GLU C 166 76.14 10.83 56.27
C GLU C 166 75.57 10.71 57.70
N THR C 167 75.40 11.83 58.43
CA THR C 167 74.83 11.88 59.77
C THR C 167 73.78 13.00 59.89
N LEU C 168 73.89 14.12 59.17
CA LEU C 168 72.84 15.14 59.15
C LEU C 168 71.56 14.54 58.53
N GLY C 169 71.72 13.68 57.53
CA GLY C 169 70.58 12.98 56.93
C GLY C 169 69.90 12.11 57.99
N ASP C 170 70.66 11.58 58.95
CA ASP C 170 70.11 10.78 60.04
C ASP C 170 69.28 11.69 60.94
N ILE C 171 69.79 12.89 61.27
CA ILE C 171 69.08 13.90 62.07
C ILE C 171 67.76 14.28 61.39
N TYR C 172 67.81 14.56 60.09
CA TYR C 172 66.66 14.96 59.29
C TYR C 172 65.65 13.82 59.17
N GLN C 173 66.08 12.56 59.03
CA GLN C 173 65.18 11.41 58.96
C GLN C 173 64.49 11.19 60.32
N LEU C 174 65.25 11.19 61.42
CA LEU C 174 64.73 11.00 62.78
C LEU C 174 63.74 12.09 63.20
N GLN C 175 63.98 13.35 62.79
CA GLN C 175 63.10 14.48 63.07
C GLN C 175 61.93 14.61 62.06
N GLY C 176 61.78 13.65 61.14
CA GLY C 176 60.70 13.62 60.14
C GLY C 176 60.79 14.63 58.99
N ARG C 177 61.96 15.25 58.77
CA ARG C 177 62.24 16.21 57.69
C ARG C 177 62.48 15.46 56.37
N LEU C 178 61.66 14.47 56.04
CA LEU C 178 61.84 13.58 54.89
C LEU C 178 61.98 14.28 53.52
N ASN C 179 61.34 15.43 53.27
CA ASN C 179 61.50 16.16 52.00
C ASN C 179 62.94 16.66 51.86
N ASP C 180 63.47 17.34 52.87
CA ASP C 180 64.84 17.84 52.88
C ASP C 180 65.83 16.67 52.98
N CYS C 181 65.46 15.62 53.71
CA CYS C 181 66.28 14.42 53.90
C CYS C 181 66.56 13.72 52.56
N CYS C 182 65.51 13.47 51.77
CA CYS C 182 65.64 12.82 50.46
C CYS C 182 66.51 13.65 49.51
N ASN C 183 66.32 14.97 49.48
CA ASN C 183 67.13 15.86 48.65
C ASN C 183 68.59 15.87 49.13
N SER C 184 68.84 15.78 50.43
CA SER C 184 70.20 15.73 51.01
C SER C 184 70.94 14.47 50.54
N TRP C 185 70.20 13.37 50.39
CA TRP C 185 70.72 12.12 49.85
C TRP C 185 70.97 12.27 48.34
N PHE C 186 69.92 12.54 47.56
CA PHE C 186 69.94 12.62 46.10
C PHE C 186 70.92 13.63 45.49
N LEU C 187 70.90 14.91 45.89
CA LEU C 187 71.78 15.91 45.28
C LEU C 187 73.25 15.66 45.59
N ALA C 188 73.57 15.19 46.80
CA ALA C 188 74.96 14.88 47.17
C ALA C 188 75.42 13.56 46.55
N ALA C 189 74.55 12.55 46.53
CA ALA C 189 74.85 11.23 45.97
C ALA C 189 75.10 11.29 44.46
N HIS C 190 74.65 12.33 43.72
CA HIS C 190 74.99 12.49 42.30
C HIS C 190 76.50 12.29 42.11
N LEU C 191 77.25 12.87 43.06
CA LEU C 191 78.70 12.81 43.17
C LEU C 191 79.12 11.54 43.93
N ASN C 192 78.58 11.37 45.14
CA ASN C 192 78.86 10.23 46.05
C ASN C 192 77.96 9.01 45.77
N ALA C 193 78.02 8.53 44.52
CA ALA C 193 77.25 7.38 44.03
C ALA C 193 77.75 5.99 44.49
N SER C 194 78.93 5.90 45.10
CA SER C 194 79.55 4.61 45.49
C SER C 194 78.84 3.82 46.60
N ASP C 195 78.03 4.46 47.45
CA ASP C 195 77.16 3.79 48.45
C ASP C 195 75.91 3.30 47.68
N TRP C 196 76.12 2.46 46.66
CA TRP C 196 75.11 2.09 45.68
C TRP C 196 73.85 1.41 46.19
N GLU C 197 73.92 0.57 47.22
CA GLU C 197 72.71 -0.09 47.78
C GLU C 197 71.70 0.95 48.30
N PHE C 198 72.20 2.10 48.78
CA PHE C 198 71.39 3.17 49.32
C PHE C 198 70.50 3.84 48.26
N TRP C 199 70.87 3.80 46.96
CA TRP C 199 70.04 4.40 45.91
C TRP C 199 68.61 3.84 45.90
N LYS C 200 68.42 2.60 46.36
CA LYS C 200 67.10 1.97 46.48
C LYS C 200 66.24 2.77 47.46
N ILE C 201 66.81 3.15 48.61
CA ILE C 201 66.15 3.95 49.64
C ILE C 201 65.86 5.35 49.10
N VAL C 202 66.83 5.97 48.41
CA VAL C 202 66.62 7.29 47.78
C VAL C 202 65.47 7.23 46.76
N ALA C 203 65.43 6.19 45.93
CA ALA C 203 64.38 5.99 44.93
C ALA C 203 62.99 5.84 45.58
N ILE C 204 62.89 4.98 46.60
CA ILE C 204 61.66 4.69 47.32
C ILE C 204 61.09 5.97 47.93
N LEU C 205 61.87 6.71 48.72
CA LEU C 205 61.38 7.93 49.36
C LEU C 205 60.98 8.99 48.30
N SER C 206 61.76 9.11 47.22
CA SER C 206 61.43 10.04 46.14
C SER C 206 60.07 9.71 45.53
N ALA C 207 59.77 8.43 45.32
CA ALA C 207 58.49 7.98 44.79
C ALA C 207 57.35 8.28 45.79
N ASP C 208 57.56 8.05 47.09
CA ASP C 208 56.55 8.32 48.14
C ASP C 208 56.18 9.81 48.23
N LEU C 209 57.10 10.70 47.84
CA LEU C 209 56.95 12.17 47.80
C LEU C 209 56.53 12.69 46.41
N ASP C 210 56.20 11.81 45.46
CA ASP C 210 55.84 12.11 44.06
C ASP C 210 56.95 12.80 43.23
N HIS C 211 58.21 12.65 43.63
CA HIS C 211 59.39 13.11 42.88
C HIS C 211 59.74 11.91 41.97
N VAL C 212 58.84 11.59 41.04
CA VAL C 212 58.92 10.39 40.19
C VAL C 212 60.11 10.36 39.23
N ARG C 213 60.51 11.48 38.62
CA ARG C 213 61.71 11.52 37.74
C ARG C 213 62.93 11.09 38.53
N GLN C 214 63.09 11.69 39.71
CA GLN C 214 64.14 11.43 40.69
C GLN C 214 64.12 9.97 41.16
N ALA C 215 62.93 9.38 41.37
CA ALA C 215 62.80 7.98 41.76
C ALA C 215 63.37 7.03 40.68
N ILE C 216 63.00 7.27 39.42
CA ILE C 216 63.48 6.50 38.27
C ILE C 216 64.99 6.68 38.14
N TYR C 217 65.48 7.92 38.26
CA TYR C 217 66.91 8.25 38.16
C TYR C 217 67.71 7.54 39.26
N CYS C 218 67.16 7.41 40.46
CA CYS C 218 67.80 6.68 41.56
C CYS C 218 67.82 5.18 41.24
N PHE C 219 66.69 4.58 40.85
CA PHE C 219 66.63 3.16 40.51
C PHE C 219 67.58 2.83 39.34
N SER C 220 67.80 3.75 38.40
CA SER C 220 68.74 3.55 37.29
C SER C 220 70.15 3.30 37.86
N ARG C 221 70.59 4.08 38.85
CA ARG C 221 71.91 3.89 39.47
C ARG C 221 71.95 2.58 40.24
N VAL C 222 70.87 2.15 40.91
CA VAL C 222 70.82 0.84 41.59
C VAL C 222 71.14 -0.28 40.59
N ILE C 223 70.37 -0.33 39.49
CA ILE C 223 70.48 -1.36 38.45
C ILE C 223 71.79 -1.23 37.65
N SER C 224 72.26 0.00 37.37
CA SER C 224 73.49 0.22 36.62
C SER C 224 74.74 -0.16 37.44
N LEU C 225 74.70 0.02 38.77
CA LEU C 225 75.80 -0.36 39.66
C LEU C 225 75.73 -1.85 39.99
N ASN C 226 74.53 -2.45 40.14
CA ASN C 226 74.35 -3.90 40.32
C ASN C 226 72.94 -4.39 39.87
N PRO C 227 72.85 -5.16 38.76
CA PRO C 227 71.58 -5.72 38.28
C PRO C 227 70.95 -6.78 39.19
N MET C 228 71.71 -7.40 40.10
CA MET C 228 71.24 -8.49 40.97
C MET C 228 70.20 -8.06 42.03
N GLU C 229 70.02 -6.76 42.26
CA GLU C 229 69.00 -6.20 43.17
C GLU C 229 67.62 -6.27 42.48
N TRP C 230 67.19 -7.46 42.08
CA TRP C 230 65.99 -7.76 41.29
C TRP C 230 64.68 -7.16 41.81
N GLU C 231 64.48 -7.05 43.12
CA GLU C 231 63.26 -6.42 43.66
C GLU C 231 63.17 -4.94 43.22
N SER C 232 64.30 -4.30 42.94
CA SER C 232 64.37 -2.91 42.45
C SER C 232 63.80 -2.81 41.03
N ILE C 233 63.97 -3.85 40.20
CA ILE C 233 63.41 -3.89 38.85
C ILE C 233 61.87 -3.95 38.96
N TYR C 234 61.35 -4.75 39.89
CA TYR C 234 59.93 -4.87 40.15
C TYR C 234 59.34 -3.53 40.67
N ARG C 235 59.97 -2.94 41.71
CA ARG C 235 59.53 -1.66 42.30
C ARG C 235 59.53 -0.55 41.26
N ARG C 236 60.61 -0.44 40.47
CA ARG C 236 60.69 0.52 39.35
C ARG C 236 59.59 0.24 38.32
N SER C 237 59.29 -1.03 38.06
CA SER C 237 58.21 -1.39 37.12
C SER C 237 56.84 -0.89 37.58
N MET C 238 56.62 -0.65 38.87
CA MET C 238 55.36 -0.07 39.36
C MET C 238 55.28 1.41 38.92
N LEU C 239 56.39 2.16 38.97
CA LEU C 239 56.43 3.56 38.49
C LEU C 239 56.09 3.59 36.99
N TYR C 240 56.64 2.61 36.26
CA TYR C 240 56.37 2.45 34.84
C TYR C 240 54.89 2.10 34.60
N LYS C 241 54.29 1.22 35.42
CA LYS C 241 52.87 0.83 35.34
C LYS C 241 51.95 2.03 35.59
N LYS C 242 52.27 2.86 36.59
CA LYS C 242 51.53 4.08 36.97
C LYS C 242 51.45 5.16 35.87
N THR C 243 52.43 5.20 34.96
CA THR C 243 52.54 6.23 33.90
C THR C 243 52.58 5.71 32.46
N GLY C 244 52.44 4.40 32.23
CA GLY C 244 52.46 3.78 30.90
C GLY C 244 53.83 3.63 30.24
N GLN C 245 54.93 3.77 31.01
CA GLN C 245 56.32 3.64 30.54
C GLN C 245 56.74 2.14 30.46
N LEU C 246 55.82 1.29 30.03
CA LEU C 246 55.95 -0.18 30.00
C LEU C 246 57.06 -0.75 29.12
N ALA C 247 57.46 -0.08 28.05
CA ALA C 247 58.50 -0.59 27.15
C ALA C 247 59.85 -0.81 27.86
N ARG C 248 60.11 -0.06 28.94
CA ARG C 248 61.31 -0.19 29.79
C ARG C 248 61.18 -1.37 30.77
N ALA C 249 59.94 -1.67 31.19
CA ALA C 249 59.61 -2.75 32.11
C ALA C 249 59.62 -4.14 31.45
N LEU C 250 59.15 -4.23 30.21
CA LEU C 250 59.00 -5.51 29.50
C LEU C 250 60.29 -6.35 29.40
N ASP C 251 61.38 -5.81 28.85
CA ASP C 251 62.65 -6.55 28.75
C ASP C 251 63.20 -6.90 30.14
N GLY C 252 62.95 -6.02 31.13
CA GLY C 252 63.33 -6.22 32.52
C GLY C 252 62.57 -7.41 33.14
N PHE C 253 61.27 -7.51 32.92
CA PHE C 253 60.48 -8.63 33.41
C PHE C 253 60.89 -9.92 32.70
N GLN C 254 61.24 -9.88 31.40
CA GLN C 254 61.73 -11.07 30.68
C GLN C 254 63.03 -11.56 31.34
N ARG C 255 63.94 -10.64 31.69
CA ARG C 255 65.19 -10.94 32.41
C ARG C 255 64.86 -11.53 33.79
N LEU C 256 63.96 -10.91 34.56
CA LEU C 256 63.51 -11.42 35.86
C LEU C 256 62.98 -12.86 35.73
N TYR C 257 62.11 -13.11 34.75
CA TYR C 257 61.57 -14.45 34.52
C TYR C 257 62.68 -15.44 34.10
N MET C 258 63.72 -15.00 33.38
CA MET C 258 64.84 -15.86 33.02
C MET C 258 65.66 -16.20 34.27
N TYR C 259 65.89 -15.23 35.16
CA TYR C 259 66.59 -15.45 36.43
C TYR C 259 65.81 -16.41 37.34
N ASN C 260 64.47 -16.33 37.35
CA ASN C 260 63.61 -17.21 38.14
C ASN C 260 62.27 -17.51 37.43
N PRO C 261 62.19 -18.60 36.64
CA PRO C 261 60.97 -19.01 35.96
C PRO C 261 59.90 -19.57 36.92
N TYR C 262 60.20 -19.65 38.22
CA TYR C 262 59.38 -20.29 39.25
C TYR C 262 58.58 -19.38 40.20
N ASP C 263 58.44 -18.07 39.91
CA ASP C 263 57.67 -17.14 40.75
C ASP C 263 56.36 -16.67 40.12
N ALA C 264 55.24 -16.90 40.81
CA ALA C 264 53.91 -16.50 40.33
C ALA C 264 53.70 -14.97 40.27
N ASN C 265 54.36 -14.19 41.11
CA ASN C 265 54.22 -12.73 41.09
C ASN C 265 54.78 -12.15 39.79
N ILE C 266 56.02 -12.51 39.41
CA ILE C 266 56.65 -12.03 38.18
C ILE C 266 55.74 -12.32 36.97
N LEU C 267 55.18 -13.53 36.91
CA LEU C 267 54.25 -13.95 35.86
C LEU C 267 53.00 -13.06 35.82
N ARG C 268 52.32 -12.86 36.96
CA ARG C 268 51.10 -12.06 37.06
C ARG C 268 51.34 -10.63 36.59
N GLU C 269 52.37 -9.97 37.09
CA GLU C 269 52.67 -8.59 36.70
C GLU C 269 53.05 -8.52 35.21
N LEU C 270 53.91 -9.41 34.72
CA LEU C 270 54.29 -9.43 33.30
C LEU C 270 53.06 -9.64 32.40
N ALA C 271 52.18 -10.57 32.77
CA ALA C 271 50.95 -10.84 32.02
C ALA C 271 50.04 -9.60 32.00
N ILE C 272 49.98 -8.86 33.12
CA ILE C 272 49.21 -7.62 33.24
C ILE C 272 49.82 -6.55 32.34
N LEU C 273 51.15 -6.42 32.28
CA LEU C 273 51.78 -5.44 31.39
C LEU C 273 51.43 -5.77 29.93
N TYR C 274 51.45 -7.03 29.51
CA TYR C 274 51.05 -7.40 28.14
C TYR C 274 49.59 -7.00 27.83
N VAL C 275 48.70 -7.00 28.83
CA VAL C 275 47.29 -6.58 28.66
C VAL C 275 47.27 -5.08 28.35
N ASP C 276 47.99 -4.27 29.12
CA ASP C 276 48.07 -2.83 28.86
C ASP C 276 48.84 -2.51 27.56
N TYR C 277 49.75 -3.40 27.15
CA TYR C 277 50.53 -3.34 25.90
C TYR C 277 49.65 -3.66 24.66
N ASP C 278 48.35 -3.86 24.86
CA ASP C 278 47.33 -4.20 23.86
C ASP C 278 47.57 -5.58 23.21
N ARG C 279 48.06 -6.53 24.01
CA ARG C 279 48.34 -7.91 23.62
C ARG C 279 47.78 -8.88 24.66
N ILE C 280 46.46 -8.80 24.88
CA ILE C 280 45.76 -9.71 25.80
C ILE C 280 45.96 -11.16 25.33
N GLU C 281 46.09 -11.36 24.01
CA GLU C 281 46.37 -12.64 23.37
C GLU C 281 47.71 -13.18 23.87
N ASP C 282 48.75 -12.35 23.89
CA ASP C 282 50.07 -12.73 24.39
C ASP C 282 50.02 -13.00 25.90
N SER C 283 49.14 -12.30 26.64
CA SER C 283 48.97 -12.54 28.06
C SER C 283 48.46 -13.97 28.28
N ILE C 284 47.52 -14.42 27.45
CA ILE C 284 47.00 -15.79 27.50
C ILE C 284 48.10 -16.76 27.01
N GLU C 285 48.90 -16.38 26.01
CA GLU C 285 50.01 -17.20 25.50
C GLU C 285 51.04 -17.47 26.61
N LEU C 286 51.36 -16.48 27.44
CA LEU C 286 52.23 -16.67 28.59
C LEU C 286 51.60 -17.72 29.53
N TYR C 287 50.29 -17.64 29.78
CA TYR C 287 49.60 -18.61 30.63
C TYR C 287 49.60 -20.03 30.05
N MET C 288 49.31 -20.20 28.76
CA MET C 288 49.21 -21.52 28.12
C MET C 288 50.46 -22.37 28.34
N LYS C 289 51.64 -21.75 28.30
CA LYS C 289 52.92 -22.43 28.50
C LYS C 289 53.06 -22.96 29.93
N VAL C 290 52.54 -22.23 30.93
CA VAL C 290 52.54 -22.67 32.34
C VAL C 290 51.56 -23.82 32.52
N PHE C 291 50.35 -23.69 31.98
CA PHE C 291 49.36 -24.78 32.07
C PHE C 291 49.92 -26.05 31.43
N ASN C 292 50.48 -25.97 30.23
CA ASN C 292 51.08 -27.11 29.54
C ASN C 292 52.15 -27.78 30.41
N ALA C 293 53.03 -27.00 31.05
CA ALA C 293 54.07 -27.54 31.93
C ALA C 293 53.46 -28.30 33.11
N ASN C 294 52.33 -27.83 33.64
CA ASN C 294 51.63 -28.51 34.72
C ASN C 294 51.03 -29.84 34.24
N VAL C 295 50.39 -29.86 33.06
CA VAL C 295 49.83 -31.09 32.50
C VAL C 295 50.94 -32.13 32.31
N GLU C 296 52.04 -31.71 31.68
CA GLU C 296 53.21 -32.56 31.44
C GLU C 296 53.76 -33.12 32.76
N ARG C 297 53.79 -32.33 33.84
CA ARG C 297 54.29 -32.81 35.14
C ARG C 297 53.44 -33.97 35.65
N ARG C 298 52.10 -33.98 35.54
CA ARG C 298 51.32 -35.13 36.03
C ARG C 298 51.55 -36.37 35.16
N GLU C 299 51.74 -36.19 33.85
CA GLU C 299 52.05 -37.34 32.98
C GLU C 299 53.38 -37.97 33.45
N ALA C 300 54.39 -37.14 33.72
CA ALA C 300 55.69 -37.55 34.23
C ALA C 300 55.62 -38.19 35.63
N ILE C 301 54.88 -37.60 36.58
CA ILE C 301 54.77 -38.09 37.97
C ILE C 301 54.14 -39.49 38.02
N LEU C 302 53.06 -39.74 37.27
CA LEU C 302 52.40 -41.06 37.26
C LEU C 302 53.20 -42.07 36.39
N ALA C 303 53.91 -41.62 35.36
CA ALA C 303 54.80 -42.50 34.60
C ALA C 303 55.94 -42.96 35.53
N ALA C 304 56.45 -42.06 36.37
CA ALA C 304 57.50 -42.38 37.34
C ALA C 304 56.94 -43.37 38.40
N LEU C 305 55.66 -43.24 38.79
CA LEU C 305 55.01 -44.20 39.68
C LEU C 305 54.98 -45.59 39.03
N GLU C 306 54.66 -45.64 37.72
CA GLU C 306 54.64 -46.90 36.98
C GLU C 306 56.05 -47.51 36.94
N ASN C 307 57.10 -46.70 36.78
CA ASN C 307 58.49 -47.18 36.80
C ASN C 307 58.83 -47.74 38.19
N ALA C 308 58.42 -47.05 39.27
CA ALA C 308 58.66 -47.51 40.63
C ALA C 308 57.93 -48.85 40.88
N LEU C 309 56.69 -48.99 40.41
CA LEU C 309 55.89 -50.21 40.52
C LEU C 309 56.48 -51.37 39.71
N ASP C 310 56.95 -51.09 38.49
CA ASP C 310 57.57 -52.08 37.59
C ASP C 310 58.98 -52.53 38.04
N SER C 311 59.66 -51.77 38.89
CA SER C 311 61.03 -52.08 39.37
C SER C 311 61.14 -53.48 40.01
N ASP C 332 55.54 -32.26 47.98
CA ASP C 332 54.14 -32.46 47.62
C ASP C 332 53.55 -33.68 48.35
N GLU C 333 52.24 -33.70 48.59
CA GLU C 333 51.59 -34.86 49.26
C GLU C 333 51.76 -36.14 48.43
N ASP C 334 51.82 -36.03 47.10
CA ASP C 334 52.05 -37.17 46.22
C ASP C 334 53.40 -37.86 46.53
N ARG C 335 54.41 -37.11 47.01
CA ARG C 335 55.71 -37.69 47.37
C ARG C 335 55.57 -38.58 48.59
N GLN C 336 54.75 -38.15 49.55
CA GLN C 336 54.46 -38.89 50.77
C GLN C 336 53.64 -40.15 50.45
N MET C 337 52.80 -40.06 49.41
CA MET C 337 51.99 -41.17 48.89
C MET C 337 52.84 -42.20 48.14
N PHE C 338 53.91 -41.77 47.46
CA PHE C 338 54.79 -42.63 46.64
C PHE C 338 56.32 -42.42 46.91
N PRO C 339 56.87 -42.66 48.12
CA PRO C 339 58.29 -42.41 48.41
C PRO C 339 59.30 -43.29 47.65
N ASP C 340 58.86 -44.37 46.97
CA ASP C 340 59.74 -45.26 46.19
C ASP C 340 60.23 -44.67 44.85
N ILE C 341 59.56 -43.63 44.33
CA ILE C 341 59.89 -42.97 43.06
C ILE C 341 61.25 -42.23 43.12
N ASN C 342 61.94 -42.11 41.98
CA ASN C 342 63.22 -41.40 41.80
C ASN C 342 62.99 -39.86 41.83
N TRP C 343 62.49 -39.34 42.95
CA TRP C 343 62.09 -37.95 43.14
C TRP C 343 63.15 -36.89 42.88
N LYS C 344 64.42 -37.15 43.15
CA LYS C 344 65.47 -36.15 42.91
C LYS C 344 65.53 -35.74 41.45
N LYS C 345 65.81 -36.69 40.53
CA LYS C 345 65.90 -36.43 39.09
C LYS C 345 64.57 -36.02 38.47
N ILE C 346 63.48 -36.74 38.77
CA ILE C 346 62.14 -36.45 38.22
C ILE C 346 61.70 -35.03 38.57
N ASP C 347 61.80 -34.61 39.84
CA ASP C 347 61.37 -33.27 40.22
C ASP C 347 62.37 -32.20 39.75
N ALA C 348 63.68 -32.49 39.71
CA ALA C 348 64.66 -31.52 39.19
C ALA C 348 64.37 -31.21 37.71
N LYS C 349 64.02 -32.25 36.93
CA LYS C 349 63.66 -32.14 35.51
C LYS C 349 62.32 -31.44 35.30
N TYR C 350 61.32 -31.71 36.14
CA TYR C 350 59.97 -31.16 36.00
C TYR C 350 59.55 -30.14 37.07
N LYS C 351 60.46 -29.24 37.45
CA LYS C 351 60.16 -28.13 38.38
C LYS C 351 59.26 -27.11 37.66
N CYS C 352 58.18 -26.63 38.28
CA CYS C 352 57.25 -25.69 37.64
C CYS C 352 56.35 -24.89 38.62
N ILE C 353 55.71 -23.82 38.12
CA ILE C 353 54.76 -23.01 38.91
C ILE C 353 53.48 -23.86 39.07
N PRO C 354 52.93 -24.08 40.28
CA PRO C 354 51.73 -24.90 40.46
C PRO C 354 50.44 -24.23 40.00
N PHE C 355 49.84 -24.73 38.92
CA PHE C 355 48.58 -24.24 38.35
C PHE C 355 47.37 -24.78 39.13
N ASP C 356 46.43 -23.92 39.51
CA ASP C 356 45.21 -24.33 40.21
C ASP C 356 44.09 -23.27 40.05
N TRP C 357 42.97 -23.37 40.77
CA TRP C 357 41.85 -22.41 40.65
C TRP C 357 42.27 -20.96 40.92
N SER C 358 43.30 -20.78 41.76
CA SER C 358 43.93 -19.49 42.07
C SER C 358 44.41 -18.81 40.78
N SER C 359 44.90 -19.61 39.82
CA SER C 359 45.33 -19.18 38.50
C SER C 359 44.13 -19.08 37.55
N LEU C 360 43.29 -20.12 37.53
CA LEU C 360 42.16 -20.23 36.60
C LEU C 360 41.09 -19.13 36.76
N ASN C 361 40.78 -18.64 37.96
CA ASN C 361 39.78 -17.57 38.09
C ASN C 361 40.24 -16.31 37.32
N ILE C 362 41.50 -15.92 37.51
CA ILE C 362 42.07 -14.77 36.81
C ILE C 362 42.22 -15.08 35.31
N LEU C 363 42.58 -16.30 34.91
CA LEU C 363 42.66 -16.67 33.48
C LEU C 363 41.28 -16.57 32.83
N ALA C 364 40.21 -16.99 33.53
CA ALA C 364 38.85 -16.85 33.02
C ALA C 364 38.53 -15.36 32.87
N GLU C 365 38.94 -14.53 33.84
CA GLU C 365 38.74 -13.08 33.73
C GLU C 365 39.58 -12.52 32.57
N LEU C 366 40.74 -13.09 32.27
CA LEU C 366 41.59 -12.68 31.15
C LEU C 366 40.85 -12.94 29.82
N PHE C 367 40.08 -14.03 29.70
CA PHE C 367 39.27 -14.27 28.51
C PHE C 367 38.12 -13.25 28.47
N LEU C 368 37.52 -12.91 29.61
CA LEU C 368 36.47 -11.89 29.67
C LEU C 368 37.05 -10.53 29.25
N LYS C 369 38.32 -10.25 29.59
CA LYS C 369 39.08 -9.05 29.18
C LYS C 369 39.36 -9.05 27.67
N LEU C 370 39.64 -10.23 27.09
CA LEU C 370 39.88 -10.40 25.65
C LEU C 370 38.66 -10.03 24.79
N ALA C 371 37.47 -10.48 25.22
CA ALA C 371 36.19 -10.22 24.52
C ALA C 371 36.16 -10.68 23.04
N VAL C 372 37.02 -11.65 22.68
CA VAL C 372 37.18 -12.27 21.35
C VAL C 372 37.52 -13.75 21.58
N SER C 373 37.18 -14.64 20.63
CA SER C 373 37.41 -16.10 20.73
C SER C 373 36.78 -16.71 21.99
N GLU C 374 35.62 -16.18 22.40
CA GLU C 374 34.90 -16.59 23.61
C GLU C 374 34.64 -18.09 23.70
N VAL C 375 34.29 -18.76 22.59
CA VAL C 375 34.08 -20.23 22.58
C VAL C 375 35.39 -20.95 22.88
N ASP C 376 36.51 -20.51 22.29
CA ASP C 376 37.83 -21.08 22.55
C ASP C 376 38.25 -20.81 24.02
N GLY C 377 37.82 -19.67 24.57
CA GLY C 377 38.03 -19.32 25.97
C GLY C 377 37.30 -20.32 26.86
N ILE C 378 36.02 -20.61 26.55
CA ILE C 378 35.20 -21.59 27.28
C ILE C 378 35.89 -22.96 27.20
N LYS C 379 36.35 -23.38 26.02
CA LYS C 379 37.07 -24.66 25.85
C LYS C 379 38.37 -24.67 26.67
N THR C 380 39.10 -23.56 26.68
CA THR C 380 40.34 -23.44 27.46
C THR C 380 40.03 -23.59 28.95
N ILE C 381 38.97 -22.95 29.45
CA ILE C 381 38.56 -23.06 30.84
C ILE C 381 38.15 -24.51 31.15
N LYS C 382 37.43 -25.20 30.25
CA LYS C 382 37.07 -26.63 30.44
C LYS C 382 38.31 -27.49 30.65
N LYS C 383 39.29 -27.40 29.73
CA LYS C 383 40.55 -28.13 29.78
C LYS C 383 41.26 -27.92 31.13
N CYS C 384 41.36 -26.68 31.58
CA CYS C 384 41.99 -26.32 32.84
C CYS C 384 41.20 -26.84 34.05
N ALA C 385 39.90 -26.58 34.13
CA ALA C 385 39.06 -27.03 35.24
C ALA C 385 39.04 -28.56 35.40
N ARG C 386 39.00 -29.30 34.28
CA ARG C 386 38.99 -30.78 34.32
C ARG C 386 40.34 -31.33 34.80
N TRP C 387 41.44 -30.69 34.43
CA TRP C 387 42.78 -31.12 34.84
C TRP C 387 43.04 -30.89 36.33
N ILE C 388 42.47 -29.82 36.92
CA ILE C 388 42.60 -29.54 38.35
C ILE C 388 42.01 -30.68 39.19
N GLN C 389 40.90 -31.26 38.74
CA GLN C 389 40.20 -32.37 39.40
C GLN C 389 40.80 -33.76 39.07
N ARG C 390 41.92 -33.85 38.36
CA ARG C 390 42.57 -35.12 37.93
C ARG C 390 41.68 -36.02 37.03
N ARG C 391 40.68 -35.42 36.37
CA ARG C 391 39.70 -36.08 35.46
C ARG C 391 39.97 -35.81 33.99
N GLU C 392 41.09 -35.20 33.62
CA GLU C 392 41.43 -34.82 32.25
C GLU C 392 41.26 -35.95 31.22
N SER C 393 41.50 -37.21 31.59
CA SER C 393 41.34 -38.37 30.70
C SER C 393 39.89 -38.64 30.28
N GLN C 394 38.90 -38.03 30.95
CA GLN C 394 37.46 -38.08 30.59
C GLN C 394 37.29 -37.12 29.39
N THR C 395 37.92 -37.44 28.26
CA THR C 395 38.03 -36.61 27.06
C THR C 395 36.72 -36.18 26.40
N PHE C 396 35.63 -36.96 26.51
CA PHE C 396 34.37 -36.61 25.86
C PHE C 396 33.76 -35.29 26.32
N TRP C 397 34.04 -34.84 27.54
CA TRP C 397 33.50 -33.60 28.08
C TRP C 397 33.91 -32.33 27.31
N ASP C 398 34.99 -32.37 26.52
CA ASP C 398 35.42 -31.20 25.72
C ASP C 398 34.92 -31.32 24.26
N HIS C 399 34.36 -32.46 23.87
CA HIS C 399 33.77 -32.69 22.55
C HIS C 399 32.27 -32.34 22.56
N VAL C 400 31.56 -32.64 23.65
CA VAL C 400 30.12 -32.33 23.81
C VAL C 400 29.89 -30.82 24.01
N PRO C 401 28.78 -30.24 23.50
CA PRO C 401 28.52 -28.80 23.62
C PRO C 401 27.98 -28.37 24.99
N ASP C 402 27.31 -29.25 25.74
CA ASP C 402 26.64 -28.90 27.01
C ASP C 402 27.56 -28.99 28.23
N ASP C 403 27.28 -28.17 29.25
CA ASP C 403 28.05 -28.09 30.51
C ASP C 403 27.64 -29.15 31.53
N SER C 404 27.23 -30.32 31.03
CA SER C 404 26.70 -31.46 31.78
C SER C 404 27.55 -31.92 32.98
N GLU C 405 28.88 -31.92 32.86
CA GLU C 405 29.77 -32.37 33.96
C GLU C 405 29.66 -31.53 35.23
N PHE C 406 29.25 -30.27 35.11
CA PHE C 406 29.12 -29.36 36.24
C PHE C 406 27.82 -29.54 37.04
N ASP C 407 26.86 -30.35 36.56
CA ASP C 407 25.55 -30.54 37.20
C ASP C 407 25.14 -32.03 37.28
N ASN C 408 23.95 -32.32 37.83
CA ASN C 408 23.40 -33.68 37.86
C ASN C 408 23.03 -34.17 36.44
N ARG C 409 23.04 -33.27 35.45
CA ARG C 409 23.06 -33.58 34.01
C ARG C 409 24.11 -34.62 33.64
N ARG C 410 25.26 -34.68 34.32
CA ARG C 410 26.35 -35.65 34.05
C ARG C 410 25.87 -37.11 33.92
N PHE C 411 24.86 -37.53 34.69
CA PHE C 411 24.30 -38.88 34.64
C PHE C 411 23.60 -39.21 33.30
N LYS C 412 23.15 -38.19 32.55
CA LYS C 412 22.27 -38.33 31.38
C LYS C 412 23.04 -38.66 30.10
N ASN C 413 24.28 -38.19 29.93
CA ASN C 413 25.08 -38.52 28.75
C ASN C 413 25.50 -40.00 28.78
N SER C 414 25.31 -40.71 27.67
CA SER C 414 25.58 -42.17 27.59
C SER C 414 27.04 -42.60 27.80
N THR C 415 28.02 -41.70 27.71
CA THR C 415 29.44 -42.06 27.94
C THR C 415 29.77 -42.16 29.44
N PHE C 416 29.05 -41.43 30.31
CA PHE C 416 29.31 -41.41 31.76
C PHE C 416 29.11 -42.77 32.44
N ASP C 417 28.10 -43.55 32.05
CA ASP C 417 27.85 -44.86 32.70
C ASP C 417 29.00 -45.87 32.47
N SER C 418 29.83 -45.65 31.44
CA SER C 418 30.99 -46.50 31.10
C SER C 418 32.25 -46.22 31.92
N LEU C 419 32.29 -45.10 32.68
CA LEU C 419 33.44 -44.72 33.50
C LEU C 419 33.72 -45.72 34.65
N LEU C 420 34.97 -45.76 35.11
CA LEU C 420 35.39 -46.59 36.25
C LEU C 420 34.74 -46.06 37.54
N ALA C 421 34.54 -46.89 38.56
CA ALA C 421 33.93 -46.45 39.82
C ALA C 421 34.74 -45.31 40.47
N ALA C 422 36.07 -45.34 40.38
CA ALA C 422 36.94 -44.27 40.89
C ALA C 422 36.71 -42.96 40.10
N GLU C 423 36.58 -43.04 38.78
CA GLU C 423 36.32 -41.88 37.92
C GLU C 423 34.95 -41.25 38.22
N LYS C 424 33.97 -42.06 38.63
CA LYS C 424 32.64 -41.59 39.04
C LYS C 424 32.67 -41.00 40.46
N GLU C 425 33.59 -41.45 41.31
CA GLU C 425 33.74 -40.99 42.69
C GLU C 425 34.49 -39.64 42.81
N LYS C 426 35.39 -39.33 41.86
CA LYS C 426 36.17 -38.07 41.83
C LYS C 426 35.25 -36.84 41.86
N SER C 427 35.80 -35.72 42.35
CA SER C 427 35.08 -34.44 42.39
C SER C 427 34.85 -33.82 41.01
N TYR C 428 33.64 -33.31 40.78
CA TYR C 428 33.20 -32.57 39.58
C TYR C 428 32.87 -31.10 39.94
N ASN C 429 32.99 -30.78 41.23
CA ASN C 429 32.58 -29.55 41.87
C ASN C 429 33.55 -28.37 41.74
N ILE C 430 33.44 -27.62 40.65
CA ILE C 430 34.26 -26.41 40.39
C ILE C 430 33.91 -25.25 41.36
N PRO C 431 34.84 -24.32 41.64
CA PRO C 431 34.55 -23.17 42.51
C PRO C 431 33.44 -22.27 41.95
N ILE C 432 32.65 -21.66 42.84
CA ILE C 432 31.56 -20.74 42.45
C ILE C 432 32.09 -19.55 41.62
N ASP C 433 33.32 -19.10 41.87
CA ASP C 433 33.95 -18.01 41.12
C ASP C 433 34.05 -18.37 39.63
N ILE C 434 34.69 -19.50 39.32
CA ILE C 434 34.88 -19.97 37.94
C ILE C 434 33.53 -20.25 37.28
N ARG C 435 32.55 -20.76 38.04
CA ARG C 435 31.19 -21.00 37.52
C ARG C 435 30.58 -19.67 37.07
N VAL C 436 30.72 -18.60 37.85
CA VAL C 436 30.20 -17.28 37.44
C VAL C 436 30.98 -16.73 36.26
N ARG C 437 32.30 -16.89 36.20
CA ARG C 437 33.11 -16.41 35.06
C ARG C 437 32.63 -17.08 33.77
N LEU C 438 32.38 -18.39 33.81
CA LEU C 438 31.84 -19.13 32.67
C LEU C 438 30.41 -18.68 32.36
N GLY C 439 29.57 -18.38 33.35
CA GLY C 439 28.21 -17.89 33.14
C GLY C 439 28.24 -16.57 32.38
N LEU C 440 29.18 -15.69 32.73
CA LEU C 440 29.40 -14.42 32.04
C LEU C 440 29.88 -14.69 30.61
N LEU C 441 30.82 -15.60 30.41
CA LEU C 441 31.34 -15.90 29.07
C LEU C 441 30.26 -16.53 28.17
N ARG C 442 29.47 -17.47 28.70
CA ARG C 442 28.34 -18.10 27.99
C ARG C 442 27.35 -17.00 27.58
N LEU C 443 27.01 -16.08 28.49
CA LEU C 443 26.13 -14.95 28.20
C LEU C 443 26.72 -14.07 27.08
N ASN C 444 28.05 -13.82 27.07
CA ASN C 444 28.66 -13.04 25.98
C ASN C 444 28.46 -13.77 24.63
N THR C 445 28.55 -15.10 24.62
CA THR C 445 28.26 -15.94 23.42
C THR C 445 26.74 -16.09 23.16
N ASP C 446 25.89 -15.37 23.90
CA ASP C 446 24.43 -15.39 23.86
C ASP C 446 23.77 -16.75 24.21
N ASN C 447 24.54 -17.68 24.78
CA ASN C 447 24.08 -19.00 25.23
C ASN C 447 23.42 -18.85 26.62
N LEU C 448 22.31 -18.12 26.64
CA LEU C 448 21.54 -17.74 27.82
C LEU C 448 21.10 -18.89 28.73
N VAL C 449 20.70 -20.04 28.17
CA VAL C 449 20.33 -21.23 28.97
C VAL C 449 21.50 -21.68 29.83
N GLU C 450 22.68 -21.86 29.23
CA GLU C 450 23.85 -22.27 30.01
C GLU C 450 24.30 -21.15 30.96
N ALA C 451 24.09 -19.88 30.61
CA ALA C 451 24.41 -18.78 31.53
C ALA C 451 23.60 -18.94 32.82
N LEU C 452 22.28 -19.14 32.71
CA LEU C 452 21.42 -19.36 33.88
C LEU C 452 21.82 -20.65 34.61
N ASN C 453 22.14 -21.73 33.89
CA ASN C 453 22.58 -22.98 34.51
C ASN C 453 23.82 -22.73 35.37
N HIS C 454 24.74 -21.86 34.93
CA HIS C 454 25.91 -21.48 35.70
C HIS C 454 25.52 -20.58 36.88
N PHE C 455 24.75 -19.52 36.64
CA PHE C 455 24.37 -18.60 37.70
C PHE C 455 23.48 -19.20 38.79
N GLN C 456 22.76 -20.31 38.57
CA GLN C 456 21.87 -20.92 39.56
C GLN C 456 22.57 -21.16 40.91
N CYS C 457 23.84 -21.54 40.91
CA CYS C 457 24.59 -21.78 42.15
C CYS C 457 24.73 -20.52 43.01
N LEU C 458 24.74 -19.32 42.42
CA LEU C 458 24.81 -18.08 43.18
C LEU C 458 23.61 -17.94 44.14
N TYR C 459 22.49 -18.61 43.86
CA TYR C 459 21.28 -18.59 44.68
C TYR C 459 21.30 -19.70 45.74
N ASP C 460 22.22 -20.65 45.64
CA ASP C 460 22.41 -21.76 46.59
C ASP C 460 23.46 -21.41 47.65
N GLU C 461 24.54 -20.74 47.24
CA GLU C 461 25.62 -20.30 48.13
C GLU C 461 25.24 -19.09 48.99
N THR C 462 26.03 -18.79 50.03
CA THR C 462 25.82 -17.65 50.95
C THR C 462 26.04 -16.30 50.24
N PHE C 463 24.97 -15.50 50.15
CA PHE C 463 24.96 -14.19 49.46
C PHE C 463 26.06 -13.23 49.93
N SER C 464 26.39 -13.26 51.23
CA SER C 464 27.44 -12.46 51.87
C SER C 464 28.82 -12.61 51.21
N ASP C 465 29.09 -13.74 50.57
CA ASP C 465 30.36 -14.06 49.90
C ASP C 465 30.30 -13.90 48.37
N VAL C 466 29.16 -13.51 47.80
CA VAL C 466 28.97 -13.39 46.33
C VAL C 466 28.19 -12.16 45.83
N ALA C 467 27.79 -11.20 46.69
CA ALA C 467 27.02 -10.02 46.26
C ALA C 467 27.74 -9.17 45.19
N ASP C 468 29.06 -9.16 45.19
CA ASP C 468 29.89 -8.47 44.19
C ASP C 468 29.75 -9.18 42.83
N LEU C 469 29.80 -10.51 42.83
CA LEU C 469 29.59 -11.30 41.61
C LEU C 469 28.17 -11.03 41.10
N TYR C 470 27.17 -10.92 41.98
CA TYR C 470 25.80 -10.61 41.59
C TYR C 470 25.74 -9.25 40.89
N PHE C 471 26.47 -8.24 41.35
CA PHE C 471 26.52 -6.94 40.67
C PHE C 471 27.06 -7.12 39.24
N GLU C 472 28.15 -7.87 39.09
CA GLU C 472 28.73 -8.14 37.78
C GLU C 472 27.75 -8.92 36.89
N ALA C 473 27.07 -9.94 37.43
CA ALA C 473 26.10 -10.73 36.70
C ALA C 473 24.90 -9.86 36.27
N ALA C 474 24.33 -9.06 37.16
CA ALA C 474 23.21 -8.18 36.83
C ALA C 474 23.61 -7.10 35.79
N THR C 475 24.79 -6.49 35.94
CA THR C 475 25.29 -5.51 34.96
C THR C 475 25.58 -6.19 33.63
N ALA C 476 26.20 -7.37 33.61
CA ALA C 476 26.44 -8.10 32.37
C ALA C 476 25.09 -8.48 31.70
N LEU C 477 24.08 -8.90 32.48
CA LEU C 477 22.74 -9.17 31.96
C LEU C 477 22.16 -7.89 31.34
N THR C 478 22.41 -6.73 31.96
CA THR C 478 21.98 -5.43 31.44
C THR C 478 22.67 -5.16 30.10
N ARG C 479 23.97 -5.44 29.98
CA ARG C 479 24.77 -5.30 28.73
C ARG C 479 24.20 -6.20 27.63
N ALA C 480 23.74 -7.40 28.02
CA ALA C 480 23.11 -8.39 27.14
C ALA C 480 21.64 -8.08 26.82
N GLU C 481 21.10 -6.90 27.19
CA GLU C 481 19.70 -6.48 26.99
C GLU C 481 18.68 -7.35 27.77
N LYS C 482 19.14 -8.22 28.69
CA LYS C 482 18.34 -9.09 29.55
C LYS C 482 17.90 -8.29 30.78
N TYR C 483 17.19 -7.19 30.57
CA TYR C 483 16.79 -6.25 31.62
C TYR C 483 15.92 -6.84 32.74
N LYS C 484 15.00 -7.77 32.43
CA LYS C 484 14.18 -8.42 33.46
C LYS C 484 15.05 -9.27 34.38
N GLU C 485 15.96 -10.05 33.79
CA GLU C 485 16.91 -10.88 34.53
C GLU C 485 17.87 -9.99 35.32
N ALA C 486 18.32 -8.86 34.77
CA ALA C 486 19.18 -7.93 35.48
C ALA C 486 18.49 -7.46 36.78
N ILE C 487 17.22 -7.04 36.72
CA ILE C 487 16.46 -6.62 37.90
C ILE C 487 16.39 -7.76 38.93
N ASP C 488 16.09 -8.97 38.47
CA ASP C 488 16.04 -10.14 39.35
C ASP C 488 17.39 -10.36 40.06
N PHE C 489 18.50 -10.32 39.31
CA PHE C 489 19.84 -10.49 39.85
C PHE C 489 20.27 -9.32 40.76
N PHE C 490 19.79 -8.10 40.52
CA PHE C 490 20.05 -6.94 41.36
C PHE C 490 19.17 -6.93 42.63
N THR C 491 18.01 -7.59 42.63
CA THR C 491 17.08 -7.59 43.77
C THR C 491 17.72 -7.93 45.13
N PRO C 492 18.60 -8.93 45.27
CA PRO C 492 19.26 -9.23 46.54
C PRO C 492 20.13 -8.09 47.10
N LEU C 493 20.72 -7.25 46.25
CA LEU C 493 21.59 -6.14 46.67
C LEU C 493 20.85 -5.08 47.51
N LEU C 494 19.53 -4.96 47.34
CA LEU C 494 18.69 -4.02 48.09
C LEU C 494 18.52 -4.41 49.58
N SER C 495 19.13 -5.51 50.02
CA SER C 495 19.10 -5.99 51.42
C SER C 495 20.30 -5.57 52.28
N LEU C 496 21.38 -5.01 51.70
CA LEU C 496 22.60 -4.61 52.41
C LEU C 496 22.98 -3.14 52.18
N GLU C 497 23.43 -2.43 53.21
CA GLU C 497 23.84 -1.02 53.09
C GLU C 497 25.02 -0.83 52.12
N GLU C 498 25.89 -1.83 52.00
CA GLU C 498 27.02 -1.82 51.05
C GLU C 498 26.55 -1.87 49.58
N TRP C 499 25.33 -2.35 49.32
CA TRP C 499 24.77 -2.54 47.98
C TRP C 499 23.49 -1.75 47.69
N ARG C 500 22.86 -1.11 48.69
CA ARG C 500 21.71 -0.17 48.54
C ARG C 500 22.35 1.14 48.04
N THR C 501 22.85 1.13 46.81
CA THR C 501 23.63 2.21 46.19
C THR C 501 23.21 2.57 44.77
N THR C 502 23.67 3.72 44.26
CA THR C 502 23.38 4.20 42.89
C THR C 502 23.79 3.21 41.80
N ASP C 503 24.82 2.39 42.04
CA ASP C 503 25.27 1.35 41.11
C ASP C 503 24.15 0.33 40.84
N VAL C 504 23.19 0.21 41.77
CA VAL C 504 22.00 -0.64 41.67
C VAL C 504 20.76 0.19 41.31
N PHE C 505 20.54 1.34 41.96
CA PHE C 505 19.36 2.16 41.69
C PHE C 505 19.28 2.67 40.24
N LYS C 506 20.41 3.06 39.63
CA LYS C 506 20.42 3.55 38.24
C LYS C 506 20.03 2.41 37.27
N PRO C 507 20.64 1.20 37.30
CA PRO C 507 20.20 0.10 36.44
C PRO C 507 18.74 -0.28 36.71
N LEU C 508 18.31 -0.42 37.97
CA LEU C 508 16.93 -0.73 38.33
C LEU C 508 15.96 0.23 37.62
N ALA C 509 16.17 1.53 37.78
CA ALA C 509 15.33 2.54 37.16
C ALA C 509 15.33 2.44 35.62
N ARG C 510 16.49 2.26 35.00
CA ARG C 510 16.63 2.13 33.54
C ARG C 510 15.92 0.88 33.01
N CYS C 511 16.16 -0.27 33.63
CA CYS C 511 15.52 -1.52 33.24
C CYS C 511 13.99 -1.38 33.36
N TYR C 512 13.50 -0.75 34.43
CA TYR C 512 12.07 -0.49 34.60
C TYR C 512 11.55 0.49 33.52
N LYS C 513 12.34 1.48 33.10
CA LYS C 513 11.96 2.42 32.02
C LYS C 513 11.78 1.64 30.71
N GLU C 514 12.71 0.74 30.40
CA GLU C 514 12.66 -0.12 29.20
C GLU C 514 11.48 -1.13 29.25
N ILE C 515 11.15 -1.65 30.44
CA ILE C 515 10.01 -2.55 30.68
C ILE C 515 8.65 -1.82 30.64
N GLU C 516 8.65 -0.49 30.57
CA GLU C 516 7.47 0.40 30.61
C GLU C 516 6.77 0.39 31.98
N SER C 517 7.44 -0.13 33.03
CA SER C 517 6.94 -0.11 34.41
C SER C 517 7.34 1.26 34.97
N TYR C 518 6.82 2.33 34.34
CA TYR C 518 7.20 3.71 34.61
C TYR C 518 7.09 4.15 36.07
N GLU C 519 6.15 3.62 36.85
CA GLU C 519 6.06 3.95 38.29
C GLU C 519 7.32 3.45 39.00
N THR C 520 7.70 2.19 38.78
CA THR C 520 8.93 1.62 39.36
C THR C 520 10.19 2.29 38.79
N ALA C 521 10.15 2.78 37.55
CA ALA C 521 11.26 3.52 36.96
C ALA C 521 11.44 4.82 37.76
N LYS C 522 10.36 5.58 37.95
CA LYS C 522 10.33 6.82 38.74
C LYS C 522 10.86 6.56 40.16
N GLU C 523 10.38 5.50 40.82
CA GLU C 523 10.81 5.12 42.18
C GLU C 523 12.34 5.01 42.27
N PHE C 524 12.97 4.21 41.41
CA PHE C 524 14.42 4.04 41.49
C PHE C 524 15.20 5.25 40.94
N TYR C 525 14.65 6.02 39.98
CA TYR C 525 15.34 7.24 39.53
C TYR C 525 15.32 8.28 40.66
N GLU C 526 14.22 8.40 41.40
CA GLU C 526 14.14 9.29 42.57
C GLU C 526 15.12 8.80 43.65
N LEU C 527 15.20 7.48 43.90
CA LEU C 527 16.19 6.93 44.85
C LEU C 527 17.61 7.27 44.38
N ALA C 528 17.88 7.23 43.08
CA ALA C 528 19.16 7.61 42.51
C ALA C 528 19.43 9.11 42.78
N ILE C 529 18.45 10.00 42.63
CA ILE C 529 18.63 11.43 42.97
C ILE C 529 18.87 11.60 44.48
N LYS C 530 18.11 10.87 45.32
CA LYS C 530 18.22 10.92 46.80
C LYS C 530 19.62 10.51 47.28
N SER C 531 20.31 9.66 46.52
CA SER C 531 21.66 9.16 46.81
C SER C 531 22.75 9.99 46.12
N GLU C 532 22.59 10.38 44.85
CA GLU C 532 23.51 11.21 44.07
C GLU C 532 22.73 12.14 43.10
N PRO C 533 22.41 13.39 43.52
CA PRO C 533 21.67 14.36 42.70
C PRO C 533 22.51 15.07 41.62
N ASP C 534 23.81 14.75 41.55
CA ASP C 534 24.83 15.35 40.67
C ASP C 534 24.81 14.99 39.18
N ASP C 535 24.16 13.90 38.75
CA ASP C 535 24.18 13.47 37.34
C ASP C 535 22.90 13.82 36.56
N LEU C 536 23.05 14.68 35.54
CA LEU C 536 21.95 15.10 34.67
C LEU C 536 21.32 13.97 33.85
N ASP C 537 22.01 12.85 33.60
CA ASP C 537 21.37 11.74 32.87
C ASP C 537 20.21 11.19 33.73
N ILE C 538 20.39 11.15 35.06
CA ILE C 538 19.31 10.72 35.97
C ILE C 538 18.18 11.75 35.86
N ARG C 539 18.49 13.05 35.95
CA ARG C 539 17.50 14.14 35.88
C ARG C 539 16.68 14.06 34.58
N VAL C 540 17.36 13.91 33.45
CA VAL C 540 16.75 13.75 32.11
C VAL C 540 15.86 12.51 32.10
N SER C 541 16.30 11.42 32.71
CA SER C 541 15.51 10.19 32.79
C SER C 541 14.20 10.40 33.55
N LEU C 542 14.17 11.10 34.70
CA LEU C 542 12.88 11.36 35.37
C LEU C 542 12.02 12.26 34.48
N ALA C 543 12.61 13.25 33.79
CA ALA C 543 11.86 14.11 32.88
C ALA C 543 11.17 13.27 31.78
N GLU C 544 11.89 12.33 31.15
CA GLU C 544 11.31 11.44 30.15
C GLU C 544 10.22 10.55 30.76
N VAL C 545 10.42 10.06 31.99
CA VAL C 545 9.40 9.26 32.69
C VAL C 545 8.17 10.12 33.00
N TYR C 546 8.33 11.40 33.39
CA TYR C 546 7.21 12.32 33.65
C TYR C 546 6.44 12.56 32.34
N TYR C 547 7.14 12.68 31.21
CA TYR C 547 6.53 12.84 29.89
C TYR C 547 5.69 11.58 29.57
N ARG C 548 6.25 10.37 29.77
CA ARG C 548 5.55 9.09 29.53
C ARG C 548 4.35 8.92 30.48
N LEU C 549 4.46 9.39 31.73
CA LEU C 549 3.40 9.37 32.74
C LEU C 549 2.35 10.49 32.53
N ASN C 550 2.54 11.36 31.53
CA ASN C 550 1.68 12.50 31.18
C ASN C 550 1.57 13.56 32.31
N ASP C 551 2.70 13.91 32.93
CA ASP C 551 2.83 14.91 33.99
C ASP C 551 3.62 16.15 33.49
N PRO C 552 3.03 17.01 32.65
CA PRO C 552 3.70 18.16 32.04
C PRO C 552 4.19 19.26 33.00
N GLU C 553 3.54 19.48 34.15
CA GLU C 553 3.96 20.55 35.07
C GLU C 553 5.32 20.24 35.73
N THR C 554 5.47 19.04 36.32
CA THR C 554 6.76 18.64 36.92
C THR C 554 7.81 18.40 35.82
N PHE C 555 7.39 17.94 34.64
CA PHE C 555 8.26 17.77 33.47
C PHE C 555 8.89 19.12 33.10
N LYS C 556 8.10 20.19 33.01
CA LYS C 556 8.57 21.56 32.70
C LYS C 556 9.56 22.06 33.77
N HIS C 557 9.25 21.85 35.05
CA HIS C 557 10.15 22.24 36.14
C HIS C 557 11.50 21.50 36.05
N MET C 558 11.46 20.17 35.83
CA MET C 558 12.68 19.37 35.69
C MET C 558 13.48 19.82 34.45
N LEU C 559 12.83 20.14 33.32
CA LEU C 559 13.49 20.63 32.12
C LEU C 559 14.23 21.95 32.42
N VAL C 560 13.60 22.89 33.12
CA VAL C 560 14.24 24.17 33.48
C VAL C 560 15.48 23.93 34.34
N ASP C 561 15.40 23.07 35.36
CA ASP C 561 16.54 22.74 36.23
C ASP C 561 17.67 22.03 35.42
N VAL C 562 17.29 21.10 34.54
CA VAL C 562 18.23 20.38 33.66
C VAL C 562 18.95 21.37 32.76
N VAL C 563 18.23 22.28 32.10
CA VAL C 563 18.80 23.28 31.18
C VAL C 563 19.73 24.24 31.93
N GLU C 564 19.33 24.79 33.08
CA GLU C 564 20.22 25.71 33.80
C GLU C 564 21.46 24.98 34.34
N MET C 565 21.32 23.78 34.91
CA MET C 565 22.50 23.04 35.36
C MET C 565 23.35 22.58 34.17
N ARG C 566 22.77 22.29 33.00
CA ARG C 566 23.55 21.92 31.80
C ARG C 566 24.37 23.14 31.37
N LYS C 567 23.79 24.34 31.40
CA LYS C 567 24.53 25.59 31.10
C LYS C 567 25.68 25.71 32.10
N HIS C 568 25.43 25.43 33.39
CA HIS C 568 26.47 25.45 34.42
C HIS C 568 27.56 24.41 34.13
N GLN C 569 27.22 23.18 33.71
CA GLN C 569 28.21 22.15 33.36
C GLN C 569 29.08 22.61 32.18
N VAL C 570 28.47 23.15 31.12
CA VAL C 570 29.20 23.65 29.95
C VAL C 570 30.11 24.80 30.38
N ASP C 571 29.59 25.77 31.15
CA ASP C 571 30.39 26.88 31.65
C ASP C 571 31.55 26.38 32.54
N GLU C 572 31.29 25.49 33.51
CA GLU C 572 32.32 24.95 34.39
C GLU C 572 33.39 24.19 33.59
N THR C 573 33.01 23.34 32.64
CA THR C 573 33.99 22.60 31.83
C THR C 573 34.83 23.53 30.95
N LEU C 574 34.31 24.70 30.57
CA LEU C 574 35.03 25.72 29.81
C LEU C 574 35.97 26.56 30.72
N HIS C 575 35.54 26.87 31.95
CA HIS C 575 36.32 27.66 32.91
C HIS C 575 37.40 26.86 33.67
N ARG C 576 37.13 25.59 33.99
CA ARG C 576 38.05 24.67 34.69
C ARG C 576 39.28 24.38 33.82
N ALA C 613 35.33 -0.36 16.16
CA ALA C 613 34.07 -0.42 16.90
C ALA C 613 32.92 -1.08 16.12
N GLU C 614 33.11 -1.41 14.84
CA GLU C 614 32.07 -2.01 13.99
C GLU C 614 31.39 -3.24 14.61
N ARG C 615 32.14 -4.12 15.29
CA ARG C 615 31.60 -5.32 15.95
C ARG C 615 30.53 -5.00 17.01
N GLU C 616 30.61 -3.84 17.67
CA GLU C 616 29.59 -3.36 18.62
C GLU C 616 28.51 -2.56 17.86
N ARG C 617 28.93 -1.70 16.93
CA ARG C 617 28.05 -0.82 16.15
C ARG C 617 27.01 -1.62 15.36
N ILE C 618 27.40 -2.76 14.78
CA ILE C 618 26.51 -3.65 14.06
C ILE C 618 25.35 -4.09 14.95
N GLU C 619 25.60 -4.45 16.20
CA GLU C 619 24.52 -4.87 17.08
C GLU C 619 23.59 -3.72 17.44
N ARG C 620 24.09 -2.48 17.56
CA ARG C 620 23.24 -1.29 17.76
C ARG C 620 22.29 -1.17 16.55
N GLU C 621 22.86 -1.20 15.35
CA GLU C 621 22.10 -1.15 14.10
C GLU C 621 21.10 -2.29 14.02
N ARG C 622 21.53 -3.53 14.28
CA ARG C 622 20.69 -4.73 14.24
C ARG C 622 19.52 -4.60 15.20
N ARG C 623 19.73 -4.11 16.42
CA ARG C 623 18.66 -3.86 17.39
C ARG C 623 17.64 -2.89 16.80
N ILE C 624 18.10 -1.77 16.24
CA ILE C 624 17.21 -0.80 15.57
C ILE C 624 16.41 -1.52 14.47
N THR C 625 17.06 -2.28 13.59
CA THR C 625 16.34 -3.03 12.53
C THR C 625 15.29 -3.99 13.10
N ALA C 626 15.57 -4.66 14.21
CA ALA C 626 14.60 -5.54 14.87
C ALA C 626 13.41 -4.71 15.39
N LYS C 627 13.67 -3.56 16.01
CA LYS C 627 12.64 -2.63 16.52
C LYS C 627 11.75 -2.11 15.39
N VAL C 628 12.33 -1.78 14.24
CA VAL C 628 11.59 -1.32 13.05
C VAL C 628 10.62 -2.41 12.60
N VAL C 629 11.12 -3.62 12.34
CA VAL C 629 10.27 -4.75 11.95
C VAL C 629 9.18 -4.99 12.99
N ASP C 630 9.52 -5.01 14.28
CA ASP C 630 8.53 -5.23 15.34
C ASP C 630 7.41 -4.19 15.27
N LYS C 631 7.76 -2.91 15.22
CA LYS C 631 6.79 -1.82 15.14
C LYS C 631 6.05 -1.80 13.80
N TYR C 632 6.63 -2.28 12.70
CA TYR C 632 5.90 -2.37 11.43
C TYR C 632 4.81 -3.43 11.55
N GLU C 633 5.12 -4.61 12.09
CA GLU C 633 4.07 -5.60 12.29
C GLU C 633 3.04 -5.09 13.32
N LYS C 634 3.42 -4.26 14.30
CA LYS C 634 2.42 -3.65 15.19
C LYS C 634 1.53 -2.73 14.35
N MET C 635 2.09 -1.94 13.42
CA MET C 635 1.31 -1.10 12.52
C MET C 635 0.34 -1.93 11.68
N LYS C 636 0.79 -3.08 11.13
CA LYS C 636 -0.04 -3.99 10.33
C LYS C 636 -1.30 -4.39 11.12
N LYS C 637 -1.19 -4.51 12.45
CA LYS C 637 -2.32 -4.81 13.35
C LYS C 637 -3.13 -3.53 13.61
N PHE C 638 -2.48 -2.39 13.86
CA PHE C 638 -3.18 -1.11 14.11
C PHE C 638 -4.01 -0.65 12.90
N GLU C 639 -3.64 -1.05 11.68
CA GLU C 639 -4.35 -0.72 10.45
C GLU C 639 -5.77 -1.31 10.42
N LEU C 640 -5.97 -2.48 11.04
CA LEU C 640 -7.24 -3.21 11.00
C LEU C 640 -8.31 -2.57 11.90
N ASN C 645 -13.49 7.26 18.45
CA ASN C 645 -12.06 7.14 18.73
C ASN C 645 -11.18 7.40 17.49
N GLU C 646 -11.76 7.87 16.38
CA GLU C 646 -11.07 8.09 15.10
C GLU C 646 -9.95 9.14 15.14
N ALA C 647 -10.14 10.28 15.82
CA ALA C 647 -9.10 11.31 15.90
C ALA C 647 -7.89 10.79 16.70
N LYS C 648 -8.16 10.11 17.81
CA LYS C 648 -7.12 9.51 18.65
C LYS C 648 -6.46 8.33 17.92
N GLN C 649 -7.20 7.53 17.17
CA GLN C 649 -6.66 6.45 16.34
C GLN C 649 -5.69 7.02 15.30
N ALA C 650 -6.02 8.16 14.68
CA ALA C 650 -5.12 8.79 13.74
C ALA C 650 -3.85 9.29 14.45
N SER C 651 -3.99 9.88 15.64
CA SER C 651 -2.86 10.32 16.46
C SER C 651 -1.95 9.13 16.83
N ILE C 652 -2.52 8.02 17.32
CA ILE C 652 -1.79 6.81 17.69
C ILE C 652 -1.10 6.22 16.46
N TRP C 653 -1.79 6.11 15.33
CA TRP C 653 -1.17 5.61 14.11
C TRP C 653 -0.01 6.53 13.69
N ILE C 654 -0.21 7.84 13.64
CA ILE C 654 0.87 8.79 13.35
C ILE C 654 2.02 8.59 14.34
N ASN C 655 1.74 8.38 15.63
CA ASN C 655 2.74 8.15 16.66
C ASN C 655 3.55 6.87 16.43
N THR C 656 2.95 5.81 15.89
CA THR C 656 3.72 4.63 15.54
C THR C 656 4.60 4.91 14.33
N VAL C 657 4.08 5.60 13.32
CA VAL C 657 4.81 5.90 12.08
C VAL C 657 5.89 6.93 12.26
N SER C 658 5.70 7.93 13.12
CA SER C 658 6.71 8.96 13.36
C SER C 658 8.03 8.32 13.81
N GLU C 659 7.97 7.27 14.61
CA GLU C 659 9.13 6.51 15.06
C GLU C 659 9.82 5.83 13.88
N LEU C 660 9.08 5.17 13.00
CA LEU C 660 9.65 4.55 11.81
C LEU C 660 10.27 5.60 10.88
N VAL C 661 9.65 6.76 10.74
CA VAL C 661 10.17 7.84 9.91
C VAL C 661 11.42 8.43 10.56
N ASP C 662 11.50 8.53 11.88
CA ASP C 662 12.72 8.99 12.56
C ASP C 662 13.87 8.01 12.26
N ILE C 663 13.59 6.71 12.31
CA ILE C 663 14.58 5.67 12.05
C ILE C 663 15.01 5.64 10.57
N PHE C 664 14.18 6.06 9.61
CA PHE C 664 14.57 6.14 8.20
C PHE C 664 15.22 7.49 7.85
N SER C 665 14.79 8.57 8.47
CA SER C 665 15.34 9.91 8.23
C SER C 665 16.77 10.05 8.76
N SER C 666 17.12 9.34 9.83
CA SER C 666 18.47 9.29 10.42
C SER C 666 19.43 8.40 9.60
N VAL C 667 19.50 8.66 8.28
CA VAL C 667 20.32 8.00 7.25
C VAL C 667 20.71 9.08 6.24
N LYS C 668 21.64 9.97 6.63
CA LYS C 668 22.03 11.17 5.86
C LYS C 668 22.79 10.95 4.55
N ASN C 669 22.97 9.72 4.09
CA ASN C 669 23.58 9.48 2.77
C ASN C 669 22.61 9.88 1.64
N PHE C 670 21.28 9.77 1.86
CA PHE C 670 20.25 10.14 0.89
C PHE C 670 19.94 11.63 0.83
N PHE C 671 19.65 12.23 1.99
CA PHE C 671 19.23 13.62 2.18
C PHE C 671 20.34 14.66 1.91
N MET C 672 20.85 14.67 0.67
CA MET C 672 21.91 15.57 0.21
C MET C 672 21.49 17.05 0.34
N LYS C 673 22.43 17.92 0.71
CA LYS C 673 22.20 19.36 0.88
C LYS C 673 21.68 20.03 -0.40
N GLU C 716 22.72 9.65 10.54
CA GLU C 716 22.97 11.05 10.94
C GLU C 716 24.18 11.67 10.21
N GLU C 717 24.86 10.85 9.43
CA GLU C 717 26.03 11.11 8.57
C GLU C 717 25.91 10.14 7.39
N ARG C 718 26.98 9.84 6.64
CA ARG C 718 26.98 8.83 5.56
C ARG C 718 27.01 7.43 6.18
N VAL C 719 26.06 7.14 7.06
CA VAL C 719 25.96 5.91 7.86
C VAL C 719 25.61 4.64 7.09
N THR C 720 24.90 4.72 5.96
CA THR C 720 24.53 3.53 5.16
C THR C 720 25.26 3.42 3.82
N LEU C 721 25.89 2.27 3.62
CA LEU C 721 26.52 1.84 2.37
C LEU C 721 26.01 0.42 2.02
N THR C 722 25.93 0.12 0.74
CA THR C 722 25.57 -1.21 0.19
C THR C 722 24.24 -1.86 0.59
N SER C 723 23.30 -1.14 1.20
CA SER C 723 21.95 -1.67 1.50
C SER C 723 21.17 -1.74 0.17
N ALA C 724 21.22 -2.89 -0.49
CA ALA C 724 20.69 -3.13 -1.83
C ALA C 724 19.21 -2.87 -2.11
N THR C 725 18.27 -3.44 -1.34
CA THR C 725 16.82 -3.29 -1.63
C THR C 725 15.99 -3.05 -0.38
N GLU C 726 16.31 -3.71 0.73
CA GLU C 726 15.71 -3.41 2.03
C GLU C 726 16.67 -2.52 2.81
N LEU C 727 16.14 -1.63 3.62
CA LEU C 727 16.90 -0.78 4.51
C LEU C 727 16.22 -0.86 5.86
N ARG C 728 16.99 -1.05 6.92
CA ARG C 728 16.51 -1.17 8.30
C ARG C 728 15.33 -2.16 8.46
N GLY C 729 15.29 -3.20 7.62
CA GLY C 729 14.29 -4.29 7.66
C GLY C 729 13.04 -4.17 6.80
N LEU C 730 12.88 -3.11 5.99
CA LEU C 730 11.74 -2.91 5.08
C LEU C 730 12.23 -2.53 3.68
N SER C 731 11.49 -2.92 2.64
CA SER C 731 11.87 -2.62 1.25
C SER C 731 11.73 -1.12 0.96
N TYR C 732 12.46 -0.60 -0.03
CA TYR C 732 12.32 0.81 -0.40
C TYR C 732 10.88 1.14 -0.83
N GLU C 733 10.14 0.14 -1.30
CA GLU C 733 8.74 0.27 -1.68
C GLU C 733 7.87 0.49 -0.43
N GLN C 734 8.10 -0.27 0.63
CA GLN C 734 7.38 -0.10 1.88
C GLN C 734 7.71 1.26 2.49
N TRP C 735 8.97 1.71 2.41
CA TRP C 735 9.34 3.03 2.92
C TRP C 735 8.64 4.13 2.13
N PHE C 736 8.55 4.01 0.82
CA PHE C 736 7.84 4.98 -0.02
C PHE C 736 6.37 5.05 0.38
N GLU C 737 5.73 3.90 0.56
CA GLU C 737 4.35 3.81 0.98
C GLU C 737 4.14 4.46 2.35
N LEU C 738 5.02 4.23 3.33
CA LEU C 738 4.90 4.84 4.64
C LEU C 738 5.03 6.37 4.56
N PHE C 739 5.93 6.89 3.72
CA PHE C 739 6.10 8.33 3.60
C PHE C 739 4.84 8.98 3.05
N MET C 740 4.24 8.38 2.02
CA MET C 740 3.03 8.92 1.44
C MET C 740 1.84 8.77 2.36
N GLU C 741 1.61 7.58 2.94
CA GLU C 741 0.46 7.42 3.83
C GLU C 741 0.57 8.37 5.02
N LEU C 742 1.78 8.56 5.57
CA LEU C 742 1.93 9.47 6.69
C LEU C 742 1.57 10.89 6.28
N SER C 743 2.04 11.35 5.12
CA SER C 743 1.77 12.72 4.71
C SER C 743 0.27 13.00 4.58
N LEU C 744 -0.49 12.02 4.09
CA LEU C 744 -1.92 12.12 3.94
C LEU C 744 -2.63 12.12 5.29
N VAL C 745 -2.29 11.22 6.20
CA VAL C 745 -2.95 11.17 7.51
C VAL C 745 -2.63 12.42 8.30
N ILE C 746 -1.42 12.95 8.19
CA ILE C 746 -1.03 14.18 8.87
C ILE C 746 -1.86 15.34 8.36
N ALA C 747 -2.04 15.47 7.05
CA ALA C 747 -2.85 16.55 6.49
C ALA C 747 -4.34 16.42 6.84
N LYS C 748 -4.87 15.20 6.84
CA LYS C 748 -6.26 14.92 7.15
C LYS C 748 -6.61 15.21 8.61
N TYR C 749 -5.81 14.73 9.56
CA TYR C 749 -6.08 14.85 10.99
C TYR C 749 -5.28 15.87 11.81
N GLN C 750 -4.14 16.41 11.36
CA GLN C 750 -3.36 17.34 12.17
C GLN C 750 -2.95 18.66 11.54
N SER C 751 -2.26 18.70 10.39
CA SER C 751 -1.85 19.96 9.76
C SER C 751 -1.44 19.81 8.31
N VAL C 752 -1.84 20.79 7.49
CA VAL C 752 -1.55 20.82 6.06
C VAL C 752 -0.07 21.09 5.80
N GLU C 753 0.54 22.08 6.46
CA GLU C 753 1.97 22.35 6.29
C GLU C 753 2.83 21.17 6.76
N ASP C 754 2.46 20.51 7.86
CA ASP C 754 3.19 19.32 8.30
C ASP C 754 3.06 18.21 7.25
N GLY C 755 1.95 18.16 6.54
CA GLY C 755 1.76 17.19 5.47
C GLY C 755 2.79 17.47 4.36
N LEU C 756 2.95 18.73 3.98
CA LEU C 756 3.93 19.10 2.97
C LEU C 756 5.36 18.84 3.43
N SER C 757 5.71 19.07 4.70
CA SER C 757 7.08 18.80 5.13
C SER C 757 7.40 17.33 4.90
N VAL C 758 6.50 16.41 5.23
CA VAL C 758 6.73 14.99 5.01
C VAL C 758 6.91 14.70 3.52
N VAL C 759 6.02 15.19 2.63
CA VAL C 759 6.20 14.93 1.19
C VAL C 759 7.49 15.58 0.69
N GLU C 760 7.89 16.74 1.20
CA GLU C 760 9.11 17.38 0.74
C GLU C 760 10.33 16.52 1.12
N THR C 761 10.33 15.85 2.27
CA THR C 761 11.42 14.94 2.58
C THR C 761 11.44 13.81 1.57
N ALA C 762 10.27 13.33 1.13
CA ALA C 762 10.18 12.27 0.16
C ALA C 762 10.78 12.71 -1.18
N GLN C 763 10.51 13.94 -1.60
CA GLN C 763 11.04 14.50 -2.84
C GLN C 763 12.58 14.61 -2.82
N GLU C 764 13.20 14.69 -1.64
CA GLU C 764 14.65 14.78 -1.48
C GLU C 764 15.33 13.40 -1.46
N VAL C 765 14.66 12.33 -1.05
CA VAL C 765 15.22 10.97 -1.00
C VAL C 765 15.54 10.42 -2.39
N ASN C 766 16.81 10.12 -2.64
CA ASN C 766 17.30 9.61 -3.92
C ASN C 766 16.55 8.37 -4.42
N VAL C 767 16.28 7.36 -3.57
CA VAL C 767 15.58 6.14 -4.02
C VAL C 767 14.13 6.39 -4.48
N PHE C 768 13.53 7.50 -4.04
CA PHE C 768 12.19 7.88 -4.45
C PHE C 768 12.29 8.73 -5.71
N PHE C 769 13.21 9.69 -5.75
CA PHE C 769 13.46 10.57 -6.89
C PHE C 769 13.90 9.81 -8.15
N GLN C 770 14.67 8.74 -7.98
CA GLN C 770 15.23 7.92 -9.06
C GLN C 770 14.24 6.95 -9.69
N ASP C 771 13.04 6.77 -9.15
CA ASP C 771 12.05 5.84 -9.69
C ASP C 771 10.91 6.60 -10.40
N PRO C 772 10.67 6.36 -11.70
CA PRO C 772 9.63 7.06 -12.44
C PRO C 772 8.22 6.82 -11.89
N GLU C 773 7.95 5.65 -11.32
CA GLU C 773 6.63 5.37 -10.74
C GLU C 773 6.44 6.17 -9.45
N ARG C 774 7.50 6.33 -8.67
CA ARG C 774 7.47 7.08 -7.42
C ARG C 774 7.38 8.56 -7.67
N VAL C 775 8.09 9.15 -8.64
CA VAL C 775 7.97 10.60 -8.86
C VAL C 775 6.57 10.99 -9.30
N LYS C 776 5.91 10.15 -10.12
CA LYS C 776 4.51 10.33 -10.54
C LYS C 776 3.62 10.39 -9.32
N MET C 777 3.71 9.39 -8.45
CA MET C 777 2.91 9.31 -7.24
C MET C 777 3.16 10.49 -6.31
N MET C 778 4.41 10.88 -6.16
CA MET C 778 4.84 11.97 -5.32
C MET C 778 4.25 13.31 -5.72
N LYS C 779 4.15 13.61 -7.01
CA LYS C 779 3.56 14.89 -7.46
C LYS C 779 2.07 14.96 -7.14
N PHE C 780 1.32 13.89 -7.34
CA PHE C 780 -0.11 13.88 -7.02
C PHE C 780 -0.34 14.01 -5.52
N VAL C 781 0.39 13.27 -4.66
CA VAL C 781 0.22 13.40 -3.21
C VAL C 781 0.59 14.82 -2.75
N LYS C 782 1.59 15.47 -3.34
CA LYS C 782 1.91 16.86 -3.00
C LYS C 782 0.73 17.78 -3.32
N LEU C 783 0.18 17.69 -4.52
CA LEU C 783 -0.96 18.48 -4.95
C LEU C 783 -2.14 18.31 -4.00
N ALA C 784 -2.48 17.07 -3.63
CA ALA C 784 -3.59 16.82 -2.75
C ALA C 784 -3.47 17.53 -1.40
N ILE C 785 -2.26 17.72 -0.88
CA ILE C 785 -2.08 18.46 0.37
C ILE C 785 -2.18 19.95 0.06
N VAL C 786 -1.60 20.43 -1.05
CA VAL C 786 -1.67 21.84 -1.45
C VAL C 786 -3.13 22.31 -1.58
N LEU C 787 -4.04 21.47 -2.06
CA LEU C 787 -5.46 21.83 -2.19
C LEU C 787 -6.12 22.29 -0.89
N GLN C 788 -5.63 21.88 0.28
CA GLN C 788 -6.25 22.26 1.55
C GLN C 788 -5.73 23.55 2.18
N MET C 789 -4.78 24.23 1.55
CA MET C 789 -4.28 25.54 1.98
C MET C 789 -4.57 26.53 0.86
N ASP C 790 -4.86 27.79 1.19
CA ASP C 790 -5.24 28.81 0.20
C ASP C 790 -4.09 29.44 -0.62
N ASP C 791 -2.93 28.79 -0.74
CA ASP C 791 -1.82 29.31 -1.52
C ASP C 791 -2.07 29.14 -3.03
N GLU C 792 -2.52 30.20 -3.68
CA GLU C 792 -2.81 30.22 -5.11
C GLU C 792 -1.60 29.93 -5.98
N GLU C 793 -0.48 30.59 -5.71
CA GLU C 793 0.72 30.41 -6.51
C GLU C 793 1.26 28.99 -6.40
N GLU C 794 1.23 28.40 -5.21
CA GLU C 794 1.65 27.01 -5.05
C GLU C 794 0.75 26.11 -5.89
N LEU C 795 -0.58 26.24 -5.77
CA LEU C 795 -1.51 25.44 -6.55
C LEU C 795 -1.26 25.59 -8.04
N ALA C 796 -1.11 26.81 -8.52
CA ALA C 796 -0.87 27.09 -9.92
C ALA C 796 0.42 26.42 -10.42
N GLU C 797 1.51 26.49 -9.66
CA GLU C 797 2.78 25.88 -10.05
C GLU C 797 2.70 24.34 -10.05
N ASN C 798 2.08 23.72 -9.04
CA ASN C 798 1.92 22.26 -9.04
C ASN C 798 1.12 21.79 -10.26
N LEU C 799 0.00 22.46 -10.56
CA LEU C 799 -0.83 22.12 -11.70
C LEU C 799 -0.04 22.25 -13.00
N ARG C 800 0.72 23.32 -13.17
CA ARG C 800 1.52 23.56 -14.38
C ARG C 800 2.55 22.44 -14.56
N GLY C 801 3.14 21.96 -13.47
CA GLY C 801 4.08 20.86 -13.50
C GLY C 801 3.45 19.57 -14.03
N LEU C 802 2.30 19.18 -13.50
CA LEU C 802 1.60 17.97 -13.95
C LEU C 802 1.15 18.10 -15.40
N LEU C 803 0.67 19.27 -15.83
CA LEU C 803 0.22 19.46 -17.20
C LEU C 803 1.40 19.42 -18.18
N ASN C 804 2.60 19.86 -17.76
CA ASN C 804 3.81 19.76 -18.58
C ASN C 804 4.24 18.30 -18.70
N GLN C 805 4.09 17.51 -17.64
CA GLN C 805 4.48 16.10 -17.63
C GLN C 805 3.52 15.16 -18.39
N PHE C 806 2.24 15.11 -18.00
CA PHE C 806 1.24 14.23 -18.60
C PHE C 806 0.45 14.96 -19.68
N GLN C 807 1.12 15.33 -20.76
CA GLN C 807 0.54 16.10 -21.85
C GLN C 807 -0.66 15.42 -22.52
N PHE C 808 -1.70 16.21 -22.80
CA PHE C 808 -2.99 15.80 -23.37
C PHE C 808 -3.81 14.79 -22.53
N ASN C 809 -3.34 14.34 -21.37
CA ASN C 809 -4.02 13.30 -20.59
C ASN C 809 -5.38 13.75 -20.01
N ARG C 810 -6.44 12.98 -20.30
CA ARG C 810 -7.80 13.25 -19.85
C ARG C 810 -7.98 13.23 -18.33
N LYS C 811 -7.48 12.22 -17.62
CA LYS C 811 -7.64 12.19 -16.15
C LYS C 811 -6.93 13.37 -15.51
N VAL C 812 -5.79 13.81 -16.04
CA VAL C 812 -5.08 14.98 -15.51
C VAL C 812 -5.83 16.26 -15.80
N LEU C 813 -6.39 16.43 -17.01
CA LEU C 813 -7.17 17.63 -17.34
C LEU C 813 -8.40 17.75 -16.45
N GLN C 814 -9.01 16.64 -16.05
CA GLN C 814 -10.14 16.69 -15.13
C GLN C 814 -9.68 17.04 -13.73
N VAL C 815 -8.56 16.50 -13.26
CA VAL C 815 -7.99 16.89 -11.96
C VAL C 815 -7.71 18.38 -11.94
N PHE C 816 -7.24 18.98 -13.04
CA PHE C 816 -7.02 20.41 -13.13
C PHE C 816 -8.29 21.20 -12.89
N MET C 817 -9.36 20.95 -13.64
CA MET C 817 -10.62 21.68 -13.46
C MET C 817 -11.26 21.40 -12.12
N TYR C 818 -11.30 20.16 -11.64
CA TYR C 818 -11.89 19.87 -10.34
C TYR C 818 -11.11 20.55 -9.22
N SER C 819 -9.78 20.63 -9.34
CA SER C 819 -8.92 21.34 -8.38
C SER C 819 -9.21 22.84 -8.39
N LEU C 820 -9.94 23.34 -9.37
CA LEU C 820 -10.29 24.73 -9.55
C LEU C 820 -11.81 25.02 -9.46
N CYS C 821 -12.63 24.12 -8.89
CA CYS C 821 -14.08 24.28 -8.77
C CYS C 821 -14.67 25.46 -7.99
N ARG C 822 -14.04 26.01 -6.94
CA ARG C 822 -14.65 27.06 -6.09
C ARG C 822 -13.80 28.26 -5.68
N GLY C 823 -14.47 29.41 -5.61
CA GLY C 823 -13.94 30.66 -5.09
C GLY C 823 -13.14 31.56 -6.01
N PRO C 824 -12.72 32.73 -5.51
CA PRO C 824 -11.96 33.70 -6.28
C PRO C 824 -10.54 33.17 -6.52
N SER C 825 -9.98 32.38 -5.61
CA SER C 825 -8.66 31.79 -5.75
C SER C 825 -8.54 30.95 -7.01
N SER C 826 -9.54 30.12 -7.31
CA SER C 826 -9.52 29.33 -8.52
C SER C 826 -9.81 30.17 -9.76
N LEU C 827 -10.72 31.14 -9.70
CA LEU C 827 -10.99 32.03 -10.82
C LEU C 827 -9.75 32.85 -11.17
N ASN C 828 -8.94 33.26 -10.20
CA ASN C 828 -7.71 34.01 -10.46
C ASN C 828 -6.76 33.16 -11.30
N ILE C 829 -6.67 31.86 -11.04
CA ILE C 829 -5.85 30.94 -11.82
C ILE C 829 -6.33 30.90 -13.26
N LEU C 830 -7.60 30.55 -13.51
CA LEU C 830 -8.14 30.46 -14.86
C LEU C 830 -8.18 31.78 -15.61
N SER C 831 -8.40 32.90 -14.94
CA SER C 831 -8.47 34.20 -15.61
C SER C 831 -7.10 34.81 -15.94
N SER C 832 -5.99 34.27 -15.42
CA SER C 832 -4.65 34.80 -15.67
C SER C 832 -4.22 34.66 -17.14
N THR C 833 -3.50 35.63 -17.70
CA THR C 833 -3.05 35.54 -19.10
C THR C 833 -2.05 34.42 -19.29
N ILE C 834 -1.28 34.09 -18.25
CA ILE C 834 -0.33 32.98 -18.24
C ILE C 834 -1.05 31.70 -18.60
N GLN C 835 -2.18 31.41 -17.93
CA GLN C 835 -2.94 30.19 -18.20
C GLN C 835 -3.55 30.19 -19.61
N GLN C 836 -3.98 31.34 -20.12
CA GLN C 836 -4.52 31.39 -21.48
C GLN C 836 -3.43 31.00 -22.49
N LYS C 837 -2.22 31.54 -22.35
CA LYS C 837 -1.10 31.21 -23.23
C LYS C 837 -0.66 29.77 -23.07
N PHE C 838 -0.56 29.25 -21.85
CA PHE C 838 -0.17 27.86 -21.62
C PHE C 838 -1.09 26.89 -22.36
N PHE C 839 -2.41 27.04 -22.21
CA PHE C 839 -3.34 26.12 -22.85
C PHE C 839 -3.38 26.30 -24.35
N LEU C 840 -3.19 27.52 -24.87
CA LEU C 840 -3.16 27.72 -26.31
C LEU C 840 -2.05 26.88 -26.93
N ARG C 841 -0.91 26.81 -26.27
CA ARG C 841 0.27 26.07 -26.74
C ARG C 841 0.05 24.57 -26.73
N GLN C 842 -0.61 24.01 -25.72
CA GLN C 842 -0.95 22.59 -25.75
C GLN C 842 -2.01 22.30 -26.82
N LEU C 843 -2.97 23.20 -27.04
CA LEU C 843 -4.00 22.99 -28.05
C LEU C 843 -3.34 22.95 -29.44
N LYS C 844 -2.40 23.87 -29.72
CA LYS C 844 -1.62 23.89 -30.96
C LYS C 844 -0.82 22.60 -31.11
N ALA C 845 -0.23 22.10 -30.04
CA ALA C 845 0.53 20.86 -30.06
C ALA C 845 -0.37 19.67 -30.41
N PHE C 846 -1.59 19.63 -29.88
CA PHE C 846 -2.52 18.57 -30.23
C PHE C 846 -2.88 18.66 -31.71
N ASP C 847 -3.16 19.86 -32.22
CA ASP C 847 -3.45 20.03 -33.65
C ASP C 847 -2.27 19.59 -34.53
N SER C 848 -1.04 19.73 -34.03
CA SER C 848 0.13 19.27 -34.74
C SER C 848 0.09 17.74 -34.86
N CYS C 849 -0.21 17.01 -33.79
CA CYS C 849 -0.34 15.54 -33.81
C CYS C 849 -1.51 15.08 -34.69
N ARG C 850 -2.58 15.87 -34.72
CA ARG C 850 -3.83 15.64 -35.45
C ARG C 850 -3.70 15.82 -36.97
N TYR C 851 -2.81 16.69 -37.44
CA TYR C 851 -2.64 16.98 -38.87
C TYR C 851 -1.22 16.77 -39.44
N ASN C 852 -0.23 16.42 -38.62
CA ASN C 852 1.17 16.19 -39.01
C ASN C 852 1.89 17.42 -39.62
N THR C 853 1.74 18.61 -39.02
CA THR C 853 2.36 19.87 -39.49
C THR C 853 2.85 20.75 -38.34
N GLU C 854 3.85 21.59 -38.61
CA GLU C 854 4.41 22.56 -37.65
C GLU C 854 3.46 23.75 -37.47
N VAL C 855 3.02 24.01 -36.23
CA VAL C 855 2.14 25.12 -35.85
C VAL C 855 2.96 26.12 -35.03
N ASN C 856 3.00 27.39 -35.42
CA ASN C 856 3.78 28.42 -34.73
C ASN C 856 3.49 28.48 -33.22
N GLY C 857 4.54 28.36 -32.41
CA GLY C 857 4.49 28.38 -30.95
C GLY C 857 3.96 27.11 -30.27
N GLN C 858 3.76 26.00 -30.99
CA GLN C 858 3.27 24.76 -30.38
C GLN C 858 4.21 24.22 -29.30
N ALA C 859 3.65 23.64 -28.23
CA ALA C 859 4.45 22.98 -27.20
C ALA C 859 5.12 21.72 -27.79
N SER C 860 6.26 21.28 -27.26
CA SER C 860 6.90 20.05 -27.78
C SER C 860 5.98 18.85 -27.54
N ILE C 861 5.92 17.92 -28.49
CA ILE C 861 5.06 16.74 -28.39
C ILE C 861 5.74 15.69 -27.51
N THR C 862 5.50 15.77 -26.20
CA THR C 862 6.04 14.84 -25.21
C THR C 862 5.24 13.54 -25.22
N ASN C 863 3.92 13.61 -25.41
CA ASN C 863 3.05 12.45 -25.52
C ASN C 863 2.88 12.09 -27.00
N LYS C 864 3.84 11.36 -27.57
CA LYS C 864 3.81 10.88 -28.96
C LYS C 864 2.91 9.65 -29.14
N GLU C 865 2.37 9.08 -28.07
CA GLU C 865 1.54 7.88 -28.07
C GLU C 865 0.09 8.06 -28.58
N VAL C 866 -0.31 9.27 -28.96
CA VAL C 866 -1.66 9.59 -29.47
C VAL C 866 -2.04 8.76 -30.70
N TYR C 867 -3.28 8.27 -30.73
CA TYR C 867 -3.89 7.50 -31.82
C TYR C 867 -5.26 8.11 -32.11
N ASN C 868 -5.34 8.91 -33.17
CA ASN C 868 -6.53 9.64 -33.60
C ASN C 868 -6.71 9.55 -35.12
N PRO C 869 -7.05 8.36 -35.66
CA PRO C 869 -7.15 8.14 -37.10
C PRO C 869 -8.25 8.95 -37.79
N ASN C 870 -9.32 9.34 -37.09
CA ASN C 870 -10.40 10.15 -37.66
C ASN C 870 -10.17 11.68 -37.51
N LYS C 871 -8.96 12.12 -37.10
CA LYS C 871 -8.57 13.54 -36.95
C LYS C 871 -9.44 14.39 -36.01
N LYS C 872 -10.14 13.79 -35.05
CA LYS C 872 -11.01 14.50 -34.10
C LYS C 872 -10.29 15.52 -33.22
N SER C 873 -11.01 16.52 -32.73
CA SER C 873 -10.52 17.47 -31.75
C SER C 873 -10.34 16.74 -30.41
N SER C 874 -9.69 17.35 -29.41
CA SER C 874 -9.75 16.79 -28.06
C SER C 874 -10.83 17.64 -27.41
N PRO C 875 -12.03 17.10 -27.07
CA PRO C 875 -13.08 17.92 -26.51
C PRO C 875 -12.64 18.60 -25.23
N TYR C 876 -11.82 17.93 -24.43
CA TYR C 876 -11.31 18.46 -23.18
C TYR C 876 -10.41 19.66 -23.35
N LEU C 877 -9.56 19.70 -24.38
CA LEU C 877 -8.71 20.86 -24.63
C LEU C 877 -9.54 22.03 -25.11
N TYR C 878 -10.46 21.78 -26.04
CA TYR C 878 -11.30 22.85 -26.58
C TYR C 878 -12.23 23.41 -25.50
N TYR C 879 -12.74 22.54 -24.63
CA TYR C 879 -13.58 22.93 -23.52
C TYR C 879 -12.82 23.80 -22.54
N ILE C 880 -11.66 23.34 -22.06
CA ILE C 880 -10.87 24.10 -21.09
C ILE C 880 -10.40 25.41 -21.71
N TYR C 881 -10.12 25.48 -23.00
CA TYR C 881 -9.78 26.76 -23.59
C TYR C 881 -11.01 27.69 -23.65
N ALA C 882 -12.21 27.17 -23.91
CA ALA C 882 -13.42 27.99 -23.88
C ALA C 882 -13.68 28.54 -22.48
N VAL C 883 -13.47 27.72 -21.44
CA VAL C 883 -13.58 28.13 -20.04
C VAL C 883 -12.58 29.22 -19.71
N LEU C 884 -11.32 29.12 -20.12
CA LEU C 884 -10.31 30.14 -19.82
C LEU C 884 -10.68 31.50 -20.41
N LEU C 885 -11.26 31.53 -21.60
CA LEU C 885 -11.71 32.76 -22.25
C LEU C 885 -12.98 33.31 -21.60
N TYR C 886 -13.96 32.46 -21.34
CA TYR C 886 -15.21 32.82 -20.71
C TYR C 886 -14.98 33.42 -19.33
N SER C 887 -14.19 32.73 -18.51
CA SER C 887 -13.85 33.14 -17.14
C SER C 887 -12.94 34.37 -17.08
N SER C 888 -12.72 35.04 -18.21
CA SER C 888 -11.94 36.26 -18.35
C SER C 888 -12.65 37.27 -19.26
N ARG C 889 -13.98 37.12 -19.37
CA ARG C 889 -14.94 37.95 -20.10
C ARG C 889 -14.76 38.06 -21.61
N GLY C 890 -14.14 37.08 -22.24
CA GLY C 890 -13.99 36.99 -23.70
C GLY C 890 -15.15 36.19 -24.27
N PHE C 891 -16.38 36.68 -24.18
CA PHE C 891 -17.56 35.91 -24.59
C PHE C 891 -17.61 35.58 -26.07
N LEU C 892 -17.17 36.50 -26.94
CA LEU C 892 -17.14 36.22 -28.38
C LEU C 892 -16.20 35.07 -28.70
N SER C 893 -15.06 35.05 -28.02
CA SER C 893 -14.07 34.00 -28.18
C SER C 893 -14.56 32.68 -27.60
N ALA C 894 -15.30 32.71 -26.50
CA ALA C 894 -15.81 31.50 -25.88
C ALA C 894 -16.82 30.80 -26.80
N LEU C 895 -17.69 31.55 -27.47
CA LEU C 895 -18.66 31.00 -28.40
C LEU C 895 -18.00 30.29 -29.58
N GLN C 896 -16.88 30.80 -30.09
CA GLN C 896 -16.17 30.15 -31.20
C GLN C 896 -15.74 28.74 -30.82
N TYR C 897 -14.97 28.57 -29.76
CA TYR C 897 -14.53 27.24 -29.35
C TYR C 897 -15.71 26.37 -28.90
N LEU C 898 -16.75 26.93 -28.30
CA LEU C 898 -17.91 26.14 -27.92
C LEU C 898 -18.67 25.63 -29.14
N THR C 899 -18.83 26.43 -30.19
CA THR C 899 -19.47 25.93 -31.41
C THR C 899 -18.62 24.83 -32.00
N ARG C 900 -17.29 24.92 -31.92
CA ARG C 900 -16.42 23.83 -32.39
C ARG C 900 -16.60 22.58 -31.54
N LEU C 901 -17.18 22.65 -30.34
CA LEU C 901 -17.52 21.48 -29.56
C LEU C 901 -18.89 20.96 -29.96
N GLU C 902 -19.83 21.84 -30.29
CA GLU C 902 -21.17 21.47 -30.71
C GLU C 902 -21.14 20.50 -31.89
N GLU C 903 -20.20 20.70 -32.81
CA GLU C 903 -20.01 19.82 -33.97
C GLU C 903 -19.67 18.36 -33.57
N ASP C 904 -19.04 18.15 -32.41
CA ASP C 904 -18.62 16.85 -31.91
C ASP C 904 -19.51 16.26 -30.82
N ILE C 905 -19.96 17.09 -29.87
CA ILE C 905 -20.71 16.71 -28.67
C ILE C 905 -21.94 17.62 -28.39
N PRO C 906 -22.90 17.69 -29.33
CA PRO C 906 -24.07 18.57 -29.20
C PRO C 906 -25.04 18.21 -28.07
N ASP C 907 -25.07 16.97 -27.61
CA ASP C 907 -25.96 16.50 -26.56
C ASP C 907 -25.30 16.40 -25.18
N ASP C 908 -24.41 17.34 -24.87
CA ASP C 908 -23.72 17.45 -23.58
C ASP C 908 -24.36 18.57 -22.76
N PRO C 909 -24.74 18.35 -21.50
CA PRO C 909 -25.39 19.38 -20.71
C PRO C 909 -24.59 20.65 -20.53
N MET C 910 -23.30 20.51 -20.27
CA MET C 910 -22.46 21.65 -19.94
C MET C 910 -22.12 22.50 -21.15
N VAL C 911 -21.82 21.89 -22.30
CA VAL C 911 -21.55 22.67 -23.51
C VAL C 911 -22.77 23.53 -23.80
N ASN C 912 -23.99 22.96 -23.72
CA ASN C 912 -25.22 23.69 -23.96
C ASN C 912 -25.40 24.85 -22.98
N LEU C 913 -25.30 24.59 -21.69
CA LEU C 913 -25.43 25.64 -20.69
C LEU C 913 -24.44 26.78 -20.92
N LEU C 914 -23.17 26.46 -21.13
CA LEU C 914 -22.14 27.47 -21.28
C LEU C 914 -22.32 28.27 -22.56
N MET C 915 -23.02 27.76 -23.56
CA MET C 915 -23.36 28.52 -24.76
C MET C 915 -24.47 29.50 -24.47
N GLY C 916 -25.54 29.05 -23.81
CA GLY C 916 -26.66 29.90 -23.46
C GLY C 916 -26.24 31.11 -22.63
N LEU C 917 -25.47 30.88 -21.59
CA LEU C 917 -24.97 31.94 -20.73
C LEU C 917 -24.03 32.85 -21.49
N SER C 918 -23.23 32.35 -22.41
CA SER C 918 -22.35 33.20 -23.20
C SER C 918 -23.15 34.16 -24.04
N HIS C 919 -24.20 33.71 -24.71
CA HIS C 919 -25.05 34.60 -25.48
C HIS C 919 -25.71 35.65 -24.61
N ILE C 920 -26.26 35.29 -23.45
CA ILE C 920 -26.91 36.27 -22.57
C ILE C 920 -25.90 37.33 -22.14
N HIS C 921 -24.73 36.95 -21.63
CA HIS C 921 -23.76 37.94 -21.20
C HIS C 921 -23.30 38.81 -22.36
N ARG C 922 -23.03 38.20 -23.52
CA ARG C 922 -22.62 38.89 -24.73
C ARG C 922 -23.66 39.94 -25.12
N ALA C 923 -24.93 39.58 -25.11
CA ALA C 923 -26.03 40.45 -25.46
C ALA C 923 -26.15 41.69 -24.59
N MET C 924 -25.69 41.59 -23.35
CA MET C 924 -25.74 42.68 -22.37
C MET C 924 -24.61 43.70 -22.46
N GLN C 925 -23.58 43.48 -23.29
CA GLN C 925 -22.51 44.45 -23.44
C GLN C 925 -23.00 45.72 -24.15
N ARG C 926 -22.33 46.86 -23.98
CA ARG C 926 -22.76 48.15 -24.55
C ARG C 926 -22.94 48.18 -26.06
N LEU C 927 -22.01 47.62 -26.80
CA LEU C 927 -21.99 47.70 -28.26
C LEU C 927 -22.86 46.70 -29.02
N THR C 928 -23.45 45.68 -28.38
CA THR C 928 -24.23 44.70 -29.12
C THR C 928 -25.63 45.15 -29.50
N ALA C 929 -25.80 45.52 -30.77
CA ALA C 929 -27.13 45.70 -31.34
C ALA C 929 -27.72 44.28 -31.46
N GLN C 930 -28.94 44.07 -31.93
CA GLN C 930 -29.51 42.72 -31.99
C GLN C 930 -29.67 42.08 -30.59
N ARG C 931 -29.83 42.89 -29.53
CA ARG C 931 -29.92 42.40 -28.15
C ARG C 931 -31.03 41.38 -27.95
N HIS C 932 -32.23 41.65 -28.44
CA HIS C 932 -33.34 40.71 -28.27
C HIS C 932 -33.04 39.39 -28.95
N PHE C 933 -32.48 39.43 -30.15
CA PHE C 933 -32.22 38.23 -30.89
C PHE C 933 -31.19 37.35 -30.19
N GLN C 934 -30.18 37.96 -29.58
CA GLN C 934 -29.17 37.20 -28.86
C GLN C 934 -29.78 36.57 -27.63
N ILE C 935 -30.67 37.25 -26.91
CA ILE C 935 -31.31 36.64 -25.74
C ILE C 935 -32.14 35.44 -26.18
N PHE C 936 -32.86 35.50 -27.31
CA PHE C 936 -33.59 34.33 -27.81
C PHE C 936 -32.63 33.19 -28.08
N HIS C 937 -31.44 33.46 -28.63
CA HIS C 937 -30.46 32.40 -28.85
C HIS C 937 -30.02 31.82 -27.50
N GLY C 938 -29.86 32.67 -26.50
CA GLY C 938 -29.50 32.24 -25.17
C GLY C 938 -30.51 31.27 -24.61
N LEU C 939 -31.79 31.64 -24.66
CA LEU C 939 -32.87 30.81 -24.16
C LEU C 939 -32.93 29.51 -24.94
N ARG C 940 -32.69 29.51 -26.25
CA ARG C 940 -32.67 28.29 -27.06
C ARG C 940 -31.75 27.25 -26.46
N TYR C 941 -30.50 27.62 -26.20
CA TYR C 941 -29.49 26.70 -25.65
C TYR C 941 -29.78 26.33 -24.22
N LEU C 942 -30.25 27.24 -23.38
CA LEU C 942 -30.63 26.91 -22.01
C LEU C 942 -31.75 25.88 -22.03
N TYR C 943 -32.77 26.03 -22.89
CA TYR C 943 -33.86 25.05 -22.98
C TYR C 943 -33.36 23.74 -23.54
N ARG C 944 -32.33 23.72 -24.38
CA ARG C 944 -31.74 22.46 -24.81
C ARG C 944 -31.16 21.75 -23.61
N TYR C 945 -30.36 22.45 -22.81
CA TYR C 945 -29.80 21.92 -21.57
C TYR C 945 -30.92 21.39 -20.69
N HIS C 946 -32.01 22.14 -20.59
CA HIS C 946 -33.16 21.77 -19.82
C HIS C 946 -33.72 20.42 -20.23
N LYS C 947 -34.00 20.24 -21.53
CA LYS C 947 -34.52 18.99 -22.08
C LYS C 947 -33.54 17.86 -21.86
N ILE C 948 -32.24 18.08 -22.07
CA ILE C 948 -31.21 17.06 -21.89
C ILE C 948 -31.20 16.61 -20.43
N ARG C 949 -31.13 17.53 -19.47
CA ARG C 949 -31.08 17.19 -18.05
C ARG C 949 -32.34 16.53 -17.53
N LYS C 950 -33.50 17.08 -17.85
CA LYS C 950 -34.78 16.55 -17.37
C LYS C 950 -35.12 15.17 -17.90
N SER C 951 -34.69 14.84 -19.11
CA SER C 951 -35.02 13.55 -19.72
C SER C 951 -34.08 12.39 -19.39
N LEU C 952 -32.76 12.56 -19.49
CA LEU C 952 -31.82 11.43 -19.46
C LEU C 952 -31.15 11.14 -18.10
N TYR C 953 -31.50 11.83 -17.02
CA TYR C 953 -30.89 11.70 -15.69
C TYR C 953 -31.93 11.65 -14.55
N THR C 954 -31.53 11.30 -13.33
CA THR C 954 -32.42 11.20 -12.17
C THR C 954 -32.91 12.54 -11.62
N ASP C 955 -33.78 12.53 -10.60
CA ASP C 955 -34.40 13.72 -10.00
C ASP C 955 -33.43 14.81 -9.52
N LEU C 956 -32.23 14.46 -9.07
CA LEU C 956 -31.20 15.40 -8.65
C LEU C 956 -30.90 16.36 -9.82
N GLU C 957 -30.72 15.81 -11.01
CA GLU C 957 -30.49 16.57 -12.22
C GLU C 957 -31.74 17.30 -12.67
N LYS C 958 -32.94 16.74 -12.45
CA LYS C 958 -34.18 17.44 -12.81
C LYS C 958 -34.29 18.73 -12.01
N GLN C 959 -34.01 18.64 -10.72
CA GLN C 959 -34.02 19.78 -9.81
C GLN C 959 -32.98 20.81 -10.25
N GLU C 960 -31.79 20.36 -10.62
CA GLU C 960 -30.72 21.22 -11.10
C GLU C 960 -31.19 22.01 -12.33
N ALA C 961 -31.86 21.34 -13.26
CA ALA C 961 -32.38 21.95 -14.47
C ALA C 961 -33.29 23.12 -14.14
N ASP C 962 -34.29 22.88 -13.29
CA ASP C 962 -35.23 23.91 -12.86
C ASP C 962 -34.50 25.06 -12.17
N TYR C 963 -33.59 24.77 -11.23
CA TYR C 963 -32.83 25.81 -10.56
C TYR C 963 -32.03 26.68 -11.51
N ASN C 964 -31.18 26.09 -12.35
CA ASN C 964 -30.35 26.85 -13.26
C ASN C 964 -31.15 27.63 -14.27
N LEU C 965 -32.21 27.07 -14.82
CA LEU C 965 -32.99 27.79 -15.79
C LEU C 965 -33.63 29.00 -15.12
N GLY C 966 -34.11 28.85 -13.89
CA GLY C 966 -34.69 29.97 -13.17
C GLY C 966 -33.68 31.07 -12.98
N ARG C 967 -32.47 30.69 -12.59
CA ARG C 967 -31.36 31.61 -12.36
C ARG C 967 -30.98 32.38 -13.61
N ALA C 968 -31.21 31.82 -14.80
CA ALA C 968 -30.94 32.50 -16.05
C ALA C 968 -31.92 33.64 -16.25
N PHE C 969 -33.21 33.41 -16.00
CA PHE C 969 -34.19 34.48 -16.11
C PHE C 969 -33.89 35.59 -15.11
N HIS C 970 -33.40 35.21 -13.94
CA HIS C 970 -33.00 36.16 -12.92
C HIS C 970 -31.84 37.00 -13.45
N LEU C 971 -30.83 36.39 -14.07
CA LEU C 971 -29.68 37.09 -14.63
C LEU C 971 -30.12 38.14 -15.63
N ILE C 972 -31.06 37.81 -16.51
CA ILE C 972 -31.59 38.69 -17.55
C ILE C 972 -32.35 39.85 -16.92
N GLY C 973 -32.93 39.69 -15.74
CA GLY C 973 -33.73 40.73 -15.07
C GLY C 973 -35.23 40.45 -15.09
N LEU C 974 -35.66 39.31 -15.62
CA LEU C 974 -37.05 38.87 -15.72
C LEU C 974 -37.41 38.12 -14.45
N VAL C 975 -37.54 38.87 -13.37
CA VAL C 975 -37.79 38.37 -12.03
C VAL C 975 -39.09 37.59 -11.87
N SER C 976 -40.16 37.96 -12.57
CA SER C 976 -41.46 37.28 -12.48
C SER C 976 -41.42 35.83 -12.93
N ILE C 977 -40.63 35.52 -13.95
CA ILE C 977 -40.47 34.18 -14.50
C ILE C 977 -39.59 33.35 -13.57
N ALA C 978 -38.57 33.96 -12.97
CA ALA C 978 -37.65 33.27 -12.08
C ALA C 978 -38.33 32.59 -10.91
N ILE C 979 -39.29 33.26 -10.28
CA ILE C 979 -40.01 32.73 -9.12
C ILE C 979 -40.75 31.43 -9.47
N GLU C 980 -41.25 31.23 -10.69
CA GLU C 980 -41.91 29.97 -11.05
C GLU C 980 -40.92 28.82 -10.94
N TYR C 981 -39.76 28.96 -11.58
CA TYR C 981 -38.74 27.93 -11.55
C TYR C 981 -38.22 27.67 -10.15
N TYR C 982 -37.94 28.70 -9.36
CA TYR C 982 -37.51 28.47 -7.99
C TYR C 982 -38.60 27.75 -7.22
N ASN C 983 -39.87 28.07 -7.41
CA ASN C 983 -40.93 27.35 -6.72
C ASN C 983 -40.93 25.88 -7.10
N ARG C 984 -40.67 25.52 -8.37
CA ARG C 984 -40.62 24.11 -8.75
C ARG C 984 -39.55 23.37 -7.99
N VAL C 985 -38.38 23.99 -7.84
CA VAL C 985 -37.26 23.45 -7.09
C VAL C 985 -37.65 23.13 -5.65
N LEU C 986 -38.46 23.99 -5.04
CA LEU C 986 -38.95 23.87 -3.68
C LEU C 986 -40.10 22.89 -3.49
N GLU C 987 -41.09 22.93 -4.37
CA GLU C 987 -42.33 22.16 -4.26
C GLU C 987 -42.38 20.76 -4.89
N ASN C 988 -41.77 20.55 -6.06
CA ASN C 988 -41.85 19.27 -6.73
C ASN C 988 -40.91 18.18 -6.20
N TYR C 989 -39.70 18.51 -5.78
CA TYR C 989 -38.68 17.54 -5.36
C TYR C 989 -38.49 17.39 -3.85
N ASP C 990 -37.74 16.37 -3.43
CA ASP C 990 -37.43 16.05 -2.03
C ASP C 990 -36.03 16.48 -1.55
N ASP C 991 -34.98 16.39 -2.38
CA ASP C 991 -33.61 16.77 -2.01
C ASP C 991 -33.51 18.24 -1.61
N GLY C 992 -33.02 18.51 -0.42
CA GLY C 992 -32.86 19.83 0.17
C GLY C 992 -31.65 20.66 -0.26
N LYS C 993 -30.61 20.10 -0.89
CA LYS C 993 -29.39 20.88 -1.17
C LYS C 993 -29.61 22.08 -2.07
N LEU C 994 -30.31 21.91 -3.19
CA LEU C 994 -30.64 23.01 -4.09
C LEU C 994 -31.79 23.85 -3.54
N LYS C 995 -32.64 23.32 -2.65
CA LYS C 995 -33.73 24.10 -2.08
C LYS C 995 -33.22 25.32 -1.35
N LYS C 996 -32.09 25.22 -0.66
CA LYS C 996 -31.48 26.34 0.03
C LYS C 996 -31.16 27.47 -0.92
N HIS C 997 -30.61 27.16 -2.08
CA HIS C 997 -30.29 28.14 -3.11
C HIS C 997 -31.56 28.73 -3.70
N ALA C 998 -32.59 27.92 -3.93
CA ALA C 998 -33.84 28.41 -4.48
C ALA C 998 -34.53 29.36 -3.48
N ALA C 999 -34.52 29.01 -2.20
CA ALA C 999 -35.03 29.83 -1.14
C ALA C 999 -34.23 31.13 -1.03
N TYR C 1000 -32.90 31.07 -1.03
CA TYR C 1000 -32.05 32.25 -0.92
C TYR C 1000 -32.30 33.25 -2.04
N ASN C 1001 -32.37 32.82 -3.29
CA ASN C 1001 -32.63 33.77 -4.37
C ASN C 1001 -34.05 34.31 -4.31
N SER C 1002 -35.02 33.48 -3.90
CA SER C 1002 -36.38 33.95 -3.74
C SER C 1002 -36.46 35.01 -2.64
N ILE C 1003 -35.70 34.87 -1.55
CA ILE C 1003 -35.62 35.83 -0.47
C ILE C 1003 -35.14 37.16 -1.01
N ILE C 1004 -34.11 37.18 -1.85
CA ILE C 1004 -33.60 38.43 -2.43
C ILE C 1004 -34.69 39.08 -3.29
N ILE C 1005 -35.43 38.30 -4.07
CA ILE C 1005 -36.51 38.81 -4.93
C ILE C 1005 -37.64 39.40 -4.08
N TYR C 1006 -38.15 38.65 -3.12
CA TYR C 1006 -39.23 39.10 -2.26
C TYR C 1006 -38.82 40.28 -1.39
N GLN C 1007 -37.58 40.36 -0.93
CA GLN C 1007 -37.08 41.51 -0.19
C GLN C 1007 -37.16 42.75 -1.06
N GLN C 1008 -36.72 42.69 -2.31
CA GLN C 1008 -36.83 43.85 -3.21
C GLN C 1008 -38.30 44.18 -3.49
N SER C 1009 -39.18 43.20 -3.63
CA SER C 1009 -40.61 43.39 -3.84
C SER C 1009 -41.34 43.90 -2.60
N GLY C 1010 -40.67 44.05 -1.48
CA GLY C 1010 -41.22 44.51 -0.21
C GLY C 1010 -41.99 43.45 0.57
N ASN C 1011 -42.13 42.23 0.09
CA ASN C 1011 -42.85 41.16 0.77
C ASN C 1011 -41.94 40.49 1.81
N VAL C 1012 -41.65 41.23 2.86
CA VAL C 1012 -40.80 40.80 3.95
C VAL C 1012 -41.36 39.57 4.67
N GLU C 1013 -42.66 39.46 4.83
CA GLU C 1013 -43.28 38.32 5.51
C GLU C 1013 -42.99 36.99 4.82
N LEU C 1014 -43.09 36.92 3.49
CA LEU C 1014 -42.80 35.68 2.78
C LEU C 1014 -41.32 35.34 2.87
N ALA C 1015 -40.45 36.35 2.80
CA ALA C 1015 -39.02 36.16 2.94
C ALA C 1015 -38.70 35.53 4.30
N ASP C 1016 -39.37 35.95 5.38
CA ASP C 1016 -39.16 35.39 6.70
C ASP C 1016 -39.74 33.97 6.83
N HIS C 1017 -40.82 33.62 6.15
CA HIS C 1017 -41.36 32.25 6.16
C HIS C 1017 -40.36 31.33 5.46
N LEU C 1018 -39.83 31.73 4.29
CA LEU C 1018 -38.84 30.94 3.58
C LEU C 1018 -37.60 30.70 4.45
N MET C 1019 -37.11 31.76 5.08
CA MET C 1019 -35.94 31.73 5.94
C MET C 1019 -36.07 30.64 6.99
N GLU C 1020 -37.19 30.61 7.72
CA GLU C 1020 -37.40 29.60 8.76
C GLU C 1020 -37.61 28.20 8.19
N LYS C 1021 -38.25 28.07 7.04
CA LYS C 1021 -38.57 26.78 6.43
C LYS C 1021 -37.38 26.08 5.78
N TYR C 1022 -36.48 26.80 5.11
CA TYR C 1022 -35.33 26.22 4.38
C TYR C 1022 -33.94 26.58 4.86
N LEU C 1023 -33.71 27.80 5.33
CA LEU C 1023 -32.42 28.31 5.78
C LEU C 1023 -32.29 28.39 7.32
N SER C 1024 -32.93 27.48 8.06
CA SER C 1024 -32.88 27.43 9.52
C SER C 1024 -31.78 26.51 10.06
N ILE C 1025 -31.15 26.93 11.17
CA ILE C 1025 -30.06 26.23 11.85
C ILE C 1025 -30.25 26.20 13.37
N LEU D 24 -38.07 63.42 37.83
CA LEU D 24 -37.05 62.35 37.82
C LEU D 24 -36.52 62.13 36.40
N ILE D 25 -35.29 62.53 36.12
CA ILE D 25 -34.68 62.44 34.77
C ILE D 25 -34.25 61.00 34.43
N ALA D 26 -34.38 60.57 33.18
CA ALA D 26 -33.92 59.28 32.66
C ALA D 26 -32.39 59.20 32.60
N ASP D 27 -31.79 58.05 32.92
CA ASP D 27 -30.35 57.93 33.16
C ASP D 27 -29.49 58.28 31.94
N GLU D 28 -28.46 59.10 32.14
CA GLU D 28 -27.59 59.58 31.06
C GLU D 28 -26.43 58.61 30.80
N PHE D 29 -26.62 57.59 29.98
CA PHE D 29 -25.60 56.59 29.70
C PHE D 29 -24.53 57.08 28.72
N THR D 30 -23.32 56.55 28.85
CA THR D 30 -22.19 56.83 27.95
C THR D 30 -22.35 56.28 26.56
N LEU D 31 -21.76 56.95 25.57
CA LEU D 31 -21.59 56.42 24.21
C LEU D 31 -20.10 56.36 23.84
N ASP D 32 -19.21 56.48 24.84
CA ASP D 32 -17.74 56.35 24.73
C ASP D 32 -17.31 54.92 24.34
N LEU D 33 -18.27 53.99 24.37
CA LEU D 33 -18.17 52.54 24.23
C LEU D 33 -17.34 52.01 23.04
N PRO D 34 -16.91 50.73 23.09
CA PRO D 34 -16.15 50.12 22.04
C PRO D 34 -16.91 50.06 20.74
N ARG D 35 -16.17 50.16 19.63
CA ARG D 35 -16.73 50.01 18.29
C ARG D 35 -16.38 48.62 17.81
N ILE D 36 -17.39 47.81 17.48
CA ILE D 36 -17.24 46.40 17.09
C ILE D 36 -17.84 46.05 15.72
N PRO D 37 -17.34 45.03 15.02
CA PRO D 37 -17.87 44.61 13.73
C PRO D 37 -19.08 43.66 13.87
N SER D 38 -19.80 43.45 12.77
CA SER D 38 -21.03 42.64 12.72
C SER D 38 -21.25 41.86 11.42
N LEU D 39 -22.00 40.76 11.43
CA LEU D 39 -22.26 39.89 10.28
C LEU D 39 -23.75 39.58 10.14
N GLU D 40 -24.41 40.08 9.10
CA GLU D 40 -25.83 39.83 8.85
C GLU D 40 -26.01 38.59 7.99
N LEU D 41 -26.29 37.45 8.61
CA LEU D 41 -26.51 36.21 7.89
C LEU D 41 -27.92 36.09 7.35
N PRO D 42 -28.12 35.71 6.08
CA PRO D 42 -29.43 35.43 5.52
C PRO D 42 -29.79 33.99 5.91
N LEU D 43 -29.77 33.68 7.20
CA LEU D 43 -30.07 32.39 7.80
C LEU D 43 -30.79 32.60 9.15
N ASN D 44 -31.61 31.66 9.57
CA ASN D 44 -32.30 31.69 10.86
C ASN D 44 -31.45 30.92 11.87
N VAL D 45 -30.53 31.60 12.54
CA VAL D 45 -29.60 31.02 13.52
C VAL D 45 -30.23 30.98 14.90
N SER D 46 -30.54 29.80 15.40
CA SER D 46 -31.10 29.59 16.74
C SER D 46 -30.09 29.92 17.85
N THR D 47 -30.54 30.03 19.10
CA THR D 47 -29.75 30.54 20.22
C THR D 47 -28.64 29.62 20.73
N LYS D 48 -28.66 28.33 20.40
CA LYS D 48 -27.69 27.34 20.85
C LYS D 48 -26.27 27.65 20.38
N HIS D 49 -25.26 27.29 21.18
CA HIS D 49 -23.86 27.36 20.74
C HIS D 49 -23.65 26.56 19.46
N SER D 50 -24.22 25.36 19.35
CA SER D 50 -24.09 24.49 18.16
C SER D 50 -24.49 25.22 16.87
N SER D 51 -25.57 25.99 16.93
CA SER D 51 -26.05 26.79 15.83
C SER D 51 -25.12 27.95 15.48
N ILE D 52 -24.75 28.81 16.43
CA ILE D 52 -23.85 29.93 16.18
C ILE D 52 -22.47 29.45 15.72
N GLN D 53 -21.98 28.33 16.23
CA GLN D 53 -20.73 27.70 15.78
C GLN D 53 -20.85 27.22 14.34
N LYS D 54 -21.92 26.49 14.00
CA LYS D 54 -22.14 26.02 12.62
C LYS D 54 -22.25 27.20 11.67
N ALA D 55 -22.92 28.28 12.06
CA ALA D 55 -23.04 29.47 11.25
C ALA D 55 -21.68 30.08 10.92
N ILE D 56 -20.77 30.25 11.87
CA ILE D 56 -19.44 30.80 11.57
C ILE D 56 -18.61 29.81 10.75
N LYS D 57 -18.83 28.50 10.89
CA LYS D 57 -18.12 27.51 10.07
C LYS D 57 -18.55 27.59 8.60
N MET D 58 -19.79 27.99 8.29
CA MET D 58 -20.25 28.17 6.91
C MET D 58 -19.50 29.28 6.16
N CYS D 59 -18.92 30.22 6.88
CA CYS D 59 -18.11 31.31 6.35
C CYS D 59 -16.61 30.98 6.30
N GLY D 60 -16.20 29.80 6.76
CA GLY D 60 -14.81 29.36 6.79
C GLY D 60 -14.08 29.47 8.12
N GLY D 61 -14.78 29.63 9.25
CA GLY D 61 -14.18 29.74 10.58
C GLY D 61 -13.98 31.20 11.03
N ILE D 62 -13.76 31.39 12.33
CA ILE D 62 -13.64 32.73 12.91
C ILE D 62 -12.44 33.51 12.40
N GLU D 63 -11.38 32.84 11.94
CA GLU D 63 -10.22 33.51 11.39
C GLU D 63 -10.62 34.25 10.10
N LYS D 64 -11.34 33.59 9.20
CA LYS D 64 -11.83 34.19 7.95
C LYS D 64 -12.74 35.36 8.23
N VAL D 65 -13.71 35.22 9.12
CA VAL D 65 -14.65 36.30 9.44
C VAL D 65 -13.90 37.51 9.98
N LYS D 66 -12.98 37.35 10.95
CA LYS D 66 -12.24 38.49 11.49
C LYS D 66 -11.37 39.13 10.41
N GLU D 67 -10.70 38.35 9.58
CA GLU D 67 -9.90 38.90 8.48
C GLU D 67 -10.76 39.66 7.47
N ALA D 68 -11.94 39.17 7.12
CA ALA D 68 -12.82 39.81 6.16
C ALA D 68 -13.24 41.22 6.58
N PHE D 69 -13.35 41.51 7.87
CA PHE D 69 -13.67 42.86 8.34
C PHE D 69 -12.53 43.84 8.13
N LYS D 70 -11.29 43.38 7.93
CA LYS D 70 -10.09 44.21 7.74
C LYS D 70 -9.75 44.54 6.29
N GLU D 71 -10.46 43.99 5.31
CA GLU D 71 -10.26 44.29 3.89
C GLU D 71 -10.65 45.75 3.59
N HIS D 72 -9.89 46.42 2.72
CA HIS D 72 -10.12 47.80 2.29
C HIS D 72 -9.94 47.92 0.78
N GLY D 73 -10.44 48.99 0.17
CA GLY D 73 -10.29 49.29 -1.25
C GLY D 73 -11.59 49.28 -2.06
N PRO D 74 -11.53 49.51 -3.38
CA PRO D 74 -12.70 49.54 -4.26
C PRO D 74 -13.53 48.26 -4.19
N ILE D 75 -14.84 48.41 -3.98
CA ILE D 75 -15.83 47.34 -3.80
C ILE D 75 -15.83 46.34 -4.95
N GLU D 76 -15.48 46.78 -6.15
CA GLU D 76 -15.40 45.93 -7.34
C GLU D 76 -14.33 44.84 -7.20
N SER D 77 -13.27 45.14 -6.44
CA SER D 77 -12.12 44.26 -6.24
C SER D 77 -12.14 43.43 -4.97
N GLN D 78 -12.88 43.84 -3.95
CA GLN D 78 -12.92 43.13 -2.68
C GLN D 78 -13.35 41.67 -2.84
N HIS D 79 -12.52 40.73 -2.39
CA HIS D 79 -12.83 39.31 -2.44
C HIS D 79 -13.99 38.99 -1.53
N GLY D 80 -14.11 39.69 -0.41
CA GLY D 80 -15.17 39.51 0.56
C GLY D 80 -15.15 38.16 1.25
N LEU D 81 -16.26 37.82 1.87
CA LEU D 81 -16.45 36.59 2.61
C LEU D 81 -17.28 35.62 1.78
N GLN D 82 -16.91 34.35 1.77
CA GLN D 82 -17.60 33.32 0.99
C GLN D 82 -18.48 32.47 1.91
N LEU D 83 -19.77 32.38 1.64
CA LEU D 83 -20.73 31.61 2.43
C LEU D 83 -21.21 30.36 1.69
N TYR D 84 -21.09 29.22 2.34
CA TYR D 84 -21.54 27.93 1.82
C TYR D 84 -22.85 27.57 2.52
N LEU D 85 -23.93 27.40 1.77
CA LEU D 85 -25.22 27.02 2.33
C LEU D 85 -25.25 25.53 2.64
N ASN D 86 -24.43 24.71 1.97
CA ASN D 86 -24.27 23.30 2.23
C ASN D 86 -22.80 23.05 2.56
N ASP D 87 -22.48 22.57 3.77
CA ASP D 87 -21.08 22.36 4.18
C ASP D 87 -20.83 21.18 5.13
N ASP D 88 -21.74 20.21 5.18
CA ASP D 88 -21.55 18.99 5.97
C ASP D 88 -20.37 18.16 5.42
N THR D 89 -19.96 17.12 6.14
CA THR D 89 -18.87 16.21 5.73
C THR D 89 -19.33 14.76 5.74
N ASP D 90 -19.06 14.02 4.68
CA ASP D 90 -19.43 12.61 4.56
C ASP D 90 -18.57 11.68 5.43
N SER D 91 -18.91 10.39 5.46
CA SER D 91 -18.24 9.37 6.27
C SER D 91 -16.73 9.25 5.97
N ASP D 92 -16.32 9.55 4.75
CA ASP D 92 -14.92 9.52 4.32
C ASP D 92 -14.21 10.87 4.54
N GLY D 93 -14.87 11.82 5.22
CA GLY D 93 -14.38 13.15 5.53
C GLY D 93 -14.42 14.13 4.35
N SER D 94 -14.84 13.71 3.16
CA SER D 94 -14.96 14.62 2.01
C SER D 94 -16.16 15.55 2.20
N LYS D 95 -16.17 16.70 1.52
CA LYS D 95 -17.27 17.65 1.67
C LYS D 95 -18.56 17.04 1.11
N SER D 96 -19.68 17.15 1.83
CA SER D 96 -20.95 16.58 1.39
C SER D 96 -21.47 17.20 0.10
N TYR D 97 -21.05 18.41 -0.24
CA TYR D 97 -21.37 19.03 -1.52
C TYR D 97 -20.20 19.79 -2.13
N PHE D 98 -19.18 19.04 -2.54
CA PHE D 98 -18.07 19.55 -3.34
C PHE D 98 -18.72 20.23 -4.56
N ASN D 99 -18.18 21.32 -5.06
CA ASN D 99 -18.71 22.13 -6.17
C ASN D 99 -19.68 23.24 -5.82
N GLU D 100 -20.11 23.42 -4.57
CA GLU D 100 -21.03 24.53 -4.27
C GLU D 100 -20.37 25.87 -4.46
N HIS D 101 -20.82 26.64 -5.43
CA HIS D 101 -20.34 28.00 -5.61
C HIS D 101 -20.91 28.81 -4.43
N PRO D 102 -20.12 29.62 -3.72
CA PRO D 102 -20.58 30.35 -2.53
C PRO D 102 -21.40 31.60 -2.79
N VAL D 103 -22.16 32.01 -1.79
CA VAL D 103 -22.86 33.30 -1.75
C VAL D 103 -21.78 34.30 -1.31
N ILE D 104 -21.55 35.39 -2.02
CA ILE D 104 -20.51 36.35 -1.64
C ILE D 104 -21.07 37.49 -0.84
N GLY D 105 -20.40 37.83 0.25
CA GLY D 105 -20.73 38.96 1.10
C GLY D 105 -19.59 39.95 1.04
N LYS D 106 -19.90 41.23 1.18
CA LYS D 106 -18.90 42.29 1.21
C LYS D 106 -19.22 43.23 2.35
N ARG D 107 -18.24 44.00 2.77
CA ARG D 107 -18.43 45.00 3.82
C ARG D 107 -19.35 46.08 3.30
N VAL D 108 -20.26 46.57 4.11
CA VAL D 108 -21.17 47.65 3.73
C VAL D 108 -20.33 48.91 3.51
N PRO D 109 -20.44 49.58 2.37
CA PRO D 109 -19.67 50.78 2.10
C PRO D 109 -19.93 51.96 3.06
N PHE D 110 -21.16 52.16 3.54
CA PHE D 110 -21.53 53.25 4.46
C PHE D 110 -22.53 52.80 5.53
N ARG D 111 -22.10 51.99 6.50
CA ARG D 111 -22.94 51.48 7.58
C ARG D 111 -23.33 52.57 8.56
N ASP D 112 -24.61 52.96 8.60
CA ASP D 112 -25.08 53.92 9.60
C ASP D 112 -24.84 53.29 10.97
N GLU D 113 -24.25 54.04 11.87
CA GLU D 113 -23.88 53.52 13.18
C GLU D 113 -25.08 53.17 14.03
N SER D 114 -25.02 52.08 14.77
CA SER D 114 -26.11 51.66 15.64
C SER D 114 -25.57 51.19 16.98
N VAL D 115 -26.34 51.37 18.03
CA VAL D 115 -25.96 51.05 19.41
C VAL D 115 -26.55 49.73 19.84
N ILE D 116 -25.76 48.85 20.44
CA ILE D 116 -26.25 47.58 20.99
C ILE D 116 -26.61 47.79 22.46
N LEU D 117 -27.83 47.45 22.85
CA LEU D 117 -28.35 47.54 24.21
C LEU D 117 -28.41 46.14 24.80
N LYS D 118 -27.97 45.98 26.05
CA LYS D 118 -28.12 44.73 26.81
C LYS D 118 -29.35 44.83 27.68
N VAL D 119 -30.27 43.90 27.54
CA VAL D 119 -31.48 43.79 28.34
C VAL D 119 -31.33 42.64 29.33
N THR D 120 -31.67 42.87 30.59
CA THR D 120 -31.14 42.08 31.72
C THR D 120 -32.29 41.45 32.49
N MET D 121 -32.91 40.41 31.95
CA MET D 121 -34.16 39.86 32.51
C MET D 121 -33.93 38.83 33.62
N PRO D 122 -34.87 38.63 34.54
CA PRO D 122 -34.95 37.42 35.36
C PRO D 122 -35.02 36.14 34.52
N LYS D 123 -34.44 35.04 35.03
CA LYS D 123 -34.48 33.69 34.43
C LYS D 123 -35.86 33.28 33.98
N GLY D 124 -36.00 32.80 32.74
CA GLY D 124 -37.28 32.34 32.21
C GLY D 124 -38.29 33.44 31.94
N THR D 125 -37.89 34.71 31.82
CA THR D 125 -38.82 35.75 31.39
C THR D 125 -39.08 35.66 29.90
N LEU D 126 -38.06 35.33 29.12
CA LEU D 126 -38.09 35.34 27.65
C LEU D 126 -39.08 34.31 27.10
N SER D 127 -39.09 33.10 27.66
CA SER D 127 -39.96 32.02 27.25
C SER D 127 -41.43 32.31 27.52
N LYS D 128 -41.73 32.93 28.66
CA LYS D 128 -43.10 33.33 29.06
C LYS D 128 -43.68 34.42 28.16
N ASN D 129 -42.83 35.08 27.39
CA ASN D 129 -43.12 36.16 26.46
C ASN D 129 -42.95 35.75 24.99
N ASN D 130 -43.13 34.46 24.67
CA ASN D 130 -43.00 33.92 23.30
C ASN D 130 -41.68 34.32 22.61
N ASN D 131 -40.60 34.34 23.38
CA ASN D 131 -39.26 34.71 22.95
C ASN D 131 -39.10 36.14 22.39
N SER D 132 -40.01 37.07 22.70
CA SER D 132 -39.88 38.46 22.26
C SER D 132 -39.36 39.38 23.36
N VAL D 133 -38.39 40.23 23.02
CA VAL D 133 -37.84 41.16 24.00
C VAL D 133 -38.85 42.26 24.25
N LYS D 134 -39.57 42.76 23.25
CA LYS D 134 -40.63 43.79 23.42
C LYS D 134 -41.59 43.38 24.53
N ASP D 135 -42.18 42.21 24.39
CA ASP D 135 -43.11 41.69 25.39
C ASP D 135 -42.42 41.45 26.72
N SER D 136 -41.17 40.99 26.72
CA SER D 136 -40.38 40.87 27.94
C SER D 136 -40.13 42.22 28.63
N ILE D 137 -40.04 43.35 27.93
CA ILE D 137 -40.00 44.66 28.57
C ILE D 137 -41.38 45.01 29.13
N LYS D 138 -42.42 44.91 28.29
CA LYS D 138 -43.80 45.30 28.67
C LYS D 138 -44.35 44.47 29.83
N SER D 139 -43.99 43.19 29.93
CA SER D 139 -44.38 42.30 31.03
C SER D 139 -43.64 42.59 32.34
N LEU D 140 -42.70 43.52 32.36
CA LEU D 140 -41.96 43.97 33.56
C LEU D 140 -41.98 45.50 33.70
N LYS D 141 -43.04 46.16 33.20
CA LYS D 141 -43.17 47.63 33.11
C LYS D 141 -42.87 48.38 34.41
N ASP D 142 -43.25 47.82 35.56
CA ASP D 142 -43.06 48.43 36.89
C ASP D 142 -41.88 47.85 37.70
N SER D 143 -41.14 46.87 37.19
CA SER D 143 -40.05 46.19 37.92
C SER D 143 -38.78 47.02 38.00
N ASN D 144 -37.99 46.82 39.06
CA ASN D 144 -36.61 47.31 39.19
C ASN D 144 -35.53 46.30 38.72
N LYS D 145 -35.90 45.04 38.41
CA LYS D 145 -34.94 43.98 38.04
C LYS D 145 -34.41 44.09 36.60
N LEU D 146 -35.22 44.60 35.69
CA LEU D 146 -34.95 44.70 34.25
C LEU D 146 -33.99 45.84 33.89
N ARG D 147 -32.70 45.68 34.13
CA ARG D 147 -31.69 46.65 33.68
C ARG D 147 -31.59 46.68 32.16
N VAL D 148 -31.43 47.86 31.59
CA VAL D 148 -31.04 48.08 30.20
C VAL D 148 -29.83 49.02 30.17
N THR D 149 -28.81 48.71 29.38
CA THR D 149 -27.62 49.58 29.27
C THR D 149 -26.96 49.45 27.90
N PRO D 150 -26.44 50.53 27.28
CA PRO D 150 -25.71 50.43 26.03
C PRO D 150 -24.38 49.72 26.25
N VAL D 151 -23.96 48.88 25.31
CA VAL D 151 -22.72 48.10 25.39
C VAL D 151 -21.73 48.39 24.28
N SER D 152 -22.16 48.67 23.05
CA SER D 152 -21.24 48.95 21.96
C SER D 152 -21.88 49.67 20.79
N ILE D 153 -21.08 50.27 19.92
CA ILE D 153 -21.50 50.89 18.68
C ILE D 153 -20.99 50.02 17.54
N VAL D 154 -21.78 49.72 16.52
CA VAL D 154 -21.35 48.94 15.37
C VAL D 154 -21.17 49.89 14.19
N ASP D 155 -20.04 49.82 13.51
CA ASP D 155 -19.72 50.70 12.38
C ASP D 155 -19.10 50.01 11.17
N ASN D 156 -19.03 48.68 11.18
CA ASN D 156 -18.54 47.84 10.09
C ASN D 156 -19.42 46.61 10.05
N THR D 157 -19.95 46.21 8.91
CA THR D 157 -20.84 45.03 8.81
C THR D 157 -20.66 44.32 7.49
N ILE D 158 -20.66 43.00 7.46
CA ILE D 158 -20.64 42.24 6.22
C ILE D 158 -22.07 41.77 5.97
N LYS D 159 -22.59 41.99 4.77
CA LYS D 159 -23.92 41.51 4.37
C LYS D 159 -23.81 40.64 3.15
N PHE D 160 -24.67 39.64 3.09
CA PHE D 160 -24.77 38.78 1.92
C PHE D 160 -25.95 39.35 1.16
N ARG D 161 -25.75 39.63 -0.13
CA ARG D 161 -26.76 40.35 -0.90
C ARG D 161 -26.78 40.07 -2.39
N GLU D 162 -25.71 39.56 -2.98
CA GLU D 162 -25.71 39.16 -4.38
C GLU D 162 -26.32 37.76 -4.52
N MET D 163 -26.84 37.42 -5.69
CA MET D 163 -27.49 36.13 -5.93
C MET D 163 -26.54 34.94 -5.81
N SER D 164 -27.05 33.73 -5.60
CA SER D 164 -26.17 32.57 -5.61
C SER D 164 -25.93 32.17 -7.06
N ASP D 165 -24.75 31.66 -7.40
CA ASP D 165 -24.41 31.31 -8.77
C ASP D 165 -25.17 30.06 -9.25
N PHE D 166 -25.09 29.76 -10.53
CA PHE D 166 -25.68 28.57 -11.13
C PHE D 166 -25.03 27.38 -10.44
N GLN D 167 -25.81 26.45 -9.90
CA GLN D 167 -25.30 25.28 -9.19
C GLN D 167 -25.44 24.05 -10.04
N ILE D 168 -24.38 23.26 -10.12
CA ILE D 168 -24.33 22.04 -10.91
C ILE D 168 -24.10 20.90 -9.95
N LYS D 169 -24.84 19.82 -10.08
CA LYS D 169 -24.76 18.66 -9.18
C LYS D 169 -23.96 17.54 -9.83
N LEU D 170 -22.86 17.16 -9.16
CA LEU D 170 -21.93 16.13 -9.60
C LEU D 170 -22.09 14.78 -8.90
N ASP D 171 -23.11 14.61 -8.07
CA ASP D 171 -23.35 13.41 -7.26
C ASP D 171 -23.35 12.10 -8.05
N ASN D 172 -23.76 12.15 -9.31
CA ASN D 172 -23.79 11.00 -10.20
C ASN D 172 -23.01 11.23 -11.51
N VAL D 173 -21.82 11.81 -11.40
CA VAL D 173 -20.84 11.98 -12.50
C VAL D 173 -19.67 11.08 -12.10
N PRO D 174 -19.30 10.04 -12.88
CA PRO D 174 -18.25 9.11 -12.47
C PRO D 174 -16.90 9.69 -12.10
N SER D 175 -16.30 10.56 -12.92
CA SER D 175 -14.99 11.11 -12.59
C SER D 175 -15.03 12.04 -11.37
N ALA D 176 -16.12 12.76 -11.14
CA ALA D 176 -16.27 13.61 -9.98
C ALA D 176 -16.30 12.78 -8.71
N ARG D 177 -16.94 11.61 -8.75
CA ARG D 177 -16.99 10.72 -7.60
C ARG D 177 -15.60 10.18 -7.30
N GLU D 178 -14.85 9.79 -8.32
CA GLU D 178 -13.47 9.33 -8.17
C GLU D 178 -12.57 10.43 -7.57
N PHE D 179 -12.72 11.69 -8.00
CA PHE D 179 -11.97 12.82 -7.46
C PHE D 179 -12.34 13.08 -6.00
N LYS D 180 -13.63 13.25 -5.69
CA LYS D 180 -14.11 13.47 -4.31
C LYS D 180 -13.63 12.37 -3.37
N SER D 181 -13.81 11.11 -3.75
CA SER D 181 -13.40 9.96 -2.95
C SER D 181 -11.90 9.74 -2.84
N SER D 182 -11.06 10.52 -3.53
CA SER D 182 -9.58 10.47 -3.48
C SER D 182 -8.99 11.79 -2.97
N PHE D 183 -8.94 12.82 -3.80
CA PHE D 183 -8.40 14.12 -3.45
C PHE D 183 -9.21 14.89 -2.41
N GLY D 184 -10.45 14.50 -2.13
CA GLY D 184 -11.27 15.12 -1.09
C GLY D 184 -11.25 14.35 0.23
N SER D 185 -11.13 13.03 0.18
CA SER D 185 -11.11 12.14 1.34
C SER D 185 -9.73 11.91 1.93
N LEU D 186 -8.69 12.00 1.12
CA LEU D 186 -7.31 11.71 1.47
C LEU D 186 -7.08 10.26 1.94
N GLU D 187 -7.96 9.34 1.56
CA GLU D 187 -7.82 7.92 1.86
C GLU D 187 -6.72 7.33 0.99
N TRP D 188 -5.69 6.76 1.59
CA TRP D 188 -4.55 6.21 0.85
C TRP D 188 -4.91 5.06 -0.09
N ASN D 189 -5.84 4.18 0.29
CA ASN D 189 -6.27 3.07 -0.58
C ASN D 189 -6.85 3.61 -1.89
N ASN D 190 -7.67 4.66 -1.76
CA ASN D 190 -8.32 5.32 -2.89
C ASN D 190 -7.29 6.11 -3.70
N PHE D 191 -6.38 6.82 -3.05
CA PHE D 191 -5.37 7.61 -3.73
C PHE D 191 -4.43 6.73 -4.56
N LYS D 192 -3.98 5.57 -4.05
CA LYS D 192 -3.14 4.65 -4.85
C LYS D 192 -3.92 4.15 -6.05
N SER D 193 -5.13 3.66 -5.81
CA SER D 193 -6.01 3.14 -6.87
C SER D 193 -6.20 4.19 -7.95
N PHE D 194 -6.39 5.46 -7.57
CA PHE D 194 -6.52 6.57 -8.49
C PHE D 194 -5.26 6.80 -9.32
N VAL D 195 -4.10 7.05 -8.70
CA VAL D 195 -2.86 7.33 -9.47
C VAL D 195 -2.42 6.14 -10.30
N ASN D 196 -2.58 4.91 -9.81
CA ASN D 196 -2.24 3.72 -10.59
C ASN D 196 -3.12 3.62 -11.84
N SER D 197 -4.31 4.24 -11.84
CA SER D 197 -5.22 4.24 -12.98
C SER D 197 -4.90 5.34 -13.98
N VAL D 198 -4.23 6.43 -13.58
CA VAL D 198 -3.88 7.51 -14.50
C VAL D 198 -2.89 6.97 -15.54
N PRO D 199 -3.18 6.99 -16.85
CA PRO D 199 -2.26 6.47 -17.85
C PRO D 199 -0.93 7.23 -17.87
N ASP D 200 0.19 6.55 -18.13
CA ASP D 200 1.50 7.23 -18.18
C ASP D 200 1.54 8.25 -19.33
N ASN D 201 0.85 7.93 -20.42
CA ASN D 201 0.60 8.73 -21.61
C ASN D 201 -0.80 8.35 -22.10
N ASP D 202 -1.56 9.28 -22.66
CA ASP D 202 -2.93 9.01 -23.11
C ASP D 202 -2.97 8.90 -24.63
N SER D 203 -3.41 7.74 -25.13
CA SER D 203 -3.51 7.44 -26.56
C SER D 203 -4.80 7.92 -27.21
N GLN D 204 -5.88 8.12 -26.44
CA GLN D 204 -7.18 8.55 -26.96
C GLN D 204 -7.71 9.83 -26.30
N PRO D 205 -6.93 10.92 -26.24
CA PRO D 205 -7.38 12.18 -25.65
C PRO D 205 -8.59 12.79 -26.35
N GLN D 206 -8.96 12.29 -27.52
CA GLN D 206 -10.14 12.68 -28.28
C GLN D 206 -11.42 11.96 -27.84
N GLU D 207 -11.35 10.84 -27.12
CA GLU D 207 -12.52 10.05 -26.70
C GLU D 207 -13.02 10.34 -25.27
N ASN D 208 -14.29 10.02 -25.03
CA ASN D 208 -14.99 10.26 -23.78
C ASN D 208 -14.34 9.54 -22.59
N ILE D 209 -14.15 10.24 -21.47
CA ILE D 209 -13.54 9.70 -20.24
C ILE D 209 -14.29 8.49 -19.68
N GLY D 210 -15.55 8.29 -20.07
CA GLY D 210 -16.34 7.15 -19.67
C GLY D 210 -15.75 5.83 -20.17
N ASN D 211 -15.00 5.86 -21.28
CA ASN D 211 -14.33 4.67 -21.81
C ASN D 211 -13.26 4.13 -20.84
N LEU D 212 -12.67 5.00 -20.01
CA LEU D 212 -11.68 4.63 -18.99
C LEU D 212 -12.36 4.25 -17.67
N ILE D 213 -13.29 5.07 -17.18
CA ILE D 213 -14.00 4.86 -15.91
C ILE D 213 -15.21 3.96 -16.12
N LEU D 214 -15.01 2.65 -15.93
CA LEU D 214 -16.03 1.61 -16.13
C LEU D 214 -17.31 1.66 -15.28
N ASP D 215 -17.28 2.22 -14.06
CA ASP D 215 -18.40 2.23 -13.08
C ASP D 215 -19.79 2.52 -13.67
N ARG D 216 -20.70 1.54 -13.52
CA ARG D 216 -22.09 1.55 -14.00
C ARG D 216 -23.14 1.75 -12.91
N SER D 217 -22.75 1.91 -11.65
CA SER D 217 -23.69 2.15 -10.53
C SER D 217 -24.44 3.48 -10.68
N VAL D 218 -23.91 4.36 -11.53
CA VAL D 218 -24.38 5.69 -11.86
C VAL D 218 -25.03 5.69 -13.25
N LYS D 219 -26.24 6.24 -13.38
CA LYS D 219 -26.88 6.50 -14.68
C LYS D 219 -26.24 7.71 -15.34
N ILE D 220 -25.56 7.53 -16.48
CA ILE D 220 -25.08 8.64 -17.32
C ILE D 220 -25.22 8.31 -18.82
N PRO D 221 -25.71 9.22 -19.68
CA PRO D 221 -25.76 9.00 -21.11
C PRO D 221 -24.38 9.12 -21.75
N SER D 222 -24.08 8.31 -22.77
CA SER D 222 -22.78 8.39 -23.46
C SER D 222 -22.61 9.67 -24.29
N THR D 223 -23.65 10.49 -24.43
CA THR D 223 -23.52 11.84 -24.98
C THR D 223 -22.86 12.83 -24.00
N ASP D 224 -22.73 12.47 -22.72
CA ASP D 224 -22.13 13.31 -21.68
C ASP D 224 -20.63 13.00 -21.55
N PHE D 225 -19.79 13.99 -21.83
CA PHE D 225 -18.34 13.85 -21.78
C PHE D 225 -17.74 14.04 -20.38
N GLN D 226 -18.58 14.14 -19.35
CA GLN D 226 -18.21 14.39 -17.96
C GLN D 226 -17.42 15.68 -17.79
N LEU D 227 -17.69 16.67 -18.63
CA LEU D 227 -17.00 17.94 -18.58
C LEU D 227 -17.23 18.61 -17.22
N PRO D 228 -16.18 18.91 -16.45
CA PRO D 228 -16.33 19.51 -15.15
C PRO D 228 -16.78 20.98 -15.26
N PRO D 229 -17.56 21.53 -14.31
CA PRO D 229 -18.11 22.89 -14.37
C PRO D 229 -17.17 24.03 -13.97
N PRO D 230 -17.27 25.23 -14.56
CA PRO D 230 -16.40 26.37 -14.24
C PRO D 230 -16.62 26.95 -12.84
N PRO D 231 -15.62 27.63 -12.22
CA PRO D 231 -15.76 28.21 -10.88
C PRO D 231 -16.65 29.45 -10.76
N LYS D 232 -17.07 30.05 -11.87
CA LYS D 232 -17.98 31.18 -11.87
C LYS D 232 -18.72 31.19 -13.19
N LEU D 233 -20.04 30.97 -13.17
CA LEU D 233 -20.88 30.97 -14.37
C LEU D 233 -21.55 32.32 -14.56
N SER D 234 -22.16 32.88 -13.53
CA SER D 234 -22.77 34.21 -13.57
C SER D 234 -21.69 35.25 -13.36
N MET D 235 -21.22 35.90 -14.42
CA MET D 235 -20.15 36.90 -14.33
C MET D 235 -20.58 38.24 -13.71
N VAL D 236 -21.81 38.30 -13.21
CA VAL D 236 -22.41 39.45 -12.55
C VAL D 236 -23.16 38.96 -11.32
N GLY D 237 -23.04 39.62 -10.18
CA GLY D 237 -23.72 39.20 -8.96
C GLY D 237 -25.15 39.73 -8.80
N PHE D 238 -25.50 40.73 -9.58
CA PHE D 238 -26.79 41.40 -9.60
C PHE D 238 -27.48 41.21 -10.97
N PRO D 239 -28.80 41.20 -11.04
CA PRO D 239 -29.49 41.06 -12.29
C PRO D 239 -29.19 42.23 -13.20
N LEU D 240 -29.05 41.94 -14.50
CA LEU D 240 -28.82 42.90 -15.56
C LEU D 240 -30.09 43.69 -15.84
N LEU D 241 -29.96 44.81 -16.53
CA LEU D 241 -31.08 45.70 -16.81
C LEU D 241 -31.67 45.48 -18.21
N TYR D 242 -32.21 44.29 -18.48
CA TYR D 242 -32.87 44.03 -19.77
C TYR D 242 -34.18 44.80 -19.91
N LYS D 243 -35.08 44.68 -18.92
CA LYS D 243 -36.38 45.35 -18.88
C LYS D 243 -37.16 45.32 -20.21
N TYR D 244 -37.03 44.25 -20.98
CA TYR D 244 -37.65 44.09 -22.31
C TYR D 244 -37.36 45.24 -23.30
N LYS D 245 -36.29 46.02 -23.12
CA LYS D 245 -35.89 47.10 -24.03
C LYS D 245 -34.73 46.72 -24.94
N ALA D 246 -34.84 47.03 -26.22
CA ALA D 246 -33.75 46.84 -27.18
C ALA D 246 -32.58 47.74 -26.75
N ASN D 247 -31.36 47.42 -27.17
CA ASN D 247 -30.21 48.22 -26.76
C ASN D 247 -30.27 49.66 -27.32
N PRO D 248 -30.36 50.71 -26.49
CA PRO D 248 -30.40 52.09 -26.97
C PRO D 248 -29.11 52.53 -27.68
N PHE D 249 -27.94 52.01 -27.28
CA PHE D 249 -26.64 52.34 -27.87
C PHE D 249 -26.49 51.75 -29.29
N ASP D 612 -30.63 36.06 -48.09
CA ASP D 612 -31.70 36.28 -47.11
C ASP D 612 -32.82 35.25 -47.26
N VAL D 613 -33.12 34.53 -46.18
CA VAL D 613 -34.17 33.50 -46.11
C VAL D 613 -35.56 34.05 -46.42
N LYS D 614 -35.81 35.36 -46.31
CA LYS D 614 -37.04 36.02 -46.78
C LYS D 614 -37.44 35.63 -48.21
N THR D 615 -36.47 35.46 -49.11
CA THR D 615 -36.70 35.10 -50.52
C THR D 615 -36.91 33.58 -50.75
N ALA D 616 -36.51 32.73 -49.80
CA ALA D 616 -36.47 31.28 -50.00
C ALA D 616 -37.85 30.60 -50.13
N SER D 617 -37.88 29.42 -50.74
CA SER D 617 -39.07 28.56 -50.78
C SER D 617 -39.10 27.60 -49.60
N PHE D 618 -40.25 27.00 -49.31
CA PHE D 618 -40.36 26.04 -48.21
C PHE D 618 -39.43 24.85 -48.40
N GLN D 619 -39.27 24.39 -49.63
CA GLN D 619 -38.36 23.29 -49.93
C GLN D 619 -36.91 23.71 -49.70
N ASP D 620 -36.52 24.93 -50.09
CA ASP D 620 -35.16 25.41 -49.90
C ASP D 620 -34.80 25.51 -48.40
N ILE D 621 -35.71 26.01 -47.58
CA ILE D 621 -35.49 26.12 -46.13
C ILE D 621 -35.33 24.73 -45.52
N ILE D 622 -36.18 23.76 -45.84
CA ILE D 622 -36.00 22.43 -45.25
C ILE D 622 -34.72 21.77 -45.78
N ASN D 623 -34.33 22.01 -47.03
CA ASN D 623 -33.07 21.48 -47.56
C ASN D 623 -31.88 22.01 -46.74
N LYS D 624 -31.84 23.31 -46.40
CA LYS D 624 -30.75 23.88 -45.59
C LYS D 624 -30.66 23.22 -44.22
N ILE D 625 -31.81 22.92 -43.59
CA ILE D 625 -31.84 22.25 -42.29
C ILE D 625 -31.29 20.82 -42.43
N ALA D 626 -31.64 20.13 -43.51
CA ALA D 626 -31.19 18.77 -43.77
C ALA D 626 -29.66 18.66 -43.98
N LYS D 627 -28.97 19.75 -44.37
CA LYS D 627 -27.51 19.73 -44.58
C LYS D 627 -26.76 19.32 -43.32
N LEU D 628 -27.21 19.76 -42.13
CA LEU D 628 -26.59 19.37 -40.85
C LEU D 628 -27.23 18.10 -40.26
N ASP D 629 -28.56 18.02 -40.22
CA ASP D 629 -29.26 16.85 -39.67
C ASP D 629 -30.59 16.54 -40.39
N PRO D 630 -30.64 15.50 -41.21
CA PRO D 630 -31.85 15.09 -41.88
C PRO D 630 -33.00 14.73 -40.93
N LYS D 631 -32.73 14.29 -39.68
CA LYS D 631 -33.79 13.89 -38.75
C LYS D 631 -34.73 15.04 -38.41
N THR D 632 -34.19 16.23 -38.15
CA THR D 632 -35.01 17.42 -37.84
C THR D 632 -35.74 17.89 -39.10
N ALA D 633 -35.09 17.86 -40.26
CA ALA D 633 -35.68 18.25 -41.53
C ALA D 633 -36.86 17.36 -41.92
N GLU D 634 -36.71 16.04 -41.81
CA GLU D 634 -37.78 15.07 -42.13
C GLU D 634 -38.93 15.25 -41.15
N THR D 635 -38.63 15.41 -39.86
CA THR D 635 -39.62 15.68 -38.83
C THR D 635 -40.40 16.94 -39.17
N MET D 636 -39.73 18.04 -39.51
CA MET D 636 -40.41 19.28 -39.90
C MET D 636 -41.31 19.10 -41.12
N LYS D 637 -40.81 18.51 -42.21
CA LYS D 637 -41.60 18.31 -43.45
C LYS D 637 -42.85 17.48 -43.20
N SER D 638 -42.75 16.49 -42.32
CA SER D 638 -43.85 15.61 -41.95
C SER D 638 -44.92 16.25 -41.04
N GLU D 639 -44.66 17.46 -40.50
CA GLU D 639 -45.51 18.09 -39.49
C GLU D 639 -45.98 19.51 -39.86
N LEU D 640 -45.07 20.41 -40.25
CA LEU D 640 -45.39 21.82 -40.47
C LEU D 640 -46.17 22.05 -41.77
N LYS D 641 -46.98 23.11 -41.79
CA LYS D 641 -47.70 23.55 -43.00
C LYS D 641 -47.05 24.72 -43.73
N GLY D 642 -46.17 25.48 -43.09
CA GLY D 642 -45.54 26.64 -43.74
C GLY D 642 -44.82 27.61 -42.82
N PHE D 643 -43.73 28.20 -43.31
CA PHE D 643 -43.01 29.25 -42.63
C PHE D 643 -43.73 30.60 -42.72
N VAL D 644 -43.42 31.50 -41.79
CA VAL D 644 -43.85 32.89 -41.78
C VAL D 644 -42.65 33.75 -41.39
N ASP D 645 -42.38 34.82 -42.11
CA ASP D 645 -41.41 35.79 -41.64
C ASP D 645 -42.00 36.57 -40.46
N GLU D 646 -41.24 36.82 -39.39
CA GLU D 646 -41.70 37.60 -38.26
C GLU D 646 -41.97 39.07 -38.64
N VAL D 647 -41.56 39.50 -39.83
CA VAL D 647 -41.77 40.84 -40.40
C VAL D 647 -41.36 41.93 -39.41
N ARG E 155 -1.20 -73.89 -15.92
CA ARG E 155 -2.07 -73.00 -15.18
C ARG E 155 -2.19 -71.61 -15.81
N PRO E 156 -3.32 -70.91 -15.67
CA PRO E 156 -3.51 -69.53 -16.14
C PRO E 156 -3.00 -68.53 -15.08
N ILE E 157 -1.69 -68.47 -14.87
CA ILE E 157 -1.03 -67.66 -13.83
C ILE E 157 -1.10 -66.17 -14.19
N ARG E 158 -2.15 -65.44 -13.80
CA ARG E 158 -2.43 -64.08 -14.31
C ARG E 158 -2.71 -63.01 -13.26
N LEU E 159 -2.93 -63.39 -12.01
CA LEU E 159 -3.09 -62.51 -10.85
C LEU E 159 -2.29 -63.13 -9.70
N LEU E 160 -1.88 -62.35 -8.70
CA LEU E 160 -1.05 -62.85 -7.59
C LEU E 160 -1.64 -64.06 -6.87
N LYS E 161 -2.98 -64.14 -6.72
CA LYS E 161 -3.65 -65.26 -6.05
C LYS E 161 -3.51 -66.60 -6.76
N ASP E 162 -3.09 -66.63 -8.03
CA ASP E 162 -2.84 -67.87 -8.77
C ASP E 162 -1.53 -68.56 -8.34
N LEU E 163 -0.57 -67.82 -7.76
CA LEU E 163 0.75 -68.27 -7.28
C LEU E 163 0.63 -68.80 -5.83
N SER E 164 -0.38 -69.64 -5.56
CA SER E 164 -0.67 -70.16 -4.23
C SER E 164 0.48 -70.98 -3.59
N SER E 165 1.15 -71.84 -4.33
CA SER E 165 2.28 -72.64 -3.83
C SER E 165 3.55 -71.82 -3.67
N ALA E 166 4.24 -71.94 -2.53
CA ALA E 166 5.46 -71.19 -2.25
C ALA E 166 6.55 -71.43 -3.31
N ARG E 167 6.78 -72.67 -3.74
CA ARG E 167 7.79 -72.94 -4.77
C ARG E 167 7.37 -72.36 -6.12
N ASP E 168 6.06 -72.36 -6.41
CA ASP E 168 5.54 -71.79 -7.66
C ASP E 168 5.75 -70.27 -7.66
N LYS E 169 5.54 -69.60 -6.52
CA LYS E 169 5.79 -68.16 -6.38
C LYS E 169 7.24 -67.84 -6.68
N ILE E 170 8.19 -68.54 -6.07
CA ILE E 170 9.61 -68.27 -6.27
C ILE E 170 10.04 -68.53 -7.71
N GLU E 171 9.67 -69.63 -8.36
CA GLU E 171 10.06 -69.80 -9.77
C GLU E 171 9.36 -68.78 -10.69
N ARG E 172 8.11 -68.39 -10.40
CA ARG E 172 7.39 -67.42 -11.22
C ARG E 172 7.95 -66.01 -11.09
N ILE E 173 8.28 -65.58 -9.89
CA ILE E 173 8.82 -64.25 -9.61
C ILE E 173 10.33 -64.16 -9.85
N TYR E 174 11.11 -65.21 -9.63
CA TYR E 174 12.57 -65.18 -9.75
C TYR E 174 13.23 -66.08 -10.82
N GLY E 175 12.49 -66.90 -11.55
CA GLY E 175 13.07 -67.72 -12.62
C GLY E 175 13.84 -68.93 -12.09
N LEU E 176 14.66 -69.55 -12.94
CA LEU E 176 15.33 -70.83 -12.65
C LEU E 176 16.85 -70.79 -12.84
N ASN E 177 17.45 -69.62 -13.03
CA ASN E 177 18.90 -69.48 -13.16
C ASN E 177 19.50 -69.95 -11.82
N LYS E 178 20.18 -71.09 -11.81
CA LYS E 178 20.72 -71.71 -10.60
C LYS E 178 21.58 -70.74 -9.79
N GLU E 179 22.47 -70.01 -10.44
CA GLU E 179 23.32 -69.06 -9.70
C GLU E 179 22.53 -67.90 -9.08
N LYS E 180 21.37 -67.52 -9.63
CA LYS E 180 20.50 -66.48 -9.06
C LYS E 180 19.77 -66.98 -7.82
N LEU E 181 19.29 -68.22 -7.87
CA LEU E 181 18.54 -68.81 -6.77
C LEU E 181 19.40 -69.00 -5.52
N LEU E 182 20.74 -69.12 -5.65
CA LEU E 182 21.63 -69.27 -4.48
C LEU E 182 21.47 -68.07 -3.54
N LEU E 183 21.56 -66.86 -4.10
CA LEU E 183 21.44 -65.62 -3.35
C LEU E 183 20.15 -65.58 -2.54
N LEU E 184 19.02 -66.04 -3.09
CA LEU E 184 17.76 -66.04 -2.36
C LEU E 184 17.81 -66.99 -1.17
N ALA E 185 18.43 -68.16 -1.34
CA ALA E 185 18.58 -69.12 -0.26
C ALA E 185 19.47 -68.55 0.85
N LYS E 186 20.56 -67.87 0.46
CA LYS E 186 21.49 -67.24 1.40
C LYS E 186 20.79 -66.12 2.16
N VAL E 187 20.08 -65.24 1.47
CA VAL E 187 19.34 -64.13 2.08
C VAL E 187 18.28 -64.66 3.04
N LYS E 188 17.50 -65.66 2.63
CA LYS E 188 16.48 -66.28 3.48
C LYS E 188 17.09 -66.80 4.77
N GLU E 189 18.12 -67.64 4.69
CA GLU E 189 18.71 -68.21 5.90
C GLU E 189 19.44 -67.17 6.75
N GLY E 190 20.12 -66.22 6.13
CA GLY E 190 20.86 -65.15 6.80
C GLY E 190 20.00 -64.04 7.40
N PHE E 191 18.72 -63.90 7.00
CA PHE E 191 17.84 -62.82 7.49
C PHE E 191 16.40 -63.21 7.86
N GLU E 192 15.98 -64.49 7.83
CA GLU E 192 14.60 -64.87 8.22
C GLU E 192 14.28 -64.46 9.66
N THR E 193 15.23 -64.65 10.59
CA THR E 193 15.11 -64.28 12.01
C THR E 193 15.38 -62.80 12.29
N SER E 194 15.82 -62.02 11.29
CA SER E 194 16.13 -60.61 11.41
C SER E 194 14.86 -59.77 11.23
N VAL E 195 13.91 -59.85 12.16
CA VAL E 195 12.62 -59.14 12.08
C VAL E 195 12.75 -57.62 12.07
N PHE E 196 13.56 -57.05 12.96
CA PHE E 196 13.80 -55.60 13.08
C PHE E 196 15.29 -55.23 13.10
N ASP E 197 16.19 -56.18 13.33
CA ASP E 197 17.64 -56.00 13.33
C ASP E 197 18.32 -57.29 12.86
N PHE E 198 19.54 -57.23 12.36
CA PHE E 198 20.31 -58.36 11.85
C PHE E 198 21.69 -58.50 12.50
N PRO E 199 22.24 -59.73 12.62
CA PRO E 199 23.55 -59.92 13.22
C PRO E 199 24.65 -59.24 12.41
N PHE E 200 25.57 -58.51 13.06
CA PHE E 200 26.69 -57.84 12.40
C PHE E 200 27.51 -58.85 11.58
N LYS E 201 27.69 -60.05 12.15
CA LYS E 201 28.39 -61.19 11.56
C LYS E 201 27.85 -61.61 10.19
N ASN E 202 26.63 -61.24 9.80
CA ASN E 202 26.04 -61.65 8.52
C ASN E 202 26.41 -60.73 7.34
N ILE E 203 26.66 -59.44 7.56
CA ILE E 203 27.10 -58.51 6.50
C ILE E 203 28.61 -58.43 6.33
N GLN E 204 29.38 -59.07 7.22
CA GLN E 204 30.83 -59.05 7.16
C GLN E 204 31.33 -59.82 5.92
N PRO E 205 32.43 -59.40 5.26
CA PRO E 205 32.91 -60.01 4.01
C PRO E 205 33.29 -61.48 4.01
N ASP E 206 33.35 -62.11 5.17
CA ASP E 206 33.71 -63.51 5.37
C ASP E 206 32.54 -64.38 5.84
N SER E 207 31.37 -63.81 6.04
CA SER E 207 30.22 -64.52 6.58
C SER E 207 29.76 -65.71 5.72
N PRO E 208 29.30 -66.84 6.32
CA PRO E 208 28.77 -67.97 5.55
C PRO E 208 27.52 -67.57 4.76
N TYR E 209 26.84 -66.50 5.20
CA TYR E 209 25.66 -65.90 4.57
C TYR E 209 25.97 -64.57 3.87
N PHE E 210 27.24 -64.24 3.60
CA PHE E 210 27.58 -62.97 2.96
C PHE E 210 27.04 -62.87 1.54
N VAL E 211 26.35 -61.77 1.26
CA VAL E 211 25.74 -61.44 -0.03
C VAL E 211 25.92 -59.95 -0.30
N CYS E 212 26.42 -59.58 -1.48
CA CYS E 212 26.67 -58.18 -1.81
C CYS E 212 26.64 -57.94 -3.32
N LEU E 213 25.74 -57.07 -3.79
CA LEU E 213 25.62 -56.75 -5.21
C LEU E 213 26.00 -55.27 -5.40
N ASP E 214 27.13 -55.00 -6.05
CA ASP E 214 27.60 -53.64 -6.29
C ASP E 214 26.76 -52.89 -7.33
N PRO E 215 26.49 -51.59 -7.14
CA PRO E 215 25.73 -50.80 -8.10
C PRO E 215 26.51 -50.70 -9.42
N PRO E 216 25.83 -50.48 -10.55
CA PRO E 216 26.47 -50.45 -11.87
C PRO E 216 27.58 -49.40 -12.01
N CYS E 217 27.54 -48.29 -11.27
CA CYS E 217 28.58 -47.26 -11.33
C CYS E 217 29.94 -47.73 -10.78
N LYS E 218 29.96 -48.71 -9.87
CA LYS E 218 31.16 -49.30 -9.29
C LYS E 218 31.84 -50.37 -10.18
N LYS E 219 31.16 -50.86 -11.24
CA LYS E 219 31.62 -52.00 -12.05
C LYS E 219 33.04 -51.91 -12.67
N GLU E 220 33.54 -50.73 -13.01
CA GLU E 220 34.89 -50.49 -13.55
C GLU E 220 35.34 -49.06 -13.17
N SER E 221 36.64 -48.75 -13.22
CA SER E 221 37.14 -47.40 -12.90
C SER E 221 36.57 -46.36 -13.88
N ALA E 222 35.97 -45.30 -13.35
CA ALA E 222 35.32 -44.24 -14.12
C ALA E 222 36.01 -42.88 -14.16
N TYR E 223 36.92 -42.56 -13.23
CA TYR E 223 37.54 -41.23 -13.16
C TYR E 223 38.18 -40.73 -14.45
N ASN E 224 38.99 -41.56 -15.12
CA ASN E 224 39.67 -41.16 -16.36
C ASN E 224 38.70 -40.94 -17.55
N LYS E 225 37.50 -41.52 -17.49
CA LYS E 225 36.47 -41.41 -18.54
C LYS E 225 35.46 -40.29 -18.28
N VAL E 226 35.00 -40.16 -17.03
CA VAL E 226 34.02 -39.16 -16.57
C VAL E 226 34.67 -37.80 -16.29
N ILE E 227 35.93 -37.77 -15.81
CA ILE E 227 36.64 -36.54 -15.42
C ILE E 227 38.07 -36.48 -15.98
N GLY E 228 39.06 -37.04 -15.28
CA GLY E 228 40.47 -36.97 -15.65
C GLY E 228 41.07 -35.56 -15.48
N ASP E 229 42.38 -35.43 -15.70
CA ASP E 229 43.08 -34.14 -15.52
C ASP E 229 42.60 -33.04 -16.47
N LYS E 230 41.95 -33.40 -17.58
CA LYS E 230 41.37 -32.46 -18.55
C LYS E 230 40.13 -31.74 -18.01
N ASN E 231 39.48 -32.26 -16.96
CA ASN E 231 38.22 -31.74 -16.41
C ASN E 231 38.19 -31.54 -14.88
N ARG E 232 39.30 -31.22 -14.23
CA ARG E 232 39.33 -30.97 -12.77
C ARG E 232 38.32 -29.87 -12.37
N THR E 233 37.63 -30.02 -11.24
CA THR E 233 36.65 -29.04 -10.75
C THR E 233 37.30 -27.71 -10.37
N VAL E 234 36.69 -26.58 -10.71
CA VAL E 234 37.24 -25.25 -10.42
C VAL E 234 36.60 -24.68 -9.15
N TYR E 235 37.42 -24.41 -8.14
CA TYR E 235 37.04 -23.91 -6.82
C TYR E 235 37.94 -22.74 -6.38
N HIS E 236 37.50 -21.99 -5.36
CA HIS E 236 38.34 -21.08 -4.60
C HIS E 236 37.86 -21.11 -3.14
N GLU E 237 38.78 -20.98 -2.19
CA GLU E 237 38.47 -20.97 -0.77
C GLU E 237 37.92 -19.61 -0.35
N ILE E 238 37.09 -19.60 0.69
CA ILE E 238 36.43 -18.40 1.21
C ILE E 238 36.49 -18.30 2.75
N ASN E 239 36.15 -17.12 3.26
CA ASN E 239 36.07 -16.79 4.69
C ASN E 239 34.64 -17.00 5.21
N LYS E 240 34.48 -17.18 6.52
CA LYS E 240 33.18 -17.39 7.16
C LYS E 240 32.24 -16.19 7.05
N THR E 241 32.77 -14.97 6.96
CA THR E 241 31.94 -13.76 6.86
C THR E 241 31.15 -13.71 5.55
N GLU E 242 31.77 -13.98 4.41
CA GLU E 242 31.03 -13.97 3.14
C GLU E 242 30.14 -15.22 3.01
N PHE E 243 30.53 -16.36 3.58
CA PHE E 243 29.72 -17.57 3.61
C PHE E 243 28.37 -17.26 4.27
N GLU E 244 28.39 -16.65 5.45
CA GLU E 244 27.18 -16.27 6.18
C GLU E 244 26.45 -15.06 5.56
N ASN E 245 27.02 -14.36 4.58
CA ASN E 245 26.35 -13.24 3.93
C ASN E 245 25.30 -13.76 2.93
N MET E 246 25.63 -14.83 2.20
CA MET E 246 24.72 -15.48 1.26
C MET E 246 23.85 -16.53 1.94
N ILE E 247 24.47 -17.58 2.46
CA ILE E 247 23.79 -18.73 3.07
C ILE E 247 23.41 -18.41 4.51
N LYS E 248 22.31 -17.69 4.67
CA LYS E 248 21.76 -17.28 5.96
C LYS E 248 21.16 -18.45 6.76
N LEU E 249 21.96 -19.48 7.07
CA LEU E 249 21.53 -20.60 7.92
C LEU E 249 20.99 -20.08 9.26
N ARG E 250 20.12 -20.87 9.89
CA ARG E 250 19.22 -20.41 10.96
C ARG E 250 19.97 -19.77 12.12
N THR E 251 19.56 -18.56 12.48
CA THR E 251 20.12 -17.79 13.57
C THR E 251 19.66 -18.32 14.93
N LYS E 252 18.36 -18.23 15.23
CA LYS E 252 17.78 -18.68 16.50
C LYS E 252 17.95 -20.17 16.75
N ARG E 253 18.31 -20.53 17.98
CA ARG E 253 18.51 -21.92 18.41
C ARG E 253 17.17 -22.65 18.51
N LEU E 254 17.20 -23.96 18.28
CA LEU E 254 16.01 -24.83 18.39
C LEU E 254 16.02 -25.56 19.73
N LYS E 255 14.88 -25.61 20.41
CA LYS E 255 14.72 -26.37 21.65
C LYS E 255 14.47 -27.84 21.32
N LEU E 256 15.48 -28.69 21.41
CA LEU E 256 15.29 -30.13 21.33
C LEU E 256 14.94 -30.68 22.71
N LEU E 257 14.16 -31.75 22.73
CA LEU E 257 13.99 -32.64 23.86
C LEU E 257 14.27 -34.06 23.40
N ILE E 258 15.08 -34.80 24.14
CA ILE E 258 15.46 -36.19 23.85
C ILE E 258 15.36 -36.97 25.14
N GLY E 259 14.27 -37.71 25.34
CA GLY E 259 13.94 -38.26 26.65
C GLY E 259 13.80 -37.15 27.71
N GLU E 260 14.63 -37.19 28.74
CA GLU E 260 14.61 -36.20 29.83
C GLU E 260 15.37 -34.90 29.53
N VAL E 261 16.34 -34.92 28.61
CA VAL E 261 17.22 -33.78 28.28
C VAL E 261 16.50 -32.73 27.45
N ASP E 262 16.52 -31.47 27.87
CA ASP E 262 16.40 -30.30 26.99
C ASP E 262 17.77 -29.87 26.44
N ALA E 263 17.80 -29.23 25.29
CA ALA E 263 18.88 -28.33 24.91
C ALA E 263 18.38 -27.23 23.97
N GLU E 264 19.00 -26.06 24.00
CA GLU E 264 18.94 -25.11 22.89
C GLU E 264 20.15 -25.37 22.00
N VAL E 265 19.89 -25.74 20.76
CA VAL E 265 20.88 -26.33 19.86
C VAL E 265 21.14 -25.35 18.73
N SER E 266 22.37 -24.87 18.58
CA SER E 266 22.76 -23.93 17.54
C SER E 266 23.20 -24.64 16.26
N THR E 267 23.49 -23.90 15.19
CA THR E 267 24.09 -24.47 13.98
C THR E 267 25.37 -25.23 14.34
N GLY E 268 25.39 -26.54 14.14
CA GLY E 268 26.56 -27.39 14.35
C GLY E 268 26.63 -28.11 15.70
N ASP E 269 25.65 -27.96 16.59
CA ASP E 269 25.72 -28.60 17.91
C ASP E 269 25.39 -30.09 17.91
N LYS E 270 26.41 -30.94 17.77
CA LYS E 270 26.31 -32.40 17.93
C LYS E 270 25.83 -32.77 19.33
N ILE E 271 24.84 -33.64 19.45
CA ILE E 271 24.34 -34.17 20.72
C ILE E 271 24.35 -35.69 20.66
N GLU E 272 25.19 -36.32 21.47
CA GLU E 272 25.11 -37.77 21.67
C GLU E 272 23.74 -38.13 22.28
N PHE E 273 23.20 -39.32 22.00
CA PHE E 273 21.95 -39.73 22.64
C PHE E 273 22.12 -39.84 24.15
N PRO E 274 21.35 -39.11 24.97
CA PRO E 274 21.31 -39.38 26.39
C PRO E 274 20.78 -40.79 26.66
N VAL E 275 21.03 -41.34 27.85
CA VAL E 275 20.53 -42.68 28.19
C VAL E 275 19.00 -42.65 28.22
N LEU E 276 18.37 -43.64 27.60
CA LEU E 276 16.93 -43.71 27.42
C LEU E 276 16.42 -45.02 28.03
N ALA E 277 15.21 -44.98 28.57
CA ALA E 277 14.62 -46.11 29.28
C ALA E 277 14.50 -47.40 28.45
N ASN E 278 14.28 -47.30 27.14
CA ASN E 278 14.14 -48.48 26.28
C ASN E 278 15.45 -49.08 25.74
N GLY E 279 16.62 -48.73 26.32
CA GLY E 279 17.91 -49.33 25.96
C GLY E 279 19.10 -48.43 25.66
N LYS E 280 20.19 -49.09 25.25
CA LYS E 280 21.50 -48.52 24.94
C LYS E 280 21.59 -47.79 23.59
N ARG E 281 20.85 -46.68 23.41
CA ARG E 281 20.90 -45.89 22.17
C ARG E 281 22.33 -45.38 21.92
N ARG E 282 22.85 -45.53 20.69
CA ARG E 282 24.21 -45.11 20.27
C ARG E 282 24.17 -44.29 18.99
N GLY E 283 24.85 -43.16 18.96
CA GLY E 283 24.87 -42.20 17.85
C GLY E 283 24.53 -40.79 18.31
N PHE E 284 24.16 -39.89 17.38
CA PHE E 284 23.94 -38.49 17.68
C PHE E 284 22.82 -37.84 16.87
N ILE E 285 22.16 -36.87 17.49
CA ILE E 285 21.39 -35.82 16.83
C ILE E 285 22.34 -34.68 16.45
N TYR E 286 21.97 -33.87 15.47
CA TYR E 286 22.75 -32.73 15.01
C TYR E 286 21.81 -31.54 14.73
N ASN E 287 22.33 -30.46 14.19
CA ASN E 287 21.56 -29.37 13.63
C ASN E 287 22.36 -28.77 12.49
N VAL E 288 21.91 -29.02 11.26
CA VAL E 288 22.59 -28.58 10.03
C VAL E 288 22.19 -27.15 9.65
N GLY E 289 21.11 -26.61 10.21
CA GLY E 289 20.81 -25.17 10.18
C GLY E 289 19.94 -24.68 9.02
N GLY E 290 19.37 -25.54 8.20
CA GLY E 290 18.46 -25.18 7.09
C GLY E 290 17.79 -26.44 6.53
N LEU E 291 16.97 -26.33 5.48
CA LEU E 291 16.24 -27.48 4.97
C LEU E 291 17.21 -28.51 4.39
N VAL E 292 17.31 -29.68 4.99
CA VAL E 292 18.04 -30.81 4.42
C VAL E 292 17.25 -31.39 3.26
N THR E 293 17.67 -31.15 2.01
CA THR E 293 16.99 -31.67 0.82
C THR E 293 17.46 -33.06 0.45
N ASP E 294 18.69 -33.47 0.76
CA ASP E 294 19.18 -34.81 0.51
C ASP E 294 20.42 -35.14 1.33
N ILE E 295 20.68 -36.42 1.56
CA ILE E 295 21.84 -36.95 2.28
C ILE E 295 22.46 -38.07 1.46
N ALA E 296 23.77 -38.25 1.50
CA ALA E 296 24.43 -39.29 0.73
C ALA E 296 25.71 -39.82 1.37
N TRP E 297 25.67 -41.07 1.80
CA TRP E 297 26.82 -41.79 2.34
C TRP E 297 27.79 -42.23 1.24
N LEU E 298 29.08 -41.98 1.39
CA LEU E 298 30.12 -42.51 0.51
C LEU E 298 30.45 -43.93 1.01
N ASN E 299 31.19 -44.70 0.21
CA ASN E 299 31.71 -46.01 0.57
C ASN E 299 33.18 -46.07 0.15
N ILE E 300 34.00 -46.79 0.90
CA ILE E 300 35.42 -47.01 0.63
C ILE E 300 35.65 -48.52 0.70
N GLU E 301 36.38 -49.10 -0.26
CA GLU E 301 36.66 -50.54 -0.25
C GLU E 301 37.54 -50.87 0.96
N GLU E 302 37.11 -51.80 1.82
CA GLU E 302 37.82 -52.15 3.07
C GLU E 302 39.22 -52.76 2.86
N ASN E 303 39.57 -53.14 1.63
CA ASN E 303 40.90 -53.66 1.29
C ASN E 303 41.94 -52.52 1.12
N THR E 304 41.51 -51.26 1.05
CA THR E 304 42.37 -50.07 0.91
C THR E 304 43.17 -49.75 2.19
N ASP E 305 44.20 -48.90 2.08
CA ASP E 305 45.05 -48.51 3.21
C ASP E 305 44.37 -47.50 4.17
N ILE E 306 43.23 -46.94 3.78
CA ILE E 306 42.43 -46.01 4.58
C ILE E 306 41.83 -46.78 5.77
N GLY E 307 41.79 -46.15 6.96
CA GLY E 307 41.25 -46.80 8.17
C GLY E 307 39.84 -47.32 7.93
N LYS E 308 39.60 -48.63 8.10
CA LYS E 308 38.31 -49.28 7.81
C LYS E 308 37.11 -48.66 8.54
N ASP E 309 37.33 -48.04 9.71
CA ASP E 309 36.29 -47.37 10.48
C ASP E 309 36.02 -45.94 10.03
N ILE E 310 36.86 -45.25 9.25
CA ILE E 310 36.52 -43.90 8.78
C ILE E 310 35.55 -43.98 7.60
N GLN E 311 34.50 -43.16 7.59
CA GLN E 311 33.48 -43.09 6.54
C GLN E 311 33.04 -41.64 6.33
N TYR E 312 32.41 -41.35 5.18
CA TYR E 312 32.01 -39.98 4.81
C TYR E 312 30.52 -39.88 4.48
N LEU E 313 29.95 -38.71 4.74
CA LEU E 313 28.55 -38.38 4.52
C LEU E 313 28.41 -36.95 4.04
N ALA E 314 27.50 -36.67 3.11
CA ALA E 314 27.22 -35.34 2.59
C ALA E 314 25.76 -34.98 2.84
N VAL E 315 25.49 -33.70 3.06
CA VAL E 315 24.15 -33.16 3.28
C VAL E 315 23.95 -31.94 2.42
N ALA E 316 22.89 -31.90 1.63
CA ALA E 316 22.51 -30.76 0.83
C ALA E 316 21.51 -29.94 1.61
N VAL E 317 21.80 -28.65 1.74
CA VAL E 317 21.11 -27.79 2.68
C VAL E 317 20.68 -26.51 2.00
N SER E 318 19.39 -26.23 2.06
CA SER E 318 18.81 -24.99 1.60
C SER E 318 19.04 -23.85 2.58
N GLN E 319 19.24 -22.64 2.09
CA GLN E 319 19.13 -21.44 2.90
C GLN E 319 17.67 -21.14 3.29
N TYR E 320 16.68 -21.81 2.70
CA TYR E 320 15.28 -21.67 3.06
C TYR E 320 14.88 -22.62 4.19
N MET E 321 13.77 -22.30 4.86
CA MET E 321 13.47 -22.78 6.20
C MET E 321 12.12 -23.50 6.27
N ASP E 322 11.52 -23.54 7.45
CA ASP E 322 10.32 -24.30 7.80
C ASP E 322 9.03 -23.95 7.05
N GLU E 323 9.02 -22.89 6.24
CA GLU E 323 7.96 -22.65 5.27
C GLU E 323 7.93 -23.72 4.16
N PRO E 324 6.84 -24.45 3.94
CA PRO E 324 6.79 -25.48 2.92
C PRO E 324 6.40 -24.97 1.53
N LEU E 325 5.88 -23.74 1.40
CA LEU E 325 5.59 -23.13 0.10
C LEU E 325 6.39 -21.82 -0.08
N ASN E 326 7.25 -21.79 -1.09
CA ASN E 326 8.25 -20.75 -1.33
C ASN E 326 8.44 -20.53 -2.83
N GLU E 327 8.65 -19.30 -3.28
CA GLU E 327 8.98 -19.03 -4.70
C GLU E 327 10.31 -19.67 -5.11
N HIS E 328 11.20 -19.87 -4.12
CA HIS E 328 12.50 -20.46 -4.39
C HIS E 328 12.68 -22.00 -4.39
N LEU E 329 11.75 -22.83 -3.92
CA LEU E 329 11.83 -24.30 -4.03
C LEU E 329 11.00 -24.88 -5.20
N GLU E 330 10.60 -24.05 -6.16
CA GLU E 330 9.82 -24.47 -7.34
C GLU E 330 10.53 -25.54 -8.15
N MET E 331 9.83 -26.63 -8.46
CA MET E 331 10.36 -27.72 -9.28
C MET E 331 10.09 -27.57 -10.77
N PHE E 332 9.12 -26.75 -11.16
CA PHE E 332 8.69 -26.63 -12.55
C PHE E 332 9.64 -25.81 -13.42
N ASP E 333 10.12 -24.67 -12.95
CA ASP E 333 10.95 -23.75 -13.73
C ASP E 333 12.38 -23.63 -13.19
N LYS E 334 13.32 -23.34 -14.08
CA LYS E 334 14.76 -23.20 -13.82
C LYS E 334 15.07 -22.09 -12.83
N GLU E 335 15.86 -22.39 -11.79
CA GLU E 335 16.15 -21.44 -10.69
C GLU E 335 17.56 -21.66 -10.12
N LYS E 336 18.55 -20.85 -10.53
CA LYS E 336 19.88 -20.82 -9.93
C LYS E 336 19.82 -20.00 -8.62
N HIS E 337 20.31 -20.50 -7.50
CA HIS E 337 20.52 -19.71 -6.27
C HIS E 337 21.52 -20.40 -5.33
N SER E 338 22.02 -19.66 -4.34
CA SER E 338 22.99 -20.17 -3.38
C SER E 338 22.40 -21.24 -2.46
N SER E 339 23.05 -22.39 -2.41
CA SER E 339 22.71 -23.57 -1.60
C SER E 339 24.03 -24.30 -1.35
N CYS E 340 24.13 -25.18 -0.37
CA CYS E 340 25.41 -25.78 -0.02
C CYS E 340 25.42 -27.25 0.36
N ILE E 341 26.63 -27.80 0.32
CA ILE E 341 26.95 -29.17 0.69
C ILE E 341 27.93 -29.16 1.85
N GLN E 342 27.53 -29.74 2.96
CA GLN E 342 28.35 -29.97 4.14
C GLN E 342 28.84 -31.41 4.08
N ILE E 343 30.15 -31.62 4.00
CA ILE E 343 30.77 -32.94 3.92
C ILE E 343 31.39 -33.30 5.27
N PHE E 344 30.96 -34.42 5.83
CA PHE E 344 31.27 -34.87 7.17
C PHE E 344 32.13 -36.12 7.13
N LYS E 345 33.14 -36.16 7.97
CA LYS E 345 34.01 -37.30 8.18
C LYS E 345 33.68 -37.85 9.54
N MET E 346 33.46 -39.16 9.65
CA MET E 346 33.11 -39.77 10.93
C MET E 346 33.65 -41.19 11.08
N ASN E 347 33.88 -41.59 12.32
CA ASN E 347 34.39 -42.91 12.65
C ASN E 347 33.24 -43.84 13.04
N THR E 348 33.03 -44.95 12.35
CA THR E 348 31.98 -45.92 12.70
C THR E 348 32.25 -46.60 14.05
N SER E 349 33.49 -46.53 14.53
CA SER E 349 33.97 -47.09 15.79
C SER E 349 33.63 -46.24 17.01
N THR E 350 33.88 -44.93 16.96
CA THR E 350 33.67 -43.98 18.07
C THR E 350 32.54 -42.96 17.86
N LEU E 351 31.92 -42.95 16.68
CA LEU E 351 30.88 -42.02 16.23
C LEU E 351 31.31 -40.54 16.26
N HIS E 352 32.60 -40.25 16.49
CA HIS E 352 33.15 -38.90 16.45
C HIS E 352 33.06 -38.36 15.02
N CYS E 353 32.62 -37.11 14.84
CA CYS E 353 32.39 -36.53 13.53
C CYS E 353 32.83 -35.07 13.43
N VAL E 354 33.37 -34.70 12.27
CA VAL E 354 33.87 -33.35 11.97
C VAL E 354 33.35 -32.89 10.62
N LYS E 355 32.90 -31.64 10.54
CA LYS E 355 32.56 -31.00 9.27
C LYS E 355 33.85 -30.67 8.55
N VAL E 356 34.22 -31.41 7.51
CA VAL E 356 35.51 -31.24 6.80
C VAL E 356 35.46 -30.12 5.80
N GLN E 357 34.46 -30.09 4.91
CA GLN E 357 34.36 -29.10 3.85
C GLN E 357 32.94 -28.61 3.73
N THR E 358 32.79 -27.34 3.42
CA THR E 358 31.51 -26.76 3.05
C THR E 358 31.66 -26.21 1.65
N ILE E 359 30.85 -26.67 0.71
CA ILE E 359 30.89 -26.25 -0.68
C ILE E 359 29.67 -25.39 -0.95
N VAL E 360 29.91 -24.20 -1.50
CA VAL E 360 28.89 -23.24 -1.90
C VAL E 360 28.78 -23.21 -3.41
N HIS E 361 27.57 -23.25 -3.93
CA HIS E 361 27.30 -23.18 -5.35
C HIS E 361 25.99 -22.46 -5.63
N SER E 362 25.87 -21.88 -6.82
CA SER E 362 24.68 -21.16 -7.26
C SER E 362 23.69 -22.04 -8.05
N PHE E 363 23.90 -23.37 -8.12
CA PHE E 363 23.06 -24.29 -8.89
C PHE E 363 21.63 -24.47 -8.36
N GLY E 364 21.26 -23.82 -7.26
CA GLY E 364 19.96 -23.94 -6.62
C GLY E 364 19.89 -25.17 -5.71
N GLU E 365 18.71 -25.60 -5.29
CA GLU E 365 18.67 -26.80 -4.45
C GLU E 365 19.12 -28.06 -5.18
N VAL E 366 19.55 -29.03 -4.39
CA VAL E 366 20.15 -30.29 -4.82
C VAL E 366 19.44 -31.52 -4.27
N TRP E 367 19.23 -32.53 -5.12
CA TRP E 367 18.60 -33.80 -4.78
C TRP E 367 19.07 -34.93 -5.69
N ASP E 368 18.66 -36.16 -5.39
CA ASP E 368 19.08 -37.38 -6.08
C ASP E 368 20.61 -37.54 -5.97
N LEU E 369 21.16 -37.00 -4.89
CA LEU E 369 22.57 -36.91 -4.56
C LEU E 369 23.16 -38.28 -4.28
N LYS E 370 24.21 -38.66 -5.00
CA LYS E 370 24.88 -39.95 -4.85
C LYS E 370 26.38 -39.86 -5.16
N TRP E 371 27.21 -40.62 -4.46
CA TRP E 371 28.65 -40.68 -4.71
C TRP E 371 28.94 -41.68 -5.82
N HIS E 372 29.79 -41.33 -6.77
CA HIS E 372 30.17 -42.27 -7.84
C HIS E 372 31.24 -43.23 -7.32
N GLU E 373 30.88 -44.46 -6.97
CA GLU E 373 31.80 -45.46 -6.39
C GLU E 373 32.91 -45.99 -7.32
N GLY E 374 33.06 -45.46 -8.53
CA GLY E 374 34.11 -45.82 -9.48
C GLY E 374 35.06 -44.66 -9.80
N CYS E 375 34.79 -43.46 -9.29
CA CYS E 375 35.55 -42.23 -9.52
C CYS E 375 36.83 -42.15 -8.64
N HIS E 376 37.58 -43.25 -8.56
CA HIS E 376 38.79 -43.39 -7.74
C HIS E 376 40.04 -42.73 -8.31
N ALA E 377 40.70 -41.93 -7.47
CA ALA E 377 41.98 -41.30 -7.70
C ALA E 377 42.62 -40.98 -6.33
N PRO E 378 43.95 -41.06 -6.15
CA PRO E 378 44.59 -40.78 -4.85
C PRO E 378 44.36 -39.36 -4.28
N HIS E 379 44.10 -38.36 -5.12
CA HIS E 379 43.81 -36.97 -4.67
C HIS E 379 42.34 -36.72 -4.27
N LEU E 380 41.41 -37.66 -4.46
CA LEU E 380 40.00 -37.48 -4.17
C LEU E 380 39.52 -38.32 -2.98
N VAL E 381 38.63 -37.73 -2.17
CA VAL E 381 37.74 -38.46 -1.27
C VAL E 381 36.81 -39.33 -2.10
N GLY E 382 36.25 -38.73 -3.16
CA GLY E 382 35.37 -39.33 -4.16
C GLY E 382 34.85 -38.24 -5.11
N CYS E 383 33.78 -38.54 -5.84
CA CYS E 383 33.08 -37.54 -6.65
C CYS E 383 31.59 -37.59 -6.38
N LEU E 384 30.98 -36.42 -6.29
CA LEU E 384 29.61 -36.25 -5.82
C LEU E 384 28.73 -35.76 -6.96
N SER E 385 27.67 -36.50 -7.22
CA SER E 385 26.79 -36.34 -8.37
C SER E 385 25.38 -35.98 -7.99
N PHE E 386 24.80 -34.97 -8.61
CA PHE E 386 23.42 -34.58 -8.34
C PHE E 386 22.68 -33.82 -9.42
N VAL E 387 21.34 -33.88 -9.38
CA VAL E 387 20.48 -33.03 -10.20
C VAL E 387 20.29 -31.75 -9.41
N SER E 388 20.22 -30.62 -10.08
CA SER E 388 20.07 -29.33 -9.43
C SER E 388 18.94 -28.53 -10.02
N GLN E 389 18.43 -27.59 -9.26
CA GLN E 389 17.31 -26.74 -9.65
C GLN E 389 17.60 -25.82 -10.84
N GLU E 390 18.84 -25.73 -11.30
CA GLU E 390 19.17 -25.05 -12.56
C GLU E 390 18.89 -25.96 -13.77
N GLY E 391 18.35 -27.16 -13.55
CA GLY E 391 17.94 -28.13 -14.56
C GLY E 391 19.05 -28.98 -15.14
N THR E 392 20.27 -28.89 -14.65
CA THR E 392 21.40 -29.69 -15.13
C THR E 392 21.83 -30.76 -14.12
N ILE E 393 22.61 -31.74 -14.56
CA ILE E 393 23.21 -32.74 -13.67
C ILE E 393 24.64 -32.27 -13.50
N ASN E 394 25.10 -32.14 -12.27
CA ASN E 394 26.45 -31.66 -11.97
C ASN E 394 27.27 -32.69 -11.20
N PHE E 395 28.44 -33.02 -11.72
CA PHE E 395 29.41 -33.88 -11.07
C PHE E 395 30.55 -33.01 -10.57
N LEU E 396 30.92 -33.07 -9.29
CA LEU E 396 32.07 -32.32 -8.77
C LEU E 396 33.03 -33.16 -7.92
N GLU E 397 34.32 -32.84 -8.03
CA GLU E 397 35.42 -33.55 -7.36
C GLU E 397 35.53 -33.15 -5.90
N ILE E 398 35.45 -34.13 -4.99
CA ILE E 398 35.71 -33.89 -3.58
C ILE E 398 37.18 -34.14 -3.32
N ILE E 399 37.99 -33.13 -3.64
CA ILE E 399 39.46 -33.11 -3.49
C ILE E 399 39.82 -33.07 -2.00
N ASP E 400 40.69 -33.97 -1.59
CA ASP E 400 41.02 -34.20 -0.18
C ASP E 400 41.92 -33.10 0.42
N ASN E 401 41.70 -32.73 1.68
CA ASN E 401 42.54 -31.78 2.41
C ASN E 401 43.82 -32.45 2.95
N ALA E 402 44.89 -31.68 3.09
CA ALA E 402 46.09 -32.04 3.84
C ALA E 402 45.92 -31.96 5.38
N THR E 403 44.72 -31.65 5.87
CA THR E 403 44.41 -31.36 7.27
C THR E 403 42.98 -31.79 7.63
N ASP E 404 42.73 -32.08 8.91
CA ASP E 404 41.37 -32.27 9.45
C ASP E 404 40.62 -30.94 9.71
N VAL E 405 41.28 -29.78 9.57
CA VAL E 405 40.67 -28.45 9.76
C VAL E 405 39.60 -28.17 8.69
N HIS E 406 38.51 -27.51 9.09
CA HIS E 406 37.43 -27.13 8.20
C HIS E 406 37.85 -26.13 7.11
N VAL E 407 37.27 -26.25 5.91
CA VAL E 407 37.42 -25.28 4.82
C VAL E 407 36.08 -24.93 4.18
N PHE E 408 35.94 -23.67 3.78
CA PHE E 408 34.79 -23.20 3.02
C PHE E 408 35.23 -22.97 1.57
N LYS E 409 34.48 -23.47 0.60
CA LYS E 409 34.77 -23.40 -0.85
C LYS E 409 33.59 -22.86 -1.63
N MET E 410 33.87 -22.27 -2.78
CA MET E 410 32.86 -21.82 -3.75
C MET E 410 33.23 -22.46 -5.09
N CYS E 411 32.25 -22.90 -5.87
CA CYS E 411 32.47 -23.58 -7.15
C CYS E 411 32.17 -22.70 -8.38
N GLU E 412 33.10 -22.62 -9.32
CA GLU E 412 32.93 -21.86 -10.56
C GLU E 412 32.51 -22.75 -11.73
N LYS E 413 33.01 -24.00 -11.77
CA LYS E 413 32.70 -24.94 -12.85
C LYS E 413 32.84 -26.39 -12.38
N PRO E 414 31.75 -27.19 -12.35
CA PRO E 414 31.79 -28.59 -11.96
C PRO E 414 32.47 -29.40 -13.07
N SER E 415 33.08 -30.53 -12.73
CA SER E 415 33.82 -31.36 -13.66
C SER E 415 33.03 -31.84 -14.88
N LEU E 416 31.73 -32.08 -14.73
CA LEU E 416 30.90 -32.54 -15.83
C LEU E 416 29.46 -32.09 -15.64
N THR E 417 28.94 -31.29 -16.57
CA THR E 417 27.57 -30.81 -16.57
C THR E 417 26.80 -31.40 -17.72
N LEU E 418 25.71 -32.11 -17.42
CA LEU E 418 24.83 -32.66 -18.43
C LEU E 418 23.63 -31.71 -18.50
N SER E 419 23.29 -31.27 -19.69
CA SER E 419 22.21 -30.32 -19.95
C SER E 419 21.61 -30.55 -21.32
N LEU E 420 20.39 -30.07 -21.55
CA LEU E 420 19.69 -30.22 -22.81
C LEU E 420 18.89 -28.96 -23.12
N ALA E 421 18.69 -28.66 -24.40
CA ALA E 421 17.97 -27.48 -24.82
C ALA E 421 16.50 -27.47 -24.37
N ASP E 422 16.06 -26.32 -23.84
CA ASP E 422 14.69 -26.00 -23.41
C ASP E 422 13.99 -27.04 -22.50
N SER E 423 14.75 -27.85 -21.76
CA SER E 423 14.23 -28.87 -20.86
C SER E 423 15.10 -29.02 -19.61
N LEU E 424 14.47 -29.24 -18.47
CA LEU E 424 15.14 -29.33 -17.17
C LEU E 424 15.19 -30.78 -16.75
N ILE E 425 16.36 -31.27 -16.40
CA ILE E 425 16.55 -32.64 -15.92
C ILE E 425 16.04 -32.70 -14.48
N THR E 426 15.34 -33.77 -14.11
CA THR E 426 14.59 -33.86 -12.86
C THR E 426 15.01 -34.99 -11.94
N THR E 427 15.65 -36.04 -12.44
CA THR E 427 16.13 -37.18 -11.66
C THR E 427 17.07 -38.00 -12.52
N PHE E 428 17.95 -38.81 -11.95
CA PHE E 428 18.92 -39.60 -12.71
C PHE E 428 19.46 -40.81 -11.98
N ASP E 429 19.97 -41.79 -12.73
CA ASP E 429 20.56 -42.99 -12.16
C ASP E 429 21.64 -43.58 -13.10
N PHE E 430 22.61 -44.31 -12.57
CA PHE E 430 23.69 -44.90 -13.36
C PHE E 430 23.33 -46.24 -13.98
N LEU E 431 23.62 -46.43 -15.26
CA LEU E 431 23.38 -47.71 -15.95
C LEU E 431 24.69 -48.47 -16.19
N SER E 432 25.81 -47.79 -15.97
CA SER E 432 27.18 -48.24 -16.11
C SER E 432 28.08 -47.22 -15.42
N PRO E 433 29.38 -47.47 -15.27
CA PRO E 433 30.30 -46.50 -14.72
C PRO E 433 30.37 -45.19 -15.51
N THR E 434 29.89 -45.14 -16.76
CA THR E 434 30.02 -43.96 -17.63
C THR E 434 28.75 -43.50 -18.33
N THR E 435 27.57 -44.05 -18.03
CA THR E 435 26.31 -43.61 -18.65
C THR E 435 25.19 -43.49 -17.63
N VAL E 436 24.34 -42.48 -17.78
CA VAL E 436 23.23 -42.22 -16.86
C VAL E 436 21.90 -42.07 -17.56
N VAL E 437 20.85 -42.65 -17.00
CA VAL E 437 19.48 -42.43 -17.46
C VAL E 437 18.97 -41.23 -16.71
N CYS E 438 18.21 -40.36 -17.34
CA CYS E 438 17.67 -39.18 -16.67
C CYS E 438 16.31 -38.80 -17.22
N GLY E 439 15.52 -38.11 -16.42
CA GLY E 439 14.19 -37.67 -16.76
C GLY E 439 14.10 -36.16 -16.88
N PHE E 440 13.08 -35.65 -17.56
CA PHE E 440 12.91 -34.24 -17.80
C PHE E 440 11.51 -33.71 -17.50
N LYS E 441 11.38 -32.40 -17.26
CA LYS E 441 10.12 -31.66 -17.02
C LYS E 441 8.99 -32.03 -17.95
N ASN E 442 9.31 -32.22 -19.24
CA ASN E 442 8.37 -32.56 -20.31
C ASN E 442 8.05 -34.06 -20.45
N GLY E 443 8.36 -34.88 -19.46
CA GLY E 443 8.07 -36.32 -19.45
C GLY E 443 8.96 -37.18 -20.32
N PHE E 444 10.01 -36.62 -20.90
CA PHE E 444 10.99 -37.38 -21.68
C PHE E 444 12.00 -38.12 -20.80
N VAL E 445 12.67 -39.10 -21.38
CA VAL E 445 13.73 -39.89 -20.77
C VAL E 445 14.91 -39.95 -21.74
N ALA E 446 16.14 -39.82 -21.24
CA ALA E 446 17.36 -39.89 -22.04
C ALA E 446 18.52 -40.57 -21.34
N GLU E 447 19.39 -41.25 -22.09
CA GLU E 447 20.61 -41.82 -21.54
C GLU E 447 21.78 -40.96 -22.02
N PHE E 448 22.46 -40.27 -21.12
CA PHE E 448 23.63 -39.47 -21.46
C PHE E 448 24.90 -40.29 -21.31
N ASP E 449 25.92 -39.93 -22.07
CA ASP E 449 27.23 -40.55 -21.98
C ASP E 449 28.12 -39.53 -21.29
N LEU E 450 28.67 -39.91 -20.14
CA LEU E 450 29.52 -39.02 -19.35
C LEU E 450 30.83 -38.67 -20.05
N THR E 451 31.23 -39.45 -21.05
CA THR E 451 32.44 -39.23 -21.84
C THR E 451 32.15 -38.31 -23.04
N ASP E 452 30.93 -38.41 -23.58
CA ASP E 452 30.41 -37.66 -24.72
C ASP E 452 29.09 -36.94 -24.34
N PRO E 453 29.13 -35.97 -23.41
CA PRO E 453 27.97 -35.26 -22.89
C PRO E 453 27.29 -34.29 -23.87
N GLU E 454 27.83 -34.06 -25.07
CA GLU E 454 27.26 -33.11 -26.02
C GLU E 454 25.85 -33.48 -26.53
N VAL E 455 25.59 -34.77 -26.77
CA VAL E 455 24.32 -35.28 -27.29
C VAL E 455 23.90 -36.59 -26.61
N PRO E 456 22.63 -36.76 -26.19
CA PRO E 456 22.16 -37.97 -25.54
C PRO E 456 22.09 -39.15 -26.51
N SER E 457 22.17 -40.36 -25.98
CA SER E 457 22.10 -41.59 -26.77
C SER E 457 20.69 -41.79 -27.35
N PHE E 458 19.67 -41.34 -26.64
CA PHE E 458 18.26 -41.30 -27.04
C PHE E 458 17.51 -40.23 -26.26
N TYR E 459 16.39 -39.75 -26.78
CA TYR E 459 15.53 -38.75 -26.18
C TYR E 459 14.11 -39.09 -26.60
N ASP E 460 13.44 -39.92 -25.80
CA ASP E 460 12.09 -40.44 -26.08
C ASP E 460 11.08 -40.04 -25.01
N GLN E 461 9.83 -39.78 -25.41
CA GLN E 461 8.77 -39.44 -24.46
C GLN E 461 8.24 -40.71 -23.80
N VAL E 462 8.08 -40.68 -22.49
CA VAL E 462 7.58 -41.84 -21.72
C VAL E 462 6.47 -41.43 -20.76
N HIS E 463 6.37 -40.16 -20.41
CA HIS E 463 5.35 -39.62 -19.50
C HIS E 463 4.67 -38.38 -20.05
N ASP E 464 3.50 -38.08 -19.51
CA ASP E 464 2.68 -36.93 -19.87
C ASP E 464 3.13 -35.65 -19.20
N SER E 465 3.79 -35.75 -18.06
CA SER E 465 4.22 -34.64 -17.21
C SER E 465 5.47 -35.00 -16.40
N TYR E 466 5.87 -34.12 -15.48
CA TYR E 466 7.08 -34.17 -14.68
C TYR E 466 7.42 -35.55 -14.12
N ILE E 467 8.51 -36.16 -14.60
CA ILE E 467 9.06 -37.42 -14.12
C ILE E 467 9.80 -37.17 -12.79
N LEU E 468 9.35 -37.79 -11.71
CA LEU E 468 9.76 -37.47 -10.35
C LEU E 468 11.00 -38.27 -9.93
N SER E 469 10.96 -39.57 -10.16
CA SER E 469 12.06 -40.45 -9.80
C SER E 469 12.26 -41.55 -10.83
N VAL E 470 13.52 -41.86 -11.11
CA VAL E 470 13.98 -42.91 -12.01
C VAL E 470 14.91 -43.83 -11.24
N SER E 471 14.82 -45.14 -11.42
CA SER E 471 15.63 -46.11 -10.68
C SER E 471 16.03 -47.33 -11.50
N THR E 472 17.26 -47.79 -11.36
CA THR E 472 17.83 -48.92 -12.09
C THR E 472 17.79 -50.23 -11.32
N ALA E 473 17.24 -51.29 -11.90
CA ALA E 473 17.20 -52.60 -11.27
C ALA E 473 18.25 -53.50 -11.92
N TYR E 474 19.49 -53.35 -11.47
CA TYR E 474 20.62 -54.11 -11.97
C TYR E 474 20.56 -55.57 -11.51
N SER E 475 21.10 -56.48 -12.30
CA SER E 475 21.14 -57.91 -12.02
C SER E 475 22.31 -58.58 -12.73
N ASP E 476 22.85 -59.63 -12.13
CA ASP E 476 23.90 -60.44 -12.75
C ASP E 476 23.32 -61.44 -13.76
N PHE E 477 21.99 -61.51 -13.91
CA PHE E 477 21.30 -62.50 -14.74
C PHE E 477 20.23 -61.97 -15.70
N GLU E 478 19.79 -60.72 -15.56
CA GLU E 478 18.77 -60.10 -16.42
C GLU E 478 19.19 -58.71 -16.88
N ASP E 479 18.52 -58.20 -17.90
CA ASP E 479 18.71 -56.86 -18.43
C ASP E 479 18.62 -55.76 -17.37
N THR E 480 19.30 -54.63 -17.58
CA THR E 480 19.24 -53.51 -16.64
C THR E 480 17.99 -52.69 -16.90
N VAL E 481 16.86 -53.12 -16.36
CA VAL E 481 15.59 -52.41 -16.50
C VAL E 481 15.59 -51.14 -15.67
N VAL E 482 14.83 -50.16 -16.12
CA VAL E 482 14.67 -48.86 -15.50
C VAL E 482 13.21 -48.64 -15.17
N SER E 483 12.93 -48.04 -14.03
CA SER E 483 11.59 -47.68 -13.63
C SER E 483 11.44 -46.19 -13.51
N THR E 484 10.25 -45.68 -13.76
CA THR E 484 9.98 -44.25 -13.71
C THR E 484 8.59 -43.99 -13.18
N VAL E 485 8.43 -42.95 -12.38
CA VAL E 485 7.13 -42.45 -11.95
C VAL E 485 7.04 -40.97 -12.17
N ALA E 486 5.85 -40.45 -12.45
CA ALA E 486 5.63 -39.05 -12.74
C ALA E 486 4.36 -38.52 -12.10
N VAL E 487 4.12 -37.22 -12.20
CA VAL E 487 2.92 -36.57 -11.68
C VAL E 487 1.65 -37.08 -12.35
N ASP E 488 1.73 -37.65 -13.55
CA ASP E 488 0.64 -38.39 -14.22
C ASP E 488 0.26 -39.70 -13.52
N GLY E 489 1.03 -40.09 -12.52
CA GLY E 489 0.78 -41.20 -11.62
C GLY E 489 1.19 -42.56 -12.13
N TYR E 490 1.61 -42.72 -13.38
CA TYR E 490 1.98 -44.03 -13.91
C TYR E 490 3.32 -44.48 -13.37
N PHE E 491 3.46 -45.74 -13.03
CA PHE E 491 4.75 -46.36 -12.75
C PHE E 491 5.09 -47.33 -13.87
N TYR E 492 6.06 -46.98 -14.71
CA TYR E 492 6.50 -47.78 -15.85
C TYR E 492 7.87 -48.40 -15.67
N ILE E 493 8.03 -49.67 -16.04
CA ILE E 493 9.31 -50.38 -16.07
C ILE E 493 9.65 -50.65 -17.54
N PHE E 494 10.85 -50.35 -18.01
CA PHE E 494 11.27 -50.54 -19.38
C PHE E 494 12.76 -50.82 -19.51
N ASN E 495 13.17 -51.35 -20.66
CA ASN E 495 14.58 -51.65 -20.94
C ASN E 495 15.15 -50.59 -21.89
N PRO E 496 16.23 -49.89 -21.53
CA PRO E 496 16.77 -48.82 -22.36
C PRO E 496 17.27 -49.24 -23.75
N LYS E 497 17.41 -50.54 -24.03
CA LYS E 497 17.76 -51.04 -25.38
C LYS E 497 16.70 -50.58 -26.38
N ASP E 498 15.42 -50.70 -26.02
CA ASP E 498 14.24 -50.30 -26.82
C ASP E 498 13.03 -50.07 -25.92
N ILE E 499 12.70 -48.82 -25.64
CA ILE E 499 11.56 -48.48 -24.78
C ILE E 499 10.24 -48.92 -25.41
N ALA E 500 10.01 -48.58 -26.67
CA ALA E 500 8.76 -48.87 -27.37
C ALA E 500 8.39 -50.35 -27.40
N THR E 501 9.34 -51.27 -27.56
CA THR E 501 9.02 -52.71 -27.56
C THR E 501 8.93 -53.32 -26.17
N THR E 502 9.41 -52.68 -25.11
CA THR E 502 9.46 -53.26 -23.75
C THR E 502 8.64 -52.59 -22.64
N LYS E 503 8.19 -51.35 -22.79
CA LYS E 503 7.45 -50.60 -21.75
C LYS E 503 6.30 -51.39 -21.13
N THR E 504 6.26 -51.43 -19.80
CA THR E 504 5.31 -52.18 -18.98
C THR E 504 4.80 -51.34 -17.81
N THR E 505 3.54 -51.47 -17.39
CA THR E 505 2.96 -50.69 -16.29
C THR E 505 2.81 -51.52 -15.03
N VAL E 506 3.25 -51.01 -13.87
CA VAL E 506 3.00 -51.63 -12.56
C VAL E 506 1.71 -51.11 -11.94
N SER E 507 1.43 -49.82 -12.00
CA SER E 507 0.25 -49.19 -11.39
C SER E 507 0.00 -47.80 -11.95
N ARG E 508 -1.18 -47.25 -11.67
CA ARG E 508 -1.40 -45.80 -11.68
C ARG E 508 -1.80 -45.30 -10.29
N PHE E 509 -1.03 -44.37 -9.74
CA PHE E 509 -1.32 -43.70 -8.48
C PHE E 509 -2.17 -42.45 -8.70
N ARG E 510 -2.77 -41.94 -7.64
CA ARG E 510 -3.23 -40.54 -7.59
C ARG E 510 -2.03 -39.64 -7.87
N GLY E 511 -2.19 -38.56 -8.62
CA GLY E 511 -1.10 -37.64 -8.87
C GLY E 511 -0.54 -37.07 -7.56
N SER E 512 0.69 -37.42 -7.21
CA SER E 512 1.32 -37.01 -5.95
C SER E 512 2.67 -36.37 -6.20
N ASN E 513 2.95 -35.29 -5.48
CA ASN E 513 4.07 -34.42 -5.78
C ASN E 513 5.37 -34.76 -5.05
N LEU E 514 5.41 -35.89 -4.34
CA LEU E 514 6.64 -36.55 -3.93
C LEU E 514 6.44 -38.07 -3.79
N VAL E 515 7.07 -38.86 -4.66
CA VAL E 515 6.94 -40.32 -4.71
C VAL E 515 8.31 -40.98 -4.60
N PRO E 516 8.74 -41.40 -3.41
CA PRO E 516 10.00 -42.09 -3.26
C PRO E 516 9.96 -43.48 -3.86
N VAL E 517 10.96 -43.81 -4.68
CA VAL E 517 11.16 -45.13 -5.31
C VAL E 517 12.63 -45.51 -5.16
N VAL E 518 12.93 -46.73 -4.71
CA VAL E 518 14.28 -47.25 -4.54
C VAL E 518 14.38 -48.71 -4.98
N TYR E 519 15.58 -49.20 -5.25
CA TYR E 519 15.81 -50.60 -5.62
C TYR E 519 16.46 -51.37 -4.48
N CYS E 520 15.87 -52.50 -4.06
CA CYS E 520 16.41 -53.37 -3.02
C CYS E 520 17.14 -54.51 -3.74
N PRO E 521 18.45 -54.39 -4.00
CA PRO E 521 19.17 -55.36 -4.81
C PRO E 521 19.31 -56.75 -4.21
N GLN E 522 19.08 -56.92 -2.91
CA GLN E 522 19.16 -58.24 -2.26
C GLN E 522 18.01 -59.19 -2.65
N ILE E 523 16.87 -58.64 -3.07
CA ILE E 523 15.65 -59.39 -3.42
C ILE E 523 15.07 -59.01 -4.79
N TYR E 524 15.88 -58.37 -5.64
CA TYR E 524 15.55 -57.91 -7.00
C TYR E 524 14.20 -57.18 -7.12
N SER E 525 13.80 -56.46 -6.08
CA SER E 525 12.53 -55.75 -6.03
C SER E 525 12.60 -54.26 -5.86
N TYR E 526 11.83 -53.54 -6.65
CA TYR E 526 11.67 -52.12 -6.44
C TYR E 526 10.82 -51.97 -5.18
N ILE E 527 11.02 -50.88 -4.46
CA ILE E 527 10.31 -50.51 -3.25
C ILE E 527 9.79 -49.12 -3.50
N TYR E 528 8.52 -48.84 -3.26
CA TYR E 528 7.92 -47.55 -3.58
C TYR E 528 6.79 -47.16 -2.64
N SER E 529 6.60 -45.86 -2.51
CA SER E 529 5.41 -45.28 -1.90
C SER E 529 4.36 -45.18 -2.96
N ASP E 530 3.12 -45.52 -2.65
CA ASP E 530 2.00 -45.37 -3.58
C ASP E 530 1.55 -43.92 -3.78
N GLY E 531 2.38 -42.94 -3.43
CA GLY E 531 2.08 -41.52 -3.52
C GLY E 531 1.14 -41.04 -2.44
N ALA E 532 0.35 -41.93 -1.85
CA ALA E 532 -0.43 -41.73 -0.66
C ALA E 532 0.32 -42.33 0.53
N SER E 533 -0.19 -43.37 1.17
CA SER E 533 0.28 -43.79 2.48
C SER E 533 0.56 -45.28 2.67
N SER E 534 1.00 -45.99 1.63
CA SER E 534 1.45 -47.38 1.74
C SER E 534 2.78 -47.59 1.04
N LEU E 535 3.57 -48.52 1.57
CA LEU E 535 4.88 -48.92 1.07
C LEU E 535 4.67 -50.25 0.36
N ARG E 536 5.14 -50.43 -0.88
CA ARG E 536 4.89 -51.64 -1.67
C ARG E 536 6.14 -52.10 -2.40
N ALA E 537 6.21 -53.39 -2.64
CA ALA E 537 7.31 -54.04 -3.35
C ALA E 537 6.83 -54.62 -4.69
N VAL E 538 7.62 -54.47 -5.75
CA VAL E 538 7.34 -55.08 -7.06
C VAL E 538 8.61 -55.67 -7.66
N PRO E 539 8.65 -56.98 -7.94
CA PRO E 539 9.79 -57.60 -8.57
C PRO E 539 9.90 -57.13 -10.01
N SER E 540 11.11 -56.86 -10.50
CA SER E 540 11.32 -56.33 -11.85
C SER E 540 10.79 -57.22 -12.98
N ARG E 541 10.69 -58.54 -12.77
CA ARG E 541 10.24 -59.53 -13.76
C ARG E 541 8.84 -60.12 -13.54
N ALA E 542 8.04 -59.51 -12.66
CA ALA E 542 6.68 -59.91 -12.37
C ALA E 542 5.92 -58.67 -11.86
N ALA E 543 5.70 -57.70 -12.74
CA ALA E 543 5.06 -56.45 -12.38
C ALA E 543 3.71 -56.57 -11.67
N PHE E 544 2.92 -57.61 -11.95
CA PHE E 544 1.63 -57.81 -11.29
C PHE E 544 1.76 -58.23 -9.82
N ALA E 545 2.92 -58.76 -9.40
CA ALA E 545 3.17 -59.26 -8.06
C ALA E 545 3.45 -58.16 -7.03
N VAL E 546 2.60 -57.13 -6.98
CA VAL E 546 2.74 -56.05 -6.02
C VAL E 546 2.38 -56.53 -4.62
N HIS E 547 3.32 -56.51 -3.68
CA HIS E 547 3.06 -56.87 -2.29
C HIS E 547 3.13 -55.63 -1.40
N PRO E 548 2.09 -55.26 -0.66
CA PRO E 548 2.18 -54.13 0.26
C PRO E 548 3.01 -54.56 1.50
N LEU E 549 3.94 -53.71 1.92
CA LEU E 549 4.82 -53.93 3.08
C LEU E 549 4.31 -53.27 4.37
N VAL E 550 3.95 -51.98 4.36
CA VAL E 550 3.47 -51.28 5.58
C VAL E 550 2.48 -50.17 5.24
N SER E 551 1.58 -49.84 6.15
CA SER E 551 0.61 -48.74 6.07
C SER E 551 0.94 -47.66 7.10
N ARG E 552 0.83 -46.38 6.75
CA ARG E 552 1.10 -45.24 7.67
C ARG E 552 -0.04 -44.22 7.62
N GLU E 553 -0.29 -43.49 8.70
CA GLU E 553 -1.40 -42.51 8.74
C GLU E 553 -1.14 -41.23 7.92
N THR E 554 0.10 -41.01 7.49
CA THR E 554 0.52 -39.85 6.70
C THR E 554 1.55 -40.30 5.66
N THR E 555 1.64 -39.59 4.55
CA THR E 555 2.38 -39.98 3.35
C THR E 555 3.81 -40.40 3.61
N ILE E 556 4.26 -41.48 2.97
CA ILE E 556 5.66 -41.93 2.99
C ILE E 556 6.48 -41.05 2.06
N THR E 557 7.47 -40.36 2.60
CA THR E 557 8.13 -39.20 1.98
C THR E 557 9.59 -39.48 1.62
N ALA E 558 10.22 -40.44 2.28
CA ALA E 558 11.58 -40.86 2.01
C ALA E 558 11.70 -42.35 2.32
N ILE E 559 12.48 -43.08 1.53
CA ILE E 559 12.72 -44.52 1.67
C ILE E 559 14.21 -44.75 1.45
N GLY E 560 14.81 -45.70 2.17
CA GLY E 560 16.21 -46.05 2.04
C GLY E 560 16.41 -47.54 2.13
N VAL E 561 17.39 -48.06 1.41
CA VAL E 561 17.71 -49.49 1.37
C VAL E 561 19.18 -49.68 1.07
N SER E 562 19.76 -50.83 1.40
CA SER E 562 21.20 -51.08 1.23
C SER E 562 21.54 -52.30 0.37
N ARG E 563 22.76 -52.34 -0.15
CA ARG E 563 23.27 -53.44 -0.96
C ARG E 563 23.72 -54.66 -0.17
N LEU E 564 23.87 -54.58 1.15
CA LEU E 564 24.31 -55.69 2.01
C LEU E 564 23.18 -56.42 2.74
N HIS E 565 22.03 -55.77 2.98
CA HIS E 565 20.92 -56.36 3.71
C HIS E 565 19.55 -55.89 3.17
N PRO E 566 18.47 -56.67 3.37
CA PRO E 566 17.14 -56.34 2.89
C PRO E 566 16.34 -55.39 3.79
N MET E 567 16.93 -54.76 4.79
CA MET E 567 16.18 -53.90 5.71
C MET E 567 15.78 -52.58 5.04
N VAL E 568 14.49 -52.30 4.98
CA VAL E 568 13.96 -51.07 4.39
C VAL E 568 13.59 -50.09 5.49
N LEU E 569 13.99 -48.83 5.32
CA LEU E 569 13.66 -47.73 6.22
C LEU E 569 12.70 -46.83 5.49
N ALA E 570 11.60 -46.43 6.12
CA ALA E 570 10.63 -45.54 5.52
C ALA E 570 10.24 -44.44 6.50
N GLY E 571 10.18 -43.21 6.03
CA GLY E 571 9.83 -42.07 6.86
C GLY E 571 8.57 -41.39 6.37
N SER E 572 7.59 -41.21 7.26
CA SER E 572 6.34 -40.54 6.93
C SER E 572 6.36 -39.09 7.37
N ALA E 573 5.57 -38.25 6.72
CA ALA E 573 5.47 -36.83 7.04
C ALA E 573 4.72 -36.49 8.36
N ASP E 574 4.51 -37.48 9.21
CA ASP E 574 4.01 -37.38 10.58
C ASP E 574 5.22 -37.45 11.55
N GLY E 575 6.45 -37.49 11.02
CA GLY E 575 7.70 -37.60 11.74
C GLY E 575 8.04 -39.01 12.22
N SER E 576 7.28 -40.03 11.83
CA SER E 576 7.56 -41.42 12.21
C SER E 576 8.58 -42.07 11.30
N LEU E 577 9.53 -42.82 11.85
CA LEU E 577 10.50 -43.57 11.07
C LEU E 577 10.31 -45.06 11.37
N ILE E 578 10.06 -45.88 10.36
CA ILE E 578 9.80 -47.31 10.50
C ILE E 578 10.83 -48.18 9.80
N ILE E 579 11.10 -49.35 10.37
CA ILE E 579 11.99 -50.36 9.83
C ILE E 579 11.19 -51.64 9.59
N THR E 580 11.46 -52.31 8.47
CA THR E 580 10.80 -53.58 8.14
C THR E 580 11.68 -54.44 7.25
N ASN E 581 11.55 -55.76 7.37
CA ASN E 581 12.30 -56.69 6.56
C ASN E 581 11.52 -57.03 5.28
N ALA E 582 11.94 -56.48 4.15
CA ALA E 582 11.28 -56.73 2.88
C ALA E 582 11.45 -58.18 2.41
N ALA E 583 12.57 -58.84 2.72
CA ALA E 583 12.82 -60.21 2.28
C ALA E 583 11.80 -61.21 2.86
N ARG E 584 11.32 -60.95 4.08
CA ARG E 584 10.30 -61.80 4.71
C ARG E 584 8.98 -61.78 3.94
N ARG E 585 8.68 -60.70 3.21
CA ARG E 585 7.49 -60.60 2.35
C ARG E 585 7.73 -61.24 0.98
N LEU E 586 8.83 -60.88 0.32
CA LEU E 586 9.16 -61.35 -1.03
C LEU E 586 9.46 -62.85 -1.15
N LEU E 587 10.29 -63.41 -0.27
CA LEU E 587 10.74 -64.80 -0.38
C LEU E 587 9.86 -65.88 0.28
N HIS E 588 8.66 -65.54 0.75
CA HIS E 588 7.80 -66.47 1.51
C HIS E 588 6.32 -66.44 1.07
N GLY E 589 5.54 -67.43 1.51
CA GLY E 589 4.16 -67.62 1.07
C GLY E 589 3.16 -66.49 1.37
N ILE E 590 2.13 -66.42 0.52
CA ILE E 590 1.07 -65.40 0.53
C ILE E 590 0.04 -65.57 1.66
N LYS E 591 -0.31 -66.81 2.00
CA LYS E 591 -1.41 -67.17 2.90
C LYS E 591 -1.49 -66.40 4.22
N ASN E 592 -0.45 -66.42 5.05
CA ASN E 592 -0.46 -65.77 6.36
C ASN E 592 0.24 -64.40 6.39
N SER E 593 0.19 -63.66 5.29
CA SER E 593 0.83 -62.35 5.17
C SER E 593 0.29 -61.29 6.14
N SER E 594 -0.98 -61.35 6.51
CA SER E 594 -1.61 -60.40 7.45
C SER E 594 -1.11 -60.52 8.90
N ALA E 595 -0.35 -61.55 9.24
CA ALA E 595 0.16 -61.79 10.59
C ALA E 595 1.67 -62.12 10.67
N THR E 596 2.25 -62.78 9.67
CA THR E 596 3.68 -63.15 9.68
C THR E 596 4.65 -62.01 9.38
N GLN E 597 4.22 -60.89 8.81
CA GLN E 597 5.05 -59.73 8.50
C GLN E 597 4.63 -58.53 9.38
N LYS E 598 5.58 -57.89 10.06
CA LYS E 598 5.35 -56.75 10.98
C LYS E 598 6.41 -55.67 10.81
N SER E 599 6.21 -54.50 11.41
CA SER E 599 7.13 -53.37 11.34
C SER E 599 7.31 -52.71 12.69
N LEU E 600 8.43 -52.00 12.88
CA LEU E 600 8.79 -51.34 14.14
C LEU E 600 9.12 -49.86 13.94
N ARG E 601 8.60 -48.99 14.80
CA ARG E 601 8.91 -47.56 14.74
C ARG E 601 10.19 -47.31 15.51
N LEU E 602 11.27 -46.91 14.84
CA LEU E 602 12.55 -46.65 15.50
C LEU E 602 12.61 -45.30 16.18
N TRP E 603 11.90 -44.30 15.67
CA TRP E 603 11.82 -42.97 16.26
C TRP E 603 10.60 -42.21 15.78
N LYS E 604 10.23 -41.16 16.52
CA LYS E 604 9.17 -40.24 16.12
C LYS E 604 9.49 -38.83 16.56
N TRP E 605 9.56 -37.91 15.63
CA TRP E 605 9.55 -36.48 15.92
C TRP E 605 8.13 -36.00 16.22
N ASP E 606 8.02 -34.94 17.01
CA ASP E 606 6.78 -34.28 17.38
C ASP E 606 7.09 -32.83 17.69
N TYR E 607 6.09 -31.97 17.63
CA TYR E 607 6.23 -30.54 17.87
C TYR E 607 5.00 -29.92 18.52
N SER E 608 5.21 -28.86 19.32
CA SER E 608 4.17 -28.12 20.02
C SER E 608 4.07 -26.70 19.46
N ILE E 609 2.88 -26.28 19.03
CA ILE E 609 2.71 -24.94 18.44
C ILE E 609 3.05 -23.86 19.45
N LYS E 610 2.69 -24.07 20.73
CA LYS E 610 2.92 -23.10 21.82
C LYS E 610 4.26 -23.26 22.54
N ASP E 611 4.76 -24.48 22.76
CA ASP E 611 6.07 -24.67 23.43
C ASP E 611 7.27 -24.56 22.48
N ASP E 612 7.06 -24.73 21.17
CA ASP E 612 8.07 -24.61 20.10
C ASP E 612 9.23 -25.61 20.15
N LYS E 613 9.11 -26.71 20.91
CA LYS E 613 10.12 -27.78 20.95
C LYS E 613 10.00 -28.73 19.77
N TYR E 614 11.09 -29.41 19.46
CA TYR E 614 11.10 -30.69 18.74
C TYR E 614 11.39 -31.81 19.73
N ARG E 615 10.57 -32.84 19.77
CA ARG E 615 10.37 -33.68 20.96
C ARG E 615 10.64 -35.16 20.68
N ILE E 616 11.81 -35.51 20.13
CA ILE E 616 12.10 -36.87 19.65
C ILE E 616 11.81 -37.95 20.69
N ASP E 617 10.95 -38.89 20.31
CA ASP E 617 10.47 -39.96 21.16
C ASP E 617 11.20 -41.25 20.79
N SER E 618 11.91 -41.81 21.74
CA SER E 618 12.66 -43.05 21.57
C SER E 618 11.80 -44.30 21.65
N SER E 619 10.55 -44.21 22.09
CA SER E 619 9.71 -45.39 22.32
C SER E 619 9.35 -46.17 21.07
N TYR E 620 9.69 -47.46 21.11
CA TYR E 620 9.41 -48.41 20.04
C TYR E 620 7.93 -48.82 20.02
N GLU E 621 7.32 -48.87 18.83
CA GLU E 621 5.92 -49.30 18.62
C GLU E 621 5.89 -50.30 17.48
N VAL E 622 5.14 -51.40 17.65
CA VAL E 622 5.00 -52.43 16.61
C VAL E 622 3.70 -52.22 15.85
N TYR E 623 3.78 -52.13 14.52
CA TYR E 623 2.62 -51.99 13.64
C TYR E 623 2.50 -53.25 12.75
N PRO E 624 1.44 -54.07 12.91
CA PRO E 624 1.21 -55.25 12.09
C PRO E 624 0.67 -54.82 10.73
N LEU E 625 0.78 -55.70 9.73
CA LEU E 625 0.39 -55.37 8.35
C LEU E 625 -1.13 -55.40 8.07
N THR E 626 -1.74 -54.22 8.00
CA THR E 626 -3.14 -54.03 7.60
C THR E 626 -3.18 -54.13 6.08
N VAL E 627 -3.58 -55.28 5.51
CA VAL E 627 -3.54 -55.47 4.04
C VAL E 627 -4.62 -54.71 3.28
N ASN E 628 -5.88 -54.80 3.71
CA ASN E 628 -7.04 -54.13 3.10
C ASN E 628 -7.20 -52.64 3.47
N ASP E 629 -6.18 -52.01 4.03
CA ASP E 629 -6.25 -50.65 4.58
C ASP E 629 -6.50 -49.50 3.59
N VAL E 630 -7.16 -48.47 4.10
CA VAL E 630 -7.50 -47.22 3.42
C VAL E 630 -6.26 -46.34 3.33
N SER E 631 -6.10 -45.54 2.29
CA SER E 631 -5.10 -44.46 2.31
C SER E 631 -5.54 -43.34 3.26
N LYS E 632 -4.59 -42.72 3.97
CA LYS E 632 -4.84 -41.65 4.95
C LYS E 632 -3.93 -40.45 4.70
N ALA E 633 -4.29 -39.27 5.21
CA ALA E 633 -3.52 -38.04 4.98
C ALA E 633 -3.56 -37.03 6.15
N LYS E 634 -3.20 -37.44 7.37
CA LYS E 634 -3.16 -36.53 8.54
C LYS E 634 -2.10 -35.43 8.38
N ILE E 635 -2.50 -34.16 8.37
CA ILE E 635 -1.61 -32.99 8.30
C ILE E 635 -0.79 -32.92 9.60
N ASP E 636 0.48 -32.50 9.55
CA ASP E 636 1.37 -32.40 10.71
C ASP E 636 2.35 -31.22 10.59
N ALA E 637 3.05 -30.87 11.67
CA ALA E 637 3.96 -29.72 11.70
C ALA E 637 5.00 -29.75 10.57
N HIS E 638 5.18 -28.61 9.92
CA HIS E 638 6.02 -28.44 8.74
C HIS E 638 7.44 -28.96 8.88
N GLY E 639 8.09 -28.68 10.00
CA GLY E 639 9.46 -29.11 10.24
C GLY E 639 9.64 -30.59 10.55
N ILE E 640 8.60 -31.29 11.01
CA ILE E 640 8.75 -32.69 11.44
C ILE E 640 8.66 -33.74 10.35
N ASN E 641 8.46 -33.37 9.09
CA ASN E 641 8.42 -34.33 8.00
C ASN E 641 9.84 -34.85 7.71
N ILE E 642 9.99 -36.13 7.35
CA ILE E 642 11.30 -36.73 7.07
C ILE E 642 11.69 -36.57 5.60
N THR E 643 12.81 -35.88 5.33
CA THR E 643 13.23 -35.47 3.97
C THR E 643 14.19 -36.43 3.28
N CYS E 644 14.92 -37.26 4.04
CA CYS E 644 15.78 -38.30 3.50
C CYS E 644 16.07 -39.34 4.59
N THR E 645 16.46 -40.54 4.20
CA THR E 645 16.82 -41.63 5.11
C THR E 645 17.66 -42.66 4.37
N LYS E 646 18.91 -42.91 4.78
CA LYS E 646 19.79 -43.88 4.11
C LYS E 646 20.72 -44.61 5.05
N TRP E 647 20.87 -45.92 4.85
CA TRP E 647 21.84 -46.74 5.57
C TRP E 647 23.23 -46.54 4.99
N ASN E 648 24.27 -46.62 5.82
CA ASN E 648 25.63 -46.69 5.30
C ASN E 648 25.70 -48.12 4.75
N GLU E 649 26.39 -48.36 3.65
CA GLU E 649 26.40 -49.66 3.00
C GLU E 649 27.75 -50.40 3.00
N THR E 650 28.75 -49.90 3.71
CA THR E 650 30.03 -50.61 3.91
C THR E 650 29.83 -51.74 4.92
N SER E 651 30.70 -52.74 5.02
CA SER E 651 30.44 -53.78 6.02
C SER E 651 30.62 -53.23 7.43
N ALA E 652 31.67 -52.43 7.68
CA ALA E 652 31.91 -51.82 8.98
C ALA E 652 30.76 -50.89 9.42
N GLY E 653 30.30 -50.04 8.50
CA GLY E 653 29.22 -49.10 8.73
C GLY E 653 27.82 -49.63 8.44
N GLY E 654 27.67 -50.88 7.98
CA GLY E 654 26.37 -51.43 7.53
C GLY E 654 25.20 -51.43 8.51
N LYS E 655 25.46 -51.34 9.82
CA LYS E 655 24.42 -51.21 10.85
C LYS E 655 24.13 -49.74 11.21
N CYS E 656 24.70 -48.78 10.50
CA CYS E 656 24.54 -47.37 10.74
C CYS E 656 23.60 -46.73 9.75
N TYR E 657 22.71 -45.85 10.19
CA TYR E 657 21.80 -45.15 9.29
C TYR E 657 21.67 -43.69 9.70
N ALA E 658 21.25 -42.87 8.75
CA ALA E 658 21.08 -41.45 8.90
C ALA E 658 19.71 -41.02 8.40
N PHE E 659 19.06 -40.09 9.07
CA PHE E 659 17.79 -39.54 8.63
C PHE E 659 17.69 -38.07 8.97
N SER E 660 16.81 -37.33 8.30
CA SER E 660 16.63 -35.91 8.56
C SER E 660 15.18 -35.49 8.55
N ASN E 661 14.81 -34.59 9.43
CA ASN E 661 13.57 -33.85 9.28
C ASN E 661 13.79 -32.61 8.41
N SER E 662 12.77 -31.79 8.24
CA SER E 662 12.85 -30.64 7.34
C SER E 662 13.23 -29.34 8.03
N ALA E 663 13.24 -29.32 9.38
CA ALA E 663 13.74 -28.19 10.16
C ALA E 663 15.28 -28.16 10.20
N GLY E 664 15.93 -29.32 10.25
CA GLY E 664 17.38 -29.46 10.11
C GLY E 664 18.03 -30.51 11.00
N LEU E 665 17.23 -31.30 11.72
CA LEU E 665 17.67 -32.13 12.84
C LEU E 665 18.17 -33.49 12.36
N LEU E 666 19.19 -33.50 11.51
CA LEU E 666 19.85 -34.72 11.06
C LEU E 666 20.22 -35.60 12.26
N THR E 667 19.98 -36.90 12.15
CA THR E 667 20.15 -37.85 13.25
C THR E 667 20.75 -39.16 12.74
N LEU E 668 21.76 -39.69 13.42
CA LEU E 668 22.42 -40.95 13.09
C LEU E 668 22.43 -41.91 14.26
N GLU E 669 22.28 -43.20 13.99
CA GLU E 669 22.34 -44.26 15.00
C GLU E 669 23.09 -45.47 14.48
N TYR E 670 23.83 -46.11 15.38
CA TYR E 670 24.54 -47.35 15.09
C TYR E 670 23.72 -48.42 15.79
N LEU E 671 23.12 -49.33 15.02
CA LEU E 671 22.19 -50.34 15.53
C LEU E 671 22.92 -51.51 16.22
N SER E 672 23.35 -51.29 17.45
CA SER E 672 24.07 -52.26 18.30
C SER E 672 23.56 -52.26 19.73
N MET F 1 -5.35 -25.92 -52.84
CA MET F 1 -6.60 -26.59 -52.41
C MET F 1 -6.65 -26.75 -50.89
N LYS F 2 -7.84 -26.68 -50.29
CA LYS F 2 -8.02 -26.87 -48.83
C LYS F 2 -8.02 -28.35 -48.45
N LEU F 3 -7.53 -28.69 -47.25
CA LEU F 3 -7.52 -30.06 -46.75
C LEU F 3 -8.88 -30.38 -46.15
N LEU F 4 -9.28 -31.64 -46.17
CA LEU F 4 -10.54 -32.07 -45.56
C LEU F 4 -10.51 -31.83 -44.04
N LYS F 5 -11.67 -31.61 -43.41
CA LYS F 5 -11.76 -31.42 -41.96
C LYS F 5 -11.26 -32.69 -41.26
N ASP F 6 -10.47 -32.56 -40.19
CA ASP F 6 -9.86 -33.67 -39.46
C ASP F 6 -10.86 -34.64 -38.81
N LEU F 7 -10.53 -35.93 -38.83
CA LEU F 7 -11.33 -36.98 -38.20
C LEU F 7 -11.05 -36.93 -36.70
N LEU F 8 -12.04 -36.61 -35.88
CA LEU F 8 -11.85 -36.47 -34.42
C LEU F 8 -12.11 -37.77 -33.66
N VAL F 9 -11.04 -38.50 -33.37
CA VAL F 9 -11.07 -39.73 -32.58
C VAL F 9 -11.24 -39.31 -31.13
N ASP F 10 -12.23 -39.83 -30.42
CA ASP F 10 -12.54 -39.48 -29.02
C ASP F 10 -12.51 -40.67 -28.08
N ARG F 11 -12.21 -40.41 -26.81
CA ARG F 11 -12.13 -41.40 -25.72
C ARG F 11 -11.09 -42.51 -25.89
N LYS F 12 -10.24 -42.46 -26.91
CA LYS F 12 -9.18 -43.45 -27.14
C LYS F 12 -7.87 -42.99 -26.51
N GLU F 13 -7.03 -43.92 -26.11
CA GLU F 13 -5.72 -43.65 -25.51
C GLU F 13 -4.58 -44.34 -26.27
N PHE F 14 -3.35 -43.86 -26.13
CA PHE F 14 -2.15 -44.52 -26.65
C PHE F 14 -1.22 -44.79 -25.47
N GLU F 15 -0.57 -45.96 -25.42
CA GLU F 15 0.33 -46.29 -24.30
C GLU F 15 1.74 -45.76 -24.50
N ASP F 16 2.18 -45.52 -25.74
CA ASP F 16 3.49 -44.96 -26.01
C ASP F 16 3.54 -44.08 -27.25
N TRP F 17 4.45 -43.10 -27.29
CA TRP F 17 4.63 -42.11 -28.35
C TRP F 17 5.36 -42.56 -29.63
N LYS F 18 5.39 -43.86 -29.89
CA LYS F 18 5.95 -44.45 -31.12
C LYS F 18 5.05 -44.16 -32.32
N ASN F 19 5.37 -44.64 -33.52
CA ASN F 19 4.43 -44.53 -34.64
C ASN F 19 3.32 -45.55 -34.38
N ASN F 20 2.06 -45.11 -34.26
CA ASN F 20 0.91 -45.97 -33.97
C ASN F 20 -0.09 -46.13 -35.13
N LEU F 21 0.07 -45.43 -36.26
CA LEU F 21 -0.88 -45.45 -37.38
C LEU F 21 -0.37 -46.19 -38.59
N THR F 22 -1.16 -47.12 -39.10
CA THR F 22 -0.91 -47.88 -40.32
C THR F 22 -2.19 -47.78 -41.16
N TRP F 23 -2.08 -47.96 -42.48
CA TRP F 23 -3.18 -47.75 -43.41
C TRP F 23 -3.14 -48.85 -44.45
N ALA F 24 -4.11 -49.73 -44.41
CA ALA F 24 -4.17 -50.92 -45.23
C ALA F 24 -4.52 -50.70 -46.70
N ARG F 25 -4.29 -51.75 -47.48
CA ARG F 25 -4.49 -51.86 -48.91
C ARG F 25 -5.89 -51.50 -49.38
N ASP F 26 -6.90 -51.80 -48.57
CA ASP F 26 -8.31 -51.51 -48.84
C ASP F 26 -8.76 -50.14 -48.31
N GLY F 27 -7.82 -49.33 -47.86
CA GLY F 27 -8.07 -48.01 -47.28
C GLY F 27 -8.44 -48.03 -45.80
N THR F 28 -8.48 -49.17 -45.11
CA THR F 28 -8.77 -49.22 -43.67
C THR F 28 -7.65 -48.63 -42.81
N LEU F 29 -7.93 -47.67 -41.94
CA LEU F 29 -6.92 -47.18 -41.00
C LEU F 29 -6.84 -48.09 -39.78
N TYR F 30 -5.66 -48.29 -39.25
CA TYR F 30 -5.42 -49.01 -38.01
C TYR F 30 -4.63 -48.14 -37.07
N LEU F 31 -5.16 -47.85 -35.88
CA LEU F 31 -4.48 -47.09 -34.85
C LEU F 31 -4.22 -48.03 -33.68
N THR F 32 -2.99 -48.21 -33.23
CA THR F 32 -2.66 -49.08 -32.10
C THR F 32 -2.97 -48.47 -30.73
N THR F 33 -4.21 -48.01 -30.56
CA THR F 33 -4.74 -47.45 -29.32
C THR F 33 -4.75 -48.51 -28.22
N PHE F 34 -4.69 -48.08 -26.96
CA PHE F 34 -4.67 -48.92 -25.78
C PHE F 34 -6.00 -48.87 -25.00
N PRO F 35 -6.53 -50.00 -24.52
CA PRO F 35 -6.02 -51.36 -24.67
C PRO F 35 -6.44 -52.06 -25.98
N ASP F 36 -7.43 -51.56 -26.73
CA ASP F 36 -7.90 -52.18 -27.99
C ASP F 36 -7.70 -51.29 -29.22
N ILE F 37 -7.42 -51.91 -30.37
CA ILE F 37 -7.19 -51.21 -31.64
C ILE F 37 -8.44 -50.47 -32.08
N SER F 38 -8.24 -49.33 -32.71
CA SER F 38 -9.31 -48.53 -33.28
C SER F 38 -9.14 -48.60 -34.79
N ILE F 39 -10.15 -49.09 -35.51
CA ILE F 39 -10.10 -49.18 -36.96
C ILE F 39 -10.93 -48.09 -37.60
N GLY F 40 -10.32 -47.37 -38.53
CA GLY F 40 -11.00 -46.36 -39.33
C GLY F 40 -11.51 -47.14 -40.52
N GLN F 41 -12.67 -47.75 -40.36
CA GLN F 41 -13.27 -48.60 -41.37
C GLN F 41 -13.75 -47.71 -42.52
N PRO F 42 -13.49 -48.07 -43.78
CA PRO F 42 -13.82 -47.23 -44.91
C PRO F 42 -15.29 -47.35 -45.34
N LYS F 43 -15.89 -46.24 -45.79
CA LYS F 43 -17.27 -46.21 -46.29
C LYS F 43 -17.41 -45.29 -47.50
N TYR F 44 -18.47 -45.47 -48.30
CA TYR F 44 -18.73 -44.70 -49.52
C TYR F 44 -19.89 -43.72 -49.39
N ALA F 45 -19.69 -42.51 -49.91
CA ALA F 45 -20.63 -41.40 -49.91
C ALA F 45 -20.13 -40.35 -50.90
N LYS F 46 -20.97 -39.80 -51.77
CA LYS F 46 -20.60 -38.80 -52.79
C LYS F 46 -20.58 -37.36 -52.23
N ASP F 47 -21.46 -37.08 -51.29
CA ASP F 47 -21.59 -35.82 -50.59
C ASP F 47 -20.65 -35.78 -49.36
N ILE F 48 -19.34 -35.85 -49.59
CA ILE F 48 -18.33 -35.82 -48.51
C ILE F 48 -18.42 -34.52 -47.71
N ASN F 49 -18.88 -33.44 -48.33
CA ASN F 49 -19.10 -32.13 -47.73
C ASN F 49 -17.89 -31.62 -46.93
N CYS F 50 -16.69 -31.76 -47.51
CA CYS F 50 -15.40 -31.37 -46.94
C CYS F 50 -15.00 -32.08 -45.63
N ASN F 51 -15.76 -33.06 -45.12
CA ASN F 51 -15.49 -33.72 -43.85
C ASN F 51 -14.98 -35.16 -44.01
N SER F 52 -13.81 -35.47 -43.47
CA SER F 52 -13.20 -36.81 -43.52
C SER F 52 -14.04 -37.88 -42.82
N LYS F 53 -14.95 -37.52 -41.92
CA LYS F 53 -15.83 -38.46 -41.22
C LYS F 53 -16.71 -39.25 -42.17
N ASN F 54 -16.97 -38.69 -43.35
CA ASN F 54 -17.77 -39.33 -44.38
C ASN F 54 -17.00 -40.44 -45.13
N LEU F 55 -15.67 -40.50 -45.01
CA LEU F 55 -14.83 -41.55 -45.58
C LEU F 55 -14.52 -42.66 -44.57
N PHE F 56 -14.20 -42.30 -43.32
CA PHE F 56 -13.79 -43.22 -42.26
C PHE F 56 -14.71 -43.24 -41.05
N HIS F 57 -15.16 -44.43 -40.64
CA HIS F 57 -15.99 -44.64 -39.46
C HIS F 57 -15.12 -45.36 -38.44
N VAL F 58 -15.00 -44.84 -37.21
CA VAL F 58 -14.08 -45.38 -36.20
C VAL F 58 -14.77 -46.27 -35.20
N LYS F 59 -14.29 -47.50 -35.04
CA LYS F 59 -14.84 -48.45 -34.07
C LYS F 59 -13.77 -49.28 -33.39
N GLU F 60 -14.03 -49.72 -32.16
CA GLU F 60 -13.10 -50.57 -31.44
C GLU F 60 -13.06 -51.94 -32.12
N PHE F 61 -11.87 -52.51 -32.17
CA PHE F 61 -11.59 -53.76 -32.85
C PHE F 61 -11.06 -54.77 -31.82
N PRO F 62 -11.92 -55.26 -30.92
CA PRO F 62 -11.52 -56.18 -29.85
C PRO F 62 -11.15 -57.59 -30.30
N LEU F 63 -9.91 -57.73 -30.77
CA LEU F 63 -9.31 -59.02 -31.06
C LEU F 63 -9.16 -59.80 -29.73
N GLU F 64 -8.78 -61.06 -29.79
CA GLU F 64 -8.52 -61.86 -28.60
C GLU F 64 -7.14 -62.48 -28.78
N PHE F 65 -6.31 -62.42 -27.74
CA PHE F 65 -4.94 -62.93 -27.77
C PHE F 65 -4.79 -64.18 -26.92
N GLU F 66 -3.98 -65.12 -27.39
CA GLU F 66 -3.50 -66.27 -26.65
C GLU F 66 -1.98 -66.28 -26.76
N ASN F 67 -1.29 -66.66 -25.68
CA ASN F 67 0.13 -66.39 -25.53
C ASN F 67 0.95 -67.70 -25.49
N LYS F 68 1.77 -67.95 -26.51
CA LYS F 68 2.61 -69.16 -26.59
C LYS F 68 3.76 -69.18 -25.58
N LEU F 69 4.25 -68.01 -25.15
CA LEU F 69 5.28 -67.85 -24.13
C LEU F 69 4.67 -67.93 -22.72
N ASP F 70 3.34 -67.98 -22.56
CA ASP F 70 2.77 -68.34 -21.27
C ASP F 70 3.20 -69.77 -20.89
N PHE F 71 3.08 -70.14 -19.62
CA PHE F 71 3.73 -71.31 -19.01
C PHE F 71 5.28 -71.25 -18.98
N GLU F 72 5.94 -70.44 -19.82
CA GLU F 72 7.40 -70.46 -19.98
C GLU F 72 8.05 -69.27 -19.27
N LEU F 73 9.00 -69.56 -18.36
CA LEU F 73 9.53 -68.55 -17.44
C LEU F 73 10.47 -67.58 -18.15
N ALA F 74 10.35 -66.28 -17.84
CA ALA F 74 11.20 -65.23 -18.41
C ALA F 74 12.69 -65.38 -18.01
N GLN F 75 13.60 -65.26 -18.97
CA GLN F 75 15.05 -65.32 -18.77
C GLN F 75 15.70 -63.93 -18.91
N GLN F 76 16.66 -63.73 -19.81
CA GLN F 76 17.49 -62.53 -19.87
C GLN F 76 16.73 -61.24 -20.19
N ASN F 77 15.58 -61.34 -20.86
CA ASN F 77 14.58 -60.28 -20.85
C ASN F 77 13.70 -60.49 -19.64
N GLY F 78 13.85 -59.68 -18.60
CA GLY F 78 13.03 -59.79 -17.39
C GLY F 78 11.58 -59.37 -17.62
N LEU F 79 11.30 -58.51 -18.60
CA LEU F 79 9.96 -57.98 -18.81
C LEU F 79 9.01 -58.92 -19.57
N LEU F 80 9.48 -60.08 -20.06
CA LEU F 80 8.81 -60.88 -21.08
C LEU F 80 7.34 -61.20 -20.76
N ASN F 81 7.09 -61.91 -19.66
CA ASN F 81 5.75 -62.16 -19.12
C ASN F 81 5.48 -61.25 -17.91
N SER F 82 6.01 -60.03 -17.87
CA SER F 82 5.83 -59.15 -16.69
C SER F 82 4.39 -58.72 -16.50
N GLN F 83 3.70 -58.35 -17.57
CA GLN F 83 2.26 -58.12 -17.56
C GLN F 83 1.69 -59.32 -18.31
N PRO F 84 1.03 -60.29 -17.64
CA PRO F 84 0.50 -61.46 -18.33
C PRO F 84 -0.76 -61.19 -19.15
N VAL F 85 -1.47 -60.08 -18.92
CA VAL F 85 -2.67 -59.70 -19.67
C VAL F 85 -2.24 -59.01 -20.97
N CYS F 86 -2.36 -59.71 -22.09
CA CYS F 86 -1.93 -59.20 -23.39
C CYS F 86 -2.77 -58.06 -23.98
N TYR F 87 -2.10 -57.22 -24.77
CA TYR F 87 -2.65 -56.11 -25.53
C TYR F 87 -1.76 -55.87 -26.77
N PRO F 88 -2.27 -55.28 -27.86
CA PRO F 88 -1.52 -55.08 -29.08
C PRO F 88 -0.51 -53.95 -28.97
N ARG F 89 0.75 -54.20 -29.37
CA ARG F 89 1.86 -53.23 -29.33
C ARG F 89 2.29 -52.70 -30.69
N VAL F 90 2.12 -53.46 -31.77
CA VAL F 90 2.40 -53.08 -33.16
C VAL F 90 1.33 -53.71 -34.03
N CYS F 91 0.88 -53.07 -35.11
CA CYS F 91 -0.15 -53.62 -36.01
C CYS F 91 0.08 -53.18 -37.46
N LYS F 92 0.39 -54.12 -38.37
CA LYS F 92 0.67 -53.84 -39.79
C LYS F 92 -0.19 -54.69 -40.73
N PRO F 93 -0.83 -54.08 -41.74
CA PRO F 93 -1.58 -54.81 -42.76
C PRO F 93 -0.67 -55.30 -43.89
N SER F 94 -1.09 -56.34 -44.62
CA SER F 94 -0.36 -56.84 -45.79
C SER F 94 -0.30 -55.79 -46.91
N PRO F 95 0.83 -55.67 -47.62
CA PRO F 95 0.97 -54.69 -48.70
C PRO F 95 0.50 -55.22 -50.06
N ILE F 96 0.39 -56.55 -50.22
CA ILE F 96 -0.02 -57.23 -51.47
C ILE F 96 -1.15 -58.23 -51.23
N ASP F 97 -1.07 -59.06 -50.19
CA ASP F 97 -2.20 -59.91 -49.76
C ASP F 97 -3.22 -59.10 -48.95
N ASP F 98 -4.07 -59.73 -48.13
CA ASP F 98 -5.06 -59.02 -47.32
C ASP F 98 -5.25 -59.63 -45.92
N TRP F 99 -4.23 -59.48 -45.08
CA TRP F 99 -4.19 -59.89 -43.69
C TRP F 99 -3.61 -58.77 -42.82
N MET F 100 -3.65 -58.95 -41.50
CA MET F 100 -3.05 -58.05 -40.49
C MET F 100 -2.16 -58.89 -39.58
N ALA F 101 -0.98 -58.39 -39.21
CA ALA F 101 -0.12 -59.04 -38.23
C ALA F 101 0.12 -58.09 -37.05
N VAL F 102 0.07 -58.63 -35.84
CA VAL F 102 0.16 -57.87 -34.59
C VAL F 102 1.16 -58.46 -33.61
N LEU F 103 2.01 -57.61 -33.05
CA LEU F 103 2.97 -57.97 -32.01
C LEU F 103 2.29 -57.80 -30.66
N SER F 104 2.14 -58.86 -29.89
CA SER F 104 1.55 -58.75 -28.57
C SER F 104 2.55 -58.15 -27.58
N ASN F 105 2.07 -57.60 -26.46
CA ASN F 105 2.94 -57.02 -25.44
C ASN F 105 4.03 -57.98 -24.93
N ASN F 106 3.74 -59.28 -24.85
CA ASN F 106 4.65 -60.33 -24.45
C ASN F 106 5.54 -60.89 -25.60
N GLY F 107 5.53 -60.30 -26.78
CA GLY F 107 6.47 -60.61 -27.86
C GLY F 107 6.10 -61.78 -28.78
N ASN F 108 4.82 -62.15 -28.90
CA ASN F 108 4.36 -63.04 -29.97
C ASN F 108 3.98 -62.24 -31.22
N VAL F 109 4.13 -62.78 -32.42
CA VAL F 109 3.48 -62.21 -33.62
C VAL F 109 2.35 -63.14 -34.04
N SER F 110 1.15 -62.59 -34.13
CA SER F 110 -0.05 -63.32 -34.54
C SER F 110 -0.70 -62.63 -35.73
N VAL F 111 -1.23 -63.43 -36.66
CA VAL F 111 -1.75 -62.98 -37.95
C VAL F 111 -3.24 -63.23 -38.01
N PHE F 112 -3.99 -62.32 -38.60
CA PHE F 112 -5.45 -62.24 -38.54
C PHE F 112 -6.09 -61.89 -39.88
N LYS F 113 -7.34 -62.31 -40.07
CA LYS F 113 -8.21 -61.93 -41.18
C LYS F 113 -9.39 -61.26 -40.49
N ASP F 114 -9.61 -59.97 -40.72
CA ASP F 114 -10.63 -59.20 -39.99
C ASP F 114 -10.49 -59.51 -38.47
N ASN F 115 -11.59 -59.69 -37.74
CA ASN F 115 -11.55 -60.03 -36.31
C ASN F 115 -11.22 -61.50 -35.99
N LYS F 116 -10.90 -62.35 -36.98
CA LYS F 116 -10.61 -63.78 -36.78
C LYS F 116 -9.11 -64.08 -36.83
N MET F 117 -8.57 -64.75 -35.82
CA MET F 117 -7.16 -65.14 -35.79
C MET F 117 -6.87 -66.24 -36.82
N LEU F 118 -5.80 -66.10 -37.58
CA LEU F 118 -5.38 -67.11 -38.56
C LEU F 118 -4.40 -68.12 -37.95
N THR F 119 -3.29 -67.63 -37.39
CA THR F 119 -2.22 -68.45 -36.79
C THR F 119 -1.32 -67.59 -35.90
N ASN F 120 -0.72 -68.22 -34.89
CA ASN F 120 0.26 -67.61 -34.00
C ASN F 120 1.66 -68.14 -34.37
N LEU F 121 2.59 -67.27 -34.76
CA LEU F 121 3.86 -67.69 -35.33
C LEU F 121 4.79 -68.27 -34.26
N ASP F 122 5.31 -69.48 -34.49
CA ASP F 122 6.26 -70.14 -33.60
C ASP F 122 7.24 -71.04 -34.34
N SER F 123 8.43 -71.24 -33.75
CA SER F 123 9.51 -72.05 -34.29
C SER F 123 10.35 -72.61 -33.15
N LYS F 124 11.02 -73.75 -33.34
CA LYS F 124 11.87 -74.31 -32.27
C LYS F 124 13.09 -73.42 -32.01
N GLY F 125 13.58 -73.46 -30.78
CA GLY F 125 14.73 -72.71 -30.29
C GLY F 125 14.58 -72.35 -28.81
N ASN F 126 15.57 -71.66 -28.26
CA ASN F 126 15.54 -71.20 -26.87
C ASN F 126 14.44 -70.14 -26.65
N LEU F 127 14.13 -69.79 -25.41
CA LEU F 127 13.03 -68.87 -25.11
C LEU F 127 13.17 -67.52 -25.82
N SER F 128 14.39 -66.98 -25.91
CA SER F 128 14.63 -65.69 -26.57
C SER F 128 14.39 -65.81 -28.08
N SER F 129 14.81 -66.89 -28.73
CA SER F 129 14.58 -67.05 -30.17
C SER F 129 13.10 -67.07 -30.53
N ARG F 130 12.24 -67.58 -29.63
CA ARG F 130 10.78 -67.61 -29.83
C ARG F 130 10.09 -66.27 -29.59
N THR F 131 10.79 -65.29 -29.05
CA THR F 131 10.27 -63.98 -28.67
C THR F 131 10.65 -62.94 -29.71
N TYR F 132 9.67 -62.24 -30.25
CA TYR F 132 9.84 -61.33 -31.38
C TYR F 132 9.76 -59.88 -30.96
N HIS F 133 10.40 -59.00 -31.72
CA HIS F 133 10.41 -57.56 -31.45
C HIS F 133 10.05 -56.73 -32.66
N CYS F 134 10.23 -57.24 -33.88
CA CYS F 134 9.83 -56.56 -35.09
C CYS F 134 9.51 -57.57 -36.18
N PHE F 135 8.65 -57.21 -37.12
CA PHE F 135 8.20 -58.06 -38.21
C PHE F 135 7.89 -57.23 -39.45
N GLU F 136 8.01 -57.80 -40.64
CA GLU F 136 7.73 -57.09 -41.88
C GLU F 136 7.21 -58.01 -42.97
N TRP F 137 6.42 -57.47 -43.89
CA TRP F 137 5.81 -58.21 -44.99
C TRP F 137 6.63 -58.08 -46.27
N ASN F 138 6.81 -59.19 -46.99
CA ASN F 138 7.45 -59.21 -48.30
C ASN F 138 6.63 -58.35 -49.28
N PRO F 139 7.23 -57.36 -49.95
CA PRO F 139 6.52 -56.46 -50.86
C PRO F 139 6.12 -57.09 -52.21
N ILE F 140 6.43 -58.38 -52.45
CA ILE F 140 6.28 -59.01 -53.77
C ILE F 140 5.50 -60.33 -53.67
N GLU F 141 5.63 -61.10 -52.58
CA GLU F 141 5.12 -62.47 -52.49
C GLU F 141 4.62 -62.82 -51.09
N SER F 142 3.83 -63.88 -50.92
CA SER F 142 3.11 -64.20 -49.68
C SER F 142 4.02 -64.79 -48.59
N SER F 143 4.81 -63.92 -47.94
CA SER F 143 5.76 -64.32 -46.90
C SER F 143 6.08 -63.18 -45.94
N ILE F 144 6.59 -63.53 -44.76
CA ILE F 144 6.79 -62.64 -43.61
C ILE F 144 8.15 -62.90 -42.96
N VAL F 145 8.84 -61.84 -42.56
CA VAL F 145 10.11 -61.91 -41.82
C VAL F 145 9.92 -61.40 -40.40
N VAL F 146 10.45 -62.11 -39.41
CA VAL F 146 10.35 -61.76 -37.99
C VAL F 146 11.73 -61.70 -37.34
N GLY F 147 12.04 -60.64 -36.61
CA GLY F 147 13.30 -60.46 -35.91
C GLY F 147 13.15 -60.84 -34.44
N ASN F 148 13.92 -61.81 -33.96
CA ASN F 148 13.82 -62.30 -32.59
C ASN F 148 14.90 -61.78 -31.63
N GLU F 149 14.77 -62.17 -30.35
CA GLU F 149 15.71 -61.77 -29.30
C GLU F 149 17.10 -62.41 -29.41
N ASP F 150 17.26 -63.46 -30.23
CA ASP F 150 18.57 -64.06 -30.48
C ASP F 150 19.32 -63.32 -31.59
N GLY F 151 18.68 -62.33 -32.22
CA GLY F 151 19.26 -61.61 -33.34
C GLY F 151 19.16 -62.38 -34.65
N GLU F 152 18.15 -63.23 -34.79
CA GLU F 152 17.89 -63.96 -36.03
C GLU F 152 16.70 -63.39 -36.81
N LEU F 153 16.90 -63.10 -38.10
CA LEU F 153 15.80 -62.73 -38.97
C LEU F 153 15.23 -64.07 -39.43
N GLN F 154 14.07 -64.45 -38.92
CA GLN F 154 13.42 -65.71 -39.25
C GLN F 154 12.35 -65.50 -40.31
N PHE F 155 12.29 -66.42 -41.29
CA PHE F 155 11.33 -66.37 -42.37
C PHE F 155 10.23 -67.40 -42.14
N PHE F 156 9.00 -66.96 -42.38
CA PHE F 156 7.84 -67.83 -42.54
C PHE F 156 7.21 -67.52 -43.90
N SER F 157 6.63 -68.52 -44.56
CA SER F 157 6.01 -68.34 -45.87
C SER F 157 4.72 -69.12 -45.98
N ILE F 158 3.87 -68.71 -46.92
CA ILE F 158 2.43 -68.99 -46.86
C ILE F 158 1.96 -69.88 -48.01
N ARG F 159 1.15 -70.90 -47.71
CA ARG F 159 0.56 -71.85 -48.68
C ARG F 159 -0.87 -72.20 -48.26
N LYS F 160 -1.52 -73.16 -48.94
CA LYS F 160 -2.88 -73.68 -48.62
C LYS F 160 -4.06 -72.70 -48.72
N ASN F 161 -3.80 -71.43 -49.02
CA ASN F 161 -4.79 -70.35 -49.04
C ASN F 161 -5.98 -70.50 -50.03
N SER F 162 -5.81 -71.24 -51.12
CA SER F 162 -6.89 -71.46 -52.09
C SER F 162 -7.87 -72.56 -51.61
N GLU F 163 -7.34 -73.61 -50.99
CA GLU F 163 -8.11 -74.74 -50.48
C GLU F 163 -8.78 -74.50 -49.12
N ASN F 164 -8.04 -73.95 -48.16
CA ASN F 164 -8.47 -73.68 -46.77
C ASN F 164 -7.76 -72.43 -46.21
N THR F 165 -7.82 -72.21 -44.89
CA THR F 165 -7.15 -71.09 -44.23
C THR F 165 -5.65 -71.11 -44.56
N PRO F 166 -5.01 -69.97 -44.87
CA PRO F 166 -3.59 -69.92 -45.23
C PRO F 166 -2.67 -70.50 -44.15
N GLU F 167 -1.83 -71.46 -44.51
CA GLU F 167 -0.85 -72.03 -43.59
C GLU F 167 0.36 -71.10 -43.58
N PHE F 168 0.74 -70.62 -42.40
CA PHE F 168 2.01 -69.91 -42.17
C PHE F 168 2.94 -70.94 -41.58
N TYR F 169 4.06 -71.24 -42.23
CA TYR F 169 5.01 -72.25 -41.71
C TYR F 169 6.45 -71.75 -41.74
N PHE F 170 7.25 -72.26 -40.79
CA PHE F 170 8.64 -71.87 -40.60
C PHE F 170 9.53 -72.39 -41.71
N GLU F 171 10.38 -71.51 -42.25
CA GLU F 171 11.24 -71.80 -43.38
C GLU F 171 12.74 -71.80 -43.04
N SER F 172 13.28 -70.72 -42.47
CA SER F 172 14.71 -70.57 -42.17
C SER F 172 15.03 -69.36 -41.29
N SER F 173 16.27 -69.20 -40.82
CA SER F 173 16.65 -68.00 -40.07
C SER F 173 18.11 -67.59 -40.18
N ILE F 174 18.34 -66.37 -40.66
CA ILE F 174 19.68 -65.78 -40.75
C ILE F 174 20.08 -65.25 -39.37
N ARG F 175 21.17 -65.70 -38.73
CA ARG F 175 21.60 -65.08 -37.47
C ARG F 175 22.43 -63.86 -37.86
N LEU F 176 21.85 -62.69 -37.67
CA LEU F 176 22.46 -61.41 -38.00
C LEU F 176 23.41 -60.91 -36.90
N SER F 177 23.14 -61.28 -35.64
CA SER F 177 23.96 -60.97 -34.46
C SER F 177 25.28 -61.73 -34.45
N ASP F 178 26.28 -61.23 -33.74
CA ASP F 178 27.58 -61.90 -33.59
C ASP F 178 27.42 -63.15 -32.71
N ALA F 179 28.31 -64.13 -32.84
CA ALA F 179 28.22 -65.38 -32.09
C ALA F 179 28.23 -65.13 -30.57
N GLY F 180 27.19 -65.60 -29.87
CA GLY F 180 27.02 -65.43 -28.42
C GLY F 180 26.65 -64.01 -27.98
N SER F 181 26.45 -63.06 -28.89
CA SER F 181 26.05 -61.69 -28.56
C SER F 181 24.61 -61.66 -28.06
N LYS F 182 24.26 -60.65 -27.26
CA LYS F 182 22.94 -60.47 -26.64
C LYS F 182 22.07 -59.37 -27.24
N ASP F 183 22.52 -58.72 -28.31
CA ASP F 183 21.72 -57.71 -29.00
C ASP F 183 20.60 -58.33 -29.83
N TRP F 184 19.48 -57.61 -30.00
CA TRP F 184 18.31 -58.11 -30.70
C TRP F 184 17.72 -57.13 -31.71
N VAL F 185 16.98 -57.68 -32.67
CA VAL F 185 16.40 -56.93 -33.78
C VAL F 185 15.36 -55.93 -33.33
N THR F 186 15.36 -54.73 -33.93
CA THR F 186 14.43 -53.65 -33.58
C THR F 186 13.63 -53.10 -34.75
N HIS F 187 14.19 -53.11 -35.96
CA HIS F 187 13.53 -52.58 -37.14
C HIS F 187 13.90 -53.41 -38.38
N ILE F 188 12.95 -53.58 -39.28
CA ILE F 188 13.12 -54.28 -40.55
C ILE F 188 12.35 -53.49 -41.60
N VAL F 189 12.92 -53.29 -42.76
CA VAL F 189 12.28 -52.63 -43.90
C VAL F 189 12.63 -53.40 -45.16
N TRP F 190 11.67 -53.51 -46.07
CA TRP F 190 11.79 -54.43 -47.20
C TRP F 190 11.15 -53.78 -48.42
N TYR F 191 11.97 -53.29 -49.34
CA TYR F 191 11.57 -52.54 -50.52
C TYR F 191 12.13 -53.20 -51.78
N GLU F 192 11.25 -53.53 -52.72
CA GLU F 192 11.60 -54.38 -53.86
C GLU F 192 12.40 -55.63 -53.41
N ASP F 193 13.59 -55.84 -53.95
CA ASP F 193 14.45 -57.01 -53.66
C ASP F 193 15.38 -56.83 -52.44
N VAL F 194 15.47 -55.65 -51.82
CA VAL F 194 16.39 -55.39 -50.70
C VAL F 194 15.73 -55.26 -49.33
N LEU F 195 16.26 -56.03 -48.39
CA LEU F 195 15.87 -56.06 -46.98
C LEU F 195 16.95 -55.37 -46.16
N VAL F 196 16.56 -54.52 -45.23
CA VAL F 196 17.49 -53.83 -44.34
C VAL F 196 16.99 -54.00 -42.93
N ALA F 197 17.89 -54.36 -42.01
CA ALA F 197 17.55 -54.63 -40.63
C ALA F 197 18.51 -53.98 -39.64
N ALA F 198 17.97 -53.50 -38.51
CA ALA F 198 18.75 -52.86 -37.45
C ALA F 198 18.63 -53.55 -36.09
N LEU F 199 19.77 -53.92 -35.52
CA LEU F 199 19.86 -54.50 -34.17
C LEU F 199 19.87 -53.38 -33.11
N SER F 200 19.60 -53.75 -31.86
CA SER F 200 19.53 -52.88 -30.70
C SER F 200 20.78 -52.03 -30.50
N ASN F 201 21.98 -52.57 -30.72
CA ASN F 201 23.25 -51.83 -30.62
C ASN F 201 23.51 -50.87 -31.79
N ASN F 202 22.47 -50.58 -32.58
CA ASN F 202 22.50 -49.70 -33.74
C ASN F 202 23.31 -50.22 -34.94
N SER F 203 23.74 -51.48 -34.92
CA SER F 203 24.39 -52.10 -36.06
C SER F 203 23.31 -52.33 -37.12
N VAL F 204 23.59 -51.98 -38.38
CA VAL F 204 22.61 -52.08 -39.48
C VAL F 204 23.17 -52.92 -40.60
N PHE F 205 22.34 -53.80 -41.14
CA PHE F 205 22.69 -54.74 -42.18
C PHE F 205 21.76 -54.63 -43.39
N SER F 206 22.33 -54.53 -44.59
CA SER F 206 21.57 -54.51 -45.84
C SER F 206 21.82 -55.77 -46.65
N MET F 207 20.78 -56.44 -47.14
CA MET F 207 20.97 -57.64 -47.95
C MET F 207 19.89 -57.86 -49.00
N THR F 208 20.26 -58.41 -50.16
CA THR F 208 19.29 -58.77 -51.20
C THR F 208 18.60 -60.05 -50.75
N VAL F 209 17.28 -60.06 -50.70
CA VAL F 209 16.48 -61.23 -50.29
C VAL F 209 15.53 -61.59 -51.43
N SER F 210 15.66 -62.80 -51.95
CA SER F 210 14.87 -63.32 -53.07
C SER F 210 14.63 -64.82 -52.98
N ALA F 211 13.54 -65.31 -53.59
CA ALA F 211 13.26 -66.75 -53.66
C ALA F 211 14.35 -67.54 -54.42
N SER F 212 15.01 -66.88 -55.38
CA SER F 212 16.10 -67.43 -56.19
C SER F 212 17.43 -67.63 -55.45
N SER F 213 17.61 -67.10 -54.23
CA SER F 213 18.84 -67.22 -53.45
C SER F 213 18.66 -67.83 -52.06
N HIS F 214 19.55 -68.75 -51.70
CA HIS F 214 19.60 -69.42 -50.39
C HIS F 214 20.62 -68.78 -49.43
N GLN F 215 21.51 -67.93 -49.98
CA GLN F 215 22.67 -67.35 -49.30
C GLN F 215 22.78 -65.80 -49.31
N PRO F 216 21.79 -65.06 -48.77
CA PRO F 216 21.84 -63.59 -48.72
C PRO F 216 23.10 -63.07 -48.02
N VAL F 217 23.75 -62.06 -48.63
CA VAL F 217 24.98 -61.42 -48.13
C VAL F 217 24.66 -60.32 -47.11
N SER F 218 24.80 -60.63 -45.82
CA SER F 218 24.52 -59.74 -44.69
C SER F 218 25.58 -58.65 -44.48
N ARG F 219 25.75 -57.78 -45.48
CA ARG F 219 26.68 -56.65 -45.44
C ARG F 219 26.25 -55.58 -44.43
N MET F 220 26.99 -55.47 -43.34
CA MET F 220 26.77 -54.48 -42.30
C MET F 220 27.19 -53.10 -42.81
N ILE F 221 26.23 -52.21 -43.02
CA ILE F 221 26.45 -50.84 -43.55
C ILE F 221 26.75 -49.79 -42.49
N GLN F 222 26.49 -50.07 -41.21
CA GLN F 222 26.79 -49.16 -40.11
C GLN F 222 27.23 -49.98 -38.90
N ASN F 223 28.45 -49.70 -38.42
CA ASN F 223 29.07 -50.35 -37.26
C ASN F 223 28.26 -50.13 -35.98
N ALA F 224 28.48 -50.98 -34.97
CA ALA F 224 27.83 -50.81 -33.67
C ALA F 224 28.13 -49.38 -33.19
N SER F 225 27.14 -48.67 -32.67
CA SER F 225 27.32 -47.26 -32.29
C SER F 225 26.41 -46.85 -31.13
N ARG F 226 26.77 -45.76 -30.48
CA ARG F 226 26.09 -45.17 -29.32
C ARG F 226 24.69 -44.63 -29.59
N ARG F 227 24.51 -43.87 -30.67
CA ARG F 227 23.25 -43.18 -30.99
C ARG F 227 22.15 -44.13 -31.47
N LYS F 228 20.98 -44.09 -30.82
CA LYS F 228 19.80 -44.91 -31.18
C LYS F 228 19.13 -44.54 -32.51
N ILE F 229 18.79 -45.55 -33.31
CA ILE F 229 18.05 -45.40 -34.57
C ILE F 229 16.57 -45.16 -34.25
N THR F 230 16.09 -43.93 -34.37
CA THR F 230 14.70 -43.52 -34.11
C THR F 230 13.78 -44.00 -35.22
N ASP F 231 14.23 -43.92 -36.48
CA ASP F 231 13.46 -44.34 -37.65
C ASP F 231 14.40 -44.83 -38.75
N LEU F 232 13.90 -45.70 -39.63
CA LEU F 232 14.63 -46.36 -40.71
C LEU F 232 13.71 -46.62 -41.92
N LYS F 233 14.12 -46.21 -43.12
CA LYS F 233 13.38 -46.36 -44.38
C LYS F 233 14.28 -46.63 -45.58
N ILE F 234 13.74 -47.24 -46.64
CA ILE F 234 14.44 -47.44 -47.92
C ILE F 234 13.78 -46.45 -48.89
N VAL F 235 14.56 -45.65 -49.59
CA VAL F 235 14.11 -44.57 -50.48
C VAL F 235 14.90 -44.62 -51.78
N ASP F 236 14.37 -45.25 -52.83
CA ASP F 236 15.06 -45.41 -54.13
C ASP F 236 16.45 -46.02 -53.91
N TYR F 237 16.46 -47.17 -53.22
CA TYR F 237 17.64 -47.94 -52.79
C TYR F 237 18.58 -47.23 -51.83
N LYS F 238 18.38 -45.94 -51.53
CA LYS F 238 19.15 -45.26 -50.51
C LYS F 238 18.53 -45.61 -49.15
N VAL F 239 19.29 -46.07 -48.18
CA VAL F 239 18.77 -46.28 -46.82
C VAL F 239 18.86 -44.95 -46.11
N VAL F 240 17.85 -44.65 -45.32
CA VAL F 240 17.81 -43.43 -44.53
C VAL F 240 17.47 -43.80 -43.11
N LEU F 241 18.22 -43.26 -42.15
CA LEU F 241 17.95 -43.49 -40.76
C LEU F 241 18.26 -42.24 -39.97
N THR F 242 17.60 -42.05 -38.83
CA THR F 242 17.79 -40.86 -38.00
C THR F 242 18.03 -41.22 -36.54
N CYS F 243 18.86 -40.39 -35.90
CA CYS F 243 19.31 -40.47 -34.53
C CYS F 243 19.21 -39.09 -33.88
N PRO F 244 19.27 -38.97 -32.55
CA PRO F 244 19.21 -37.66 -31.90
C PRO F 244 20.29 -36.74 -32.48
N GLY F 245 19.88 -35.61 -33.07
CA GLY F 245 20.78 -34.65 -33.69
C GLY F 245 21.34 -35.01 -35.07
N TYR F 246 21.07 -36.19 -35.66
CA TYR F 246 21.59 -36.59 -36.97
C TYR F 246 20.67 -37.39 -37.91
N VAL F 247 20.86 -37.21 -39.21
CA VAL F 247 20.24 -38.01 -40.27
C VAL F 247 21.39 -38.64 -41.05
N HIS F 248 21.35 -39.95 -41.25
CA HIS F 248 22.37 -40.71 -41.95
C HIS F 248 21.78 -41.30 -43.24
N LYS F 249 22.42 -41.02 -44.37
CA LYS F 249 22.03 -41.48 -45.71
C LYS F 249 23.08 -42.45 -46.21
N ILE F 250 22.65 -43.61 -46.69
CA ILE F 250 23.54 -44.66 -47.18
C ILE F 250 23.08 -45.11 -48.58
N ASP F 251 23.97 -45.30 -49.55
CA ASP F 251 23.57 -45.78 -50.88
C ASP F 251 23.96 -47.26 -51.02
N LEU F 252 22.98 -48.15 -51.19
CA LEU F 252 23.25 -49.58 -51.28
C LEU F 252 23.81 -50.03 -52.64
N LYS F 253 23.92 -49.14 -53.64
CA LYS F 253 24.57 -49.48 -54.92
C LYS F 253 26.09 -49.58 -54.80
N ASN F 254 26.68 -48.97 -53.75
CA ASN F 254 28.12 -48.97 -53.49
C ASN F 254 28.50 -49.06 -52.00
N TYR F 255 27.51 -49.09 -51.10
CA TYR F 255 27.66 -49.17 -49.64
C TYR F 255 28.38 -48.00 -48.97
N SER F 256 28.33 -46.81 -49.59
CA SER F 256 28.92 -45.57 -49.07
C SER F 256 28.00 -44.92 -48.04
N ILE F 257 28.57 -44.19 -47.07
CA ILE F 257 27.86 -43.56 -45.93
C ILE F 257 28.00 -42.03 -45.98
N SER F 258 27.01 -41.30 -45.48
CA SER F 258 26.99 -39.84 -45.43
C SER F 258 26.08 -39.34 -44.31
N SER F 259 26.27 -38.12 -43.83
CA SER F 259 25.52 -37.56 -42.70
C SER F 259 25.25 -36.06 -42.75
N LEU F 260 24.19 -35.63 -42.05
CA LEU F 260 23.79 -34.23 -41.85
C LEU F 260 23.22 -34.07 -40.43
N LYS F 261 23.57 -33.00 -39.71
CA LYS F 261 23.00 -32.71 -38.39
C LYS F 261 21.56 -32.23 -38.53
N THR F 262 20.62 -32.77 -37.75
CA THR F 262 19.21 -32.36 -37.80
C THR F 262 18.94 -31.07 -37.03
N GLY F 263 19.87 -30.59 -36.21
CA GLY F 263 19.75 -29.34 -35.43
C GLY F 263 18.82 -29.39 -34.22
N SER F 264 18.21 -30.53 -33.93
CA SER F 264 17.30 -30.75 -32.80
C SER F 264 17.34 -32.21 -32.37
N LEU F 265 17.01 -32.48 -31.11
CA LEU F 265 16.98 -33.83 -30.54
C LEU F 265 15.58 -34.45 -30.55
N GLU F 266 14.52 -33.69 -30.82
CA GLU F 266 13.16 -34.24 -30.96
C GLU F 266 13.18 -35.41 -31.94
N ASN F 267 12.35 -36.43 -31.74
CA ASN F 267 12.32 -37.55 -32.66
C ASN F 267 11.84 -37.12 -34.05
N PHE F 268 12.57 -37.54 -35.09
CA PHE F 268 12.25 -37.26 -36.48
C PHE F 268 11.70 -38.50 -37.17
N HIS F 269 10.55 -38.37 -37.82
CA HIS F 269 9.94 -39.44 -38.62
C HIS F 269 10.34 -39.22 -40.07
N ILE F 270 10.72 -40.28 -40.77
CA ILE F 270 11.17 -40.21 -42.16
C ILE F 270 9.98 -40.50 -43.07
N ILE F 271 9.60 -39.53 -43.89
CA ILE F 271 8.49 -39.61 -44.83
C ILE F 271 9.04 -39.63 -46.25
N PRO F 272 9.22 -40.79 -46.89
CA PRO F 272 9.76 -40.88 -48.22
C PRO F 272 8.75 -40.59 -49.33
N LEU F 273 9.00 -39.54 -50.11
CA LEU F 273 8.17 -39.13 -51.23
C LEU F 273 8.53 -39.94 -52.48
N ASN F 274 8.38 -41.26 -52.44
CA ASN F 274 8.77 -42.21 -53.49
C ASN F 274 8.46 -41.81 -54.95
N HIS F 275 7.31 -41.18 -55.23
CA HIS F 275 6.93 -40.80 -56.59
C HIS F 275 7.64 -39.56 -57.16
N GLU F 276 8.45 -38.84 -56.38
CA GLU F 276 9.16 -37.66 -56.88
C GLU F 276 10.29 -38.05 -57.87
N LYS F 277 10.66 -37.16 -58.81
CA LYS F 277 11.73 -37.43 -59.80
C LYS F 277 13.11 -37.66 -59.17
N GLU F 278 13.41 -36.91 -58.12
CA GLU F 278 14.65 -37.01 -57.33
C GLU F 278 14.31 -37.60 -55.97
N SER F 279 15.08 -38.60 -55.50
CA SER F 279 14.84 -39.23 -54.20
C SER F 279 14.80 -38.15 -53.12
N THR F 280 13.67 -38.03 -52.43
CA THR F 280 13.43 -36.95 -51.47
C THR F 280 12.59 -37.40 -50.28
N ILE F 281 12.87 -36.82 -49.11
CA ILE F 281 12.18 -37.13 -47.87
C ILE F 281 11.76 -35.90 -47.07
N LEU F 282 10.60 -35.95 -46.41
CA LEU F 282 10.24 -34.94 -45.44
C LEU F 282 10.63 -35.51 -44.08
N LEU F 283 11.20 -34.71 -43.21
CA LEU F 283 11.50 -35.09 -41.84
C LEU F 283 10.47 -34.34 -41.00
N MET F 284 9.82 -35.06 -40.09
CA MET F 284 8.77 -34.52 -39.23
C MET F 284 9.05 -34.73 -37.75
N SER F 285 8.84 -33.70 -36.92
CA SER F 285 9.03 -33.75 -35.47
C SER F 285 8.00 -32.89 -34.77
N ASN F 286 7.82 -33.08 -33.47
CA ASN F 286 6.83 -32.38 -32.67
C ASN F 286 6.99 -30.84 -32.61
N LYS F 287 8.09 -30.28 -33.13
CA LYS F 287 8.38 -28.84 -33.13
C LYS F 287 8.78 -28.25 -34.48
N THR F 288 9.32 -29.04 -35.40
CA THR F 288 9.77 -28.56 -36.72
C THR F 288 9.75 -29.65 -37.78
N SER F 289 9.63 -29.25 -39.04
CA SER F 289 9.66 -30.16 -40.17
C SER F 289 10.31 -29.48 -41.36
N TYR F 290 11.02 -30.27 -42.15
CA TYR F 290 11.74 -29.76 -43.32
C TYR F 290 11.96 -30.88 -44.32
N LYS F 291 12.29 -30.50 -45.55
CA LYS F 291 12.48 -31.38 -46.69
C LYS F 291 13.95 -31.55 -46.99
N VAL F 292 14.42 -32.79 -46.99
CA VAL F 292 15.80 -33.13 -47.30
C VAL F 292 15.81 -33.80 -48.67
N LEU F 293 16.50 -33.20 -49.64
CA LEU F 293 16.62 -33.76 -50.98
C LEU F 293 17.77 -34.75 -50.92
N LEU F 294 17.56 -36.01 -51.28
CA LEU F 294 18.63 -37.01 -51.22
C LEU F 294 19.25 -37.25 -52.60
N GLU F 295 20.02 -36.28 -53.08
CA GLU F 295 20.82 -36.40 -54.30
C GLU F 295 22.13 -37.11 -53.90
N ASP F 296 23.22 -36.95 -54.64
CA ASP F 296 24.52 -37.45 -54.17
C ASP F 296 24.83 -36.70 -52.86
N GLU F 297 24.60 -35.38 -52.84
CA GLU F 297 24.68 -34.49 -51.69
C GLU F 297 23.32 -34.36 -50.96
N LEU F 298 23.36 -34.05 -49.66
CA LEU F 298 22.15 -33.77 -48.86
C LEU F 298 21.81 -32.27 -48.95
N HIS F 299 20.61 -31.89 -48.52
CA HIS F 299 20.14 -30.50 -48.57
C HIS F 299 19.08 -30.22 -47.49
N VAL F 300 18.79 -28.96 -47.21
CA VAL F 300 17.70 -28.55 -46.32
C VAL F 300 16.83 -27.59 -47.11
N THR F 301 15.53 -27.84 -47.18
CA THR F 301 14.54 -27.04 -47.93
C THR F 301 13.20 -27.02 -47.22
N ALA F 302 12.33 -26.08 -47.57
CA ALA F 302 11.02 -25.90 -46.93
C ALA F 302 10.03 -27.05 -47.11
N ASP F 303 9.41 -27.50 -46.01
CA ASP F 303 8.32 -28.47 -46.01
C ASP F 303 7.04 -27.71 -46.39
N ASN F 304 6.99 -27.20 -47.62
CA ASN F 304 5.84 -26.45 -48.13
C ASN F 304 4.61 -27.34 -48.32
N ILE F 305 4.83 -28.65 -48.42
CA ILE F 305 3.79 -29.66 -48.62
C ILE F 305 2.89 -29.79 -47.40
N ILE F 306 3.46 -29.97 -46.20
CA ILE F 306 2.70 -30.22 -44.96
C ILE F 306 2.76 -29.11 -43.92
N ALA F 307 3.91 -28.51 -43.67
CA ALA F 307 4.05 -27.56 -42.57
C ALA F 307 3.05 -26.38 -42.54
N PRO F 308 2.71 -25.69 -43.63
CA PRO F 308 1.79 -24.57 -43.58
C PRO F 308 0.44 -24.87 -42.94
N TYR F 309 -0.12 -26.06 -43.18
CA TYR F 309 -1.40 -26.46 -42.59
C TYR F 309 -1.28 -26.68 -41.08
N LEU F 310 -0.26 -27.42 -40.64
CA LEU F 310 -0.05 -27.67 -39.21
C LEU F 310 0.18 -26.35 -38.48
N GLU F 311 0.95 -25.43 -39.04
CA GLU F 311 1.19 -24.12 -38.42
C GLU F 311 -0.11 -23.35 -38.27
N LYS F 312 -0.99 -23.36 -39.28
CA LYS F 312 -2.30 -22.69 -39.21
C LYS F 312 -3.12 -23.27 -38.08
N LYS F 313 -3.28 -24.60 -38.05
CA LYS F 313 -4.03 -25.29 -36.99
C LYS F 313 -3.45 -24.99 -35.62
N PHE F 314 -2.13 -25.03 -35.46
CA PHE F 314 -1.46 -24.75 -34.20
C PHE F 314 -1.70 -23.30 -33.77
N LYS F 315 -1.65 -22.34 -34.67
CA LYS F 315 -1.95 -20.93 -34.36
C LYS F 315 -3.41 -20.79 -33.95
N LYS F 316 -4.33 -21.42 -34.67
CA LYS F 316 -5.76 -21.42 -34.36
C LYS F 316 -5.99 -21.95 -32.94
N TRP F 317 -5.43 -23.10 -32.61
CA TRP F 317 -5.54 -23.69 -31.28
C TRP F 317 -4.94 -22.77 -30.22
N SER F 318 -3.76 -22.24 -30.48
CA SER F 318 -3.07 -21.32 -29.56
C SER F 318 -3.92 -20.10 -29.24
N THR F 319 -4.68 -19.61 -30.21
CA THR F 319 -5.59 -18.47 -30.06
C THR F 319 -6.66 -18.71 -29.00
N ILE F 320 -6.97 -19.97 -28.67
CA ILE F 320 -7.98 -20.35 -27.68
C ILE F 320 -7.36 -20.90 -26.38
N TRP F 321 -6.43 -21.84 -26.46
CA TRP F 321 -5.84 -22.51 -25.30
C TRP F 321 -4.53 -21.94 -24.75
N ASN F 322 -3.97 -20.90 -25.36
CA ASN F 322 -2.73 -20.26 -24.92
C ASN F 322 -2.74 -18.80 -25.39
N GLU F 323 -3.87 -18.11 -25.22
CA GLU F 323 -4.04 -16.77 -25.79
C GLU F 323 -3.07 -15.69 -25.27
N PHE F 324 -2.58 -15.84 -24.05
CA PHE F 324 -1.58 -14.95 -23.45
C PHE F 324 -0.12 -15.37 -23.71
N ASN F 325 0.12 -16.52 -24.38
CA ASN F 325 1.44 -17.12 -24.52
C ASN F 325 2.02 -17.48 -23.13
N ASN F 326 1.15 -17.79 -22.17
CA ASN F 326 1.50 -18.18 -20.80
C ASN F 326 2.25 -19.51 -20.70
N TYR F 327 1.95 -20.46 -21.58
CA TYR F 327 2.52 -21.79 -21.56
C TYR F 327 3.36 -22.16 -22.76
N GLU F 328 4.40 -22.94 -22.55
CA GLU F 328 5.13 -23.58 -23.63
C GLU F 328 4.18 -24.68 -24.16
N THR F 329 4.06 -24.84 -25.47
CA THR F 329 3.12 -25.79 -26.09
C THR F 329 3.78 -26.58 -27.19
N THR F 330 3.29 -27.80 -27.44
CA THR F 330 3.88 -28.74 -28.40
C THR F 330 2.84 -29.49 -29.22
N LEU F 331 3.21 -29.88 -30.43
CA LEU F 331 2.40 -30.63 -31.38
C LEU F 331 2.81 -32.09 -31.29
N VAL F 332 2.14 -32.88 -30.45
CA VAL F 332 2.50 -34.28 -30.26
C VAL F 332 1.96 -35.13 -31.40
N ILE F 333 2.85 -35.75 -32.18
CA ILE F 333 2.50 -36.61 -33.30
C ILE F 333 2.52 -38.08 -32.87
N HIS F 334 1.37 -38.71 -32.68
CA HIS F 334 1.29 -40.11 -32.25
C HIS F 334 1.51 -41.09 -33.39
N GLY F 335 1.56 -40.60 -34.62
CA GLY F 335 1.81 -41.44 -35.79
C GLY F 335 1.66 -40.71 -37.11
N ILE F 336 2.40 -41.17 -38.12
CA ILE F 336 2.35 -40.65 -39.47
C ILE F 336 2.39 -41.81 -40.44
N SER F 337 1.55 -41.82 -41.48
CA SER F 337 1.64 -42.86 -42.49
C SER F 337 1.24 -42.40 -43.88
N LEU F 338 1.94 -42.92 -44.88
CA LEU F 338 1.63 -42.73 -46.27
C LEU F 338 0.43 -43.60 -46.62
N SER F 339 -0.38 -43.14 -47.57
CA SER F 339 -1.48 -43.92 -48.13
C SER F 339 -0.87 -45.14 -48.84
N PRO F 340 -1.59 -46.23 -49.10
CA PRO F 340 -1.00 -47.41 -49.74
C PRO F 340 -0.50 -47.13 -51.16
N ASP F 341 -1.07 -46.13 -51.85
CA ASP F 341 -0.63 -45.69 -53.16
C ASP F 341 0.54 -44.69 -53.07
N GLY F 342 0.87 -44.18 -51.87
CA GLY F 342 1.94 -43.23 -51.64
C GLY F 342 1.65 -41.78 -52.03
N TYR F 343 0.46 -41.43 -52.49
CA TYR F 343 0.12 -40.06 -52.90
C TYR F 343 -0.42 -39.15 -51.80
N SER F 344 -0.70 -39.66 -50.60
CA SER F 344 -1.24 -38.90 -49.47
C SER F 344 -0.62 -39.31 -48.14
N ILE F 345 -0.74 -38.45 -47.14
CA ILE F 345 -0.25 -38.70 -45.78
C ILE F 345 -1.36 -38.49 -44.74
N ALA F 346 -1.34 -39.28 -43.68
CA ALA F 346 -2.24 -39.16 -42.55
C ALA F 346 -1.39 -38.93 -41.29
N ILE F 347 -1.65 -37.86 -40.55
CA ILE F 347 -0.94 -37.49 -39.32
C ILE F 347 -1.93 -37.54 -38.17
N VAL F 348 -1.65 -38.28 -37.09
CA VAL F 348 -2.51 -38.34 -35.90
C VAL F 348 -1.83 -37.55 -34.81
N TYR F 349 -2.48 -36.51 -34.31
CA TYR F 349 -1.86 -35.57 -33.39
C TYR F 349 -2.79 -34.81 -32.45
N ASP F 350 -2.20 -34.23 -31.40
CA ASP F 350 -2.87 -33.33 -30.47
C ASP F 350 -1.92 -32.21 -30.03
N MET F 351 -2.49 -31.08 -29.65
CA MET F 351 -1.77 -29.89 -29.22
C MET F 351 -1.83 -29.87 -27.69
N GLU F 352 -0.70 -29.72 -27.01
CA GLU F 352 -0.70 -29.74 -25.54
C GLU F 352 0.26 -28.80 -24.84
N ARG F 353 -0.16 -28.31 -23.67
CA ARG F 353 0.65 -27.49 -22.78
C ARG F 353 1.64 -28.38 -22.02
N VAL F 354 2.88 -27.93 -21.82
CA VAL F 354 3.82 -28.67 -20.93
C VAL F 354 3.36 -28.25 -19.54
N ALA F 355 2.88 -29.16 -18.71
CA ALA F 355 2.32 -28.82 -17.40
C ALA F 355 2.16 -30.06 -16.52
N PHE F 356 1.68 -29.88 -15.30
CA PHE F 356 1.35 -30.96 -14.37
C PHE F 356 0.05 -31.67 -14.79
N LYS F 357 0.02 -32.23 -15.99
CA LYS F 357 -1.15 -32.91 -16.54
C LYS F 357 -1.40 -34.20 -15.78
N TYR F 358 -2.64 -34.39 -15.37
CA TYR F 358 -3.18 -35.68 -14.97
C TYR F 358 -4.42 -35.98 -15.82
N LYS F 359 -4.20 -36.62 -16.97
CA LYS F 359 -5.25 -36.98 -17.94
C LYS F 359 -6.06 -38.17 -17.48
N ILE F 360 -7.22 -38.41 -18.08
CA ILE F 360 -8.02 -39.62 -17.93
C ILE F 360 -8.66 -40.02 -19.26
N ALA F 361 -8.99 -41.29 -19.47
CA ALA F 361 -9.42 -41.86 -20.76
C ALA F 361 -10.52 -41.07 -21.46
N SER F 362 -11.54 -40.65 -20.74
CA SER F 362 -12.68 -39.89 -21.25
C SER F 362 -12.35 -38.50 -21.78
N GLU F 363 -11.26 -37.88 -21.34
CA GLU F 363 -10.86 -36.54 -21.77
C GLU F 363 -9.91 -36.57 -22.98
N GLN F 364 -9.28 -37.71 -23.24
CA GLN F 364 -8.32 -37.85 -24.34
C GLN F 364 -9.02 -37.89 -25.71
N SER F 365 -8.41 -37.26 -26.70
CA SER F 365 -8.91 -37.19 -28.08
C SER F 365 -7.78 -36.86 -29.05
N PHE F 366 -7.91 -37.21 -30.32
CA PHE F 366 -6.90 -36.98 -31.35
C PHE F 366 -7.50 -36.54 -32.68
N ASN F 367 -6.80 -35.70 -33.42
CA ASN F 367 -7.20 -35.29 -34.75
C ASN F 367 -6.40 -36.07 -35.80
N ILE F 368 -7.03 -36.66 -36.83
CA ILE F 368 -6.28 -37.26 -37.94
C ILE F 368 -6.42 -36.32 -39.12
N MET F 369 -5.30 -35.77 -39.61
CA MET F 369 -5.25 -34.85 -40.73
C MET F 369 -4.80 -35.59 -41.97
N PHE F 370 -5.58 -35.49 -43.04
CA PHE F 370 -5.28 -36.12 -44.31
C PHE F 370 -4.80 -35.06 -45.29
N ALA F 371 -3.69 -35.27 -45.99
CA ALA F 371 -3.15 -34.26 -46.91
C ALA F 371 -2.49 -34.81 -48.20
N PRO F 372 -2.61 -34.10 -49.33
CA PRO F 372 -2.01 -34.51 -50.59
C PRO F 372 -0.52 -34.21 -50.61
N LEU F 373 0.31 -35.15 -51.09
CA LEU F 373 1.76 -34.95 -51.15
C LEU F 373 2.28 -34.39 -52.49
N TYR F 374 1.44 -34.37 -53.54
CA TYR F 374 1.82 -33.93 -54.89
C TYR F 374 0.72 -33.13 -55.59
N HIS F 375 1.04 -32.53 -56.74
CA HIS F 375 0.06 -31.83 -57.58
C HIS F 375 -0.68 -32.75 -58.55
N THR F 376 -0.15 -33.95 -58.81
CA THR F 376 -0.69 -34.95 -59.74
C THR F 376 -0.60 -36.36 -59.18
N TRP F 377 -1.53 -37.25 -59.52
CA TRP F 377 -1.58 -38.61 -58.99
C TRP F 377 -2.12 -39.64 -59.96
N THR F 378 -1.85 -40.91 -59.69
CA THR F 378 -2.29 -42.04 -60.54
C THR F 378 -2.76 -43.22 -59.73
N ILE F 379 -3.50 -44.12 -60.37
CA ILE F 379 -3.87 -45.39 -59.75
C ILE F 379 -2.59 -46.19 -59.44
N SER F 380 -2.61 -47.09 -58.46
CA SER F 380 -1.49 -47.97 -58.12
C SER F 380 -2.01 -49.40 -58.04
N GLU F 381 -1.20 -50.38 -58.44
CA GLU F 381 -1.59 -51.80 -58.42
C GLU F 381 -1.65 -52.41 -57.02
N ARG F 382 -1.04 -51.76 -56.02
CA ARG F 382 -1.08 -52.21 -54.62
C ARG F 382 -2.42 -51.92 -53.96
N ALA F 383 -2.81 -50.64 -53.91
CA ALA F 383 -4.06 -50.18 -53.32
C ALA F 383 -5.30 -50.71 -54.07
N VAL F 384 -6.40 -50.98 -53.37
CA VAL F 384 -7.66 -51.48 -53.95
C VAL F 384 -8.88 -50.91 -53.25
N GLY F 385 -10.01 -50.95 -53.94
CA GLY F 385 -11.28 -50.52 -53.39
C GLY F 385 -11.33 -49.05 -53.02
N LEU F 386 -11.82 -48.76 -51.81
CA LEU F 386 -11.99 -47.39 -51.35
C LEU F 386 -10.67 -46.63 -51.23
N ALA F 387 -9.52 -47.31 -51.28
CA ALA F 387 -8.24 -46.63 -51.24
C ALA F 387 -8.11 -45.66 -52.42
N TRP F 388 -8.62 -45.99 -53.61
CA TRP F 388 -8.56 -45.08 -54.77
C TRP F 388 -9.42 -43.84 -54.50
N TYR F 389 -10.62 -44.06 -54.00
CA TYR F 389 -11.55 -42.99 -53.69
C TYR F 389 -10.97 -42.04 -52.65
N GLN F 390 -10.29 -42.56 -51.62
CA GLN F 390 -9.67 -41.77 -50.57
C GLN F 390 -8.71 -40.74 -51.19
N THR F 391 -7.82 -41.18 -52.08
CA THR F 391 -6.88 -40.27 -52.73
C THR F 391 -7.61 -39.26 -53.58
N TYR F 392 -8.62 -39.69 -54.33
CA TYR F 392 -9.43 -38.81 -55.17
C TYR F 392 -10.04 -37.69 -54.35
N GLN F 393 -10.64 -38.02 -53.20
CA GLN F 393 -11.23 -37.02 -52.34
C GLN F 393 -10.17 -36.11 -51.71
N ILE F 394 -9.03 -36.65 -51.29
CA ILE F 394 -7.97 -35.86 -50.66
C ILE F 394 -7.42 -34.82 -51.63
N TYR F 395 -7.32 -35.16 -52.92
CA TYR F 395 -6.88 -34.25 -53.99
C TYR F 395 -8.00 -33.31 -54.44
N ASN F 396 -8.95 -32.96 -53.57
CA ASN F 396 -10.09 -32.08 -53.84
C ASN F 396 -10.90 -32.52 -55.07
N GLN F 397 -11.13 -33.82 -55.21
CA GLN F 397 -11.80 -34.47 -56.34
C GLN F 397 -11.08 -34.34 -57.70
N SER F 398 -9.85 -33.83 -57.76
CA SER F 398 -9.12 -33.73 -59.04
C SER F 398 -8.90 -35.12 -59.62
N LEU F 399 -9.34 -35.35 -60.86
CA LEU F 399 -9.25 -36.65 -61.52
C LEU F 399 -7.81 -37.15 -61.68
N PRO F 400 -7.57 -38.47 -61.67
CA PRO F 400 -6.25 -39.07 -61.87
C PRO F 400 -5.78 -38.94 -63.32
N LYS F 401 -4.49 -39.17 -63.58
CA LYS F 401 -3.94 -39.14 -64.94
C LYS F 401 -4.39 -40.37 -65.74
N LEU F 402 -5.35 -40.21 -66.65
CA LEU F 402 -5.81 -41.29 -67.56
C LEU F 402 -4.87 -41.40 -68.76
N PRO F 403 -4.72 -42.59 -69.40
CA PRO F 403 -3.89 -42.75 -70.59
C PRO F 403 -4.36 -41.82 -71.74
N GLU F 404 -3.44 -41.22 -72.49
CA GLU F 404 -3.79 -40.25 -73.56
C GLU F 404 -4.60 -40.86 -74.72
N ASN F 405 -4.49 -42.17 -74.95
CA ASN F 405 -5.24 -42.91 -75.98
C ASN F 405 -6.63 -43.35 -75.47
N PHE F 406 -6.87 -43.27 -74.16
CA PHE F 406 -8.09 -43.69 -73.47
C PHE F 406 -8.70 -42.55 -72.62
N SER F 407 -8.66 -41.32 -73.15
CA SER F 407 -9.19 -40.10 -72.51
C SER F 407 -9.66 -39.06 -73.51
N LYS F 411 -18.40 -47.39 -70.33
CA LYS F 411 -16.99 -47.68 -70.52
C LYS F 411 -16.31 -46.76 -71.55
N LEU F 412 -14.98 -46.84 -71.64
CA LEU F 412 -14.18 -46.06 -72.58
C LEU F 412 -13.12 -46.89 -73.31
N LEU F 413 -12.19 -47.50 -72.58
CA LEU F 413 -11.05 -48.20 -73.18
C LEU F 413 -11.25 -49.66 -73.61
N ASN F 414 -11.83 -50.52 -72.78
CA ASN F 414 -12.04 -51.94 -73.06
C ASN F 414 -10.84 -52.58 -73.80
N GLY F 415 -9.65 -52.58 -73.18
CA GLY F 415 -8.40 -53.05 -73.79
C GLY F 415 -8.43 -54.48 -74.31
N ASN F 416 -7.61 -54.76 -75.33
CA ASN F 416 -7.54 -56.07 -75.99
C ASN F 416 -7.16 -57.20 -75.01
N TYR F 417 -7.83 -58.34 -75.11
CA TYR F 417 -7.66 -59.49 -74.22
C TYR F 417 -7.49 -60.84 -74.97
N PRO F 418 -6.30 -61.10 -75.55
CA PRO F 418 -5.97 -62.32 -76.28
C PRO F 418 -5.66 -63.49 -75.32
N ILE F 419 -6.60 -63.85 -74.45
CA ILE F 419 -6.42 -64.87 -73.39
C ILE F 419 -7.54 -65.91 -73.32
N SER F 420 -7.20 -67.09 -72.80
CA SER F 420 -8.09 -68.23 -72.57
C SER F 420 -7.51 -69.20 -71.50
N LEU F 421 -6.94 -68.62 -70.45
CA LEU F 421 -6.35 -69.27 -69.26
C LEU F 421 -7.37 -70.15 -68.48
N ASP F 422 -6.93 -70.99 -67.53
CA ASP F 422 -7.83 -71.82 -66.69
C ASP F 422 -8.84 -70.90 -65.97
N PHE F 423 -10.11 -71.28 -65.82
CA PHE F 423 -11.19 -70.38 -65.38
C PHE F 423 -11.00 -69.60 -64.07
N GLN F 424 -10.65 -70.20 -62.92
CA GLN F 424 -10.48 -69.39 -61.70
C GLN F 424 -9.31 -68.40 -61.87
N SER F 425 -8.21 -68.86 -62.46
CA SER F 425 -7.07 -67.99 -62.75
C SER F 425 -7.41 -66.96 -63.82
N TYR F 426 -8.33 -67.26 -64.75
CA TYR F 426 -8.74 -66.35 -65.81
C TYR F 426 -9.40 -65.14 -65.16
N LEU F 427 -10.24 -65.35 -64.15
CA LEU F 427 -10.85 -64.25 -63.41
C LEU F 427 -9.77 -63.47 -62.64
N ASN F 428 -8.71 -64.15 -62.15
CA ASN F 428 -7.59 -63.47 -61.49
C ASN F 428 -6.84 -62.58 -62.49
N ALA F 429 -6.40 -63.13 -63.61
CA ALA F 429 -5.70 -62.39 -64.66
C ALA F 429 -6.54 -61.21 -65.13
N LEU F 430 -7.86 -61.42 -65.26
CA LEU F 430 -8.80 -60.40 -65.65
C LEU F 430 -8.77 -59.24 -64.65
N MET F 431 -8.82 -59.51 -63.36
CA MET F 431 -8.78 -58.46 -62.34
C MET F 431 -7.38 -57.86 -62.14
N LYS F 432 -6.31 -58.56 -62.53
CA LYS F 432 -4.93 -58.06 -62.47
C LYS F 432 -4.63 -57.02 -63.56
N SER F 433 -5.47 -56.92 -64.60
CA SER F 433 -5.29 -56.00 -65.73
C SER F 433 -5.52 -54.53 -65.40
N GLU F 434 -4.69 -53.65 -65.97
CA GLU F 434 -4.77 -52.19 -65.78
C GLU F 434 -6.13 -51.63 -66.19
N GLU F 435 -6.70 -52.13 -67.28
CA GLU F 435 -7.99 -51.70 -67.78
C GLU F 435 -9.11 -52.02 -66.80
N MET F 436 -9.02 -53.14 -66.07
CA MET F 436 -10.02 -53.45 -65.06
C MET F 436 -9.93 -52.45 -63.89
N ARG F 437 -8.71 -52.07 -63.47
CA ARG F 437 -8.52 -51.10 -62.38
C ARG F 437 -9.09 -49.73 -62.72
N ILE F 438 -8.80 -49.17 -63.90
CA ILE F 438 -9.34 -47.84 -64.22
C ILE F 438 -10.86 -47.90 -64.32
N ILE F 439 -11.46 -49.00 -64.81
CA ILE F 439 -12.91 -49.13 -64.84
C ILE F 439 -13.47 -49.08 -63.42
N MET F 440 -12.85 -49.81 -62.48
CA MET F 440 -13.31 -49.80 -61.09
C MET F 440 -13.27 -48.38 -60.51
N PHE F 441 -12.24 -47.60 -60.80
CA PHE F 441 -12.20 -46.23 -60.30
C PHE F 441 -13.26 -45.36 -60.98
N LEU F 442 -13.46 -45.50 -62.28
CA LEU F 442 -14.43 -44.68 -62.99
C LEU F 442 -15.83 -44.87 -62.41
N ASN F 443 -16.19 -46.09 -61.98
CA ASN F 443 -17.49 -46.32 -61.37
C ASN F 443 -17.71 -45.46 -60.12
N MET F 444 -16.65 -45.05 -59.42
CA MET F 444 -16.73 -44.18 -58.24
C MET F 444 -17.04 -42.73 -58.61
N THR F 445 -17.00 -42.37 -59.89
CA THR F 445 -17.17 -40.99 -60.37
C THR F 445 -18.42 -40.75 -61.22
N ILE F 446 -18.80 -41.68 -62.09
CA ILE F 446 -19.96 -41.51 -62.99
C ILE F 446 -21.31 -41.63 -62.26
N ASP F 447 -22.38 -41.11 -62.88
CA ASP F 447 -23.73 -41.10 -62.28
C ASP F 447 -24.43 -42.47 -62.23
N LYS F 448 -24.09 -43.40 -63.12
CA LYS F 448 -24.66 -44.75 -63.19
C LYS F 448 -23.57 -45.77 -63.51
N PRO F 449 -23.14 -46.59 -62.54
CA PRO F 449 -22.07 -47.58 -62.73
C PRO F 449 -22.36 -48.63 -63.80
N SER F 450 -21.31 -49.20 -64.40
CA SER F 450 -21.38 -50.21 -65.46
C SER F 450 -20.16 -51.15 -65.45
N ILE F 451 -20.31 -52.35 -66.02
CA ILE F 451 -19.27 -53.39 -66.09
C ILE F 451 -19.21 -54.08 -67.46
N LEU F 452 -19.66 -53.43 -68.54
CA LEU F 452 -19.71 -54.05 -69.87
C LEU F 452 -18.38 -54.63 -70.34
N SER F 453 -17.25 -53.98 -70.04
CA SER F 453 -15.92 -54.48 -70.42
C SER F 453 -15.63 -55.85 -69.82
N PHE F 454 -15.99 -56.05 -68.55
CA PHE F 454 -15.79 -57.30 -67.83
C PHE F 454 -16.68 -58.40 -68.41
N LEU F 455 -17.92 -58.06 -68.73
CA LEU F 455 -18.85 -59.03 -69.30
C LEU F 455 -18.31 -59.58 -70.62
N GLU F 456 -17.62 -58.79 -71.44
CA GLU F 456 -17.03 -59.31 -72.67
C GLU F 456 -16.02 -60.42 -72.41
N ALA F 457 -15.32 -60.38 -71.28
CA ALA F 457 -14.35 -61.40 -70.96
C ALA F 457 -15.06 -62.72 -70.63
N LEU F 458 -16.19 -62.67 -69.93
CA LEU F 458 -16.94 -63.87 -69.59
C LEU F 458 -17.65 -64.40 -70.84
N TYR F 459 -18.15 -63.51 -71.72
CA TYR F 459 -18.79 -63.90 -72.97
C TYR F 459 -17.81 -64.69 -73.83
N GLU F 460 -16.60 -64.15 -74.04
CA GLU F 460 -15.57 -64.82 -74.81
C GLU F 460 -15.21 -66.20 -74.23
N TYR F 461 -15.19 -66.33 -72.91
CA TYR F 461 -14.89 -67.59 -72.24
C TYR F 461 -15.98 -68.62 -72.46
N ALA F 462 -17.25 -68.22 -72.28
CA ALA F 462 -18.39 -69.10 -72.48
C ALA F 462 -18.53 -69.53 -73.95
N ILE F 463 -18.32 -68.61 -74.89
CA ILE F 463 -18.37 -68.88 -76.33
C ILE F 463 -17.27 -69.88 -76.72
N ASN F 464 -16.07 -69.77 -76.15
CA ASN F 464 -15.00 -70.72 -76.40
C ASN F 464 -15.32 -72.10 -75.79
N LYS F 465 -15.70 -72.13 -74.51
CA LYS F 465 -16.02 -73.34 -73.71
C LYS F 465 -17.39 -73.96 -73.98
N LYS F 466 -18.00 -73.72 -75.15
CA LYS F 466 -19.34 -74.19 -75.54
C LYS F 466 -19.62 -75.67 -75.23
N SER F 467 -18.62 -76.54 -75.40
CA SER F 467 -18.70 -77.98 -75.11
C SER F 467 -18.92 -78.33 -73.62
N GLU F 468 -18.65 -77.40 -72.69
CA GLU F 468 -18.80 -77.60 -71.25
C GLU F 468 -19.99 -76.85 -70.63
N LEU F 469 -20.72 -76.00 -71.37
CA LEU F 469 -21.90 -75.28 -70.85
C LEU F 469 -23.12 -76.21 -70.83
N THR F 470 -23.06 -77.30 -70.05
CA THR F 470 -24.10 -78.31 -69.92
C THR F 470 -25.16 -78.01 -68.85
N ASN F 471 -24.81 -77.28 -67.79
CA ASN F 471 -25.74 -76.95 -66.70
C ASN F 471 -26.73 -75.82 -67.06
N SER F 472 -27.97 -75.93 -66.57
CA SER F 472 -29.05 -74.98 -66.81
C SER F 472 -28.77 -73.56 -66.30
N PHE F 473 -28.33 -73.41 -65.05
CA PHE F 473 -28.00 -72.12 -64.45
C PHE F 473 -26.82 -71.50 -65.20
N ASP F 474 -25.81 -72.30 -65.56
CA ASP F 474 -24.65 -71.83 -66.31
C ASP F 474 -25.10 -71.27 -67.67
N LEU F 475 -25.97 -71.99 -68.37
CA LEU F 475 -26.55 -71.54 -69.64
C LEU F 475 -27.34 -70.25 -69.43
N ALA F 476 -28.15 -70.17 -68.38
CA ALA F 476 -28.95 -69.01 -68.08
C ALA F 476 -28.07 -67.76 -67.88
N CYS F 477 -26.93 -67.92 -67.20
CA CYS F 477 -25.96 -66.86 -66.99
C CYS F 477 -25.41 -66.40 -68.36
N VAL F 478 -24.95 -67.34 -69.18
CA VAL F 478 -24.39 -67.04 -70.51
C VAL F 478 -25.39 -66.32 -71.39
N LEU F 479 -26.63 -66.81 -71.46
CA LEU F 479 -27.69 -66.19 -72.25
C LEU F 479 -27.92 -64.75 -71.81
N SER F 480 -27.87 -64.50 -70.50
CA SER F 480 -28.04 -63.16 -69.96
C SER F 480 -26.90 -62.25 -70.43
N ILE F 481 -25.66 -62.74 -70.43
CA ILE F 481 -24.49 -61.97 -70.86
C ILE F 481 -24.60 -61.66 -72.36
N ALA F 482 -24.94 -62.65 -73.17
CA ALA F 482 -25.06 -62.50 -74.62
C ALA F 482 -26.09 -61.41 -75.00
N ALA F 483 -27.26 -61.47 -74.39
CA ALA F 483 -28.33 -60.53 -74.64
C ALA F 483 -27.97 -59.08 -74.27
N ILE F 484 -27.35 -58.83 -73.10
CA ILE F 484 -26.94 -57.46 -72.73
C ILE F 484 -25.81 -56.93 -73.62
N LEU F 485 -24.97 -57.82 -74.12
CA LEU F 485 -23.82 -57.47 -74.96
C LEU F 485 -24.13 -57.24 -76.45
N LYS F 486 -25.32 -57.63 -76.93
CA LYS F 486 -25.73 -57.50 -78.34
C LYS F 486 -24.85 -58.31 -79.32
N ARG F 487 -24.42 -59.48 -78.86
CA ARG F 487 -23.65 -60.51 -79.58
C ARG F 487 -24.52 -61.77 -79.55
N GLU F 488 -24.41 -62.65 -80.53
CA GLU F 488 -25.30 -63.82 -80.66
C GLU F 488 -25.39 -64.72 -79.41
N ALA F 489 -26.62 -65.14 -79.07
CA ALA F 489 -26.91 -66.03 -77.95
C ALA F 489 -26.75 -67.51 -78.34
N PRO F 490 -25.96 -68.33 -77.61
CA PRO F 490 -25.81 -69.76 -77.91
C PRO F 490 -27.14 -70.53 -77.94
N ILE F 491 -27.29 -71.45 -78.89
CA ILE F 491 -28.53 -72.23 -79.07
C ILE F 491 -28.74 -73.29 -77.98
N TYR F 492 -29.86 -73.19 -77.26
CA TYR F 492 -30.32 -74.14 -76.24
C TYR F 492 -31.84 -73.98 -76.06
N ASN F 493 -32.53 -74.95 -75.44
CA ASN F 493 -33.98 -74.93 -75.22
C ASN F 493 -34.41 -75.53 -73.87
N GLY F 494 -35.63 -75.21 -73.42
CA GLY F 494 -36.22 -75.69 -72.16
C GLY F 494 -36.37 -74.63 -71.06
N THR F 495 -36.76 -75.08 -69.87
CA THR F 495 -37.03 -74.23 -68.70
C THR F 495 -36.07 -74.40 -67.53
N LEU F 496 -35.56 -73.28 -67.00
CA LEU F 496 -34.74 -73.19 -65.80
C LEU F 496 -35.63 -73.25 -64.54
N LEU F 497 -35.16 -73.85 -63.46
CA LEU F 497 -35.84 -73.83 -62.16
C LEU F 497 -34.89 -73.19 -61.14
N MET F 498 -35.39 -72.27 -60.32
CA MET F 498 -34.60 -71.63 -59.26
C MET F 498 -35.39 -71.69 -57.95
N LYS F 499 -34.71 -71.78 -56.81
CA LYS F 499 -35.36 -71.92 -55.50
C LYS F 499 -34.80 -71.03 -54.39
N ASN F 500 -35.61 -70.84 -53.37
CA ASN F 500 -35.26 -70.21 -52.09
C ASN F 500 -35.79 -71.14 -50.97
N SER F 501 -35.59 -70.80 -49.70
CA SER F 501 -36.00 -71.64 -48.57
C SER F 501 -37.50 -72.01 -48.47
N PHE F 502 -38.41 -71.33 -49.19
CA PHE F 502 -39.86 -71.61 -49.16
C PHE F 502 -40.55 -71.68 -50.52
N LEU F 503 -39.97 -71.08 -51.56
CA LEU F 503 -40.57 -70.90 -52.88
C LEU F 503 -39.65 -71.31 -54.05
N GLU F 504 -40.27 -71.89 -55.09
CA GLU F 504 -39.61 -72.39 -56.30
C GLU F 504 -40.25 -71.75 -57.53
N GLU F 505 -39.47 -71.26 -58.49
CA GLU F 505 -39.97 -70.61 -59.71
C GLU F 505 -39.32 -71.15 -60.97
N THR F 506 -40.15 -71.43 -61.97
CA THR F 506 -39.72 -71.93 -63.27
C THR F 506 -39.67 -70.76 -64.25
N PHE F 507 -38.59 -70.65 -65.02
CA PHE F 507 -38.38 -69.60 -66.01
C PHE F 507 -38.03 -70.17 -67.38
N ASN F 508 -38.69 -69.75 -68.44
CA ASN F 508 -38.25 -70.13 -69.79
C ASN F 508 -36.87 -69.49 -70.00
N LEU F 509 -35.87 -70.16 -70.56
CA LEU F 509 -34.59 -69.48 -70.80
C LEU F 509 -34.77 -68.22 -71.65
N GLU F 510 -35.74 -68.22 -72.57
CA GLU F 510 -36.07 -67.05 -73.40
C GLU F 510 -36.72 -65.91 -72.58
N SER F 511 -37.25 -66.20 -71.38
CA SER F 511 -37.85 -65.17 -70.51
C SER F 511 -36.78 -64.20 -69.98
N PHE F 512 -35.51 -64.60 -70.05
CA PHE F 512 -34.39 -63.75 -69.70
C PHE F 512 -34.14 -62.83 -70.90
N THR F 513 -34.82 -61.68 -70.95
CA THR F 513 -34.66 -60.71 -72.05
C THR F 513 -33.31 -60.00 -71.96
N ALA F 514 -33.00 -59.16 -72.95
CA ALA F 514 -31.77 -58.37 -72.95
C ALA F 514 -31.73 -57.29 -71.85
N ASP F 515 -32.85 -57.03 -71.16
CA ASP F 515 -32.94 -56.05 -70.09
C ASP F 515 -32.08 -56.44 -68.86
N PRO F 516 -31.09 -55.63 -68.45
CA PRO F 516 -30.25 -55.93 -67.30
C PRO F 516 -30.95 -55.72 -65.94
N GLU F 517 -32.14 -55.11 -65.90
CA GLU F 517 -32.85 -54.84 -64.64
C GLU F 517 -33.70 -56.00 -64.10
N THR F 518 -34.64 -56.51 -64.90
CA THR F 518 -35.64 -57.48 -64.44
C THR F 518 -35.87 -58.70 -65.34
N VAL F 519 -36.58 -59.68 -64.77
CA VAL F 519 -37.03 -60.94 -65.39
C VAL F 519 -38.42 -61.32 -64.84
N THR F 520 -39.29 -61.91 -65.66
CA THR F 520 -40.63 -62.36 -65.27
C THR F 520 -40.74 -63.88 -65.30
N SER F 521 -41.21 -64.47 -64.20
CA SER F 521 -41.38 -65.92 -64.04
C SER F 521 -42.63 -66.46 -64.77
N THR F 522 -42.68 -67.77 -65.02
CA THR F 522 -43.84 -68.41 -65.70
C THR F 522 -45.15 -68.27 -64.91
N THR F 523 -45.07 -67.99 -63.60
CA THR F 523 -46.21 -67.76 -62.70
C THR F 523 -46.67 -66.30 -62.70
N ASN F 524 -46.15 -65.46 -63.59
CA ASN F 524 -46.41 -64.01 -63.72
C ASN F 524 -45.89 -63.15 -62.55
N ASN F 525 -44.82 -63.57 -61.86
CA ASN F 525 -44.18 -62.81 -60.79
C ASN F 525 -42.86 -62.21 -61.33
N THR F 526 -42.64 -60.91 -61.11
CA THR F 526 -41.43 -60.19 -61.55
C THR F 526 -40.31 -60.23 -60.51
N TRP F 527 -39.06 -60.28 -60.93
CA TRP F 527 -37.88 -60.32 -60.04
C TRP F 527 -36.69 -59.56 -60.65
N LYS F 528 -35.81 -58.95 -59.83
CA LYS F 528 -34.61 -58.26 -60.34
C LYS F 528 -33.42 -59.21 -60.50
N ARG F 529 -32.51 -58.89 -61.43
CA ARG F 529 -31.29 -59.66 -61.73
C ARG F 529 -30.12 -59.36 -60.79
N CYS F 530 -29.33 -60.39 -60.46
CA CYS F 530 -28.11 -60.34 -59.62
C CYS F 530 -27.01 -59.55 -60.34
N GLY F 531 -26.15 -58.85 -59.61
CA GLY F 531 -25.11 -58.00 -60.20
C GLY F 531 -23.89 -58.67 -60.82
N VAL F 532 -23.77 -60.00 -60.76
CA VAL F 532 -22.62 -60.73 -61.36
C VAL F 532 -23.04 -61.91 -62.23
N THR F 533 -23.80 -62.87 -61.71
CA THR F 533 -24.28 -64.02 -62.48
C THR F 533 -25.54 -63.73 -63.29
N LEU F 534 -26.11 -62.53 -63.14
CA LEU F 534 -27.34 -62.07 -63.79
C LEU F 534 -28.60 -62.89 -63.48
N LEU F 535 -28.52 -63.93 -62.65
CA LEU F 535 -29.66 -64.77 -62.24
C LEU F 535 -30.72 -63.99 -61.42
N PRO F 536 -31.98 -64.46 -61.34
CA PRO F 536 -33.01 -63.80 -60.54
C PRO F 536 -32.66 -63.76 -59.06
N ILE F 537 -32.82 -62.63 -58.37
CA ILE F 537 -32.53 -62.54 -56.93
C ILE F 537 -33.73 -63.04 -56.15
N LEU F 538 -33.75 -64.32 -55.78
CA LEU F 538 -34.86 -64.93 -55.05
C LEU F 538 -34.62 -65.16 -53.56
N THR F 539 -33.44 -64.84 -53.01
CA THR F 539 -33.09 -65.19 -51.62
C THR F 539 -32.78 -64.02 -50.69
N THR F 540 -33.11 -64.18 -49.41
CA THR F 540 -32.92 -63.25 -48.30
C THR F 540 -31.47 -63.29 -47.76
N HIS F 541 -30.50 -63.57 -48.63
CA HIS F 541 -29.08 -63.77 -48.25
C HIS F 541 -28.09 -63.11 -49.20
N VAL F 542 -28.48 -62.05 -49.90
CA VAL F 542 -27.57 -61.32 -50.79
C VAL F 542 -26.72 -60.30 -50.04
N LYS F 543 -25.46 -60.16 -50.45
CA LYS F 543 -24.55 -59.11 -49.96
C LYS F 543 -24.77 -57.89 -50.85
N ILE F 544 -24.65 -56.68 -50.32
CA ILE F 544 -24.89 -55.45 -51.08
C ILE F 544 -23.61 -54.69 -51.39
N CYS F 545 -23.47 -54.19 -52.60
CA CYS F 545 -22.31 -53.38 -52.98
C CYS F 545 -22.47 -51.96 -52.42
N PRO F 546 -21.54 -51.45 -51.60
CA PRO F 546 -21.68 -50.11 -51.06
C PRO F 546 -21.49 -49.00 -52.09
N VAL F 547 -20.95 -49.28 -53.28
CA VAL F 547 -20.78 -48.26 -54.35
C VAL F 547 -21.97 -48.27 -55.33
N SER F 548 -22.11 -49.34 -56.11
CA SER F 548 -23.15 -49.47 -57.14
C SER F 548 -24.52 -49.92 -56.66
N LYS F 549 -24.73 -50.18 -55.36
CA LYS F 549 -25.98 -50.65 -54.75
C LYS F 549 -26.55 -51.98 -55.27
N GLN F 550 -25.84 -52.64 -56.18
CA GLN F 550 -26.19 -53.94 -56.74
C GLN F 550 -26.16 -55.04 -55.66
N ARG F 551 -26.74 -56.20 -55.96
CA ARG F 551 -26.82 -57.34 -55.04
C ARG F 551 -26.06 -58.53 -55.56
N VAL F 552 -25.44 -59.32 -54.67
CA VAL F 552 -24.70 -60.53 -55.04
C VAL F 552 -25.15 -61.69 -54.17
N ILE F 553 -25.41 -62.84 -54.77
CA ILE F 553 -25.87 -64.05 -54.06
C ILE F 553 -24.71 -64.69 -53.29
N ASP F 554 -24.87 -64.91 -51.99
CA ASP F 554 -23.82 -65.54 -51.18
C ASP F 554 -23.83 -67.06 -51.35
N ILE F 555 -22.85 -67.58 -52.10
CA ILE F 555 -22.74 -68.99 -52.41
C ILE F 555 -22.48 -69.84 -51.17
N LYS F 556 -21.99 -69.25 -50.07
CA LYS F 556 -21.79 -69.98 -48.81
C LYS F 556 -23.12 -70.17 -48.08
N ARG F 557 -24.13 -69.36 -48.40
CA ARG F 557 -25.45 -69.39 -47.74
C ARG F 557 -26.48 -70.22 -48.50
N ASP F 558 -26.42 -70.26 -49.82
CA ASP F 558 -27.36 -71.06 -50.63
C ASP F 558 -27.15 -72.57 -50.41
N ASP F 559 -28.23 -73.31 -50.23
CA ASP F 559 -28.24 -74.76 -50.01
C ASP F 559 -29.39 -75.47 -50.78
N LEU F 560 -29.90 -74.85 -51.85
CA LEU F 560 -30.98 -75.41 -52.67
C LEU F 560 -30.72 -75.30 -54.18
N ASN F 561 -30.07 -74.26 -54.68
CA ASN F 561 -29.83 -74.13 -56.11
C ASN F 561 -28.68 -75.04 -56.60
N ASP F 562 -28.92 -75.81 -57.67
CA ASP F 562 -27.97 -76.76 -58.26
C ASP F 562 -27.03 -76.12 -59.29
N TYR F 563 -26.26 -75.13 -58.82
CA TYR F 563 -25.30 -74.39 -59.62
C TYR F 563 -24.28 -75.29 -60.33
N GLY F 564 -23.88 -74.88 -61.53
CA GLY F 564 -22.88 -75.53 -62.38
C GLY F 564 -21.48 -74.90 -62.19
N TRP F 565 -20.48 -75.38 -62.94
CA TRP F 565 -19.11 -74.89 -62.80
C TRP F 565 -18.95 -73.40 -63.08
N PHE F 566 -19.64 -72.83 -64.05
CA PHE F 566 -19.52 -71.42 -64.37
C PHE F 566 -20.13 -70.55 -63.26
N THR F 567 -21.33 -70.89 -62.80
CA THR F 567 -22.02 -70.15 -61.72
C THR F 567 -21.31 -70.30 -60.39
N ARG F 568 -20.92 -71.52 -60.00
CA ARG F 568 -20.17 -71.78 -58.78
C ARG F 568 -18.86 -71.02 -58.81
N GLY F 569 -18.10 -71.10 -59.93
CA GLY F 569 -16.82 -70.42 -60.08
C GLY F 569 -16.92 -68.90 -60.08
N LEU F 570 -17.95 -68.33 -60.71
CA LEU F 570 -18.18 -66.89 -60.67
C LEU F 570 -18.40 -66.44 -59.22
N LEU F 571 -19.37 -67.03 -58.53
CA LEU F 571 -19.68 -66.61 -57.18
C LEU F 571 -18.55 -66.87 -56.20
N GLU F 572 -17.85 -67.99 -56.27
CA GLU F 572 -16.72 -68.23 -55.36
C GLU F 572 -15.59 -67.21 -55.55
N ARG F 573 -15.46 -66.60 -56.73
CA ARG F 573 -14.45 -65.58 -57.03
C ARG F 573 -14.90 -64.16 -56.69
N PHE F 574 -16.20 -63.92 -56.53
CA PHE F 574 -16.77 -62.61 -56.19
C PHE F 574 -17.67 -62.64 -54.95
N ASN F 575 -17.47 -63.60 -54.04
CA ASN F 575 -18.30 -63.71 -52.84
C ASN F 575 -18.00 -62.63 -51.79
N GLU F 576 -16.89 -61.90 -51.92
CA GLU F 576 -16.49 -60.85 -50.98
C GLU F 576 -16.14 -59.52 -51.68
N ILE F 577 -15.33 -59.56 -52.74
CA ILE F 577 -14.93 -58.41 -53.52
C ILE F 577 -15.96 -58.02 -54.59
N SER F 578 -16.33 -56.74 -54.66
CA SER F 578 -17.28 -56.22 -55.65
C SER F 578 -16.76 -56.28 -57.08
N VAL F 579 -17.57 -56.78 -58.03
CA VAL F 579 -17.17 -56.81 -59.44
C VAL F 579 -17.09 -55.43 -60.07
N TYR F 580 -17.79 -54.45 -59.50
CA TYR F 580 -17.82 -53.05 -59.97
C TYR F 580 -16.70 -52.18 -59.45
N CYS F 581 -16.30 -52.36 -58.18
CA CYS F 581 -15.42 -51.41 -57.51
C CYS F 581 -14.36 -51.96 -56.54
N GLY F 582 -14.18 -53.27 -56.41
CA GLY F 582 -13.15 -53.83 -55.54
C GLY F 582 -13.39 -53.69 -54.03
N THR F 583 -14.45 -53.01 -53.61
CA THR F 583 -14.83 -52.85 -52.21
C THR F 583 -15.35 -54.15 -51.63
N THR F 584 -15.28 -54.29 -50.32
CA THR F 584 -15.87 -55.45 -49.65
C THR F 584 -17.38 -55.25 -49.58
N LEU F 585 -18.17 -56.23 -50.00
CA LEU F 585 -19.62 -56.12 -49.97
C LEU F 585 -20.15 -56.15 -48.53
N GLU F 586 -21.21 -55.43 -48.22
CA GLU F 586 -21.80 -55.44 -46.88
C GLU F 586 -22.63 -56.72 -46.69
N VAL F 587 -22.78 -57.19 -45.46
CA VAL F 587 -23.42 -58.48 -45.13
C VAL F 587 -24.51 -58.33 -44.08
N MET F 588 -25.61 -59.07 -44.26
CA MET F 588 -26.80 -59.06 -43.40
C MET F 588 -27.28 -60.47 -43.09
N MET G 1 -11.54 74.61 32.72
CA MET G 1 -11.47 73.37 33.53
C MET G 1 -10.68 72.30 32.78
N VAL G 2 -9.97 71.41 33.47
CA VAL G 2 -9.18 70.34 32.82
C VAL G 2 -9.79 68.97 33.09
N VAL G 3 -9.85 68.53 34.34
CA VAL G 3 -10.43 67.22 34.68
C VAL G 3 -11.93 67.26 34.43
N ASN G 4 -12.39 66.48 33.45
CA ASN G 4 -13.79 66.43 33.03
C ASN G 4 -14.35 65.00 32.93
N THR G 5 -13.53 63.97 33.08
CA THR G 5 -13.96 62.57 33.17
C THR G 5 -13.19 61.91 34.28
N ILE G 6 -13.86 61.25 35.21
CA ILE G 6 -13.23 60.51 36.30
C ILE G 6 -13.63 59.05 36.19
N TYR G 7 -12.67 58.15 36.14
CA TYR G 7 -12.91 56.71 36.11
C TYR G 7 -12.51 56.12 37.46
N ILE G 8 -13.28 55.20 38.00
CA ILE G 8 -12.97 54.52 39.27
C ILE G 8 -13.15 53.03 39.08
N ALA G 9 -12.16 52.22 39.43
CA ALA G 9 -12.19 50.77 39.23
C ALA G 9 -11.80 49.96 40.47
N ARG G 10 -12.50 48.86 40.74
CA ARG G 10 -12.14 47.97 41.84
C ARG G 10 -10.99 47.05 41.41
N HIS G 11 -10.11 46.72 42.35
CA HIS G 11 -8.98 45.80 42.16
C HIS G 11 -9.43 44.43 41.65
N GLY G 12 -8.48 43.63 41.17
CA GLY G 12 -8.79 42.28 40.69
C GLY G 12 -9.14 41.28 41.79
N TYR G 13 -9.38 40.04 41.40
CA TYR G 13 -9.72 38.91 42.27
C TYR G 13 -8.57 38.55 43.24
N ARG G 14 -8.81 38.57 44.57
CA ARG G 14 -7.77 38.29 45.58
C ARG G 14 -7.49 36.80 45.73
N SER G 15 -6.26 36.43 46.08
CA SER G 15 -5.85 35.04 46.25
C SER G 15 -6.60 34.29 47.37
N ASN G 16 -7.06 34.98 48.41
CA ASN G 16 -7.78 34.36 49.53
C ASN G 16 -9.24 33.95 49.21
N TRP G 17 -9.75 34.31 48.02
CA TRP G 17 -11.12 33.98 47.60
C TRP G 17 -11.26 32.57 46.98
N LEU G 18 -10.16 31.91 46.63
CA LEU G 18 -10.19 30.60 46.00
C LEU G 18 -10.85 29.52 46.90
N PRO G 19 -11.45 28.46 46.32
CA PRO G 19 -12.13 27.42 47.09
C PRO G 19 -11.18 26.55 47.94
N GLU G 20 -9.91 26.46 47.55
CA GLU G 20 -8.87 25.72 48.25
C GLU G 20 -7.52 26.42 48.09
N GLY G 21 -6.61 26.17 49.04
CA GLY G 21 -5.26 26.72 49.04
C GLY G 21 -4.27 25.84 48.24
N PRO G 22 -2.97 25.86 48.60
CA PRO G 22 -2.41 26.66 49.67
C PRO G 22 -2.50 28.15 49.33
N TYR G 23 -3.09 28.94 50.23
CA TYR G 23 -3.22 30.37 50.03
C TYR G 23 -1.85 31.03 50.24
N PRO G 24 -1.30 31.79 49.28
CA PRO G 24 0.00 32.45 49.44
C PRO G 24 -0.06 33.61 50.44
N ASP G 25 1.00 33.78 51.23
CA ASP G 25 1.13 34.88 52.19
C ASP G 25 1.43 36.20 51.46
N PRO G 26 1.16 37.37 52.05
CA PRO G 26 1.46 38.66 51.44
C PRO G 26 2.96 38.80 51.14
N LEU G 27 3.32 38.98 49.87
CA LEU G 27 4.73 39.13 49.50
C LEU G 27 5.32 40.43 50.07
N THR G 28 4.49 41.46 50.23
CA THR G 28 4.84 42.75 50.86
C THR G 28 4.93 42.64 52.38
N GLY G 29 4.58 41.49 52.97
CA GLY G 29 4.61 41.22 54.40
C GLY G 29 3.54 41.92 55.24
N ILE G 30 2.79 42.86 54.68
CA ILE G 30 1.73 43.61 55.37
C ILE G 30 0.49 42.71 55.51
N ASP G 31 -0.16 42.76 56.67
CA ASP G 31 -1.37 41.96 56.92
C ASP G 31 -2.47 42.26 55.88
N SER G 32 -3.11 41.21 55.36
CA SER G 32 -4.15 41.26 54.32
C SER G 32 -3.74 41.84 52.95
N ASP G 33 -2.47 42.23 52.72
CA ASP G 33 -2.00 42.78 51.44
C ASP G 33 -1.66 41.66 50.43
N VAL G 34 -2.62 40.74 50.24
CA VAL G 34 -2.50 39.54 49.40
C VAL G 34 -2.34 39.81 47.89
N PRO G 35 -1.76 38.85 47.14
CA PRO G 35 -1.61 38.94 45.69
C PRO G 35 -2.92 38.69 44.93
N LEU G 36 -2.96 39.05 43.64
CA LEU G 36 -4.10 38.76 42.77
C LEU G 36 -4.02 37.31 42.29
N ALA G 37 -5.15 36.61 42.26
CA ALA G 37 -5.27 35.26 41.73
C ALA G 37 -5.12 35.25 40.20
N GLU G 38 -5.12 34.08 39.55
CA GLU G 38 -5.03 34.02 38.08
C GLU G 38 -6.19 34.77 37.44
N HIS G 39 -7.37 34.78 38.07
CA HIS G 39 -8.51 35.55 37.61
C HIS G 39 -8.14 37.02 37.54
N GLY G 40 -7.43 37.54 38.54
CA GLY G 40 -6.98 38.93 38.54
C GLY G 40 -5.90 39.18 37.50
N VAL G 41 -5.04 38.20 37.24
CA VAL G 41 -3.98 38.34 36.21
C VAL G 41 -4.61 38.49 34.83
N GLN G 42 -5.65 37.71 34.53
CA GLN G 42 -6.38 37.79 33.27
C GLN G 42 -7.28 39.03 33.21
N GLN G 43 -8.11 39.24 34.21
CA GLN G 43 -9.11 40.30 34.19
C GLN G 43 -8.54 41.72 34.25
N ALA G 44 -7.36 41.94 34.81
CA ALA G 44 -6.75 43.27 34.76
C ALA G 44 -6.28 43.55 33.32
N LYS G 45 -5.83 42.51 32.59
CA LYS G 45 -5.40 42.63 31.18
C LYS G 45 -6.61 42.91 30.30
N GLU G 46 -7.78 42.35 30.64
CA GLU G 46 -9.02 42.64 29.92
C GLU G 46 -9.33 44.12 30.03
N LEU G 47 -9.42 44.65 31.26
CA LEU G 47 -9.73 46.05 31.51
C LEU G 47 -8.74 46.97 30.82
N ALA G 48 -7.49 46.56 30.67
CA ALA G 48 -6.51 47.35 29.93
C ALA G 48 -6.92 47.45 28.45
N HIS G 49 -7.29 46.33 27.82
CA HIS G 49 -7.77 46.34 26.42
C HIS G 49 -9.06 47.15 26.30
N TYR G 50 -10.01 46.93 27.20
CA TYR G 50 -11.26 47.67 27.16
C TYR G 50 -11.03 49.18 27.25
N LEU G 51 -10.26 49.67 28.22
CA LEU G 51 -9.97 51.11 28.31
C LEU G 51 -9.22 51.59 27.07
N LEU G 52 -8.35 50.77 26.48
CA LEU G 52 -7.64 51.15 25.25
C LEU G 52 -8.60 51.29 24.06
N SER G 53 -9.69 50.52 24.03
CA SER G 53 -10.68 50.58 22.96
C SER G 53 -11.56 51.82 23.01
N LEU G 54 -11.80 52.40 24.19
CA LEU G 54 -12.61 53.62 24.33
C LEU G 54 -11.89 54.81 23.67
N ASP G 55 -12.61 55.72 23.04
CA ASP G 55 -12.06 56.93 22.40
C ASP G 55 -12.04 58.12 23.37
N ASN G 56 -11.74 57.82 24.64
CA ASN G 56 -11.70 58.74 25.78
C ASN G 56 -10.82 58.13 26.89
N GLN G 57 -9.60 57.71 26.53
CA GLN G 57 -8.66 57.04 27.45
C GLN G 57 -8.10 57.99 28.54
N PRO G 58 -7.78 57.47 29.74
CA PRO G 58 -7.18 58.26 30.81
C PRO G 58 -5.75 58.66 30.43
N GLU G 59 -5.26 59.73 31.04
CA GLU G 59 -3.90 60.26 30.81
C GLU G 59 -2.99 60.12 32.04
N ALA G 60 -3.56 59.85 33.21
CA ALA G 60 -2.87 59.56 34.45
C ALA G 60 -3.70 58.57 35.26
N ALA G 61 -3.03 57.65 35.96
CA ALA G 61 -3.67 56.66 36.81
C ALA G 61 -3.15 56.77 38.24
N PHE G 62 -4.05 56.84 39.20
CA PHE G 62 -3.74 56.97 40.62
C PHE G 62 -4.14 55.66 41.29
N ALA G 63 -3.18 54.96 41.88
CA ALA G 63 -3.47 53.73 42.60
C ALA G 63 -3.54 54.01 44.09
N SER G 64 -4.53 53.45 44.76
CA SER G 64 -4.39 53.15 46.18
C SER G 64 -3.15 52.26 46.35
N PRO G 65 -2.11 52.60 47.13
CA PRO G 65 -0.82 51.93 46.98
C PRO G 65 -0.71 50.51 47.54
N PHE G 66 -1.79 49.90 48.01
CA PHE G 66 -1.81 48.47 48.36
C PHE G 66 -1.33 47.60 47.19
N TYR G 67 -0.70 46.46 47.47
CA TYR G 67 -0.16 45.57 46.44
C TYR G 67 -1.21 45.15 45.41
N ARG G 68 -2.41 44.74 45.85
CA ARG G 68 -3.46 44.31 44.91
C ARG G 68 -3.88 45.41 43.95
N CYS G 69 -3.97 46.64 44.41
CA CYS G 69 -4.35 47.76 43.58
C CYS G 69 -3.22 48.14 42.61
N LEU G 70 -1.96 48.18 43.06
CA LEU G 70 -0.86 48.51 42.14
C LEU G 70 -0.65 47.36 41.15
N GLU G 71 -0.86 46.11 41.57
CA GLU G 71 -0.82 44.96 40.67
C GLU G 71 -1.92 45.06 39.62
N THR G 72 -3.11 45.53 40.00
CA THR G 72 -4.22 45.69 39.07
C THR G 72 -3.89 46.73 38.01
N VAL G 73 -3.28 47.86 38.37
CA VAL G 73 -2.97 48.89 37.38
C VAL G 73 -1.73 48.60 36.55
N GLN G 74 -0.86 47.67 36.96
CA GLN G 74 0.36 47.38 36.19
C GLN G 74 0.12 47.04 34.71
N PRO G 75 -0.79 46.13 34.31
CA PRO G 75 -1.02 45.85 32.90
C PRO G 75 -1.68 47.04 32.20
N ILE G 76 -2.53 47.79 32.90
CA ILE G 76 -3.18 48.99 32.37
C ILE G 76 -2.09 49.97 31.96
N ALA G 77 -1.16 50.26 32.87
CA ALA G 77 -0.08 51.20 32.65
C ALA G 77 0.83 50.79 31.49
N LYS G 78 1.07 49.49 31.34
CA LYS G 78 1.90 48.93 30.27
C LYS G 78 1.22 49.04 28.91
N LEU G 79 -0.01 48.56 28.79
CA LEU G 79 -0.75 48.52 27.52
C LEU G 79 -1.28 49.88 27.07
N LEU G 80 -1.73 50.76 27.96
CA LEU G 80 -2.20 52.10 27.59
C LEU G 80 -1.03 53.08 27.40
N GLU G 81 0.15 52.75 27.95
CA GLU G 81 1.35 53.59 27.95
C GLU G 81 1.09 54.93 28.63
N ILE G 82 0.82 54.87 29.94
CA ILE G 82 0.53 56.02 30.82
C ILE G 82 1.30 55.98 32.16
N PRO G 83 1.63 57.13 32.77
CA PRO G 83 2.30 57.22 34.08
C PRO G 83 1.39 56.83 35.24
N VAL G 84 1.94 56.18 36.28
CA VAL G 84 1.20 55.81 37.50
C VAL G 84 1.70 56.61 38.69
N TYR G 85 0.78 57.12 39.49
CA TYR G 85 1.05 57.85 40.72
C TYR G 85 0.44 57.15 41.93
N LEU G 86 1.11 57.19 43.08
CA LEU G 86 0.53 56.74 44.34
C LEU G 86 -0.58 57.72 44.75
N GLU G 87 -1.62 57.26 45.41
CA GLU G 87 -2.48 58.14 46.21
C GLU G 87 -3.14 57.35 47.35
N ARG G 88 -2.57 57.45 48.55
CA ARG G 88 -3.09 56.78 49.76
C ARG G 88 -4.46 57.29 50.20
N GLY G 89 -4.89 58.46 49.74
CA GLY G 89 -6.18 59.05 50.09
C GLY G 89 -7.35 58.17 49.66
N ILE G 90 -7.25 57.55 48.48
CA ILE G 90 -8.21 56.57 47.97
C ILE G 90 -8.01 55.18 48.57
N GLY G 91 -7.44 55.12 49.78
CA GLY G 91 -7.06 53.89 50.48
C GLY G 91 -8.22 53.06 51.01
N GLU G 92 -7.92 51.80 51.35
CA GLU G 92 -8.87 50.85 51.92
C GLU G 92 -9.50 51.36 53.23
N TRP G 93 -10.68 50.86 53.57
CA TRP G 93 -11.32 51.13 54.84
C TRP G 93 -11.24 49.91 55.78
N TYR G 94 -10.79 50.16 57.00
CA TYR G 94 -10.82 49.19 58.10
C TYR G 94 -11.60 49.77 59.29
N ARG G 95 -12.60 49.05 59.81
CA ARG G 95 -13.33 49.47 61.01
C ARG G 95 -12.40 49.51 62.24
N PRO G 96 -12.64 50.37 63.25
CA PRO G 96 -11.63 50.69 64.27
C PRO G 96 -11.18 49.50 65.11
N ASP G 97 -12.06 48.55 65.34
CA ASP G 97 -11.86 47.37 66.17
C ASP G 97 -11.29 46.14 65.43
N ARG G 98 -10.71 46.32 64.24
CA ARG G 98 -10.12 45.21 63.47
C ARG G 98 -9.02 44.47 64.23
N LYS G 99 -9.13 43.14 64.27
CA LYS G 99 -8.16 42.22 64.87
C LYS G 99 -7.49 41.40 63.75
N PRO G 100 -6.17 41.19 63.79
CA PRO G 100 -5.24 41.65 64.81
C PRO G 100 -4.82 43.13 64.75
N VAL G 101 -4.83 43.76 63.56
CA VAL G 101 -4.36 45.15 63.38
C VAL G 101 -4.92 45.85 62.13
N ILE G 102 -4.79 47.17 62.06
CA ILE G 102 -5.13 48.04 60.94
C ILE G 102 -3.89 48.10 60.03
N PRO G 103 -3.89 47.47 58.83
CA PRO G 103 -2.71 47.46 57.97
C PRO G 103 -2.41 48.82 57.32
N VAL G 104 -1.13 49.16 57.19
CA VAL G 104 -0.63 50.40 56.56
C VAL G 104 0.13 50.04 55.26
N PRO G 105 -0.13 50.70 54.12
CA PRO G 105 0.42 50.27 52.84
C PRO G 105 1.92 50.56 52.66
N ALA G 106 2.57 49.75 51.82
CA ALA G 106 3.98 49.90 51.43
C ALA G 106 4.28 51.23 50.69
N GLY G 107 5.56 51.61 50.64
CA GLY G 107 6.03 52.87 50.04
C GLY G 107 6.74 52.71 48.69
N TYR G 108 6.92 53.82 47.98
CA TYR G 108 7.55 53.86 46.65
C TYR G 108 8.90 53.16 46.54
N GLU G 109 9.79 53.31 47.52
CA GLU G 109 11.12 52.71 47.47
C GLU G 109 11.08 51.18 47.43
N ILE G 110 10.18 50.53 48.19
CA ILE G 110 10.05 49.06 48.18
C ILE G 110 9.14 48.63 47.01
N LEU G 111 8.08 49.39 46.73
CA LEU G 111 7.20 49.10 45.60
C LEU G 111 7.99 49.14 44.29
N SER G 112 9.00 49.99 44.16
CA SER G 112 9.84 50.05 42.96
C SER G 112 10.51 48.71 42.62
N LYS G 113 10.71 47.83 43.61
CA LYS G 113 11.31 46.50 43.41
C LYS G 113 10.31 45.56 42.74
N PHE G 114 9.04 45.64 43.15
CA PHE G 114 7.95 44.85 42.60
C PHE G 114 7.40 45.42 41.28
N PHE G 115 7.52 46.74 41.09
CA PHE G 115 6.94 47.50 39.98
C PHE G 115 7.95 48.47 39.33
N PRO G 116 9.09 47.99 38.81
CA PRO G 116 10.12 48.82 38.22
C PRO G 116 9.63 49.60 37.01
N GLY G 117 9.81 50.91 37.04
CA GLY G 117 9.41 51.86 35.98
C GLY G 117 7.90 52.10 35.85
N VAL G 118 7.06 51.21 36.40
CA VAL G 118 5.60 51.32 36.40
C VAL G 118 5.19 52.50 37.27
N ILE G 119 5.64 52.47 38.53
CA ILE G 119 5.38 53.49 39.53
C ILE G 119 6.29 54.70 39.37
N SER G 120 5.88 55.86 39.88
CA SER G 120 6.66 57.09 39.85
C SER G 120 6.42 57.84 41.17
N GLN G 121 7.41 58.62 41.64
CA GLN G 121 7.40 59.25 42.96
C GLN G 121 7.05 60.74 43.02
N GLU G 122 6.93 61.44 41.89
CA GLU G 122 6.60 62.87 41.83
C GLU G 122 5.14 63.25 42.23
N TRP G 123 4.56 62.54 43.22
CA TRP G 123 3.28 62.80 43.85
C TRP G 123 3.25 62.25 45.29
N ASP G 124 3.19 63.11 46.30
CA ASP G 124 2.87 62.71 47.67
C ASP G 124 1.35 62.64 47.89
N SER G 125 0.87 61.87 48.86
CA SER G 125 -0.57 61.71 49.11
C SER G 125 -1.28 63.01 49.49
N THR G 126 -2.52 63.13 49.06
CA THR G 126 -3.41 64.27 49.33
C THR G 126 -3.86 64.33 50.80
N LEU G 127 -4.17 63.18 51.38
CA LEU G 127 -4.49 62.98 52.81
C LEU G 127 -4.47 61.47 53.10
N THR G 128 -4.51 61.03 54.36
CA THR G 128 -4.29 59.61 54.68
C THR G 128 -5.20 59.10 55.78
N PRO G 129 -5.58 57.80 55.77
CA PRO G 129 -6.46 57.22 56.78
C PRO G 129 -5.89 57.20 58.21
N ASN G 130 -6.77 57.21 59.20
CA ASN G 130 -6.38 57.13 60.61
C ASN G 130 -5.69 55.78 60.89
N GLU G 131 -4.54 55.77 61.55
CA GLU G 131 -3.79 54.53 61.82
C GLU G 131 -4.54 53.57 62.77
N LYS G 132 -5.45 54.10 63.60
CA LYS G 132 -6.31 53.34 64.53
C LYS G 132 -7.61 52.85 63.86
N GLY G 133 -7.72 52.95 62.53
CA GLY G 133 -8.92 52.58 61.79
C GLY G 133 -9.98 53.65 61.90
N GLU G 134 -11.07 53.52 61.15
CA GLU G 134 -12.06 54.59 61.00
C GLU G 134 -13.48 54.09 61.20
N THR G 135 -14.30 54.84 61.95
CA THR G 135 -15.76 54.65 61.91
C THR G 135 -16.27 55.01 60.52
N GLU G 136 -17.41 54.47 60.11
CA GLU G 136 -18.00 54.78 58.80
C GLU G 136 -18.22 56.29 58.62
N GLN G 137 -18.49 57.05 59.69
CA GLN G 137 -18.68 58.50 59.58
C GLN G 137 -17.34 59.19 59.28
N GLU G 138 -16.28 58.90 60.03
CA GLU G 138 -14.95 59.46 59.79
C GLU G 138 -14.41 59.05 58.42
N MET G 139 -14.65 57.80 58.03
CA MET G 139 -14.34 57.26 56.71
C MET G 139 -15.03 58.08 55.61
N TYR G 140 -16.35 58.33 55.69
CA TYR G 140 -17.01 59.12 54.67
C TYR G 140 -16.47 60.56 54.64
N MET G 141 -16.22 61.17 55.80
CA MET G 141 -15.65 62.52 55.84
C MET G 141 -14.28 62.54 55.12
N ARG G 142 -13.49 61.47 55.25
CA ARG G 142 -12.17 61.38 54.61
C ARG G 142 -12.28 61.54 53.09
N PHE G 143 -13.22 60.82 52.48
CA PHE G 143 -13.48 60.93 51.05
C PHE G 143 -14.10 62.28 50.70
N LYS G 144 -14.97 62.84 51.56
CA LYS G 144 -15.54 64.16 51.28
C LYS G 144 -14.45 65.23 51.21
N LYS G 145 -13.45 65.18 52.11
CA LYS G 145 -12.33 66.11 52.12
C LYS G 145 -11.42 65.92 50.91
N PHE G 146 -11.17 64.68 50.56
CA PHE G 146 -10.21 64.28 49.52
C PHE G 146 -10.45 64.92 48.15
N TRP G 147 -11.66 64.78 47.59
CA TRP G 147 -11.95 65.24 46.24
C TRP G 147 -11.63 66.71 45.91
N PRO G 148 -12.08 67.73 46.64
CA PRO G 148 -11.78 69.12 46.29
C PRO G 148 -10.30 69.43 46.39
N LEU G 149 -9.55 68.76 47.27
CA LEU G 149 -8.11 68.96 47.37
C LEU G 149 -7.42 68.26 46.19
N PHE G 150 -7.76 66.99 45.95
CA PHE G 150 -7.13 66.14 44.95
C PHE G 150 -7.16 66.79 43.57
N ILE G 151 -8.31 67.22 43.07
CA ILE G 151 -8.40 67.85 41.76
C ILE G 151 -7.58 69.14 41.66
N GLU G 152 -7.54 69.93 42.72
CA GLU G 152 -6.77 71.18 42.78
C GLU G 152 -5.26 70.90 42.84
N ARG G 153 -4.83 69.69 43.22
CA ARG G 153 -3.45 69.23 43.09
C ARG G 153 -3.18 68.70 41.69
N VAL G 154 -4.05 67.85 41.17
CA VAL G 154 -3.94 67.27 39.82
C VAL G 154 -3.85 68.35 38.76
N GLU G 155 -4.80 69.29 38.72
CA GLU G 155 -4.81 70.35 37.72
C GLU G 155 -3.65 71.38 37.84
N LYS G 156 -2.82 71.31 38.89
CA LYS G 156 -1.66 72.19 39.06
C LYS G 156 -0.35 71.44 38.90
N GLU G 157 -0.25 70.20 39.37
CA GLU G 157 0.93 69.35 39.17
C GLU G 157 1.04 68.98 37.68
N TYR G 158 -0.10 68.83 36.99
CA TYR G 158 -0.19 68.49 35.57
C TYR G 158 -0.98 69.58 34.86
N PRO G 159 -0.46 70.19 33.76
CA PRO G 159 -1.15 71.29 33.07
C PRO G 159 -2.39 70.96 32.24
N ASN G 160 -2.42 69.80 31.58
CA ASN G 160 -3.46 69.45 30.61
C ASN G 160 -4.16 68.08 30.79
N VAL G 161 -3.97 67.35 31.89
CA VAL G 161 -4.64 66.04 32.07
C VAL G 161 -6.15 66.23 32.27
N GLU G 162 -6.97 65.66 31.38
CA GLU G 162 -8.44 65.77 31.40
C GLU G 162 -9.18 64.55 31.93
N CYS G 163 -8.63 63.35 31.75
CA CYS G 163 -9.24 62.08 32.14
C CYS G 163 -8.33 61.28 33.05
N ILE G 164 -8.83 60.87 34.21
CA ILE G 164 -8.04 60.15 35.22
C ILE G 164 -8.69 58.86 35.69
N LEU G 165 -7.86 57.86 36.00
CA LEU G 165 -8.28 56.54 36.49
C LEU G 165 -7.86 56.36 37.95
N LEU G 166 -8.77 56.00 38.83
CA LEU G 166 -8.51 55.64 40.21
C LEU G 166 -8.66 54.13 40.35
N VAL G 167 -7.66 53.41 40.86
CA VAL G 167 -7.77 51.98 41.15
C VAL G 167 -7.76 51.75 42.66
N THR G 168 -8.80 51.09 43.17
CA THR G 168 -9.14 51.15 44.60
C THR G 168 -10.04 49.98 45.06
N HIS G 169 -10.71 50.12 46.20
CA HIS G 169 -11.34 49.06 46.99
C HIS G 169 -12.85 49.28 47.09
N ALA G 170 -13.65 48.24 47.33
CA ALA G 170 -15.12 48.31 47.27
C ALA G 170 -15.72 49.48 48.08
N ALA G 171 -15.35 49.59 49.36
CA ALA G 171 -15.81 50.69 50.21
C ALA G 171 -15.35 52.03 49.67
N SER G 172 -14.09 52.11 49.24
CA SER G 172 -13.53 53.33 48.70
C SER G 172 -14.24 53.76 47.42
N LYS G 173 -14.46 52.85 46.47
CA LYS G 173 -15.15 53.11 45.20
C LYS G 173 -16.52 53.72 45.47
N ILE G 174 -17.34 53.03 46.27
CA ILE G 174 -18.68 53.51 46.57
C ILE G 174 -18.61 54.87 47.27
N ALA G 175 -17.76 55.01 48.29
CA ALA G 175 -17.67 56.28 49.01
C ALA G 175 -17.17 57.43 48.13
N LEU G 176 -16.22 57.18 47.23
CA LEU G 176 -15.70 58.19 46.33
C LEU G 176 -16.79 58.65 45.38
N GLY G 177 -17.55 57.71 44.82
CA GLY G 177 -18.64 58.04 43.92
C GLY G 177 -19.73 58.82 44.65
N MET G 178 -20.23 58.31 45.76
CA MET G 178 -21.34 58.94 46.49
C MET G 178 -20.97 60.36 46.93
N SER G 179 -19.73 60.58 47.37
CA SER G 179 -19.26 61.91 47.74
C SER G 179 -19.08 62.81 46.52
N LEU G 180 -18.65 62.28 45.36
CA LEU G 180 -18.50 63.04 44.12
C LEU G 180 -19.86 63.54 43.61
N LEU G 181 -20.89 62.71 43.74
CA LEU G 181 -22.29 63.07 43.49
C LEU G 181 -22.87 63.98 44.59
N GLY G 182 -22.31 63.93 45.81
CA GLY G 182 -22.67 64.80 46.94
C GLY G 182 -23.65 64.28 47.99
N TYR G 183 -24.01 62.99 47.99
CA TYR G 183 -25.00 62.44 48.94
C TYR G 183 -24.61 62.63 50.42
N ASP G 184 -25.60 62.75 51.30
CA ASP G 184 -25.36 62.96 52.74
C ASP G 184 -24.65 61.78 53.42
N ASN G 185 -24.88 60.56 52.96
CA ASN G 185 -24.22 59.34 53.44
C ASN G 185 -24.13 58.31 52.29
N PRO G 186 -23.17 57.38 52.31
CA PRO G 186 -22.96 56.47 51.18
C PRO G 186 -23.92 55.26 51.16
N ARG G 187 -24.78 55.07 52.16
CA ARG G 187 -25.79 53.99 52.22
C ARG G 187 -27.07 54.34 51.47
N MET G 188 -27.26 55.60 51.08
CA MET G 188 -28.40 56.00 50.26
C MET G 188 -28.46 55.24 48.91
N SER G 189 -29.66 55.05 48.39
CA SER G 189 -29.85 54.61 47.00
C SER G 189 -29.76 55.81 46.07
N LEU G 190 -29.30 55.60 44.84
CA LEU G 190 -29.23 56.60 43.79
C LEU G 190 -30.64 57.06 43.34
N ASN G 191 -31.63 56.16 43.40
CA ASN G 191 -33.01 56.35 42.95
C ASN G 191 -33.98 55.49 43.77
N GLU G 192 -35.28 55.79 43.71
CA GLU G 192 -36.29 55.16 44.56
C GLU G 192 -36.48 53.67 44.26
N ASN G 193 -36.11 53.22 43.05
CA ASN G 193 -36.12 51.80 42.69
C ASN G 193 -34.97 51.02 43.37
N GLY G 194 -34.03 51.71 44.02
CA GLY G 194 -33.07 51.14 44.95
C GLY G 194 -31.67 50.87 44.39
N ASP G 195 -31.30 51.49 43.27
CA ASP G 195 -29.97 51.28 42.67
C ASP G 195 -28.85 51.86 43.53
N LYS G 196 -27.70 51.18 43.55
CA LYS G 196 -26.46 51.66 44.17
C LYS G 196 -25.29 51.46 43.22
N ILE G 197 -24.20 52.21 43.43
CA ILE G 197 -22.94 51.96 42.72
C ILE G 197 -22.48 50.53 43.04
N ARG G 198 -22.39 49.68 42.03
CA ARG G 198 -21.89 48.31 42.17
C ARG G 198 -20.38 48.28 42.40
N SER G 199 -19.84 47.18 42.92
CA SER G 199 -18.42 47.08 43.22
C SER G 199 -17.84 45.67 43.13
N GLY G 200 -18.21 44.89 42.11
CA GLY G 200 -17.64 43.55 41.95
C GLY G 200 -16.21 43.60 41.40
N SER G 201 -15.63 42.43 41.19
CA SER G 201 -14.27 42.27 40.66
C SER G 201 -14.07 43.05 39.35
N CYS G 202 -13.02 43.85 39.25
CA CYS G 202 -12.68 44.69 38.09
C CYS G 202 -13.75 45.72 37.66
N SER G 203 -14.83 45.90 38.41
CA SER G 203 -15.95 46.79 38.09
C SER G 203 -15.54 48.25 37.95
N LEU G 204 -15.97 48.91 36.87
CA LEU G 204 -15.62 50.29 36.50
C LEU G 204 -16.80 51.26 36.40
N ASP G 205 -16.59 52.50 36.82
CA ASP G 205 -17.54 53.62 36.72
C ASP G 205 -16.98 54.77 35.88
N LYS G 206 -17.84 55.66 35.42
CA LYS G 206 -17.46 56.90 34.74
C LYS G 206 -18.33 58.03 35.27
N TYR G 207 -17.69 59.13 35.62
CA TYR G 207 -18.34 60.34 36.12
C TYR G 207 -17.96 61.45 35.17
N GLU G 208 -18.91 62.27 34.75
CA GLU G 208 -18.69 63.30 33.75
C GLU G 208 -19.55 64.54 33.99
N ILE G 209 -19.10 65.68 33.48
CA ILE G 209 -19.82 66.94 33.61
C ILE G 209 -21.01 67.00 32.65
N LEU G 210 -22.11 67.61 33.08
CA LEU G 210 -23.32 67.77 32.29
C LEU G 210 -23.16 68.77 31.12
N LYS G 211 -24.05 68.70 30.13
CA LYS G 211 -24.13 69.63 28.99
C LYS G 211 -25.59 70.07 28.70
N THR G 227 -11.13 79.79 31.55
CA THR G 227 -12.20 79.82 32.56
C THR G 227 -12.07 78.70 33.60
N TYR G 228 -12.22 79.04 34.88
CA TYR G 228 -12.23 78.11 35.98
C TYR G 228 -13.50 78.31 36.82
N ILE G 229 -14.15 77.21 37.16
CA ILE G 229 -15.36 77.13 37.96
C ILE G 229 -15.02 76.19 39.11
N PRO G 230 -15.34 76.50 40.37
CA PRO G 230 -14.95 75.66 41.49
C PRO G 230 -15.43 74.22 41.36
N PHE G 231 -14.57 73.27 41.70
CA PHE G 231 -14.98 71.86 41.70
C PHE G 231 -16.20 71.64 42.61
N SER G 232 -16.30 72.43 43.69
CA SER G 232 -17.41 72.39 44.64
C SER G 232 -18.74 72.86 44.03
N ASP G 233 -18.71 73.66 42.97
CA ASP G 233 -19.88 74.18 42.26
C ASP G 233 -20.35 73.26 41.12
N ARG G 234 -19.44 72.51 40.48
CA ARG G 234 -19.76 71.61 39.35
C ARG G 234 -20.63 70.41 39.75
N LYS G 235 -21.50 69.97 38.85
CA LYS G 235 -22.42 68.82 39.04
C LYS G 235 -21.95 67.64 38.20
N TRP G 236 -21.77 66.49 38.82
CA TRP G 236 -21.27 65.29 38.19
C TRP G 236 -22.38 64.29 37.92
N VAL G 237 -22.37 63.70 36.72
CA VAL G 237 -23.33 62.70 36.24
C VAL G 237 -22.66 61.35 36.25
N LEU G 238 -23.31 60.33 36.79
CA LEU G 238 -22.81 58.97 36.78
C LEU G 238 -23.25 58.30 35.48
N THR G 239 -22.41 58.35 34.47
CA THR G 239 -22.76 57.96 33.09
C THR G 239 -22.46 56.50 32.77
N MET G 240 -21.71 55.80 33.62
CA MET G 240 -21.42 54.38 33.50
C MET G 240 -21.22 53.84 34.92
N ASN G 241 -21.91 52.79 35.34
CA ASN G 241 -22.17 52.49 36.76
C ASN G 241 -21.97 51.02 37.14
N GLY G 242 -20.74 50.52 37.04
CA GLY G 242 -20.39 49.13 37.31
C GLY G 242 -20.22 48.31 36.05
N ASN G 243 -19.71 48.93 34.99
CA ASN G 243 -19.49 48.27 33.72
C ASN G 243 -18.51 47.11 33.93
N THR G 244 -18.92 45.94 33.48
CA THR G 244 -18.20 44.68 33.64
C THR G 244 -18.39 43.75 32.45
N GLU G 245 -18.83 44.24 31.29
CA GLU G 245 -19.06 43.37 30.14
C GLU G 245 -17.79 42.71 29.61
N PHE G 246 -16.65 43.40 29.70
CA PHE G 246 -15.33 42.96 29.23
C PHE G 246 -14.69 41.82 30.04
N LEU G 247 -15.42 41.16 30.93
CA LEU G 247 -14.90 40.09 31.79
C LEU G 247 -15.47 38.74 31.36
N SER G 248 -14.63 37.76 31.04
CA SER G 248 -15.08 36.46 30.53
C SER G 248 -15.92 35.68 31.54
N SER G 249 -15.71 35.92 32.83
CA SER G 249 -16.45 35.32 33.95
C SER G 249 -17.50 36.31 34.52
N GLY G 250 -17.64 37.49 33.91
CA GLY G 250 -18.55 38.54 34.33
C GLY G 250 -18.17 39.16 35.67
N GLU G 251 -19.07 39.95 36.25
CA GLU G 251 -18.85 40.52 37.58
C GLU G 251 -19.02 39.46 38.66
N GLU G 252 -18.09 39.40 39.62
CA GLU G 252 -18.13 38.46 40.75
C GLU G 252 -17.76 39.16 42.06
N MET G 253 -18.08 38.54 43.19
CA MET G 253 -17.74 39.05 44.52
C MET G 253 -18.29 40.46 44.79
N ASN G 254 -19.48 40.78 44.26
CA ASN G 254 -20.09 42.09 44.47
C ASN G 254 -20.37 42.39 45.95
N TRP G 255 -20.25 43.65 46.32
CA TRP G 255 -20.33 44.15 47.69
C TRP G 255 -20.96 45.54 47.72
N ASN G 256 -21.48 45.93 48.88
CA ASN G 256 -22.08 47.23 49.14
C ASN G 256 -22.02 47.56 50.64
N PHE G 257 -22.22 48.82 51.04
CA PHE G 257 -22.31 49.19 52.46
C PHE G 257 -23.48 48.51 53.21
N ASP G 258 -24.41 47.87 52.52
CA ASP G 258 -25.39 47.00 53.18
C ASP G 258 -24.75 45.72 53.75
N CYS G 259 -23.55 45.32 53.32
CA CYS G 259 -22.83 44.18 53.87
C CYS G 259 -22.20 44.53 55.23
N VAL G 260 -22.28 43.62 56.21
CA VAL G 260 -21.68 43.80 57.55
C VAL G 260 -20.17 43.57 57.51
N ALA G 261 -19.74 42.48 56.86
CA ALA G 261 -18.33 42.10 56.71
C ALA G 261 -17.58 43.00 55.72
N GLU G 262 -16.30 43.25 55.99
CA GLU G 262 -15.40 43.94 55.06
C GLU G 262 -15.19 43.13 53.77
N ALA G 263 -15.06 43.81 52.64
CA ALA G 263 -15.12 43.18 51.32
C ALA G 263 -13.99 42.16 51.06
N GLY G 264 -14.35 40.96 50.60
CA GLY G 264 -13.40 39.91 50.24
C GLY G 264 -12.69 39.18 51.39
N SER G 265 -13.40 38.85 52.48
CA SER G 265 -12.85 38.15 53.64
C SER G 265 -13.79 37.12 54.26
N GLU G 290 -28.68 33.25 36.82
CA GLU G 290 -30.11 33.55 36.66
C GLU G 290 -30.38 34.76 35.75
N VAL G 291 -29.37 35.52 35.37
CA VAL G 291 -29.54 36.72 34.57
C VAL G 291 -29.71 36.32 33.10
N GLU G 292 -30.93 36.37 32.61
CA GLU G 292 -31.30 36.05 31.22
C GLU G 292 -31.08 37.28 30.34
N THR G 293 -29.86 37.45 29.84
CA THR G 293 -29.47 38.58 29.00
C THR G 293 -29.93 38.42 27.56
N VAL G 294 -30.38 39.48 26.90
CA VAL G 294 -30.64 39.52 25.46
C VAL G 294 -30.19 40.85 24.89
N TYR G 295 -29.92 40.93 23.59
CA TYR G 295 -29.41 42.14 22.93
C TYR G 295 -30.34 42.70 21.85
N ILE G 296 -30.39 44.02 21.74
CA ILE G 296 -31.21 44.79 20.79
C ILE G 296 -30.33 45.79 20.07
N SER G 297 -30.59 46.09 18.80
CA SER G 297 -29.84 47.14 18.08
C SER G 297 -30.74 48.33 17.85
N VAL G 298 -30.26 49.52 18.17
CA VAL G 298 -30.97 50.77 17.97
C VAL G 298 -30.27 51.45 16.81
N ASP G 299 -30.94 51.54 15.67
CA ASP G 299 -30.40 52.03 14.41
C ASP G 299 -30.91 53.43 14.07
N ILE G 300 -30.04 54.26 13.50
CA ILE G 300 -30.31 55.66 13.15
C ILE G 300 -30.15 55.85 11.64
N PRO G 301 -31.08 55.38 10.82
CA PRO G 301 -30.93 55.44 9.37
C PRO G 301 -30.96 56.87 8.82
N SER G 302 -29.96 57.20 8.00
CA SER G 302 -29.86 58.49 7.31
C SER G 302 -30.65 58.42 6.01
N GLY G 303 -31.26 59.53 5.61
CA GLY G 303 -32.11 59.63 4.42
C GLY G 303 -31.42 59.53 3.05
N ASN G 304 -30.18 59.03 2.98
CA ASN G 304 -29.41 58.89 1.75
C ASN G 304 -28.49 57.67 1.82
N TYR G 305 -28.16 57.06 0.69
CA TYR G 305 -27.30 55.86 0.67
C TYR G 305 -25.81 56.17 0.57
N LYS G 306 -25.42 57.30 -0.02
CA LYS G 306 -24.01 57.72 -0.20
C LYS G 306 -23.34 58.32 1.05
N GLU G 307 -23.96 58.22 2.22
CA GLU G 307 -23.45 58.82 3.45
C GLU G 307 -23.75 57.98 4.69
N ARG G 308 -22.97 58.20 5.76
CA ARG G 308 -23.01 57.43 7.01
C ARG G 308 -23.43 58.23 8.22
N THR G 309 -24.43 57.74 8.96
CA THR G 309 -24.84 58.37 10.22
C THR G 309 -23.75 58.12 11.24
N GLU G 310 -23.10 59.16 11.77
CA GLU G 310 -22.05 59.00 12.77
C GLU G 310 -22.46 59.59 14.12
N ILE G 311 -22.37 58.80 15.17
CA ILE G 311 -22.66 59.19 16.54
C ILE G 311 -21.44 59.99 17.04
N ALA G 312 -21.63 61.22 17.52
CA ALA G 312 -20.52 62.06 17.99
C ALA G 312 -19.82 61.43 19.22
N LYS G 313 -18.52 61.70 19.37
CA LYS G 313 -17.64 61.09 20.38
C LYS G 313 -18.04 61.23 21.85
N SER G 314 -18.40 62.42 22.30
CA SER G 314 -18.75 62.71 23.71
C SER G 314 -20.24 62.56 24.05
N ALA G 315 -21.04 61.96 23.17
CA ALA G 315 -22.49 61.86 23.36
C ALA G 315 -22.97 61.04 24.55
N ILE G 316 -24.21 61.33 24.94
CA ILE G 316 -24.98 60.69 26.01
C ILE G 316 -26.30 60.16 25.46
N LEU G 317 -26.71 59.00 25.96
CA LEU G 317 -27.96 58.33 25.64
C LEU G 317 -28.92 58.45 26.81
N GLN G 318 -30.17 58.79 26.54
CA GLN G 318 -31.29 58.62 27.47
C GLN G 318 -32.43 58.00 26.70
N TYR G 319 -33.32 57.31 27.38
CA TYR G 319 -34.53 56.78 26.80
C TYR G 319 -35.71 56.88 27.76
N SER G 320 -36.93 56.78 27.23
CA SER G 320 -38.09 56.43 28.02
C SER G 320 -39.07 55.57 27.22
N GLY G 321 -39.79 54.70 27.90
CA GLY G 321 -40.84 53.89 27.30
C GLY G 321 -40.47 52.68 26.45
N LEU G 322 -39.40 51.94 26.73
CA LEU G 322 -39.10 50.71 25.95
C LEU G 322 -40.25 49.69 26.04
N GLU G 323 -41.04 49.73 27.11
CA GLU G 323 -42.26 48.95 27.28
C GLU G 323 -43.36 49.30 26.25
N THR G 324 -43.29 50.45 25.58
CA THR G 324 -44.27 50.93 24.62
C THR G 324 -43.86 50.64 23.18
N ASP G 325 -44.80 50.84 22.27
CA ASP G 325 -44.60 50.66 20.83
C ASP G 325 -43.97 51.88 20.13
N ALA G 326 -43.60 52.91 20.88
CA ALA G 326 -42.99 54.13 20.36
C ALA G 326 -42.04 54.75 21.39
N PRO G 327 -40.96 54.06 21.79
CA PRO G 327 -40.01 54.58 22.77
C PRO G 327 -39.36 55.88 22.29
N LEU G 328 -39.01 56.76 23.22
CA LEU G 328 -38.34 58.02 22.93
C LEU G 328 -36.87 57.85 23.31
N PHE G 329 -35.96 58.28 22.44
CA PHE G 329 -34.51 58.17 22.63
C PHE G 329 -33.84 59.52 22.41
N ARG G 330 -32.86 59.87 23.25
CA ARG G 330 -32.01 61.04 23.06
C ARG G 330 -30.62 60.55 22.74
N ILE G 331 -30.00 61.06 21.69
CA ILE G 331 -28.63 60.71 21.32
C ILE G 331 -27.98 62.04 21.00
N GLY G 332 -27.34 62.62 22.01
CA GLY G 332 -26.76 63.95 21.91
C GLY G 332 -27.85 65.02 21.85
N ASN G 333 -27.73 65.97 20.93
CA ASN G 333 -28.68 67.07 20.76
C ASN G 333 -30.07 66.69 20.25
N ARG G 334 -30.18 65.61 19.47
CA ARG G 334 -31.43 65.19 18.81
C ARG G 334 -32.26 64.16 19.57
N LEU G 335 -33.58 64.36 19.54
CA LEU G 335 -34.59 63.45 20.06
C LEU G 335 -35.06 62.54 18.93
N TYR G 336 -35.45 61.33 19.27
CA TYR G 336 -35.87 60.33 18.31
C TYR G 336 -37.02 59.48 18.83
N GLU G 337 -37.85 58.94 17.96
CA GLU G 337 -38.94 58.04 18.31
C GLU G 337 -38.77 56.73 17.54
N GLY G 338 -38.86 55.61 18.23
CA GLY G 338 -38.64 54.31 17.64
C GLY G 338 -39.84 53.62 17.02
N SER G 339 -39.59 52.34 16.74
CA SER G 339 -40.51 51.35 16.16
C SER G 339 -39.89 49.98 16.40
N TRP G 340 -40.62 49.03 16.96
CA TRP G 340 -40.10 47.69 17.23
C TRP G 340 -40.15 46.82 15.98
N GLU G 341 -39.03 46.20 15.62
CA GLU G 341 -38.92 45.38 14.43
C GLU G 341 -38.07 44.14 14.62
N ARG G 342 -38.40 43.07 13.91
CA ARG G 342 -37.67 41.79 13.92
C ARG G 342 -36.89 41.70 12.61
N LEU G 343 -35.60 41.39 12.67
CA LEU G 343 -34.75 41.31 11.49
C LEU G 343 -35.11 40.10 10.61
N VAL G 344 -35.01 40.25 9.28
CA VAL G 344 -35.24 39.18 8.31
C VAL G 344 -33.90 38.46 8.11
N GLY G 345 -33.41 37.82 9.17
CA GLY G 345 -32.15 37.10 9.22
C GLY G 345 -31.60 37.12 10.63
N THR G 346 -30.30 36.87 10.82
CA THR G 346 -29.68 36.96 12.15
C THR G 346 -28.42 37.81 12.06
N GLU G 347 -28.21 38.74 12.96
CA GLU G 347 -27.01 39.57 12.98
C GLU G 347 -26.14 39.11 14.15
N LEU G 348 -24.89 38.75 13.86
CA LEU G 348 -23.93 38.33 14.85
C LEU G 348 -22.90 39.44 15.05
N ALA G 349 -22.62 39.88 16.28
CA ALA G 349 -21.61 40.89 16.54
C ALA G 349 -20.45 40.27 17.33
N PHE G 350 -19.23 40.71 17.04
CA PHE G 350 -17.98 40.18 17.60
C PHE G 350 -17.31 41.22 18.48
N PRO G 351 -17.54 41.25 19.80
CA PRO G 351 -17.00 42.32 20.63
C PRO G 351 -15.49 42.25 20.85
N ASN G 352 -14.91 41.05 20.81
CA ASN G 352 -13.48 40.87 20.93
C ASN G 352 -12.71 41.49 19.75
N ALA G 353 -13.37 41.73 18.61
CA ALA G 353 -12.77 42.29 17.41
C ALA G 353 -12.89 43.81 17.34
N ALA G 354 -12.93 44.48 18.49
CA ALA G 354 -13.06 45.93 18.56
C ALA G 354 -11.94 46.65 17.83
N HIS G 355 -12.21 47.86 17.35
CA HIS G 355 -11.24 48.69 16.65
C HIS G 355 -10.14 49.21 17.59
N GLN G 416 -9.38 31.79 23.42
CA GLN G 416 -10.06 30.50 23.18
C GLN G 416 -11.57 30.66 22.92
N SER G 417 -12.16 31.76 23.37
CA SER G 417 -13.60 32.02 23.31
C SER G 417 -13.91 33.43 22.81
N GLU G 418 -14.94 33.56 21.97
CA GLU G 418 -15.45 34.85 21.50
C GLU G 418 -16.82 35.12 22.14
N LYS G 419 -17.06 36.34 22.60
CA LYS G 419 -18.32 36.71 23.27
C LYS G 419 -19.40 37.10 22.26
N ILE G 420 -19.69 36.25 21.26
CA ILE G 420 -20.56 36.60 20.13
C ILE G 420 -21.98 36.92 20.60
N TYR G 421 -22.47 38.10 20.26
CA TYR G 421 -23.83 38.54 20.53
C TYR G 421 -24.77 38.16 19.38
N ARG G 422 -25.93 37.55 19.64
CA ARG G 422 -27.03 37.50 18.66
C ARG G 422 -27.90 38.72 18.78
N ILE G 423 -28.12 39.39 17.67
CA ILE G 423 -28.97 40.56 17.52
C ILE G 423 -30.08 40.13 16.57
N LYS G 424 -31.34 40.37 16.94
CA LYS G 424 -32.50 40.04 16.10
C LYS G 424 -33.62 41.06 16.22
N GLU G 425 -33.95 41.52 17.42
CA GLU G 425 -34.93 42.61 17.58
C GLU G 425 -34.19 43.94 17.44
N ARG G 426 -34.85 44.93 16.87
CA ARG G 426 -34.30 46.26 16.60
C ARG G 426 -35.28 47.36 16.92
N ILE G 427 -34.77 48.54 17.25
CA ILE G 427 -35.56 49.73 17.51
C ILE G 427 -35.09 50.73 16.47
N VAL G 428 -35.83 50.86 15.36
CA VAL G 428 -35.43 51.79 14.31
C VAL G 428 -35.88 53.17 14.68
N LEU G 429 -34.94 54.09 14.87
CA LEU G 429 -35.19 55.47 15.27
C LEU G 429 -35.41 56.45 14.12
N SER G 430 -36.60 57.01 14.06
CA SER G 430 -36.94 58.10 13.15
C SER G 430 -36.70 59.41 13.89
N ASN G 431 -36.31 60.50 13.22
CA ASN G 431 -36.09 61.78 13.90
C ASN G 431 -37.40 62.35 14.47
N VAL G 432 -37.30 63.29 15.40
CA VAL G 432 -38.44 63.97 16.02
C VAL G 432 -38.19 65.48 16.14
N ARG G 433 -39.25 66.27 15.95
CA ARG G 433 -39.24 67.73 16.10
C ARG G 433 -39.97 68.07 17.41
N PRO G 434 -39.37 68.83 18.33
CA PRO G 434 -40.04 69.14 19.60
C PRO G 434 -41.16 70.17 19.43
N MET G 435 -42.35 69.84 19.94
CA MET G 435 -43.58 70.64 19.94
C MET G 435 -44.45 70.35 21.18
N ASP H 177 95.41 8.35 70.18
CA ASP H 177 96.27 7.98 71.33
C ASP H 177 96.36 6.45 71.49
N PRO H 178 97.40 5.91 72.17
CA PRO H 178 97.58 4.46 72.34
C PRO H 178 96.46 3.70 73.05
N SER H 179 95.67 4.36 73.91
CA SER H 179 94.54 3.76 74.65
C SER H 179 93.57 3.00 73.74
N LEU H 180 93.21 3.57 72.58
CA LEU H 180 92.31 2.95 71.61
C LEU H 180 92.90 1.64 71.04
N PHE H 181 94.19 1.66 70.70
CA PHE H 181 94.91 0.51 70.15
C PHE H 181 94.97 -0.63 71.18
N ILE H 182 95.38 -0.35 72.42
CA ILE H 182 95.44 -1.39 73.47
C ILE H 182 94.05 -1.97 73.77
N GLN H 183 92.99 -1.14 73.79
CA GLN H 183 91.61 -1.62 73.99
C GLN H 183 91.22 -2.59 72.87
N HIS H 184 91.43 -2.20 71.60
CA HIS H 184 91.13 -3.04 70.44
C HIS H 184 91.96 -4.34 70.44
N PHE H 185 93.26 -4.25 70.76
CA PHE H 185 94.13 -5.41 70.82
C PHE H 185 93.65 -6.37 71.94
N ALA H 186 93.35 -5.87 73.14
CA ALA H 186 92.84 -6.69 74.24
C ALA H 186 91.51 -7.37 73.85
N GLU H 187 90.62 -6.63 73.19
CA GLU H 187 89.32 -7.11 72.73
C GLU H 187 89.47 -8.23 71.69
N LYS H 188 90.40 -8.09 70.73
CA LYS H 188 90.65 -9.10 69.70
C LYS H 188 91.47 -10.30 70.21
N LEU H 189 92.39 -10.10 71.16
CA LEU H 189 93.19 -11.19 71.75
C LEU H 189 92.32 -12.05 72.68
N ASP H 190 91.44 -11.42 73.46
CA ASP H 190 90.53 -12.06 74.42
C ASP H 190 91.28 -13.03 75.37
N LEU H 191 92.33 -12.51 76.01
CA LEU H 191 93.24 -13.25 76.90
C LEU H 191 92.54 -14.04 78.02
N ALA H 192 91.84 -13.34 78.92
CA ALA H 192 91.11 -13.88 80.07
C ALA H 192 90.24 -12.78 80.69
N ASP H 193 89.63 -13.02 81.86
CA ASP H 193 88.85 -12.02 82.60
C ASP H 193 89.73 -10.83 83.04
N LYS H 194 91.06 -11.03 83.08
CA LYS H 194 92.11 -10.06 83.42
C LYS H 194 92.27 -8.91 82.40
N LYS H 195 91.54 -8.90 81.26
CA LYS H 195 91.61 -7.84 80.22
C LYS H 195 91.67 -6.42 80.80
N ILE H 196 90.81 -6.08 81.75
CA ILE H 196 90.76 -4.75 82.40
C ILE H 196 92.12 -4.42 83.06
N LYS H 197 92.67 -5.35 83.85
CA LYS H 197 93.97 -5.19 84.54
C LYS H 197 95.10 -5.03 83.51
N VAL H 198 95.09 -5.84 82.44
CA VAL H 198 96.07 -5.77 81.35
C VAL H 198 96.02 -4.40 80.68
N VAL H 199 94.83 -3.93 80.29
CA VAL H 199 94.64 -2.59 79.68
C VAL H 199 95.11 -1.49 80.63
N LYS H 200 94.70 -1.51 81.91
CA LYS H 200 95.10 -0.48 82.90
C LYS H 200 96.62 -0.44 83.08
N ASP H 201 97.28 -1.59 83.21
CA ASP H 201 98.73 -1.66 83.31
C ASP H 201 99.39 -1.18 82.01
N ALA H 202 98.82 -1.52 80.84
CA ALA H 202 99.34 -1.05 79.56
C ALA H 202 99.22 0.48 79.46
N VAL H 203 98.13 1.08 79.96
CA VAL H 203 97.96 2.55 80.02
C VAL H 203 99.09 3.14 80.86
N LYS H 204 99.35 2.59 82.05
CA LYS H 204 100.41 3.09 82.94
C LYS H 204 101.79 2.95 82.29
N LEU H 205 102.08 1.82 81.64
CA LEU H 205 103.34 1.59 80.91
C LEU H 205 103.49 2.60 79.76
N ALA H 206 102.44 2.81 78.96
CA ALA H 206 102.46 3.76 77.85
C ALA H 206 102.70 5.19 78.36
N GLN H 207 102.01 5.60 79.43
CA GLN H 207 102.18 6.92 80.06
C GLN H 207 103.62 7.10 80.57
N ARG H 208 104.16 6.13 81.32
CA ARG H 208 105.53 6.17 81.86
C ARG H 208 106.57 6.25 80.73
N MET H 209 106.46 5.39 79.71
CA MET H 209 107.37 5.43 78.55
C MET H 209 107.25 6.75 77.78
N SER H 210 106.05 7.35 77.71
CA SER H 210 105.84 8.65 77.06
C SER H 210 106.54 9.75 77.87
N LYS H 211 106.49 9.69 79.20
CA LYS H 211 107.22 10.59 80.11
C LYS H 211 108.74 10.38 80.06
N ASP H 212 109.18 9.17 79.75
CA ASP H 212 110.57 8.82 79.38
C ASP H 212 110.94 9.22 77.93
N TRP H 213 110.11 10.01 77.23
CA TRP H 213 110.29 10.51 75.85
C TRP H 213 110.22 9.43 74.74
N MET H 214 110.08 8.14 75.09
CA MET H 214 110.10 6.99 74.17
C MET H 214 108.76 6.78 73.43
N PHE H 215 108.23 7.83 72.82
CA PHE H 215 106.98 7.79 72.03
C PHE H 215 106.90 8.87 70.93
N GLU H 216 107.59 10.01 71.06
CA GLU H 216 107.52 11.07 70.03
C GLU H 216 108.02 10.56 68.67
N GLY H 217 107.29 10.80 67.58
CA GLY H 217 107.67 10.35 66.25
C GLY H 217 107.65 8.82 66.04
N ARG H 218 107.01 8.03 66.90
CA ARG H 218 107.00 6.55 66.83
C ARG H 218 105.60 5.94 66.70
N ARG H 219 105.52 4.78 66.05
CA ARG H 219 104.29 4.03 65.68
C ARG H 219 103.34 3.69 66.85
N PRO H 220 102.06 4.10 66.81
CA PRO H 220 101.06 3.79 67.86
C PRO H 220 100.83 2.28 68.08
N ALA H 221 100.82 1.49 67.02
CA ALA H 221 100.62 0.03 67.11
C ALA H 221 101.82 -0.67 67.80
N GLY H 222 103.03 -0.12 67.67
CA GLY H 222 104.24 -0.66 68.30
C GLY H 222 104.24 -0.41 69.81
N ILE H 223 103.99 0.82 70.24
CA ILE H 223 103.90 1.15 71.68
C ILE H 223 102.79 0.33 72.34
N ALA H 224 101.61 0.24 71.71
CA ALA H 224 100.48 -0.54 72.22
C ALA H 224 100.84 -2.03 72.41
N GLY H 225 101.48 -2.66 71.41
CA GLY H 225 101.89 -4.07 71.48
C GLY H 225 102.89 -4.32 72.61
N ALA H 226 103.94 -3.49 72.70
CA ALA H 226 104.95 -3.59 73.75
C ALA H 226 104.34 -3.38 75.15
N CYS H 227 103.46 -2.38 75.31
CA CYS H 227 102.80 -2.12 76.58
C CYS H 227 101.93 -3.32 77.01
N ILE H 228 101.20 -3.96 76.08
CA ILE H 228 100.43 -5.17 76.39
C ILE H 228 101.38 -6.29 76.83
N LEU H 229 102.47 -6.54 76.10
CA LEU H 229 103.45 -7.57 76.47
C LEU H 229 103.97 -7.36 77.91
N LEU H 230 104.36 -6.13 78.24
CA LEU H 230 104.82 -5.76 79.58
C LEU H 230 103.70 -5.91 80.63
N ALA H 231 102.47 -5.51 80.31
CA ALA H 231 101.32 -5.66 81.21
C ALA H 231 101.05 -7.15 81.50
N CYS H 232 101.07 -7.99 80.46
CA CYS H 232 100.89 -9.44 80.59
C CYS H 232 101.98 -10.02 81.51
N ARG H 233 103.24 -9.59 81.33
CA ARG H 233 104.39 -10.00 82.15
C ARG H 233 104.17 -9.60 83.61
N MET H 234 103.74 -8.35 83.85
CA MET H 234 103.43 -7.84 85.20
C MET H 234 102.26 -8.62 85.85
N ASN H 235 101.34 -9.14 85.04
CA ASN H 235 100.19 -9.95 85.45
C ASN H 235 100.50 -11.47 85.45
N ASN H 236 101.77 -11.85 85.25
CA ASN H 236 102.29 -13.21 85.23
C ASN H 236 101.68 -14.15 84.15
N LEU H 237 101.05 -13.62 83.09
CA LEU H 237 100.44 -14.42 82.02
C LEU H 237 101.33 -14.42 80.76
N ARG H 238 101.60 -15.62 80.22
CA ARG H 238 102.44 -15.83 79.02
C ARG H 238 101.66 -15.78 77.70
N ARG H 239 102.27 -15.20 76.66
CA ARG H 239 101.77 -15.06 75.27
C ARG H 239 102.94 -15.11 74.28
N THR H 240 102.68 -15.63 73.09
CA THR H 240 103.66 -15.73 72.00
C THR H 240 103.76 -14.41 71.22
N HIS H 241 104.92 -14.16 70.60
CA HIS H 241 105.10 -12.98 69.75
C HIS H 241 104.10 -13.00 68.58
N THR H 242 103.83 -14.19 68.03
CA THR H 242 102.91 -14.42 66.90
C THR H 242 101.48 -13.93 67.15
N GLU H 243 100.96 -13.96 68.38
CA GLU H 243 99.60 -13.46 68.67
C GLU H 243 99.57 -11.93 68.79
N ILE H 244 100.54 -11.33 69.48
CA ILE H 244 100.59 -9.86 69.61
C ILE H 244 100.89 -9.19 68.26
N VAL H 245 101.69 -9.80 67.38
CA VAL H 245 101.94 -9.27 66.02
C VAL H 245 100.81 -9.66 65.04
N ALA H 246 99.79 -10.39 65.49
CA ALA H 246 98.61 -10.71 64.67
C ALA H 246 97.62 -9.55 64.78
N VAL H 247 97.49 -8.97 65.99
CA VAL H 247 96.63 -7.80 66.26
C VAL H 247 97.35 -6.49 65.88
N SER H 248 98.64 -6.34 66.23
CA SER H 248 99.45 -5.16 65.86
C SER H 248 100.00 -5.29 64.45
N HIS H 249 100.14 -4.19 63.70
CA HIS H 249 100.67 -4.21 62.34
C HIS H 249 102.21 -4.23 62.25
N VAL H 250 102.92 -3.94 63.36
CA VAL H 250 104.40 -3.92 63.40
C VAL H 250 105.03 -5.32 63.47
N ALA H 251 106.25 -5.47 62.94
CA ALA H 251 107.00 -6.74 62.92
C ALA H 251 107.57 -7.16 64.28
N GLU H 252 107.80 -8.46 64.50
CA GLU H 252 108.34 -9.04 65.75
C GLU H 252 109.66 -8.40 66.19
N GLU H 253 110.55 -8.09 65.23
CA GLU H 253 111.83 -7.43 65.51
C GLU H 253 111.63 -6.02 66.08
N THR H 254 110.56 -5.31 65.69
CA THR H 254 110.24 -3.98 66.24
C THR H 254 109.81 -4.12 67.70
N LEU H 255 108.96 -5.12 68.02
CA LEU H 255 108.55 -5.39 69.39
C LEU H 255 109.78 -5.70 70.25
N GLN H 256 110.67 -6.57 69.76
CA GLN H 256 111.90 -6.95 70.47
C GLN H 256 112.82 -5.74 70.67
N GLN H 257 113.01 -4.89 69.64
CA GLN H 257 113.80 -3.66 69.74
C GLN H 257 113.25 -2.76 70.86
N ARG H 258 111.93 -2.52 70.88
CA ARG H 258 111.27 -1.70 71.92
C ARG H 258 111.37 -2.35 73.30
N LEU H 259 111.23 -3.68 73.41
CA LEU H 259 111.36 -4.41 74.67
C LEU H 259 112.77 -4.22 75.26
N ASN H 260 113.81 -4.42 74.44
CA ASN H 260 115.20 -4.21 74.83
C ASN H 260 115.45 -2.74 75.21
N GLU H 261 114.85 -1.79 74.47
CA GLU H 261 114.95 -0.37 74.78
C GLU H 261 114.32 -0.04 76.15
N PHE H 262 113.13 -0.55 76.44
CA PHE H 262 112.48 -0.43 77.75
C PHE H 262 113.42 -0.98 78.85
N LYS H 263 114.02 -2.15 78.61
CA LYS H 263 114.94 -2.81 79.55
C LYS H 263 116.21 -1.99 79.82
N ASN H 264 116.62 -1.08 78.92
CA ASN H 264 117.78 -0.21 79.14
C ASN H 264 117.45 1.12 79.87
N THR H 265 116.18 1.45 80.09
CA THR H 265 115.77 2.68 80.81
C THR H 265 116.25 2.69 82.27
N LYS H 266 116.32 3.88 82.88
CA LYS H 266 116.78 4.09 84.27
C LYS H 266 116.04 3.17 85.25
N ALA H 267 116.80 2.38 86.02
CA ALA H 267 116.31 1.43 87.02
C ALA H 267 115.30 0.36 86.52
N ALA H 268 115.28 0.04 85.23
CA ALA H 268 114.34 -0.95 84.66
C ALA H 268 114.43 -2.33 85.34
N LYS H 269 115.60 -2.99 85.31
CA LYS H 269 115.80 -4.31 85.94
C LYS H 269 115.61 -4.31 87.47
N LEU H 270 115.68 -3.13 88.10
CA LEU H 270 115.50 -2.87 89.53
C LEU H 270 114.04 -2.55 89.93
N SER H 271 113.14 -2.37 88.95
CA SER H 271 111.73 -2.01 89.18
C SER H 271 110.70 -2.85 88.37
N VAL H 272 111.13 -3.65 87.40
CA VAL H 272 110.24 -4.49 86.55
C VAL H 272 109.61 -5.70 87.29
N GLN H 273 110.01 -5.95 88.55
CA GLN H 273 109.48 -7.04 89.39
C GLN H 273 108.04 -6.76 89.90
N LYS H 274 107.59 -7.57 90.87
CA LYS H 274 106.27 -7.51 91.53
C LYS H 274 106.00 -6.20 92.28
N PHE H 275 104.82 -6.14 92.89
CA PHE H 275 104.21 -5.06 93.71
C PHE H 275 103.91 -3.72 93.03
N ARG H 276 104.08 -3.58 91.70
CA ARG H 276 103.73 -2.38 90.89
C ARG H 276 104.25 -1.06 91.51
N GLU H 277 105.57 -0.93 91.62
CA GLU H 277 106.26 0.22 92.23
C GLU H 277 105.82 1.60 91.68
N ASN H 278 105.76 2.61 92.57
CA ASN H 278 105.31 3.99 92.30
C ASN H 278 106.31 4.90 91.54
N ASP H 279 107.44 4.40 91.05
CA ASP H 279 108.45 5.17 90.30
C ASP H 279 107.89 5.56 88.91
N VAL H 280 107.63 6.85 88.69
CA VAL H 280 107.03 7.39 87.44
C VAL H 280 107.79 8.62 86.88
N GLU H 281 108.63 9.26 87.68
CA GLU H 281 109.43 10.44 87.33
C GLU H 281 110.34 10.21 86.11
N ASP H 282 110.60 11.27 85.33
CA ASP H 282 111.42 11.22 84.11
C ASP H 282 112.93 11.16 84.36
N GLY H 283 113.45 11.69 85.46
CA GLY H 283 114.90 11.78 85.71
C GLY H 283 115.64 12.55 84.61
N GLU H 284 116.62 11.92 83.98
CA GLU H 284 117.19 12.36 82.69
C GLU H 284 116.88 11.31 81.59
N ALA H 285 116.20 11.72 80.52
CA ALA H 285 115.87 10.85 79.39
C ALA H 285 116.99 10.84 78.33
N ARG H 286 117.45 9.66 77.93
CA ARG H 286 118.56 9.44 76.97
C ARG H 286 118.17 8.47 75.84
N PRO H 287 117.20 8.84 74.97
CA PRO H 287 116.77 7.99 73.86
C PRO H 287 117.87 7.80 72.79
N PRO H 288 117.84 6.70 72.02
CA PRO H 288 118.80 6.43 70.94
C PRO H 288 118.94 7.53 69.88
N SER H 289 117.91 8.37 69.69
CA SER H 289 117.82 9.38 68.63
C SER H 289 119.02 10.34 68.59
N PHE H 290 119.44 10.88 69.73
CA PHE H 290 120.70 11.64 69.85
C PHE H 290 121.86 10.80 70.40
N VAL H 291 121.61 9.77 71.21
CA VAL H 291 122.69 8.94 71.80
C VAL H 291 123.50 8.19 70.73
N LYS H 292 122.89 7.79 69.61
CA LYS H 292 123.63 7.25 68.44
C LYS H 292 124.66 8.25 67.90
N ASN H 293 124.30 9.53 67.79
CA ASN H 293 125.22 10.59 67.41
C ASN H 293 126.32 10.81 68.47
N ARG H 294 125.97 10.82 69.76
CA ARG H 294 126.95 10.89 70.87
C ARG H 294 127.99 9.77 70.81
N LYS H 295 127.58 8.55 70.42
CA LYS H 295 128.45 7.38 70.21
C LYS H 295 129.34 7.52 68.96
N LYS H 296 128.77 8.00 67.84
CA LYS H 296 129.46 8.25 66.56
C LYS H 296 130.60 9.27 66.70
N GLU H 297 130.38 10.37 67.42
CA GLU H 297 131.37 11.42 67.65
C GLU H 297 132.61 10.90 68.42
N SER H 387 120.81 29.30 66.76
CA SER H 387 121.12 30.39 65.85
C SER H 387 122.60 30.43 65.47
N GLY H 388 123.49 29.91 66.32
CA GLY H 388 124.94 29.86 66.06
C GLY H 388 125.35 28.75 65.09
N ILE H 389 124.56 27.67 64.99
CA ILE H 389 124.79 26.54 64.08
C ILE H 389 124.24 26.90 62.70
N VAL H 390 124.99 27.70 61.93
CA VAL H 390 124.60 28.16 60.59
C VAL H 390 124.27 26.97 59.66
N PRO H 391 123.16 26.99 58.90
CA PRO H 391 122.79 25.89 58.01
C PRO H 391 123.80 25.62 56.87
N THR H 392 123.93 24.34 56.52
CA THR H 392 124.79 23.86 55.43
C THR H 392 123.92 23.40 54.26
N LEU H 393 124.32 23.71 53.02
CA LEU H 393 123.57 23.24 51.85
C LEU H 393 123.95 21.80 51.52
N GLN H 394 122.93 20.97 51.25
CA GLN H 394 123.08 19.56 50.93
C GLN H 394 122.90 19.28 49.43
N ASN H 395 122.06 20.04 48.73
CA ASN H 395 121.82 19.89 47.29
C ASN H 395 121.20 21.15 46.66
N ILE H 396 121.77 21.63 45.57
CA ILE H 396 121.25 22.76 44.77
C ILE H 396 120.83 22.16 43.42
N VAL H 397 119.59 22.45 42.98
CA VAL H 397 119.05 21.91 41.72
C VAL H 397 118.71 23.07 40.78
N ALA H 398 119.16 22.98 39.52
CA ALA H 398 119.04 24.03 38.52
C ALA H 398 118.64 23.55 37.12
N THR H 399 118.34 24.50 36.23
CA THR H 399 117.96 24.24 34.83
C THR H 399 118.45 25.34 33.88
N VAL H 400 118.69 24.96 32.63
CA VAL H 400 119.16 25.82 31.53
C VAL H 400 118.50 25.42 30.22
N THR H 401 118.13 26.42 29.42
CA THR H 401 117.58 26.28 28.07
C THR H 401 118.75 26.36 27.08
N LEU H 402 118.64 25.65 25.96
CA LEU H 402 119.66 25.57 24.90
C LEU H 402 119.26 26.30 23.61
N GLY H 403 118.07 26.89 23.56
CA GLY H 403 117.52 27.65 22.43
C GLY H 403 117.08 26.82 21.22
N CYS H 404 117.89 25.84 20.80
CA CYS H 404 117.63 24.98 19.64
C CYS H 404 117.17 23.55 20.00
N ARG H 405 116.12 23.07 19.32
CA ARG H 405 115.63 21.69 19.43
C ARG H 405 116.74 20.80 18.84
N LEU H 406 117.05 19.67 19.46
CA LEU H 406 118.15 18.79 19.02
C LEU H 406 117.82 17.29 19.09
N ASP H 407 118.59 16.49 18.35
CA ASP H 407 118.43 15.04 18.36
C ASP H 407 119.13 14.43 19.58
N LEU H 408 118.35 14.03 20.58
CA LEU H 408 118.86 13.42 21.80
C LEU H 408 119.63 12.13 21.52
N LYS H 409 119.30 11.37 20.46
CA LYS H 409 120.07 10.15 20.11
C LYS H 409 121.48 10.55 19.70
N THR H 410 121.64 11.59 18.87
CA THR H 410 122.96 12.12 18.47
C THR H 410 123.74 12.58 19.70
N VAL H 411 123.08 13.25 20.67
CA VAL H 411 123.76 13.69 21.91
C VAL H 411 124.24 12.49 22.73
N ALA H 412 123.45 11.41 22.79
CA ALA H 412 123.77 10.19 23.53
C ALA H 412 125.01 9.43 23.01
N LEU H 413 125.45 9.68 21.77
CA LEU H 413 126.61 9.02 21.16
C LEU H 413 128.00 9.37 21.73
N HIS H 414 128.24 10.62 22.14
CA HIS H 414 129.58 11.09 22.53
C HIS H 414 129.87 11.39 24.00
N ALA H 415 128.88 11.49 24.90
CA ALA H 415 129.17 11.73 26.32
C ALA H 415 129.87 10.50 26.94
N ARG H 416 130.90 10.70 27.77
CA ARG H 416 131.67 9.58 28.35
C ARG H 416 130.99 8.88 29.54
N ASN H 417 130.00 9.53 30.17
CA ASN H 417 129.02 8.91 31.06
C ASN H 417 127.59 9.18 30.53
N ALA H 418 126.79 8.13 30.32
CA ALA H 418 125.41 8.27 29.84
C ALA H 418 124.56 7.02 30.13
N GLU H 419 123.31 7.24 30.55
CA GLU H 419 122.31 6.19 30.79
C GLU H 419 121.03 6.64 30.09
N TYR H 420 120.43 5.81 29.24
CA TYR H 420 119.23 6.14 28.44
C TYR H 420 118.57 4.88 27.87
N ASN H 421 117.25 4.74 28.05
CA ASN H 421 116.47 3.61 27.54
C ASN H 421 114.98 4.00 27.38
N PRO H 422 114.46 4.20 26.15
CA PRO H 422 113.06 4.56 25.92
C PRO H 422 112.02 3.57 26.52
N LYS H 423 112.43 2.34 26.85
CA LYS H 423 111.57 1.33 27.51
C LYS H 423 111.15 1.79 28.92
N ARG H 424 111.90 2.71 29.55
CA ARG H 424 111.63 3.28 30.87
C ARG H 424 111.52 4.81 30.84
N PHE H 425 112.41 5.53 30.15
CA PHE H 425 112.33 6.99 29.99
C PHE H 425 113.05 7.49 28.73
N ALA H 426 112.55 8.56 28.11
CA ALA H 426 113.08 9.14 26.86
C ALA H 426 114.15 10.25 27.02
N ALA H 427 115.10 10.10 27.96
CA ALA H 427 116.16 11.09 28.20
C ALA H 427 117.49 10.48 28.70
N VAL H 428 118.61 11.20 28.56
CA VAL H 428 119.93 10.74 29.01
C VAL H 428 120.26 11.31 30.39
N ILE H 429 120.64 10.45 31.33
CA ILE H 429 121.19 10.82 32.63
C ILE H 429 122.73 10.85 32.52
N MET H 430 123.35 11.94 32.96
CA MET H 430 124.70 12.35 32.56
C MET H 430 125.47 12.97 33.75
N ARG H 431 126.07 12.12 34.59
CA ARG H 431 126.94 12.54 35.71
C ARG H 431 128.34 12.97 35.26
N ILE H 432 129.01 13.79 36.05
CA ILE H 432 130.40 14.24 35.80
C ILE H 432 131.23 14.25 37.09
N ARG H 433 132.57 14.13 36.96
CA ARG H 433 133.51 13.98 38.08
C ARG H 433 133.63 15.21 38.98
N GLU H 434 133.75 16.39 38.38
CA GLU H 434 134.14 17.63 39.07
C GLU H 434 133.52 18.86 38.38
N PRO H 435 132.61 19.61 39.04
CA PRO H 435 131.95 19.26 40.31
C PRO H 435 131.11 17.99 40.17
N LYS H 436 130.77 17.33 41.28
CA LYS H 436 130.19 15.97 41.34
C LYS H 436 128.69 15.89 40.94
N THR H 437 128.24 16.69 39.96
CA THR H 437 126.83 16.80 39.57
C THR H 437 126.34 15.62 38.73
N THR H 438 125.06 15.29 38.89
CA THR H 438 124.25 14.61 37.88
C THR H 438 123.58 15.64 36.96
N ALA H 439 123.30 15.29 35.72
CA ALA H 439 122.53 16.13 34.80
C ALA H 439 121.63 15.32 33.86
N LEU H 440 120.73 16.04 33.19
CA LEU H 440 119.68 15.52 32.33
C LEU H 440 119.48 16.47 31.13
N ILE H 441 119.23 15.93 29.94
CA ILE H 441 119.03 16.68 28.69
C ILE H 441 117.73 16.23 27.99
N PHE H 442 116.99 17.18 27.42
CA PHE H 442 115.74 16.95 26.68
C PHE H 442 115.89 17.40 25.22
N ALA H 443 115.29 16.65 24.29
CA ALA H 443 115.33 16.93 22.84
C ALA H 443 114.76 18.31 22.47
N SER H 444 113.81 18.82 23.26
CA SER H 444 113.18 20.14 23.09
C SER H 444 114.17 21.32 23.24
N GLY H 445 115.38 21.08 23.76
CA GLY H 445 116.41 22.10 23.95
C GLY H 445 116.44 22.67 25.38
N LYS H 446 116.38 21.80 26.40
CA LYS H 446 116.42 22.14 27.83
C LYS H 446 117.22 21.10 28.61
N MET H 447 117.81 21.48 29.75
CA MET H 447 118.61 20.60 30.62
C MET H 447 118.35 20.89 32.10
N VAL H 448 118.62 19.90 32.95
CA VAL H 448 118.53 20.00 34.42
C VAL H 448 119.84 19.50 35.04
N VAL H 449 120.27 20.10 36.15
CA VAL H 449 121.49 19.73 36.89
C VAL H 449 121.16 19.57 38.38
N THR H 450 121.70 18.52 39.00
CA THR H 450 121.43 18.07 40.38
C THR H 450 122.72 17.66 41.08
N GLY H 451 122.72 17.64 42.41
CA GLY H 451 123.88 17.25 43.22
C GLY H 451 124.98 18.31 43.33
N ALA H 452 124.70 19.57 42.95
CA ALA H 452 125.61 20.69 43.17
C ALA H 452 125.71 21.01 44.68
N LYS H 453 126.94 21.24 45.17
CA LYS H 453 127.24 21.62 46.57
C LYS H 453 127.26 23.14 46.78
N SER H 454 127.51 23.90 45.71
CA SER H 454 127.57 25.36 45.68
C SER H 454 126.88 25.96 44.45
N GLU H 455 126.48 27.21 44.65
CA GLU H 455 125.92 28.15 43.69
C GLU H 455 126.83 28.15 42.44
N ASP H 456 128.15 28.15 42.67
CA ASP H 456 129.20 28.12 41.64
C ASP H 456 129.11 26.86 40.79
N ASP H 457 128.99 25.70 41.44
CA ASP H 457 128.92 24.40 40.80
C ASP H 457 127.73 24.33 39.84
N SER H 458 126.60 24.91 40.22
CA SER H 458 125.36 24.92 39.41
C SER H 458 125.61 25.55 38.04
N LYS H 459 126.15 26.78 37.99
CA LYS H 459 126.43 27.46 36.71
C LYS H 459 127.60 26.80 35.98
N LEU H 460 128.70 26.49 36.67
CA LEU H 460 129.90 25.92 36.06
C LEU H 460 129.64 24.53 35.44
N ALA H 461 128.91 23.65 36.13
CA ALA H 461 128.50 22.36 35.57
C ALA H 461 127.57 22.57 34.37
N SER H 462 126.53 23.41 34.50
CA SER H 462 125.61 23.71 33.39
C SER H 462 126.35 24.20 32.14
N ARG H 463 127.34 25.09 32.31
CA ARG H 463 128.17 25.62 31.23
C ARG H 463 129.05 24.52 30.60
N LYS H 464 129.66 23.64 31.39
CA LYS H 464 130.44 22.49 30.90
C LYS H 464 129.58 21.46 30.14
N TYR H 465 128.39 21.12 30.65
CA TYR H 465 127.44 20.29 29.90
C TYR H 465 127.02 20.97 28.58
N ALA H 466 126.77 22.29 28.58
CA ALA H 466 126.43 23.02 27.36
C ALA H 466 127.61 22.98 26.36
N ARG H 467 128.86 23.15 26.83
CA ARG H 467 130.08 23.08 26.01
C ARG H 467 130.24 21.72 25.34
N ILE H 468 129.95 20.62 26.04
CA ILE H 468 129.93 19.27 25.46
C ILE H 468 128.90 19.21 24.32
N ILE H 469 127.72 19.78 24.50
CA ILE H 469 126.68 19.80 23.46
C ILE H 469 127.11 20.72 22.29
N GLN H 470 127.90 21.77 22.53
CA GLN H 470 128.45 22.64 21.47
C GLN H 470 129.59 21.97 20.69
N LYS H 471 130.27 20.98 21.30
CA LYS H 471 131.30 20.15 20.64
C LYS H 471 130.57 19.24 19.63
N ILE H 472 129.39 18.74 20.04
CA ILE H 472 128.45 17.94 19.23
C ILE H 472 127.82 18.87 18.15
N GLY H 473 127.12 18.34 17.16
CA GLY H 473 126.52 19.10 16.05
C GLY H 473 125.34 20.05 16.33
N PHE H 474 125.26 20.71 17.49
CA PHE H 474 124.18 21.64 17.87
C PHE H 474 124.69 23.01 18.34
N ALA H 475 123.88 24.07 18.16
CA ALA H 475 124.22 25.44 18.55
C ALA H 475 124.27 25.65 20.07
N ALA H 476 123.30 25.08 20.80
CA ALA H 476 123.16 25.09 22.26
C ALA H 476 123.40 26.46 22.95
N LYS H 477 122.64 27.49 22.55
CA LYS H 477 122.68 28.84 23.14
C LYS H 477 122.26 28.80 24.61
N PHE H 478 123.23 28.97 25.51
CA PHE H 478 123.04 28.98 26.96
C PHE H 478 122.06 30.09 27.34
N THR H 479 120.88 29.73 27.81
CA THR H 479 119.78 30.65 28.15
C THR H 479 118.95 30.18 29.35
N ASP H 480 118.18 31.10 29.95
CA ASP H 480 117.25 30.83 31.07
C ASP H 480 117.84 30.16 32.33
N PHE H 481 119.12 30.37 32.66
CA PHE H 481 119.73 29.76 33.86
C PHE H 481 118.96 30.15 35.14
N LYS H 482 118.50 29.14 35.89
CA LYS H 482 117.75 29.32 37.15
C LYS H 482 117.91 28.14 38.11
N ILE H 483 117.85 28.42 39.40
CA ILE H 483 117.88 27.42 40.49
C ILE H 483 116.42 27.23 40.92
N GLN H 484 115.76 26.12 40.57
CA GLN H 484 114.36 25.92 40.95
C GLN H 484 114.18 25.51 42.42
N ASN H 485 115.16 24.84 43.06
CA ASN H 485 115.07 24.46 44.47
C ASN H 485 116.45 24.32 45.13
N ILE H 486 116.51 24.56 46.44
CA ILE H 486 117.68 24.46 47.32
C ILE H 486 117.29 23.60 48.52
N VAL H 487 118.16 22.65 48.91
CA VAL H 487 117.96 21.78 50.08
C VAL H 487 119.11 22.01 51.06
N GLY H 488 118.80 22.39 52.29
CA GLY H 488 119.78 22.64 53.36
C GLY H 488 119.41 21.98 54.68
N SER H 489 120.34 21.91 55.62
CA SER H 489 120.11 21.31 56.95
C SER H 489 120.93 21.98 58.05
N CYS H 490 120.49 21.78 59.29
CA CYS H 490 121.08 22.31 60.53
C CYS H 490 120.70 21.42 61.73
N ASP H 491 121.34 21.64 62.88
CA ASP H 491 121.12 20.86 64.10
C ASP H 491 121.17 21.78 65.34
N VAL H 492 120.09 21.85 66.10
CA VAL H 492 120.01 22.71 67.31
C VAL H 492 120.58 22.05 68.57
N LYS H 493 120.98 20.76 68.53
CA LYS H 493 121.57 19.99 69.64
C LYS H 493 120.71 19.81 70.90
N PHE H 494 119.39 19.84 70.74
CA PHE H 494 118.39 19.60 71.78
C PHE H 494 117.18 18.89 71.13
N PRO H 495 116.52 17.94 71.82
CA PRO H 495 115.41 17.19 71.25
C PRO H 495 114.10 18.02 71.18
N ILE H 496 113.27 17.75 70.16
CA ILE H 496 112.01 18.49 69.90
C ILE H 496 110.73 17.66 70.10
N ARG H 497 109.80 18.15 70.93
CA ARG H 497 108.47 17.54 71.10
C ARG H 497 107.55 17.97 69.95
N LEU H 498 107.58 17.21 68.86
CA LEU H 498 106.81 17.46 67.64
C LEU H 498 105.30 17.63 67.92
N GLU H 499 104.70 16.92 68.87
CA GLU H 499 103.29 17.10 69.23
C GLU H 499 103.02 18.51 69.78
N GLY H 500 103.93 19.05 70.62
CA GLY H 500 103.80 20.39 71.18
C GLY H 500 103.90 21.45 70.08
N LEU H 501 104.85 21.25 69.16
CA LEU H 501 105.06 22.12 68.00
C LEU H 501 103.80 22.14 67.12
N ALA H 502 103.30 20.95 66.75
CA ALA H 502 102.09 20.78 65.94
C ALA H 502 100.83 21.33 66.61
N PHE H 503 100.68 21.17 67.92
CA PHE H 503 99.52 21.68 68.67
C PHE H 503 99.51 23.21 68.77
N SER H 504 100.66 23.82 69.13
CA SER H 504 100.77 25.28 69.28
C SER H 504 100.82 26.05 67.96
N HIS H 505 101.50 25.51 66.94
CA HIS H 505 101.67 26.13 65.61
C HIS H 505 100.95 25.35 64.50
N GLY H 506 99.77 24.81 64.77
CA GLY H 506 98.96 24.03 63.82
C GLY H 506 98.54 24.79 62.55
N THR H 507 98.63 26.13 62.58
CA THR H 507 98.34 27.00 61.43
C THR H 507 99.37 26.84 60.31
N PHE H 508 100.60 26.41 60.65
CA PHE H 508 101.71 26.19 59.72
C PHE H 508 102.28 24.76 59.77
N SER H 509 102.17 24.09 60.92
CA SER H 509 102.65 22.72 61.13
C SER H 509 101.67 21.64 60.68
N SER H 510 102.19 20.53 60.17
CA SER H 510 101.42 19.33 59.84
C SER H 510 102.17 18.15 60.44
N TYR H 511 101.46 17.26 61.14
CA TYR H 511 102.05 16.11 61.80
C TYR H 511 101.05 14.97 61.83
N GLU H 512 101.14 14.15 60.78
CA GLU H 512 100.32 12.98 60.49
C GLU H 512 100.56 11.84 61.51
N PRO H 513 99.67 10.83 61.59
CA PRO H 513 99.95 9.62 62.38
C PRO H 513 101.34 9.12 61.95
N GLU H 514 102.11 8.53 62.86
CA GLU H 514 103.54 8.25 62.69
C GLU H 514 104.00 7.17 61.68
N LEU H 515 103.42 7.13 60.47
CA LEU H 515 103.90 6.28 59.37
C LEU H 515 105.35 6.69 59.02
N PHE H 516 105.66 7.97 59.23
CA PHE H 516 106.94 8.66 59.10
C PHE H 516 107.19 9.41 60.43
N PRO H 517 108.45 9.49 60.94
CA PRO H 517 108.71 10.12 62.24
C PRO H 517 108.80 11.66 62.27
N GLY H 518 109.19 12.33 61.18
CA GLY H 518 109.35 13.79 61.15
C GLY H 518 108.08 14.61 60.89
N LEU H 519 108.05 15.82 61.45
CA LEU H 519 107.00 16.84 61.31
C LEU H 519 107.34 17.77 60.13
N ILE H 520 106.34 18.34 59.47
CA ILE H 520 106.56 19.31 58.37
C ILE H 520 105.96 20.67 58.73
N TYR H 521 106.60 21.75 58.29
CA TYR H 521 106.21 23.13 58.56
C TYR H 521 106.18 23.96 57.28
N ARG H 522 105.09 24.70 57.07
CA ARG H 522 104.86 25.55 55.90
C ARG H 522 105.04 27.03 56.22
N MET H 523 106.27 27.55 56.12
CA MET H 523 106.56 28.97 56.34
C MET H 523 106.02 29.78 55.14
N VAL H 524 105.21 30.81 55.38
CA VAL H 524 104.57 31.59 54.30
C VAL H 524 105.24 32.90 53.88
N LYS H 525 106.04 33.55 54.74
CA LYS H 525 106.72 34.82 54.41
C LYS H 525 108.07 35.01 55.13
N PRO H 526 109.22 34.75 54.48
CA PRO H 526 109.36 34.21 53.11
C PRO H 526 108.84 32.77 53.01
N LYS H 527 108.57 32.28 51.79
CA LYS H 527 108.06 30.92 51.56
C LYS H 527 109.16 29.83 51.65
N ILE H 528 109.15 29.02 52.71
CA ILE H 528 110.09 27.90 52.93
C ILE H 528 109.36 26.71 53.57
N VAL H 529 109.72 25.49 53.19
CA VAL H 529 109.20 24.25 53.80
C VAL H 529 110.31 23.70 54.70
N LEU H 530 109.98 23.40 55.96
CA LEU H 530 110.94 22.90 56.94
C LEU H 530 110.47 21.54 57.49
N LEU H 531 111.41 20.60 57.64
CA LEU H 531 111.19 19.26 58.18
C LEU H 531 111.89 19.23 59.54
N ILE H 532 111.13 18.91 60.58
CA ILE H 532 111.57 18.90 61.99
C ILE H 532 111.66 17.46 62.53
N PHE H 533 112.79 17.08 63.13
CA PHE H 533 113.01 15.73 63.67
C PHE H 533 113.29 15.77 65.19
N VAL H 534 112.87 14.71 65.91
CA VAL H 534 112.91 14.61 67.39
C VAL H 534 114.32 14.79 67.96
N SER H 535 115.36 14.41 67.20
CA SER H 535 116.79 14.49 67.55
C SER H 535 117.36 15.93 67.63
N GLY H 536 116.74 16.91 66.96
CA GLY H 536 117.18 18.30 66.88
C GLY H 536 117.72 18.65 65.48
N LYS H 537 117.87 17.64 64.59
CA LYS H 537 118.23 17.81 63.18
C LYS H 537 117.03 18.45 62.46
N ILE H 538 117.30 19.39 61.57
CA ILE H 538 116.30 20.17 60.82
C ILE H 538 116.70 20.23 59.34
N VAL H 539 115.73 20.14 58.43
CA VAL H 539 115.94 20.23 56.96
C VAL H 539 115.07 21.35 56.40
N LEU H 540 115.56 22.12 55.43
CA LEU H 540 114.86 23.24 54.79
C LEU H 540 114.86 23.08 53.26
N THR H 541 113.75 23.40 52.61
CA THR H 541 113.62 23.30 51.15
C THR H 541 112.53 24.23 50.58
N GLY H 542 112.45 24.34 49.25
CA GLY H 542 111.52 25.19 48.50
C GLY H 542 112.08 26.58 48.20
N ALA H 543 113.27 26.90 48.70
CA ALA H 543 113.97 28.16 48.51
C ALA H 543 114.76 28.21 47.19
N LYS H 544 115.11 29.44 46.75
CA LYS H 544 115.90 29.73 45.54
C LYS H 544 116.99 30.78 45.79
N GLN H 545 116.87 31.57 46.85
CA GLN H 545 117.82 32.59 47.31
C GLN H 545 118.48 32.13 48.62
N ARG H 546 119.81 32.23 48.72
CA ARG H 546 120.61 31.78 49.88
C ARG H 546 120.21 32.38 51.24
N GLU H 547 119.92 33.67 51.28
CA GLU H 547 119.57 34.37 52.52
C GLU H 547 118.28 33.86 53.21
N GLU H 548 117.28 33.45 52.44
CA GLU H 548 116.01 32.98 52.99
C GLU H 548 116.12 31.65 53.75
N ILE H 549 117.08 30.77 53.41
CA ILE H 549 117.31 29.52 54.15
C ILE H 549 117.81 29.87 55.57
N TYR H 550 118.76 30.80 55.68
CA TYR H 550 119.30 31.23 56.98
C TYR H 550 118.24 32.03 57.77
N GLN H 551 117.43 32.86 57.09
CA GLN H 551 116.34 33.58 57.75
C GLN H 551 115.28 32.61 58.30
N ALA H 552 114.93 31.55 57.57
CA ALA H 552 113.95 30.58 58.02
C ALA H 552 114.44 29.84 59.28
N PHE H 553 115.71 29.40 59.29
CA PHE H 553 116.30 28.76 60.46
C PHE H 553 116.27 29.73 61.66
N GLU H 554 116.72 30.97 61.47
CA GLU H 554 116.71 32.00 62.51
C GLU H 554 115.28 32.34 62.99
N ALA H 555 114.28 32.25 62.12
CA ALA H 555 112.89 32.50 62.48
C ALA H 555 112.31 31.38 63.36
N ILE H 556 112.64 30.10 63.09
CA ILE H 556 112.15 28.98 63.90
C ILE H 556 113.02 28.66 65.12
N TYR H 557 114.30 29.06 65.19
CA TYR H 557 115.16 28.74 66.33
C TYR H 557 114.54 29.18 67.69
N PRO H 558 113.95 30.39 67.83
CA PRO H 558 113.28 30.80 69.07
C PRO H 558 112.10 29.88 69.42
N VAL H 559 111.35 29.41 68.41
CA VAL H 559 110.21 28.50 68.58
C VAL H 559 110.71 27.16 69.10
N LEU H 560 111.71 26.56 68.44
CA LEU H 560 112.30 25.29 68.87
C LEU H 560 112.83 25.40 70.30
N SER H 561 113.52 26.51 70.61
CA SER H 561 114.09 26.77 71.93
C SER H 561 113.05 26.88 73.05
N GLU H 562 111.78 27.18 72.74
CA GLU H 562 110.71 27.25 73.75
C GLU H 562 110.31 25.83 74.19
N PHE H 563 110.37 24.86 73.27
CA PHE H 563 110.06 23.44 73.49
C PHE H 563 111.23 22.70 74.17
N ARG H 564 111.72 23.24 75.30
CA ARG H 564 112.82 22.70 76.12
C ARG H 564 112.43 22.52 77.59
N LYS H 565 113.16 21.67 78.30
CA LYS H 565 112.95 21.29 79.71
C LYS H 565 114.27 21.10 80.46
N MET H 566 114.23 21.23 81.78
CA MET H 566 115.39 21.08 82.69
C MET H 566 115.00 20.33 83.98
N SER H 576 125.40 28.04 70.27
CA SER H 576 124.92 29.18 71.06
C SER H 576 123.68 29.82 70.43
N GLY H 577 122.89 30.56 71.22
CA GLY H 577 121.66 31.24 70.79
C GLY H 577 121.83 32.58 70.07
N SER H 578 123.05 32.96 69.64
CA SER H 578 123.33 34.22 68.92
C SER H 578 123.75 33.97 67.47
N PRO H 579 123.12 34.61 66.47
CA PRO H 579 123.46 34.45 65.06
C PRO H 579 124.70 35.25 64.59
N ARG H 580 125.17 36.23 65.39
CA ARG H 580 126.25 37.21 65.09
C ARG H 580 125.80 38.22 64.02
N ASN H 581 125.25 37.74 62.91
CA ASN H 581 124.66 38.50 61.81
C ASN H 581 123.60 37.62 61.11
N LEU H 582 122.64 38.22 60.40
CA LEU H 582 121.58 37.47 59.70
C LEU H 582 122.13 36.59 58.56
N HIS H 583 123.21 37.02 57.88
CA HIS H 583 123.88 36.29 56.81
C HIS H 583 125.36 36.76 56.74
N LEU H 584 126.27 36.01 57.37
CA LEU H 584 127.70 36.33 57.44
C LEU H 584 128.45 36.14 56.11
N LEU H 585 127.99 35.21 55.27
CA LEU H 585 128.62 34.88 53.98
C LEU H 585 128.23 35.85 52.84
N PRO H 586 128.99 35.89 51.73
CA PRO H 586 128.67 36.71 50.55
C PRO H 586 127.34 36.28 49.89
N THR H 587 126.67 37.18 49.16
CA THR H 587 125.39 36.89 48.49
C THR H 587 125.53 35.93 47.30
N THR H 588 124.43 35.28 46.89
CA THR H 588 124.41 34.32 45.76
C THR H 588 125.00 34.96 44.49
N ASP H 589 124.65 36.22 44.20
CA ASP H 589 125.14 36.94 43.03
C ASP H 589 126.66 37.12 43.05
N THR H 590 127.24 37.42 44.22
CA THR H 590 128.70 37.59 44.35
C THR H 590 129.45 36.26 44.22
N TYR H 591 128.77 35.12 44.37
CA TYR H 591 129.31 33.79 44.14
C TYR H 591 129.18 33.45 42.65
N LEU H 592 127.96 33.55 42.09
CA LEU H 592 127.68 33.25 40.68
C LEU H 592 128.53 34.12 39.72
N SER H 593 128.81 35.38 40.06
CA SER H 593 129.60 36.28 39.21
C SER H 593 131.06 35.81 39.02
N LYS H 594 131.54 34.84 39.83
CA LYS H 594 132.90 34.28 39.68
C LYS H 594 132.99 33.35 38.46
N VAL H 595 131.84 32.80 38.04
CA VAL H 595 131.69 31.93 36.86
C VAL H 595 131.40 32.81 35.64
N SER H 596 131.81 32.40 34.44
CA SER H 596 131.59 33.17 33.20
C SER H 596 130.09 33.27 32.87
N ASP H 597 129.53 34.48 32.91
CA ASP H 597 128.11 34.74 32.61
C ASP H 597 127.80 34.78 31.11
N ASP H 598 128.57 35.53 30.33
CA ASP H 598 128.38 35.70 28.88
C ASP H 598 128.31 34.35 28.14
N PRO H 599 127.24 34.04 27.36
CA PRO H 599 127.12 32.77 26.63
C PRO H 599 128.22 32.55 25.58
N ASP H 600 128.94 33.58 25.15
CA ASP H 600 130.06 33.43 24.20
C ASP H 600 131.29 32.81 24.90
N ASN H 601 131.37 32.91 26.23
CA ASN H 601 132.44 32.34 27.05
C ASN H 601 132.15 30.84 27.33
N LEU H 602 132.16 30.04 26.27
CA LEU H 602 131.92 28.60 26.29
C LEU H 602 133.00 27.85 27.09
ZN ZN K . -32.36 -2.16 -22.25
ZN ZN L . -53.96 -7.89 -37.31
ZN ZN M . -72.54 -5.80 -21.92
ZN ZN N . -76.36 15.57 -3.07
ZN ZN O . -83.24 38.71 -7.19
ZN ZN P . -59.94 29.95 -42.62
ZN ZN Q . -52.78 13.48 -54.98
ZN ZN R . -81.52 88.43 -8.93
ZN ZN S . -68.13 44.85 -27.03
#